data_8BEL
#
_entry.id   8BEL
#
_cell.length_a   1.00
_cell.length_b   1.00
_cell.length_c   1.00
_cell.angle_alpha   90.00
_cell.angle_beta   90.00
_cell.angle_gamma   90.00
#
_symmetry.space_group_name_H-M   'P 1'
#
loop_
_entity.id
_entity.type
_entity.pdbx_description
1 polymer 'Cytochrome b'
2 polymer 'Cytochrome b-c1 complex subunit Rieske-1, mitochondrial'
3 polymer 'Cytochrome c1 2, heme protein, mitochondrial'
4 polymer 'Cytochrome b-c1 complex subunit 8-1, mitochondrial'
5 polymer 'Cytochrome b-c1 complex subunit 6-1, mitochondrial'
6 polymer 'Cytochrome b-c1 complex subunit 9, mitochondrial'
7 polymer 'Cytochrome b-c1 complex subunit 10, mitochondrial'
8 non-polymer 'PROTOPORPHYRIN IX CONTAINING FE'
9 non-polymer 2,3-DIMETHOXY-5-METHYL-6-(3,11,15,19-TETRAMETHYL-EICOSA-2,6,10,14,18-PENTAENYL)-[1,4]BENZOQUINONE
10 non-polymer 1,2-DIACYL-GLYCEROL-3-SN-PHOSPHATE
11 non-polymer '(1S)-2-{[{[(2R)-2,3-DIHYDROXYPROPYL]OXY}(HYDROXY)PHOSPHORYL]OXY}-1-[(PALMITOYLOXY)METHYL]ETHYL STEARATE'
12 non-polymer CARDIOLIPIN
13 non-polymer '(7S)-4-HYDROXY-N,N,N-TRIMETHYL-9-OXO-7-[(PALMITOYLOXY)METHYL]-3,5,8-TRIOXA-4-PHOSPHAHEXACOSAN-1-AMINIUM 4-OXIDE'
14 non-polymer 'FE2/S2 (INORGANIC) CLUSTER'
15 non-polymer PHOSPHATIDYLETHANOLAMINE
16 non-polymer UBIQUINONE-7
17 non-polymer '2-{[(4-O-alpha-D-glucopyranosyl-alpha-D-glucopyranosyl)oxy]methyl}-4-{[(3beta,9beta,14beta,17beta,25R)-spirost-5-en-3-yl]oxy}butyl 4-O-alpha-D-glucopyranosyl-alpha-D-glucopyranoside'
18 water water
#
loop_
_entity_poly.entity_id
_entity_poly.type
_entity_poly.pdbx_seq_one_letter_code
_entity_poly.pdbx_strand_id
1 'polypeptide(L)'
;MTIRNQRFSLLKQPISSTLNQHLVDYPTPSNLSYWWGFGSLAGICLVIQIVTGVFLAMHYTPHVDLAFNSVEHIMRDVEG
GWLLRYMHANGASMFFIVVYLHIFRGLYYASYSSPREFVWCLGVVIFLLMIVTAFIGYVLPWGQMSFWGATVITSLASAI
PVVGDTIVTWLWGGFSVDNATLNRFFSLHYLLPFILVGASLLHLAALHQYGSNNPLGVHSEMDKIAFYPYFYVKDLVGWV
AFAIFFSIWIFYAPNVLGHPDNYIPANPMSTPPHIVPEWYFLPIYAILRSIPDKAGGVAAIALVFICLLALPFFKSMYVR
SSSFRPIYQGMFWLLLADCLLLGWIGCQPVEAPFVTIGQISSLVFFLFFAITPILGRVGRGIPNSYTDETDHT
;
C,M
2 'polypeptide(L)'
;MLRVAGRRLFSVSQRSSTATSFVVSRDHTLSDGGGDSSSAPRSLPSADLSSYHRSLIRGFSSQVLAQGNEIGFGSEVPAT
VEAVKTPNSKIVYDDHNHERYPPGDPSKRAFAYFVLSGGRFVYASVLRLLVLKLIVSMSASKDVLALASLEVDLGSIEPG
TTVTVKWRGKPVFIRRRTEDDIKLANSVDVGSLRDPQEDSVRVKNPEWLVVVGVCTHLGCIPLPNAGDYGGWFCPCHGSH
YDISGRIRKGPAPYNLEVPTYSFLEENKLLIG
;
D,N
3 'polypeptide(L)'
;MVGGGVIRQLLRRKLHSQSVATPVLSWLSSKKANEDAGSAGLRAFALMGAGITGLLSFSTVASADEAEHGLECPNYPWPH
EGILSSYDHASIRRGHQVYQQVCASCHSMSLISYRDLVGVAYTEEEAKAMAAEIEVVDGPNDEGEMFTRPGKLSDRLPEP
YSNESAARFANGGAYPPDLSLVTKARHNGQNYVFALLTGYRDPPAGISIREGLHYNPYFPGGAIAMPKMLNDEAVEYEDG
TPATEAQMGKDVVSFLSWAAEPEMEERKLMGFKWIFLLSLALLQAAYYRRLKWSVLKSRKLVLDVVN
;
E,O
4 'polypeptide(L)' MGKQPVKLKAVVYALSPFQQKIMTGLWKDLPEKIHHKVSENWISATLLVTPVVGTYWYAQYFKEQEKLEHRF G,Q
5 'polypeptide(L)' MADDEVVDPKKYLEESCKPKCVKPLLEYQACVKRIQGDDSGHKHCTGQYFDYWQCIDKCVAPKLFAKLK H,R
6 'polypeptide(L)' MEYAARRNQKGAFEGFYKLIMRRNSVYVTFIIAGAFFGERAVDYGVHKLWERNNVGKRYEDISVLGQRPVEE I,S
7 'polypeptide(L)' MAGTSGLLNAVKPKIQTIDIQAAAGWGIAAAAGAIWVVQPFGWIKKTFIDPPPTEEK J,T
#
loop_
_chem_comp.id
_chem_comp.type
_chem_comp.name
_chem_comp.formula
3PH non-polymer 1,2-DIACYL-GLYCEROL-3-SN-PHOSPHATE 'C39 H77 O8 P'
CDL non-polymer CARDIOLIPIN 'C81 H156 O17 P2 -2'
FES non-polymer 'FE2/S2 (INORGANIC) CLUSTER' 'Fe2 S2'
HEM non-polymer 'PROTOPORPHYRIN IX CONTAINING FE' 'C34 H32 Fe N4 O4'
PC7 non-polymer '(7S)-4-HYDROXY-N,N,N-TRIMETHYL-9-OXO-7-[(PALMITOYLOXY)METHYL]-3,5,8-TRIOXA-4-PHOSPHAHEXACOSAN-1-AMINIUM 4-OXIDE' 'C42 H85 N O8 P 1'
PGT non-polymer '(1S)-2-{[{[(2R)-2,3-DIHYDROXYPROPYL]OXY}(HYDROXY)PHOSPHORYL]OXY}-1-[(PALMITOYLOXY)METHYL]ETHYL STEARATE' 'C40 H79 O10 P'
PTY non-polymer PHOSPHATIDYLETHANOLAMINE 'C40 H80 N O8 P'
Q7G non-polymer '2-{[(4-O-alpha-D-glucopyranosyl-alpha-D-glucopyranosyl)oxy]methyl}-4-{[(3beta,9beta,14beta,17beta,25R)-spirost-5-en-3-yl]oxy}butyl 4-O-alpha-D-glucopyranosyl-alpha-D-glucopyranoside' 'C56 H92 O25'
UQ5 non-polymer 2,3-DIMETHOXY-5-METHYL-6-(3,11,15,19-TETRAMETHYL-EICOSA-2,6,10,14,18-PENTAENYL)-[1,4]BENZOQUINONE 'C34 H50 O4'
UQ7 non-polymer UBIQUINONE-7 'C44 H66 O4'
#
# COMPACT_ATOMS: atom_id res chain seq x y z
N THR A 2 -20.95 36.28 -31.74
CA THR A 2 -21.97 36.59 -30.74
C THR A 2 -21.34 37.05 -29.43
N ILE A 3 -22.04 37.92 -28.72
CA ILE A 3 -21.57 38.47 -27.45
C ILE A 3 -22.21 37.69 -26.32
N ARG A 4 -21.39 37.13 -25.43
CA ARG A 4 -21.85 36.23 -24.39
C ARG A 4 -22.20 37.01 -23.12
N ASN A 5 -23.25 37.84 -23.24
CA ASN A 5 -23.72 38.58 -22.08
C ASN A 5 -24.47 37.69 -21.10
N GLN A 6 -25.33 36.82 -21.60
CA GLN A 6 -26.14 35.94 -20.77
C GLN A 6 -25.54 34.54 -20.76
N ARG A 7 -26.08 33.70 -19.89
CA ARG A 7 -25.67 32.31 -19.85
C ARG A 7 -26.56 31.45 -20.75
N PHE A 8 -25.92 30.74 -21.67
CA PHE A 8 -26.56 29.75 -22.53
C PHE A 8 -26.45 28.38 -21.86
N SER A 9 -26.43 27.28 -22.60
CA SER A 9 -26.14 25.95 -22.04
C SER A 9 -25.09 25.96 -20.90
N LEU A 10 -25.38 25.27 -19.81
CA LEU A 10 -24.42 25.09 -18.73
C LEU A 10 -23.18 24.36 -19.27
N LEU A 11 -23.33 23.47 -20.26
CA LEU A 11 -22.19 22.78 -20.95
C LEU A 11 -21.13 23.74 -21.50
N LYS A 12 -21.51 24.93 -21.88
CA LYS A 12 -20.58 25.92 -22.42
C LYS A 12 -20.09 26.92 -21.38
N GLN A 13 -20.51 26.78 -20.12
CA GLN A 13 -19.99 27.62 -19.06
C GLN A 13 -18.58 27.16 -18.69
N PRO A 14 -17.77 28.06 -18.09
CA PRO A 14 -16.38 27.68 -17.74
C PRO A 14 -16.29 26.51 -16.78
N ILE A 15 -17.37 26.24 -16.03
CA ILE A 15 -17.35 25.13 -15.08
C ILE A 15 -17.21 23.80 -15.81
N SER A 16 -17.86 23.72 -16.98
CA SER A 16 -18.00 22.46 -17.75
C SER A 16 -17.44 22.52 -19.18
N SER A 17 -16.88 23.64 -19.60
CA SER A 17 -16.56 23.80 -21.01
C SER A 17 -15.48 22.82 -21.46
N THR A 18 -14.46 22.60 -20.62
CA THR A 18 -13.39 21.67 -20.98
C THR A 18 -13.94 20.26 -21.14
N LEU A 19 -14.75 19.81 -20.18
CA LEU A 19 -15.35 18.49 -20.27
C LEU A 19 -16.26 18.40 -21.49
N ASN A 20 -17.02 19.46 -21.77
CA ASN A 20 -17.92 19.46 -22.92
C ASN A 20 -17.14 19.30 -24.22
N GLN A 21 -16.10 20.10 -24.41
CA GLN A 21 -15.38 20.10 -25.67
C GLN A 21 -14.46 18.89 -25.82
N HIS A 22 -14.07 18.24 -24.72
CA HIS A 22 -13.25 17.05 -24.83
C HIS A 22 -14.02 15.74 -24.78
N LEU A 23 -15.28 15.66 -24.33
CA LEU A 23 -16.03 14.42 -24.12
C LEU A 23 -17.45 14.41 -24.72
N VAL A 24 -18.08 15.52 -25.00
CA VAL A 24 -19.48 15.57 -25.47
C VAL A 24 -19.49 16.04 -26.93
N ASP A 25 -18.87 17.16 -27.22
CA ASP A 25 -18.93 17.74 -28.55
C ASP A 25 -17.70 17.43 -29.41
N TYR A 26 -16.80 16.59 -28.94
CA TYR A 26 -15.57 16.36 -29.68
C TYR A 26 -15.87 15.73 -31.04
N PRO A 27 -15.39 16.32 -32.14
CA PRO A 27 -15.74 15.79 -33.47
C PRO A 27 -15.09 14.43 -33.71
N THR A 28 -15.90 13.49 -34.18
CA THR A 28 -15.49 12.11 -34.36
C THR A 28 -15.93 11.63 -35.73
N PRO A 29 -15.08 10.91 -36.46
CA PRO A 29 -15.47 10.40 -37.79
C PRO A 29 -16.67 9.47 -37.67
N SER A 30 -17.67 9.73 -38.51
CA SER A 30 -18.95 9.03 -38.42
C SER A 30 -18.85 7.55 -38.79
N ASN A 31 -17.76 7.11 -39.41
CA ASN A 31 -17.65 5.74 -39.89
C ASN A 31 -16.77 4.86 -39.01
N LEU A 32 -16.52 5.27 -37.76
CA LEU A 32 -15.77 4.42 -36.85
C LEU A 32 -16.52 3.13 -36.58
N SER A 33 -15.80 2.00 -36.62
CA SER A 33 -16.39 0.71 -36.36
C SER A 33 -16.27 0.36 -34.88
N TYR A 34 -16.74 -0.84 -34.52
CA TYR A 34 -16.66 -1.29 -33.13
C TYR A 34 -15.22 -1.51 -32.68
N TRP A 35 -14.28 -1.66 -33.60
CA TRP A 35 -12.88 -1.75 -33.24
C TRP A 35 -12.33 -0.47 -32.62
N TRP A 36 -13.11 0.61 -32.61
CA TRP A 36 -12.70 1.86 -31.99
C TRP A 36 -13.23 2.05 -30.57
N GLY A 37 -13.93 1.07 -30.02
CA GLY A 37 -14.41 1.12 -28.66
C GLY A 37 -13.49 0.53 -27.61
N PHE A 38 -12.37 -0.06 -28.05
CA PHE A 38 -11.49 -0.75 -27.12
C PHE A 38 -10.63 0.20 -26.30
N GLY A 39 -10.44 1.43 -26.75
CA GLY A 39 -9.77 2.41 -25.88
C GLY A 39 -10.59 2.73 -24.64
N SER A 40 -11.90 2.94 -24.81
CA SER A 40 -12.82 3.20 -23.69
C SER A 40 -12.91 1.91 -22.83
N LEU A 41 -12.91 0.75 -23.52
CA LEU A 41 -12.91 -0.51 -22.76
C LEU A 41 -11.67 -0.62 -21.88
N ALA A 42 -10.50 -0.26 -22.41
CA ALA A 42 -9.27 -0.32 -21.63
C ALA A 42 -9.29 0.67 -20.47
N GLY A 43 -9.78 1.88 -20.71
CA GLY A 43 -9.96 2.85 -19.62
C GLY A 43 -10.85 2.29 -18.49
N ILE A 44 -11.92 1.60 -18.85
CA ILE A 44 -12.88 0.98 -17.88
C ILE A 44 -12.19 -0.16 -17.15
N CYS A 45 -11.36 -0.90 -17.86
CA CYS A 45 -10.60 -1.95 -17.19
C CYS A 45 -9.61 -1.36 -16.19
N LEU A 46 -8.96 -0.26 -16.55
CA LEU A 46 -8.05 0.41 -15.62
C LEU A 46 -8.78 0.86 -14.36
N VAL A 47 -9.93 1.49 -14.47
CA VAL A 47 -10.74 1.94 -13.31
C VAL A 47 -11.20 0.72 -12.47
N ILE A 48 -11.58 -0.35 -13.15
CA ILE A 48 -12.00 -1.55 -12.42
C ILE A 48 -10.85 -2.10 -11.60
N GLN A 49 -9.66 -2.18 -12.22
CA GLN A 49 -8.48 -2.66 -11.50
C GLN A 49 -8.16 -1.77 -10.31
N ILE A 50 -8.22 -0.45 -10.50
CA ILE A 50 -7.86 0.46 -9.41
C ILE A 50 -8.83 0.32 -8.25
N VAL A 51 -10.13 0.35 -8.51
CA VAL A 51 -11.21 0.20 -7.47
C VAL A 51 -11.10 -1.13 -6.72
N THR A 52 -10.97 -2.23 -7.45
CA THR A 52 -10.88 -3.52 -6.79
C THR A 52 -9.57 -3.65 -6.02
N GLY A 53 -8.48 -3.12 -6.56
CA GLY A 53 -7.20 -3.21 -5.87
C GLY A 53 -7.16 -2.36 -4.61
N VAL A 54 -7.75 -1.19 -4.60
CA VAL A 54 -7.85 -0.30 -3.40
C VAL A 54 -8.60 -1.09 -2.32
N PHE A 55 -9.68 -1.76 -2.59
CA PHE A 55 -10.52 -2.49 -1.64
C PHE A 55 -9.80 -3.77 -1.20
N LEU A 56 -9.09 -4.40 -2.10
CA LEU A 56 -8.31 -5.61 -1.74
C LEU A 56 -7.10 -5.26 -0.82
N ALA A 57 -6.38 -4.18 -1.07
CA ALA A 57 -5.28 -3.64 -0.23
C ALA A 57 -5.78 -3.38 1.22
N MET A 58 -7.04 -3.17 1.47
CA MET A 58 -7.61 -3.11 2.84
C MET A 58 -7.48 -4.44 3.60
N HIS A 59 -7.24 -5.54 2.94
CA HIS A 59 -7.23 -6.84 3.61
C HIS A 59 -5.98 -7.66 3.33
N TYR A 60 -5.08 -7.18 2.48
CA TYR A 60 -3.89 -7.92 2.09
C TYR A 60 -2.71 -7.49 2.94
N THR A 61 -1.90 -8.46 3.35
CA THR A 61 -0.73 -8.18 4.18
C THR A 61 0.53 -8.50 3.38
N PRO A 62 1.33 -7.50 3.00
CA PRO A 62 2.54 -7.78 2.22
C PRO A 62 3.71 -8.29 3.06
N HIS A 63 3.57 -9.49 3.63
CA HIS A 63 4.63 -10.14 4.37
C HIS A 63 4.68 -11.61 3.98
N VAL A 64 5.88 -12.17 3.85
CA VAL A 64 6.03 -13.53 3.36
C VAL A 64 5.35 -14.53 4.29
N ASP A 65 5.21 -14.19 5.57
CA ASP A 65 4.55 -15.07 6.52
C ASP A 65 3.05 -14.92 6.52
N LEU A 66 2.50 -13.91 5.83
CA LEU A 66 1.07 -13.61 5.91
C LEU A 66 0.39 -13.39 4.56
N ALA A 67 1.14 -13.23 3.46
CA ALA A 67 0.52 -12.80 2.21
C ALA A 67 -0.42 -13.85 1.64
N PHE A 68 0.05 -15.10 1.52
CA PHE A 68 -0.78 -16.18 1.04
C PHE A 68 -2.03 -16.33 1.91
N ASN A 69 -1.83 -16.30 3.23
CA ASN A 69 -2.94 -16.43 4.15
C ASN A 69 -3.89 -15.24 4.05
N SER A 70 -3.37 -14.04 3.82
CA SER A 70 -4.24 -12.89 3.67
C SER A 70 -5.10 -13.01 2.42
N VAL A 71 -4.61 -13.61 1.37
CA VAL A 71 -5.42 -13.82 0.13
C VAL A 71 -6.51 -14.82 0.43
N GLU A 72 -6.08 -15.88 1.10
CA GLU A 72 -7.07 -16.89 1.42
C GLU A 72 -8.16 -16.33 2.33
N HIS A 73 -7.78 -15.45 3.25
CA HIS A 73 -8.73 -14.78 4.13
C HIS A 73 -9.65 -13.85 3.34
N ILE A 74 -9.11 -13.11 2.39
CA ILE A 74 -9.98 -12.35 1.44
C ILE A 74 -11.04 -13.28 0.76
N MET A 75 -10.67 -14.50 0.41
CA MET A 75 -11.54 -15.44 -0.37
C MET A 75 -12.59 -16.06 0.56
N ARG A 76 -12.19 -16.25 1.77
CA ARG A 76 -13.08 -17.02 2.64
C ARG A 76 -13.84 -16.21 3.66
N ASP A 77 -13.27 -15.10 4.14
CA ASP A 77 -13.78 -14.43 5.33
C ASP A 77 -14.49 -13.11 5.04
N VAL A 78 -13.90 -12.23 4.24
CA VAL A 78 -14.54 -10.96 3.97
C VAL A 78 -15.69 -11.19 3.00
N GLU A 79 -16.82 -10.55 3.27
CA GLU A 79 -18.03 -10.77 2.48
C GLU A 79 -17.84 -10.16 1.09
N GLY A 80 -18.18 -10.94 0.06
CA GLY A 80 -17.89 -10.53 -1.29
C GLY A 80 -16.41 -10.50 -1.62
N GLY A 81 -15.52 -10.93 -0.72
CA GLY A 81 -14.09 -11.04 -1.01
C GLY A 81 -13.74 -11.88 -2.24
N TRP A 82 -14.34 -13.02 -2.39
CA TRP A 82 -14.14 -13.92 -3.57
C TRP A 82 -14.37 -13.13 -4.85
N LEU A 83 -15.38 -12.27 -4.87
CA LEU A 83 -15.76 -11.45 -6.02
C LEU A 83 -14.72 -10.40 -6.32
N LEU A 84 -14.28 -9.67 -5.29
CA LEU A 84 -13.24 -8.67 -5.39
C LEU A 84 -11.96 -9.31 -5.95
N ARG A 85 -11.54 -10.46 -5.44
CA ARG A 85 -10.28 -11.12 -5.91
C ARG A 85 -10.45 -11.59 -7.36
N TYR A 86 -11.49 -12.32 -7.67
CA TYR A 86 -11.74 -12.88 -9.05
C TYR A 86 -11.82 -11.74 -10.06
N MET A 87 -12.35 -10.61 -9.69
CA MET A 87 -12.50 -9.38 -10.47
C MET A 87 -11.15 -8.73 -10.74
N HIS A 88 -10.28 -8.59 -9.75
CA HIS A 88 -8.93 -8.07 -9.92
C HIS A 88 -8.07 -9.03 -10.75
N ALA A 89 -8.04 -10.31 -10.41
CA ALA A 89 -7.22 -11.33 -11.11
C ALA A 89 -7.68 -11.59 -12.58
N ASN A 90 -8.95 -11.67 -12.81
CA ASN A 90 -9.38 -11.79 -14.20
C ASN A 90 -9.54 -10.45 -14.89
N GLY A 91 -9.60 -9.35 -14.14
CA GLY A 91 -9.62 -8.04 -14.77
C GLY A 91 -8.27 -7.66 -15.33
N ALA A 92 -7.19 -8.16 -14.71
CA ALA A 92 -5.88 -8.03 -15.36
C ALA A 92 -5.90 -8.69 -16.74
N SER A 93 -6.46 -9.89 -16.83
CA SER A 93 -6.55 -10.59 -18.11
C SER A 93 -7.45 -9.85 -19.10
N MET A 94 -8.58 -9.32 -18.63
CA MET A 94 -9.47 -8.55 -19.50
C MET A 94 -8.77 -7.29 -20.00
N PHE A 95 -8.03 -6.63 -19.10
CA PHE A 95 -7.25 -5.43 -19.47
C PHE A 95 -6.31 -5.80 -20.62
N PHE A 96 -5.60 -6.91 -20.49
CA PHE A 96 -4.63 -7.27 -21.52
C PHE A 96 -5.30 -7.70 -22.83
N ILE A 97 -6.43 -8.41 -22.75
CA ILE A 97 -7.16 -8.79 -23.96
C ILE A 97 -7.60 -7.54 -24.71
N VAL A 98 -8.19 -6.59 -23.99
CA VAL A 98 -8.71 -5.38 -24.61
C VAL A 98 -7.58 -4.55 -25.20
N VAL A 99 -6.46 -4.44 -24.47
CA VAL A 99 -5.35 -3.64 -24.97
C VAL A 99 -4.69 -4.31 -26.18
N TYR A 100 -4.60 -5.64 -26.20
CA TYR A 100 -4.05 -6.33 -27.36
C TYR A 100 -4.92 -6.11 -28.60
N LEU A 101 -6.25 -6.22 -28.43
CA LEU A 101 -7.14 -5.92 -29.53
C LEU A 101 -6.98 -4.48 -30.00
N HIS A 102 -6.83 -3.55 -29.05
CA HIS A 102 -6.57 -2.15 -29.35
C HIS A 102 -5.32 -1.98 -30.19
N ILE A 103 -4.22 -2.60 -29.77
CA ILE A 103 -2.94 -2.48 -30.47
C ILE A 103 -3.05 -3.03 -31.89
N PHE A 104 -3.71 -4.18 -32.05
CA PHE A 104 -3.77 -4.78 -33.37
C PHE A 104 -4.74 -4.04 -34.29
N ARG A 105 -5.76 -3.38 -33.72
CA ARG A 105 -6.53 -2.41 -34.49
C ARG A 105 -5.61 -1.30 -35.01
N GLY A 106 -4.79 -0.74 -34.13
CA GLY A 106 -3.87 0.30 -34.55
C GLY A 106 -2.92 -0.16 -35.65
N LEU A 107 -2.48 -1.42 -35.56
CA LEU A 107 -1.57 -1.97 -36.56
C LEU A 107 -2.29 -2.18 -37.91
N TYR A 108 -3.52 -2.69 -37.88
CA TYR A 108 -4.22 -3.00 -39.11
C TYR A 108 -4.51 -1.74 -39.92
N TYR A 109 -4.96 -0.68 -39.27
CA TYR A 109 -5.34 0.55 -39.94
C TYR A 109 -4.20 1.57 -40.00
N ALA A 110 -3.00 1.17 -39.60
CA ALA A 110 -1.82 2.04 -39.60
C ALA A 110 -2.09 3.33 -38.84
N SER A 111 -2.77 3.21 -37.70
CA SER A 111 -3.06 4.38 -36.87
C SER A 111 -1.79 5.00 -36.30
N TYR A 112 -0.65 4.31 -36.34
CA TYR A 112 0.60 4.86 -35.85
C TYR A 112 1.19 5.91 -36.79
N SER A 113 0.75 5.97 -38.04
CA SER A 113 1.39 6.83 -39.02
C SER A 113 1.12 8.31 -38.73
N SER A 114 1.85 9.16 -39.44
CA SER A 114 1.72 10.60 -39.25
C SER A 114 0.28 11.03 -39.49
N PRO A 115 -0.24 11.97 -38.70
CA PRO A 115 0.45 12.75 -37.67
C PRO A 115 0.32 12.16 -36.26
N ARG A 116 0.05 10.87 -36.11
CA ARG A 116 -0.28 10.29 -34.81
C ARG A 116 0.87 9.50 -34.19
N GLU A 117 2.11 9.84 -34.54
CA GLU A 117 3.27 9.09 -34.04
C GLU A 117 3.38 9.18 -32.52
N PHE A 118 3.15 10.37 -31.95
CA PHE A 118 3.26 10.55 -30.51
C PHE A 118 2.22 9.72 -29.76
N VAL A 119 1.03 9.58 -30.34
CA VAL A 119 0.00 8.72 -29.76
C VAL A 119 0.52 7.30 -29.64
N TRP A 120 1.13 6.78 -30.71
CA TRP A 120 1.66 5.42 -30.68
C TRP A 120 2.80 5.27 -29.68
N CYS A 121 3.69 6.26 -29.60
CA CYS A 121 4.80 6.17 -28.66
C CYS A 121 4.31 6.17 -27.21
N LEU A 122 3.34 7.04 -26.90
CA LEU A 122 2.75 7.04 -25.56
C LEU A 122 2.06 5.70 -25.28
N GLY A 123 1.42 5.11 -26.30
CA GLY A 123 0.84 3.80 -26.12
C GLY A 123 1.88 2.73 -25.80
N VAL A 124 3.04 2.80 -26.45
CA VAL A 124 4.11 1.84 -26.16
C VAL A 124 4.58 2.00 -24.71
N VAL A 125 4.77 3.25 -24.26
CA VAL A 125 5.13 3.49 -22.86
C VAL A 125 4.07 2.91 -21.93
N ILE A 126 2.80 3.09 -22.28
CA ILE A 126 1.70 2.56 -21.48
C ILE A 126 1.77 1.05 -21.40
N PHE A 127 2.08 0.40 -22.53
CA PHE A 127 2.18 -1.06 -22.55
C PHE A 127 3.29 -1.55 -21.63
N LEU A 128 4.43 -0.86 -21.65
CA LEU A 128 5.51 -1.20 -20.70
C LEU A 128 5.06 -1.04 -19.26
N LEU A 129 4.36 0.05 -18.95
CA LEU A 129 3.86 0.26 -17.60
C LEU A 129 2.89 -0.84 -17.19
N MET A 130 1.99 -1.23 -18.10
CA MET A 130 1.04 -2.31 -17.83
C MET A 130 1.76 -3.61 -17.53
N ILE A 131 2.78 -3.94 -18.30
CA ILE A 131 3.51 -5.19 -18.10
C ILE A 131 4.14 -5.20 -16.71
N VAL A 132 4.84 -4.12 -16.35
CA VAL A 132 5.50 -4.07 -15.04
C VAL A 132 4.46 -4.16 -13.92
N THR A 133 3.37 -3.41 -14.04
CA THR A 133 2.33 -3.41 -13.02
C THR A 133 1.75 -4.81 -12.81
N ALA A 134 1.35 -5.45 -13.90
CA ALA A 134 0.74 -6.77 -13.79
C ALA A 134 1.71 -7.80 -13.22
N PHE A 135 2.98 -7.73 -13.61
CA PHE A 135 3.95 -8.69 -13.10
C PHE A 135 4.14 -8.55 -11.59
N ILE A 136 4.42 -7.33 -11.13
CA ILE A 136 4.65 -7.16 -9.70
C ILE A 136 3.38 -7.45 -8.92
N GLY A 137 2.21 -7.21 -9.52
CA GLY A 137 0.97 -7.63 -8.88
C GLY A 137 0.86 -9.14 -8.74
N TYR A 138 1.30 -9.87 -9.77
CA TYR A 138 1.25 -11.32 -9.70
C TYR A 138 2.19 -11.87 -8.64
N VAL A 139 3.24 -11.11 -8.28
CA VAL A 139 4.10 -11.59 -7.20
C VAL A 139 3.38 -11.56 -5.84
N LEU A 140 2.44 -10.63 -5.63
CA LEU A 140 1.88 -10.39 -4.30
C LEU A 140 1.27 -11.60 -3.60
N PRO A 141 0.53 -12.56 -4.22
CA PRO A 141 -0.03 -13.73 -3.49
C PRO A 141 1.01 -14.60 -2.83
N TRP A 142 2.24 -14.49 -3.33
CA TRP A 142 3.35 -15.25 -2.77
C TRP A 142 3.11 -16.76 -2.87
N GLY A 143 2.66 -17.20 -4.04
CA GLY A 143 2.63 -18.61 -4.39
C GLY A 143 3.94 -19.02 -5.05
N GLN A 144 3.97 -20.27 -5.52
CA GLN A 144 5.16 -20.77 -6.19
C GLN A 144 5.45 -19.99 -7.47
N MET A 145 4.43 -19.78 -8.29
CA MET A 145 4.57 -18.99 -9.50
C MET A 145 5.11 -17.60 -9.20
N SER A 146 4.56 -16.96 -8.18
CA SER A 146 5.00 -15.62 -7.79
C SER A 146 6.49 -15.60 -7.48
N PHE A 147 6.93 -16.48 -6.59
CA PHE A 147 8.33 -16.46 -6.14
C PHE A 147 9.28 -16.72 -7.30
N TRP A 148 8.98 -17.74 -8.11
CA TRP A 148 9.95 -18.10 -9.14
C TRP A 148 9.95 -17.12 -10.30
N GLY A 149 8.78 -16.58 -10.67
CA GLY A 149 8.75 -15.52 -11.66
C GLY A 149 9.49 -14.28 -11.22
N ALA A 150 9.31 -13.88 -9.95
CA ALA A 150 10.07 -12.75 -9.43
C ALA A 150 11.56 -13.03 -9.49
N THR A 151 11.96 -14.26 -9.16
CA THR A 151 13.36 -14.64 -9.23
C THR A 151 13.94 -14.37 -10.62
N VAL A 152 13.27 -14.91 -11.66
CA VAL A 152 13.85 -14.78 -13.00
C VAL A 152 13.80 -13.34 -13.50
N ILE A 153 12.71 -12.61 -13.22
CA ILE A 153 12.61 -11.27 -13.78
C ILE A 153 13.61 -10.33 -13.12
N THR A 154 13.80 -10.44 -11.81
CA THR A 154 14.84 -9.65 -11.19
C THR A 154 16.22 -10.12 -11.64
N SER A 155 16.36 -11.40 -11.98
CA SER A 155 17.65 -11.88 -12.46
C SER A 155 17.99 -11.36 -13.84
N LEU A 156 16.97 -11.00 -14.64
CA LEU A 156 17.20 -10.45 -15.98
C LEU A 156 18.27 -9.37 -16.00
N ALA A 157 18.37 -8.58 -14.92
CA ALA A 157 19.34 -7.49 -14.88
C ALA A 157 20.78 -8.00 -14.89
N SER A 158 21.00 -9.28 -14.56
CA SER A 158 22.36 -9.83 -14.56
C SER A 158 22.94 -9.98 -15.96
N ALA A 159 22.12 -9.79 -17.01
CA ALA A 159 22.65 -9.85 -18.37
C ALA A 159 23.70 -8.77 -18.62
N ILE A 160 23.64 -7.67 -17.87
CA ILE A 160 24.63 -6.61 -17.98
C ILE A 160 25.94 -7.14 -17.40
N PRO A 161 27.05 -7.06 -18.14
CA PRO A 161 28.29 -7.70 -17.68
C PRO A 161 28.85 -7.19 -16.36
N VAL A 162 29.10 -5.89 -16.23
CA VAL A 162 29.88 -5.35 -15.11
C VAL A 162 29.01 -5.05 -13.90
N VAL A 163 27.84 -4.44 -14.11
CA VAL A 163 27.01 -3.98 -13.01
C VAL A 163 25.70 -4.76 -12.92
N GLY A 164 25.59 -5.87 -13.65
CA GLY A 164 24.34 -6.61 -13.65
C GLY A 164 24.01 -7.24 -12.31
N ASP A 165 25.01 -7.83 -11.65
CA ASP A 165 24.79 -8.46 -10.36
C ASP A 165 24.37 -7.44 -9.31
N THR A 166 25.01 -6.27 -9.31
CA THR A 166 24.68 -5.25 -8.32
C THR A 166 23.25 -4.75 -8.51
N ILE A 167 22.79 -4.69 -9.76
CA ILE A 167 21.41 -4.28 -10.02
C ILE A 167 20.43 -5.34 -9.52
N VAL A 168 20.76 -6.61 -9.75
CA VAL A 168 19.90 -7.69 -9.27
C VAL A 168 19.79 -7.65 -7.75
N THR A 169 20.92 -7.51 -7.07
CA THR A 169 20.90 -7.50 -5.62
C THR A 169 20.27 -6.22 -5.07
N TRP A 170 20.31 -5.13 -5.83
CA TRP A 170 19.63 -3.90 -5.42
C TRP A 170 18.13 -4.05 -5.58
N LEU A 171 17.68 -4.70 -6.66
CA LEU A 171 16.26 -4.94 -6.85
C LEU A 171 15.71 -5.87 -5.79
N TRP A 172 16.46 -6.92 -5.44
CA TRP A 172 16.00 -7.84 -4.40
C TRP A 172 15.93 -7.16 -3.04
N GLY A 173 16.91 -6.32 -2.73
CA GLY A 173 17.11 -5.90 -1.36
C GLY A 173 17.83 -6.94 -0.52
N GLY A 174 18.65 -7.76 -1.15
CA GLY A 174 19.32 -8.84 -0.46
C GLY A 174 19.95 -9.79 -1.46
N PHE A 175 20.36 -10.95 -0.95
CA PHE A 175 21.00 -11.97 -1.78
C PHE A 175 20.01 -12.95 -2.38
N SER A 176 18.71 -12.75 -2.15
CA SER A 176 17.69 -13.65 -2.66
C SER A 176 16.36 -12.92 -2.64
N VAL A 177 15.38 -13.48 -3.36
CA VAL A 177 14.02 -12.96 -3.32
C VAL A 177 13.42 -13.30 -1.96
N ASP A 178 13.05 -12.28 -1.20
CA ASP A 178 12.59 -12.47 0.17
C ASP A 178 11.59 -11.37 0.49
N ASN A 179 11.38 -11.14 1.79
CA ASN A 179 10.34 -10.21 2.26
C ASN A 179 10.57 -8.80 1.73
N ALA A 180 11.83 -8.38 1.64
CA ALA A 180 12.11 -7.05 1.10
C ALA A 180 11.58 -6.91 -0.33
N THR A 181 11.79 -7.95 -1.14
CA THR A 181 11.28 -7.95 -2.51
C THR A 181 9.77 -7.78 -2.52
N LEU A 182 9.07 -8.55 -1.68
CA LEU A 182 7.61 -8.50 -1.66
C LEU A 182 7.10 -7.15 -1.20
N ASN A 183 7.73 -6.57 -0.17
CA ASN A 183 7.25 -5.30 0.36
C ASN A 183 7.46 -4.17 -0.65
N ARG A 184 8.64 -4.12 -1.29
CA ARG A 184 8.85 -3.08 -2.31
C ARG A 184 7.95 -3.31 -3.52
N PHE A 185 7.69 -4.58 -3.88
CA PHE A 185 6.79 -4.85 -4.99
C PHE A 185 5.38 -4.38 -4.69
N PHE A 186 4.90 -4.48 -3.44
CA PHE A 186 3.59 -3.94 -2.99
C PHE A 186 3.48 -2.41 -3.19
N SER A 187 4.43 -1.65 -2.74
CA SER A 187 4.46 -0.16 -2.90
C SER A 187 4.41 0.22 -4.40
N LEU A 188 5.25 -0.44 -5.16
CA LEU A 188 5.27 -0.20 -6.61
C LEU A 188 3.92 -0.50 -7.25
N HIS A 189 3.28 -1.54 -6.81
CA HIS A 189 1.97 -1.97 -7.30
C HIS A 189 0.86 -0.96 -6.99
N TYR A 190 0.94 -0.27 -5.84
CA TYR A 190 -0.03 0.78 -5.49
C TYR A 190 0.29 1.99 -6.42
N LEU A 191 1.55 2.36 -6.58
CA LEU A 191 1.99 3.55 -7.32
C LEU A 191 1.74 3.47 -8.87
N LEU A 192 2.33 2.50 -9.53
CA LEU A 192 2.28 2.37 -11.03
C LEU A 192 0.88 2.54 -11.65
N PRO A 193 -0.25 2.04 -11.09
CA PRO A 193 -1.58 2.34 -11.64
C PRO A 193 -1.91 3.82 -11.80
N PHE A 194 -1.42 4.66 -10.91
CA PHE A 194 -1.68 6.09 -10.97
C PHE A 194 -0.86 6.71 -12.12
N ILE A 195 0.36 6.30 -12.26
CA ILE A 195 1.18 6.72 -13.40
C ILE A 195 0.54 6.22 -14.70
N LEU A 196 -0.07 5.04 -14.66
CA LEU A 196 -0.81 4.54 -15.83
C LEU A 196 -1.97 5.46 -16.19
N VAL A 197 -2.70 5.94 -15.18
CA VAL A 197 -3.81 6.86 -15.42
C VAL A 197 -3.30 8.15 -16.07
N GLY A 198 -2.22 8.72 -15.52
CA GLY A 198 -1.66 9.92 -16.11
C GLY A 198 -1.18 9.71 -17.55
N ALA A 199 -0.50 8.58 -17.80
CA ALA A 199 -0.05 8.28 -19.13
C ALA A 199 -1.21 8.11 -20.10
N SER A 200 -2.30 7.49 -19.64
CA SER A 200 -3.48 7.34 -20.48
C SER A 200 -4.11 8.69 -20.81
N LEU A 201 -4.16 9.61 -19.84
CA LEU A 201 -4.65 10.94 -20.12
C LEU A 201 -3.80 11.65 -21.17
N LEU A 202 -2.47 11.53 -21.05
CA LEU A 202 -1.59 12.13 -22.05
C LEU A 202 -1.81 11.49 -23.43
N HIS A 203 -1.98 10.17 -23.46
CA HIS A 203 -2.32 9.43 -24.67
C HIS A 203 -3.56 10.02 -25.33
N LEU A 204 -4.62 10.24 -24.54
CA LEU A 204 -5.86 10.79 -25.07
C LEU A 204 -5.67 12.21 -25.60
N ALA A 205 -4.92 13.04 -24.87
CA ALA A 205 -4.68 14.41 -25.33
C ALA A 205 -3.90 14.42 -26.65
N ALA A 206 -2.88 13.58 -26.76
CA ALA A 206 -2.16 13.47 -28.02
C ALA A 206 -3.07 13.04 -29.15
N LEU A 207 -3.99 12.11 -28.88
CA LEU A 207 -4.91 11.67 -29.92
C LEU A 207 -5.86 12.79 -30.34
N HIS A 208 -6.38 13.57 -29.38
CA HIS A 208 -7.24 14.70 -29.75
C HIS A 208 -6.51 15.87 -30.39
N GLN A 209 -5.18 15.88 -30.39
CA GLN A 209 -4.51 16.88 -31.22
C GLN A 209 -5.01 16.85 -32.66
N TYR A 210 -5.15 15.65 -33.24
CA TYR A 210 -5.56 15.51 -34.63
C TYR A 210 -6.87 14.77 -34.83
N GLY A 211 -7.41 14.14 -33.81
CA GLY A 211 -8.60 13.32 -33.95
C GLY A 211 -8.26 11.89 -34.33
N SER A 212 -9.28 11.05 -34.27
CA SER A 212 -9.09 9.63 -34.51
C SER A 212 -8.94 9.34 -36.01
N ASN A 213 -8.16 8.30 -36.31
CA ASN A 213 -8.13 7.70 -37.63
C ASN A 213 -9.42 6.90 -37.84
N ASN A 214 -9.68 6.50 -39.08
CA ASN A 214 -10.94 5.84 -39.42
C ASN A 214 -10.65 4.63 -40.30
N PRO A 215 -11.62 3.73 -40.46
CA PRO A 215 -11.36 2.49 -41.22
C PRO A 215 -10.92 2.72 -42.67
N LEU A 216 -11.38 3.80 -43.30
CA LEU A 216 -10.91 4.10 -44.65
C LEU A 216 -9.51 4.69 -44.68
N GLY A 217 -9.03 5.22 -43.55
CA GLY A 217 -7.72 5.82 -43.50
C GLY A 217 -7.60 7.16 -44.18
N VAL A 218 -8.71 7.81 -44.50
CA VAL A 218 -8.71 9.03 -45.29
C VAL A 218 -8.91 10.23 -44.37
N HIS A 219 -8.72 11.43 -44.92
CA HIS A 219 -9.11 12.65 -44.24
C HIS A 219 -10.60 12.63 -43.96
N SER A 220 -10.98 12.94 -42.72
CA SER A 220 -12.35 12.74 -42.27
C SER A 220 -13.08 14.02 -41.88
N GLU A 221 -12.50 15.18 -42.18
CA GLU A 221 -13.07 16.43 -41.66
C GLU A 221 -14.44 16.75 -42.26
N MET A 222 -14.79 16.11 -43.38
CA MET A 222 -16.05 16.44 -44.03
C MET A 222 -17.25 15.72 -43.43
N ASP A 223 -17.04 14.67 -42.63
CA ASP A 223 -18.14 13.85 -42.11
C ASP A 223 -17.94 13.49 -40.65
N LYS A 224 -17.69 14.49 -39.80
CA LYS A 224 -17.52 14.22 -38.38
C LYS A 224 -18.80 14.53 -37.60
N ILE A 225 -19.01 13.78 -36.52
CA ILE A 225 -20.17 13.93 -35.65
C ILE A 225 -19.68 13.96 -34.20
N ALA A 226 -20.54 14.49 -33.32
CA ALA A 226 -20.18 14.64 -31.93
C ALA A 226 -20.07 13.28 -31.23
N PHE A 227 -19.09 13.12 -30.39
CA PHE A 227 -18.93 11.89 -29.56
C PHE A 227 -20.21 11.52 -28.76
N TYR A 228 -20.83 12.49 -28.10
CA TYR A 228 -22.10 12.27 -27.39
C TYR A 228 -23.17 12.71 -28.35
N PRO A 229 -24.22 11.91 -28.57
CA PRO A 229 -24.44 10.60 -27.96
C PRO A 229 -24.00 9.38 -28.80
N TYR A 230 -23.62 9.57 -30.07
CA TYR A 230 -23.51 8.45 -31.00
C TYR A 230 -22.46 7.44 -30.56
N PHE A 231 -21.24 7.89 -30.34
CA PHE A 231 -20.20 6.96 -29.95
C PHE A 231 -20.28 6.61 -28.47
N TYR A 232 -20.90 7.42 -27.64
CA TYR A 232 -21.28 7.02 -26.27
C TYR A 232 -22.18 5.74 -26.35
N VAL A 233 -23.27 5.77 -27.09
CA VAL A 233 -24.14 4.60 -27.09
C VAL A 233 -23.47 3.41 -27.77
N LYS A 234 -22.63 3.65 -28.78
CA LYS A 234 -21.89 2.53 -29.36
C LYS A 234 -20.93 1.91 -28.36
N ASP A 235 -20.17 2.75 -27.64
CA ASP A 235 -19.29 2.23 -26.60
C ASP A 235 -20.08 1.57 -25.48
N LEU A 236 -21.32 2.01 -25.26
CA LEU A 236 -22.15 1.37 -24.24
C LEU A 236 -22.52 -0.05 -24.65
N VAL A 237 -22.85 -0.26 -25.93
CA VAL A 237 -23.04 -1.62 -26.43
C VAL A 237 -21.79 -2.45 -26.17
N GLY A 238 -20.63 -1.88 -26.48
CA GLY A 238 -19.38 -2.58 -26.20
C GLY A 238 -19.17 -2.89 -24.73
N TRP A 239 -19.38 -1.95 -23.83
CA TRP A 239 -19.30 -2.11 -22.33
C TRP A 239 -20.21 -3.23 -21.79
N VAL A 240 -21.43 -3.30 -22.32
CA VAL A 240 -22.31 -4.37 -21.85
C VAL A 240 -21.84 -5.73 -22.35
N ALA A 241 -21.41 -5.81 -23.62
CA ALA A 241 -20.88 -7.07 -24.11
C ALA A 241 -19.65 -7.50 -23.33
N PHE A 242 -18.76 -6.55 -23.04
CA PHE A 242 -17.58 -6.85 -22.24
C PHE A 242 -17.97 -7.31 -20.84
N ALA A 243 -19.03 -6.71 -20.28
CA ALA A 243 -19.49 -7.11 -18.95
C ALA A 243 -19.97 -8.56 -18.96
N ILE A 244 -20.68 -8.96 -20.02
CA ILE A 244 -21.11 -10.35 -20.13
C ILE A 244 -19.90 -11.29 -20.19
N PHE A 245 -18.92 -10.93 -21.04
CA PHE A 245 -17.70 -11.72 -21.16
C PHE A 245 -16.97 -11.86 -19.82
N PHE A 246 -16.74 -10.72 -19.16
CA PHE A 246 -16.06 -10.69 -17.87
C PHE A 246 -16.83 -11.49 -16.82
N SER A 247 -18.17 -11.39 -16.83
CA SER A 247 -18.98 -12.12 -15.86
C SER A 247 -18.89 -13.62 -16.08
N ILE A 248 -18.87 -14.06 -17.34
CA ILE A 248 -18.65 -15.47 -17.63
C ILE A 248 -17.34 -15.93 -17.01
N TRP A 249 -16.28 -15.13 -17.18
CA TRP A 249 -15.00 -15.51 -16.58
C TRP A 249 -15.08 -15.53 -15.04
N ILE A 250 -15.72 -14.51 -14.46
CA ILE A 250 -15.70 -14.35 -13.00
C ILE A 250 -16.49 -15.45 -12.31
N PHE A 251 -17.69 -15.73 -12.81
CA PHE A 251 -18.64 -16.55 -12.06
C PHE A 251 -18.57 -18.03 -12.42
N TYR A 252 -18.12 -18.38 -13.62
CA TYR A 252 -18.14 -19.77 -14.04
C TYR A 252 -16.77 -20.37 -14.33
N ALA A 253 -15.78 -19.58 -14.75
CA ALA A 253 -14.43 -20.08 -14.99
C ALA A 253 -13.39 -19.16 -14.35
N PRO A 254 -13.43 -18.97 -13.03
CA PRO A 254 -12.55 -17.97 -12.41
C PRO A 254 -11.07 -18.34 -12.40
N ASN A 255 -10.72 -19.61 -12.61
CA ASN A 255 -9.34 -20.04 -12.52
C ASN A 255 -8.80 -20.64 -13.81
N VAL A 256 -9.55 -20.60 -14.91
CA VAL A 256 -9.06 -21.19 -16.15
C VAL A 256 -7.89 -20.38 -16.72
N LEU A 257 -7.93 -19.05 -16.59
CA LEU A 257 -6.81 -18.21 -17.01
C LEU A 257 -5.77 -18.08 -15.92
N GLY A 258 -5.29 -19.21 -15.42
CA GLY A 258 -4.29 -19.21 -14.36
C GLY A 258 -3.75 -20.60 -14.16
N HIS A 259 -2.70 -20.68 -13.33
CA HIS A 259 -2.06 -21.96 -13.09
C HIS A 259 -2.24 -22.39 -11.64
N PRO A 260 -2.56 -23.66 -11.40
CA PRO A 260 -2.79 -24.11 -10.03
C PRO A 260 -1.58 -24.00 -9.12
N ASP A 261 -0.37 -23.85 -9.69
CA ASP A 261 0.85 -23.77 -8.89
C ASP A 261 0.80 -22.59 -7.90
N ASN A 262 0.12 -21.50 -8.25
CA ASN A 262 0.10 -20.36 -7.36
C ASN A 262 -0.83 -20.54 -6.16
N TYR A 263 -1.57 -21.66 -6.11
CA TYR A 263 -2.32 -22.06 -4.89
C TYR A 263 -1.42 -22.87 -3.96
N ILE A 264 -0.16 -23.07 -4.27
CA ILE A 264 0.81 -23.68 -3.36
C ILE A 264 1.67 -22.55 -2.80
N PRO A 265 1.83 -22.46 -1.48
CA PRO A 265 2.67 -21.40 -0.91
C PRO A 265 4.10 -21.50 -1.44
N ALA A 266 4.73 -20.34 -1.57
CA ALA A 266 6.07 -20.26 -2.13
C ALA A 266 7.06 -21.10 -1.34
N ASN A 267 7.79 -21.95 -2.06
CA ASN A 267 8.82 -22.80 -1.48
C ASN A 267 10.16 -22.48 -2.13
N PRO A 268 11.04 -21.73 -1.45
CA PRO A 268 12.32 -21.37 -2.08
C PRO A 268 13.24 -22.55 -2.35
N MET A 269 12.89 -23.75 -1.91
CA MET A 269 13.74 -24.91 -2.10
C MET A 269 13.50 -25.59 -3.44
N SER A 270 12.24 -25.70 -3.86
CA SER A 270 11.86 -26.50 -5.02
C SER A 270 11.22 -25.63 -6.08
N THR A 271 11.81 -25.62 -7.27
CA THR A 271 11.15 -25.02 -8.42
C THR A 271 10.13 -26.00 -9.00
N PRO A 272 8.93 -25.55 -9.33
CA PRO A 272 7.95 -26.46 -9.91
C PRO A 272 8.41 -26.96 -11.26
N PRO A 273 7.98 -28.16 -11.67
CA PRO A 273 8.43 -28.69 -12.96
C PRO A 273 8.05 -27.82 -14.15
N HIS A 274 6.91 -27.13 -14.09
CA HIS A 274 6.52 -26.20 -15.14
C HIS A 274 6.35 -24.81 -14.55
N ILE A 275 7.10 -23.86 -15.09
CA ILE A 275 7.21 -22.51 -14.55
C ILE A 275 6.98 -21.53 -15.69
N VAL A 276 5.78 -20.93 -15.72
CA VAL A 276 5.42 -20.01 -16.79
C VAL A 276 4.75 -18.79 -16.20
N PRO A 277 4.90 -17.63 -16.87
CA PRO A 277 4.14 -16.46 -16.47
C PRO A 277 2.67 -16.53 -16.83
N GLU A 278 1.94 -15.45 -16.57
CA GLU A 278 0.58 -15.32 -17.07
C GLU A 278 0.58 -15.34 -18.59
N TRP A 279 -0.58 -15.70 -19.15
CA TRP A 279 -0.69 -15.90 -20.58
C TRP A 279 -0.35 -14.65 -21.37
N TYR A 280 -0.66 -13.47 -20.81
CA TYR A 280 -0.44 -12.23 -21.56
C TYR A 280 1.03 -11.88 -21.69
N PHE A 281 1.90 -12.58 -20.95
CA PHE A 281 3.35 -12.39 -21.09
C PHE A 281 4.00 -13.49 -21.95
N LEU A 282 3.26 -14.52 -22.32
CA LEU A 282 3.84 -15.69 -22.99
C LEU A 282 4.57 -15.37 -24.28
N PRO A 283 4.07 -14.51 -25.18
CA PRO A 283 4.87 -14.20 -26.39
C PRO A 283 6.25 -13.64 -26.10
N ILE A 284 6.37 -12.78 -25.09
CA ILE A 284 7.66 -12.24 -24.70
C ILE A 284 8.54 -13.34 -24.11
N TYR A 285 7.95 -14.20 -23.29
CA TYR A 285 8.62 -15.43 -22.85
C TYR A 285 9.19 -16.24 -24.00
N ALA A 286 8.41 -16.45 -25.06
CA ALA A 286 8.86 -17.23 -26.18
C ALA A 286 10.02 -16.56 -26.90
N ILE A 287 9.92 -15.24 -27.12
CA ILE A 287 11.01 -14.53 -27.77
C ILE A 287 12.27 -14.59 -26.92
N LEU A 288 12.11 -14.49 -25.60
CA LEU A 288 13.25 -14.60 -24.69
C LEU A 288 13.93 -15.96 -24.83
N ARG A 289 13.13 -17.04 -24.78
CA ARG A 289 13.71 -18.37 -24.77
C ARG A 289 14.20 -18.81 -26.15
N SER A 290 13.81 -18.11 -27.21
CA SER A 290 14.26 -18.50 -28.54
C SER A 290 15.74 -18.18 -28.76
N ILE A 291 16.31 -17.29 -27.97
CA ILE A 291 17.73 -16.95 -28.06
C ILE A 291 18.47 -17.85 -27.08
N PRO A 292 19.44 -18.64 -27.55
CA PRO A 292 20.26 -19.47 -26.64
C PRO A 292 21.41 -18.68 -26.04
N ASP A 293 21.08 -17.58 -25.37
CA ASP A 293 22.06 -16.66 -24.81
C ASP A 293 21.36 -15.68 -23.87
N LYS A 294 21.91 -15.49 -22.67
CA LYS A 294 21.31 -14.55 -21.72
C LYS A 294 21.17 -13.16 -22.31
N ALA A 295 22.31 -12.55 -22.64
CA ALA A 295 22.31 -11.18 -23.14
C ALA A 295 21.54 -11.09 -24.45
N GLY A 296 21.64 -12.11 -25.30
CA GLY A 296 20.86 -12.11 -26.53
C GLY A 296 19.38 -12.09 -26.27
N GLY A 297 18.91 -12.87 -25.30
CA GLY A 297 17.50 -12.89 -24.96
C GLY A 297 16.99 -11.56 -24.43
N VAL A 298 17.74 -10.98 -23.48
CA VAL A 298 17.34 -9.68 -22.96
C VAL A 298 17.35 -8.62 -24.05
N ALA A 299 18.35 -8.67 -24.94
CA ALA A 299 18.44 -7.73 -26.04
C ALA A 299 17.30 -7.89 -27.03
N ALA A 300 16.86 -9.13 -27.29
CA ALA A 300 15.69 -9.34 -28.13
C ALA A 300 14.43 -8.78 -27.49
N ILE A 301 14.28 -8.96 -26.17
CA ILE A 301 13.15 -8.37 -25.47
C ILE A 301 13.15 -6.86 -25.61
N ALA A 302 14.32 -6.22 -25.48
CA ALA A 302 14.39 -4.78 -25.68
C ALA A 302 14.16 -4.40 -27.14
N LEU A 303 14.58 -5.24 -28.07
CA LEU A 303 14.45 -4.93 -29.48
C LEU A 303 12.98 -4.98 -29.92
N VAL A 304 12.17 -5.80 -29.23
CA VAL A 304 10.73 -5.81 -29.51
C VAL A 304 10.15 -4.40 -29.33
N PHE A 305 10.44 -3.78 -28.18
CA PHE A 305 9.91 -2.45 -27.92
C PHE A 305 10.62 -1.38 -28.73
N ILE A 306 11.89 -1.61 -29.09
CA ILE A 306 12.57 -0.69 -30.00
C ILE A 306 11.86 -0.67 -31.35
N CYS A 307 11.50 -1.84 -31.87
CA CYS A 307 10.80 -1.90 -33.15
C CYS A 307 9.41 -1.26 -33.04
N LEU A 308 8.71 -1.52 -31.93
CA LEU A 308 7.40 -0.89 -31.74
C LEU A 308 7.52 0.63 -31.70
N LEU A 309 8.58 1.16 -31.08
CA LEU A 309 8.76 2.60 -31.01
C LEU A 309 9.21 3.19 -32.34
N ALA A 310 9.99 2.46 -33.12
CA ALA A 310 10.49 2.97 -34.39
C ALA A 310 9.47 2.84 -35.51
N LEU A 311 8.43 2.04 -35.32
CA LEU A 311 7.41 1.85 -36.36
C LEU A 311 6.83 3.13 -36.93
N PRO A 312 6.40 4.13 -36.13
CA PRO A 312 5.77 5.32 -36.74
C PRO A 312 6.72 6.18 -37.56
N PHE A 313 8.03 6.05 -37.37
CA PHE A 313 8.98 6.95 -38.03
C PHE A 313 9.57 6.36 -39.30
N PHE A 314 9.11 5.19 -39.73
CA PHE A 314 9.55 4.64 -40.99
C PHE A 314 9.00 5.46 -42.14
N LYS A 315 9.85 5.78 -43.10
CA LYS A 315 9.38 6.39 -44.33
C LYS A 315 8.47 5.39 -45.04
N SER A 316 7.20 5.73 -45.15
CA SER A 316 6.19 4.81 -45.66
C SER A 316 5.47 5.45 -46.84
N MET A 317 4.64 4.64 -47.48
CA MET A 317 3.70 5.18 -48.44
C MET A 317 2.65 6.01 -47.72
N TYR A 318 1.88 6.75 -48.49
CA TYR A 318 0.89 7.68 -47.95
C TYR A 318 -0.48 7.05 -47.78
N VAL A 319 -0.57 5.72 -47.85
CA VAL A 319 -1.84 5.01 -47.71
C VAL A 319 -1.81 4.28 -46.37
N ARG A 320 -2.85 4.49 -45.56
CA ARG A 320 -2.89 3.96 -44.21
C ARG A 320 -3.57 2.60 -44.14
N SER A 321 -4.83 2.53 -44.54
CA SER A 321 -5.67 1.39 -44.20
C SER A 321 -5.28 0.13 -44.97
N SER A 322 -5.30 -1.00 -44.26
CA SER A 322 -5.10 -2.30 -44.90
C SER A 322 -6.19 -2.60 -45.93
N SER A 323 -7.35 -1.96 -45.82
CA SER A 323 -8.42 -2.18 -46.79
C SER A 323 -8.01 -1.81 -48.21
N PHE A 324 -7.00 -0.96 -48.36
CA PHE A 324 -6.49 -0.59 -49.68
C PHE A 324 -5.04 -1.04 -49.89
N ARG A 325 -4.50 -1.88 -49.01
CA ARG A 325 -3.12 -2.36 -49.08
C ARG A 325 -3.09 -3.87 -48.98
N PRO A 326 -3.32 -4.59 -50.09
CA PRO A 326 -3.44 -6.06 -50.01
C PRO A 326 -2.22 -6.75 -49.41
N ILE A 327 -1.01 -6.32 -49.76
CA ILE A 327 0.19 -6.99 -49.27
C ILE A 327 0.36 -6.75 -47.77
N TYR A 328 0.22 -5.50 -47.33
CA TYR A 328 0.35 -5.21 -45.91
C TYR A 328 -0.76 -5.89 -45.11
N GLN A 329 -1.96 -5.97 -45.68
CA GLN A 329 -3.06 -6.66 -45.03
C GLN A 329 -2.74 -8.14 -44.80
N GLY A 330 -2.23 -8.82 -45.83
CA GLY A 330 -1.81 -10.19 -45.66
C GLY A 330 -0.70 -10.35 -44.64
N MET A 331 0.26 -9.43 -44.66
CA MET A 331 1.35 -9.49 -43.68
C MET A 331 0.83 -9.29 -42.26
N PHE A 332 -0.19 -8.44 -42.09
CA PHE A 332 -0.78 -8.25 -40.78
C PHE A 332 -1.41 -9.53 -40.26
N TRP A 333 -2.15 -10.23 -41.12
CA TRP A 333 -2.78 -11.47 -40.68
C TRP A 333 -1.72 -12.53 -40.36
N LEU A 334 -0.64 -12.59 -41.14
CA LEU A 334 0.45 -13.49 -40.80
C LEU A 334 1.08 -13.12 -39.45
N LEU A 335 1.23 -11.82 -39.18
CA LEU A 335 1.80 -11.39 -37.90
C LEU A 335 0.89 -11.79 -36.74
N LEU A 336 -0.43 -11.68 -36.92
CA LEU A 336 -1.35 -12.12 -35.88
C LEU A 336 -1.20 -13.61 -35.60
N ALA A 337 -1.14 -14.41 -36.66
CA ALA A 337 -0.95 -15.85 -36.48
C ALA A 337 0.38 -16.13 -35.77
N ASP A 338 1.42 -15.40 -36.13
CA ASP A 338 2.73 -15.60 -35.53
C ASP A 338 2.71 -15.25 -34.04
N CYS A 339 2.02 -14.18 -33.67
CA CYS A 339 1.93 -13.79 -32.26
C CYS A 339 1.17 -14.84 -31.46
N LEU A 340 0.07 -15.36 -32.01
CA LEU A 340 -0.66 -16.42 -31.32
C LEU A 340 0.22 -17.67 -31.16
N LEU A 341 1.01 -17.99 -32.19
CA LEU A 341 1.93 -19.11 -32.11
C LEU A 341 2.99 -18.89 -31.04
N LEU A 342 3.52 -17.67 -30.94
CA LEU A 342 4.51 -17.37 -29.90
C LEU A 342 3.91 -17.55 -28.52
N GLY A 343 2.66 -17.08 -28.34
CA GLY A 343 1.99 -17.30 -27.06
C GLY A 343 1.83 -18.77 -26.73
N TRP A 344 1.42 -19.58 -27.71
CA TRP A 344 1.26 -21.01 -27.47
C TRP A 344 2.61 -21.66 -27.16
N ILE A 345 3.67 -21.25 -27.86
CA ILE A 345 4.99 -21.83 -27.65
C ILE A 345 5.52 -21.51 -26.26
N GLY A 346 5.26 -20.30 -25.77
CA GLY A 346 5.71 -19.93 -24.43
C GLY A 346 5.19 -20.86 -23.35
N CYS A 347 4.05 -21.51 -23.58
CA CYS A 347 3.45 -22.42 -22.63
C CYS A 347 4.05 -23.82 -22.67
N GLN A 348 4.93 -24.11 -23.63
CA GLN A 348 5.49 -25.44 -23.85
C GLN A 348 6.83 -25.59 -23.15
N PRO A 349 7.21 -26.81 -22.78
CA PRO A 349 8.55 -27.04 -22.24
C PRO A 349 9.61 -26.78 -23.31
N VAL A 350 10.79 -26.39 -22.84
CA VAL A 350 11.86 -25.99 -23.76
C VAL A 350 12.55 -27.25 -24.29
N GLU A 351 12.05 -27.78 -25.40
CA GLU A 351 12.55 -29.01 -25.99
C GLU A 351 12.00 -29.10 -27.41
N ALA A 352 12.52 -30.08 -28.15
CA ALA A 352 12.12 -30.26 -29.54
C ALA A 352 10.64 -30.63 -29.62
N PRO A 353 9.91 -30.18 -30.65
CA PRO A 353 10.35 -29.34 -31.76
C PRO A 353 10.21 -27.85 -31.48
N PHE A 354 9.93 -27.48 -30.23
CA PHE A 354 9.48 -26.13 -29.92
C PHE A 354 10.59 -25.09 -29.96
N VAL A 355 11.86 -25.50 -29.83
CA VAL A 355 12.95 -24.54 -29.95
C VAL A 355 13.03 -23.98 -31.36
N THR A 356 12.98 -24.87 -32.36
CA THR A 356 13.02 -24.44 -33.75
C THR A 356 11.80 -23.60 -34.10
N ILE A 357 10.62 -24.04 -33.66
CA ILE A 357 9.39 -23.30 -33.95
C ILE A 357 9.43 -21.92 -33.31
N GLY A 358 9.91 -21.83 -32.07
CA GLY A 358 10.04 -20.55 -31.42
C GLY A 358 11.02 -19.63 -32.12
N GLN A 359 12.15 -20.18 -32.57
CA GLN A 359 13.14 -19.38 -33.27
C GLN A 359 12.56 -18.82 -34.57
N ILE A 360 11.89 -19.67 -35.35
CA ILE A 360 11.31 -19.23 -36.60
C ILE A 360 10.21 -18.20 -36.36
N SER A 361 9.39 -18.42 -35.33
CA SER A 361 8.33 -17.45 -35.01
C SER A 361 8.90 -16.10 -34.61
N SER A 362 9.95 -16.10 -33.79
CA SER A 362 10.60 -14.83 -33.42
C SER A 362 11.14 -14.12 -34.66
N LEU A 363 11.76 -14.89 -35.56
CA LEU A 363 12.25 -14.31 -36.80
C LEU A 363 11.13 -13.68 -37.61
N VAL A 364 9.98 -14.37 -37.73
CA VAL A 364 8.86 -13.83 -38.49
C VAL A 364 8.34 -12.54 -37.84
N PHE A 365 8.27 -12.53 -36.50
CA PHE A 365 7.81 -11.36 -35.78
C PHE A 365 8.70 -10.16 -36.09
N PHE A 366 10.01 -10.36 -36.11
CA PHE A 366 10.89 -9.23 -36.42
C PHE A 366 10.86 -8.90 -37.92
N LEU A 367 10.57 -9.89 -38.77
CA LEU A 367 10.47 -9.63 -40.19
C LEU A 367 9.31 -8.71 -40.51
N PHE A 368 8.22 -8.77 -39.75
CA PHE A 368 7.13 -7.81 -39.97
C PHE A 368 7.65 -6.38 -39.95
N PHE A 369 8.37 -6.02 -38.89
CA PHE A 369 8.87 -4.66 -38.71
C PHE A 369 10.02 -4.36 -39.65
N ALA A 370 10.75 -5.38 -40.10
CA ALA A 370 11.79 -5.15 -41.08
C ALA A 370 11.22 -4.90 -42.48
N ILE A 371 10.09 -5.53 -42.79
CA ILE A 371 9.57 -5.50 -44.15
C ILE A 371 8.63 -4.31 -44.39
N THR A 372 7.91 -3.86 -43.38
CA THR A 372 7.01 -2.72 -43.58
C THR A 372 7.66 -1.50 -44.22
N PRO A 373 8.85 -1.04 -43.80
CA PRO A 373 9.49 0.09 -44.51
C PRO A 373 9.80 -0.19 -45.98
N ILE A 374 10.21 -1.41 -46.31
CA ILE A 374 10.44 -1.77 -47.71
C ILE A 374 9.14 -1.65 -48.49
N LEU A 375 8.05 -2.13 -47.89
CA LEU A 375 6.74 -2.03 -48.52
C LEU A 375 6.37 -0.57 -48.78
N GLY A 376 6.62 0.30 -47.80
CA GLY A 376 6.32 1.71 -48.00
C GLY A 376 7.14 2.33 -49.12
N ARG A 377 8.45 2.06 -49.12
CA ARG A 377 9.31 2.62 -50.16
C ARG A 377 8.87 2.15 -51.55
N VAL A 378 8.56 0.87 -51.69
CA VAL A 378 8.18 0.37 -53.01
C VAL A 378 6.81 0.90 -53.41
N GLY A 379 5.84 0.89 -52.49
CA GLY A 379 4.50 1.34 -52.78
C GLY A 379 4.38 2.83 -53.01
N ARG A 380 5.40 3.60 -52.66
CA ARG A 380 5.43 5.00 -53.05
C ARG A 380 5.27 5.16 -54.56
N GLY A 381 5.76 4.20 -55.34
CA GLY A 381 5.66 4.23 -56.79
C GLY A 381 4.38 3.69 -57.39
N ILE A 382 3.41 3.27 -56.56
CA ILE A 382 2.17 2.72 -57.08
C ILE A 382 1.39 3.72 -57.92
N PRO A 383 1.16 4.97 -57.46
CA PRO A 383 0.35 5.89 -58.28
C PRO A 383 0.96 6.22 -59.63
N ASN A 384 2.27 6.09 -59.78
CA ASN A 384 2.91 6.32 -61.07
C ASN A 384 2.93 5.09 -61.95
N SER A 385 2.65 3.91 -61.41
CA SER A 385 2.68 2.68 -62.19
C SER A 385 1.30 2.12 -62.51
N TYR A 386 0.28 2.49 -61.75
CA TYR A 386 -1.09 2.03 -61.99
C TYR A 386 -1.87 3.22 -62.53
N THR A 387 -1.81 3.42 -63.85
CA THR A 387 -2.43 4.58 -64.48
C THR A 387 -3.83 4.24 -64.95
N ASP A 388 -4.72 5.24 -64.88
CA ASP A 388 -6.08 5.11 -65.38
C ASP A 388 -6.09 5.07 -66.90
N TYR B 93 -35.46 7.87 -48.65
CA TYR B 93 -34.48 7.60 -47.59
C TYR B 93 -33.75 6.28 -47.86
N ASP B 94 -32.49 6.21 -47.44
CA ASP B 94 -31.74 4.97 -47.55
C ASP B 94 -32.38 3.89 -46.67
N ASP B 95 -32.56 2.70 -47.22
CA ASP B 95 -33.28 1.64 -46.53
C ASP B 95 -32.46 0.38 -46.31
N HIS B 96 -31.13 0.45 -46.42
CA HIS B 96 -30.33 -0.75 -46.23
C HIS B 96 -30.32 -1.18 -44.76
N ASN B 97 -30.27 -0.23 -43.85
CA ASN B 97 -30.20 -0.52 -42.42
C ASN B 97 -31.56 -0.42 -41.72
N HIS B 98 -32.42 0.51 -42.13
CA HIS B 98 -33.70 0.71 -41.49
C HIS B 98 -34.80 0.87 -42.53
N GLU B 99 -35.94 0.25 -42.27
CA GLU B 99 -37.12 0.42 -43.08
C GLU B 99 -38.08 1.35 -42.34
N ARG B 100 -38.56 2.36 -43.04
CA ARG B 100 -39.43 3.37 -42.43
C ARG B 100 -40.82 2.79 -42.17
N TYR B 101 -41.51 3.39 -41.20
CA TYR B 101 -42.93 3.20 -41.09
C TYR B 101 -43.63 4.00 -42.18
N PRO B 102 -44.87 3.64 -42.53
CA PRO B 102 -45.60 4.41 -43.54
C PRO B 102 -45.72 5.86 -43.13
N PRO B 103 -45.61 6.78 -44.07
CA PRO B 103 -45.69 8.20 -43.73
C PRO B 103 -47.02 8.55 -43.09
N GLY B 104 -46.97 9.43 -42.10
CA GLY B 104 -48.14 9.77 -41.31
C GLY B 104 -48.46 8.80 -40.19
N ASP B 105 -47.62 7.79 -39.98
CA ASP B 105 -47.84 6.88 -38.87
C ASP B 105 -47.62 7.62 -37.54
N PRO B 106 -48.31 7.21 -36.48
CA PRO B 106 -48.02 7.77 -35.16
C PRO B 106 -46.58 7.49 -34.75
N SER B 107 -45.98 8.46 -34.06
CA SER B 107 -44.61 8.33 -33.60
C SER B 107 -44.47 7.16 -32.63
N LYS B 108 -43.30 6.53 -32.64
CA LYS B 108 -43.00 5.40 -31.78
C LYS B 108 -42.33 5.82 -30.47
N ARG B 109 -42.46 7.08 -30.05
CA ARG B 109 -41.72 7.57 -28.89
C ARG B 109 -42.06 6.81 -27.61
N ALA B 110 -43.35 6.54 -27.39
CA ALA B 110 -43.77 5.87 -26.15
C ALA B 110 -43.22 4.46 -26.07
N PHE B 111 -43.31 3.72 -27.17
CA PHE B 111 -42.74 2.37 -27.22
C PHE B 111 -41.24 2.40 -26.97
N ALA B 112 -40.56 3.40 -27.57
CA ALA B 112 -39.12 3.52 -27.41
C ALA B 112 -38.74 3.75 -25.94
N TYR B 113 -39.43 4.69 -25.28
CA TYR B 113 -39.13 4.96 -23.88
C TYR B 113 -39.42 3.74 -23.01
N PHE B 114 -40.53 3.05 -23.28
CA PHE B 114 -40.85 1.83 -22.56
C PHE B 114 -39.75 0.79 -22.72
N VAL B 115 -39.24 0.61 -23.94
CA VAL B 115 -38.19 -0.36 -24.18
C VAL B 115 -36.91 0.03 -23.45
N LEU B 116 -36.53 1.31 -23.51
CA LEU B 116 -35.31 1.76 -22.86
C LEU B 116 -35.36 1.60 -21.35
N SER B 117 -36.55 1.79 -20.75
CA SER B 117 -36.66 1.66 -19.29
C SER B 117 -36.29 0.25 -18.83
N GLY B 118 -36.52 -0.76 -19.66
CA GLY B 118 -36.17 -2.12 -19.28
C GLY B 118 -34.69 -2.30 -19.02
N GLY B 119 -33.86 -1.80 -19.94
CA GLY B 119 -32.43 -1.83 -19.71
C GLY B 119 -31.96 -0.87 -18.65
N ARG B 120 -32.70 0.23 -18.46
CA ARG B 120 -32.37 1.14 -17.36
C ARG B 120 -32.53 0.45 -16.01
N PHE B 121 -33.54 -0.41 -15.88
CA PHE B 121 -33.67 -1.23 -14.68
C PHE B 121 -32.38 -1.98 -14.39
N VAL B 122 -31.84 -2.66 -15.42
CA VAL B 122 -30.66 -3.48 -15.24
C VAL B 122 -29.44 -2.63 -14.89
N TYR B 123 -29.30 -1.47 -15.55
CA TYR B 123 -28.15 -0.62 -15.25
C TYR B 123 -28.19 -0.16 -13.78
N ALA B 124 -29.37 0.25 -13.31
CA ALA B 124 -29.49 0.66 -11.92
C ALA B 124 -29.17 -0.50 -10.97
N SER B 125 -29.68 -1.69 -11.28
CA SER B 125 -29.40 -2.85 -10.43
C SER B 125 -27.91 -3.16 -10.37
N VAL B 126 -27.23 -3.09 -11.52
CA VAL B 126 -25.80 -3.39 -11.58
C VAL B 126 -25.00 -2.39 -10.76
N LEU B 127 -25.31 -1.10 -10.92
CA LEU B 127 -24.61 -0.08 -10.15
C LEU B 127 -24.81 -0.29 -8.66
N ARG B 128 -26.06 -0.53 -8.25
CA ARG B 128 -26.35 -0.77 -6.81
C ARG B 128 -25.54 -1.97 -6.32
N LEU B 129 -25.54 -3.07 -7.08
CA LEU B 129 -24.83 -4.27 -6.66
C LEU B 129 -23.35 -4.00 -6.46
N LEU B 130 -22.70 -3.34 -7.42
CA LEU B 130 -21.26 -3.13 -7.30
C LEU B 130 -20.93 -2.21 -6.12
N VAL B 131 -21.53 -1.06 -6.03
CA VAL B 131 -21.33 -0.21 -4.83
C VAL B 131 -21.59 -1.01 -3.52
N LEU B 132 -22.72 -1.70 -3.37
CA LEU B 132 -22.95 -2.38 -2.10
C LEU B 132 -21.91 -3.48 -1.86
N LYS B 133 -21.44 -4.15 -2.91
CA LYS B 133 -20.36 -5.12 -2.71
C LYS B 133 -19.13 -4.44 -2.13
N LEU B 134 -18.70 -3.27 -2.59
CA LEU B 134 -17.57 -2.58 -1.96
C LEU B 134 -17.85 -2.12 -0.50
N ILE B 135 -19.05 -1.65 -0.23
CA ILE B 135 -19.35 -1.15 1.12
C ILE B 135 -19.34 -2.35 2.06
N VAL B 136 -19.92 -3.44 1.64
CA VAL B 136 -20.02 -4.52 2.61
C VAL B 136 -18.73 -5.32 2.70
N SER B 137 -17.82 -5.21 1.72
CA SER B 137 -16.51 -5.82 1.91
C SER B 137 -15.73 -5.18 3.06
N MET B 138 -16.09 -4.00 3.48
CA MET B 138 -15.43 -3.26 4.62
C MET B 138 -16.02 -3.66 5.95
N SER B 139 -17.15 -4.31 5.92
CA SER B 139 -17.78 -4.69 7.17
C SER B 139 -17.01 -5.83 7.83
N ALA B 140 -17.39 -6.15 9.06
CA ALA B 140 -16.67 -7.15 9.83
C ALA B 140 -16.65 -8.49 9.12
N SER B 141 -15.48 -9.13 9.09
CA SER B 141 -15.30 -10.41 8.44
C SER B 141 -15.80 -11.54 9.34
N LYS B 142 -15.90 -12.74 8.75
CA LYS B 142 -16.43 -13.88 9.50
C LYS B 142 -15.51 -14.28 10.65
N ASP B 143 -14.18 -14.23 10.45
CA ASP B 143 -13.28 -14.55 11.54
C ASP B 143 -13.43 -13.56 12.69
N VAL B 144 -13.74 -12.30 12.36
CA VAL B 144 -13.94 -11.29 13.39
C VAL B 144 -15.23 -11.56 14.16
N LEU B 145 -16.31 -11.88 13.44
CA LEU B 145 -17.59 -12.15 14.09
C LEU B 145 -17.56 -13.43 14.91
N ALA B 146 -16.70 -14.40 14.53
CA ALA B 146 -16.59 -15.64 15.28
C ALA B 146 -15.99 -15.44 16.67
N LEU B 147 -15.45 -14.26 16.97
CA LEU B 147 -14.80 -14.03 18.26
C LEU B 147 -15.49 -12.92 19.03
N ALA B 148 -16.81 -12.96 19.10
CA ALA B 148 -17.59 -11.90 19.74
C ALA B 148 -18.43 -12.38 20.91
N SER B 149 -18.06 -13.51 21.52
CA SER B 149 -18.82 -14.03 22.66
C SER B 149 -18.03 -15.07 23.44
N LEU B 150 -17.88 -14.86 24.76
CA LEU B 150 -17.16 -15.78 25.64
C LEU B 150 -17.45 -15.37 27.09
N GLU B 151 -16.92 -16.16 28.02
CA GLU B 151 -17.09 -15.89 29.45
C GLU B 151 -15.77 -16.12 30.18
N VAL B 152 -15.55 -15.32 31.23
CA VAL B 152 -14.33 -15.40 32.04
C VAL B 152 -14.70 -15.22 33.50
N ASP B 153 -14.08 -16.02 34.36
CA ASP B 153 -14.29 -15.96 35.81
C ASP B 153 -13.16 -15.19 36.48
N LEU B 154 -13.44 -14.70 37.69
CA LEU B 154 -12.50 -13.87 38.43
C LEU B 154 -12.62 -14.16 39.92
N GLY B 155 -11.83 -13.44 40.72
CA GLY B 155 -11.77 -13.66 42.15
C GLY B 155 -12.14 -12.47 43.01
N SER B 156 -11.25 -12.08 43.92
CA SER B 156 -11.54 -11.02 44.87
C SER B 156 -10.35 -10.07 44.98
N ILE B 157 -10.65 -8.83 45.37
CA ILE B 157 -9.65 -7.78 45.50
C ILE B 157 -9.89 -7.06 46.83
N GLU B 158 -8.84 -6.44 47.34
CA GLU B 158 -8.95 -5.69 48.58
C GLU B 158 -9.82 -4.45 48.40
N PRO B 159 -10.44 -3.95 49.47
CA PRO B 159 -11.34 -2.79 49.33
C PRO B 159 -10.57 -1.54 48.93
N GLY B 160 -11.27 -0.63 48.27
CA GLY B 160 -10.69 0.64 47.86
C GLY B 160 -9.82 0.61 46.64
N THR B 161 -9.76 -0.52 45.93
CA THR B 161 -8.91 -0.68 44.77
C THR B 161 -9.74 -1.12 43.57
N THR B 162 -9.12 -1.06 42.39
CA THR B 162 -9.79 -1.38 41.13
C THR B 162 -8.85 -2.17 40.23
N VAL B 163 -9.36 -3.23 39.62
CA VAL B 163 -8.59 -4.07 38.72
C VAL B 163 -9.25 -4.02 37.33
N THR B 164 -8.42 -3.86 36.31
CA THR B 164 -8.88 -3.78 34.92
C THR B 164 -8.65 -5.14 34.27
N VAL B 165 -9.74 -5.85 34.00
CA VAL B 165 -9.67 -7.17 33.39
C VAL B 165 -10.10 -7.06 31.93
N LYS B 166 -9.92 -8.16 31.19
CA LYS B 166 -10.04 -8.17 29.73
C LYS B 166 -11.25 -8.95 29.27
N TRP B 167 -11.58 -8.77 27.98
CA TRP B 167 -12.55 -9.59 27.27
C TRP B 167 -12.18 -9.66 25.78
N ARG B 168 -12.87 -8.89 24.93
CA ARG B 168 -12.52 -8.85 23.47
C ARG B 168 -12.30 -7.39 23.06
N GLY B 169 -11.54 -6.65 23.87
CA GLY B 169 -11.28 -5.25 23.62
C GLY B 169 -12.11 -4.30 24.45
N LYS B 170 -12.92 -4.80 25.37
CA LYS B 170 -13.72 -3.97 26.26
C LYS B 170 -13.30 -4.28 27.69
N PRO B 171 -12.36 -3.52 28.25
CA PRO B 171 -11.93 -3.76 29.62
C PRO B 171 -13.07 -3.55 30.60
N VAL B 172 -13.00 -4.28 31.72
CA VAL B 172 -14.04 -4.28 32.73
C VAL B 172 -13.45 -3.74 34.02
N PHE B 173 -14.10 -2.74 34.61
CA PHE B 173 -13.70 -2.19 35.90
C PHE B 173 -14.38 -2.96 37.02
N ILE B 174 -13.59 -3.40 38.00
CA ILE B 174 -14.11 -4.06 39.20
C ILE B 174 -13.51 -3.36 40.40
N ARG B 175 -14.38 -2.85 41.30
CA ARG B 175 -13.92 -2.14 42.48
C ARG B 175 -14.71 -2.59 43.69
N ARG B 176 -14.01 -2.85 44.79
CA ARG B 176 -14.65 -3.15 46.07
C ARG B 176 -14.79 -1.84 46.84
N ARG B 177 -16.01 -1.29 46.81
CA ARG B 177 -16.27 0.00 47.46
C ARG B 177 -16.45 -0.17 48.97
N THR B 178 -15.88 0.74 49.76
CA THR B 178 -16.05 0.71 51.20
C THR B 178 -17.44 1.23 51.58
N GLU B 179 -17.79 1.04 52.86
CA GLU B 179 -19.10 1.47 53.33
C GLU B 179 -19.26 2.98 53.21
N ASP B 180 -18.20 3.73 53.49
CA ASP B 180 -18.24 5.17 53.29
C ASP B 180 -18.45 5.51 51.82
N ASP B 181 -17.83 4.75 50.92
CA ASP B 181 -18.05 4.95 49.50
C ASP B 181 -19.50 4.69 49.11
N ILE B 182 -20.10 3.63 49.67
CA ILE B 182 -21.49 3.32 49.38
C ILE B 182 -22.39 4.45 49.88
N LYS B 183 -22.12 4.96 51.08
CA LYS B 183 -22.90 6.07 51.61
C LYS B 183 -22.75 7.31 50.73
N LEU B 184 -21.52 7.61 50.29
CA LEU B 184 -21.30 8.76 49.43
C LEU B 184 -22.01 8.61 48.09
N ALA B 185 -22.12 7.39 47.59
CA ALA B 185 -22.78 7.14 46.31
C ALA B 185 -24.30 7.05 46.43
N ASN B 186 -24.85 7.19 47.63
CA ASN B 186 -26.29 7.10 47.85
C ASN B 186 -26.89 8.40 48.37
N SER B 187 -26.20 9.52 48.24
CA SER B 187 -26.64 10.80 48.77
C SER B 187 -26.61 11.88 47.69
N VAL B 188 -27.11 11.55 46.50
CA VAL B 188 -27.12 12.49 45.38
C VAL B 188 -28.52 12.52 44.78
N ASP B 189 -28.88 13.68 44.24
CA ASP B 189 -30.20 13.84 43.64
C ASP B 189 -30.26 13.14 42.29
N VAL B 190 -31.32 12.36 42.07
CA VAL B 190 -31.49 11.65 40.80
C VAL B 190 -31.76 12.63 39.68
N GLY B 191 -32.53 13.69 39.96
CA GLY B 191 -32.87 14.65 38.92
C GLY B 191 -31.67 15.39 38.35
N SER B 192 -30.67 15.65 39.19
CA SER B 192 -29.46 16.34 38.71
C SER B 192 -28.63 15.48 37.78
N LEU B 193 -28.80 14.15 37.82
CA LEU B 193 -28.01 13.27 36.98
C LEU B 193 -28.39 13.43 35.52
N ARG B 194 -27.37 13.46 34.65
CA ARG B 194 -27.62 13.54 33.21
C ARG B 194 -28.39 12.32 32.73
N ASP B 195 -27.97 11.13 33.16
CA ASP B 195 -28.71 9.90 32.89
C ASP B 195 -29.34 9.42 34.18
N PRO B 196 -30.66 9.51 34.33
CA PRO B 196 -31.28 9.17 35.62
C PRO B 196 -31.21 7.69 35.94
N GLN B 197 -30.37 7.34 36.91
CA GLN B 197 -30.20 5.95 37.34
C GLN B 197 -29.95 5.92 38.83
N GLU B 198 -30.35 4.83 39.46
CA GLU B 198 -30.17 4.64 40.90
C GLU B 198 -28.96 3.75 41.16
N ASP B 199 -28.45 3.84 42.39
CA ASP B 199 -27.30 3.01 42.76
C ASP B 199 -27.65 1.53 42.75
N SER B 200 -28.84 1.18 43.27
CA SER B 200 -29.18 -0.22 43.45
C SER B 200 -29.39 -0.94 42.13
N VAL B 201 -29.90 -0.25 41.11
CA VAL B 201 -30.21 -0.88 39.84
C VAL B 201 -28.93 -1.07 39.03
N ARG B 202 -27.80 -0.60 39.58
CA ARG B 202 -26.51 -0.78 38.94
C ARG B 202 -25.59 -1.73 39.67
N VAL B 203 -25.97 -2.20 40.86
CA VAL B 203 -25.13 -3.06 41.68
C VAL B 203 -25.95 -4.25 42.16
N LYS B 204 -25.30 -5.41 42.23
CA LYS B 204 -25.92 -6.62 42.78
C LYS B 204 -25.53 -6.81 44.24
N ASN B 205 -24.23 -6.89 44.53
CA ASN B 205 -23.73 -6.88 45.89
C ASN B 205 -23.12 -5.53 46.18
N PRO B 206 -23.65 -4.76 47.14
CA PRO B 206 -23.22 -3.35 47.28
C PRO B 206 -21.75 -3.17 47.62
N GLU B 207 -21.03 -4.27 47.82
CA GLU B 207 -19.60 -4.23 48.11
C GLU B 207 -18.74 -4.33 46.86
N TRP B 208 -19.34 -4.45 45.67
CA TRP B 208 -18.58 -4.60 44.44
C TRP B 208 -19.32 -3.90 43.31
N LEU B 209 -18.56 -3.28 42.40
CA LEU B 209 -19.11 -2.63 41.21
C LEU B 209 -18.36 -3.17 40.01
N VAL B 210 -19.09 -3.80 39.08
CA VAL B 210 -18.51 -4.37 37.87
C VAL B 210 -19.13 -3.65 36.69
N VAL B 211 -18.31 -2.87 35.97
CA VAL B 211 -18.76 -2.10 34.81
C VAL B 211 -17.74 -2.27 33.69
N VAL B 212 -18.18 -1.95 32.47
CA VAL B 212 -17.28 -1.93 31.33
C VAL B 212 -16.58 -0.58 31.28
N GLY B 213 -15.25 -0.61 31.23
CA GLY B 213 -14.46 0.60 31.36
C GLY B 213 -14.22 1.38 30.09
N VAL B 214 -15.27 1.60 29.30
CA VAL B 214 -15.16 2.37 28.05
C VAL B 214 -16.05 3.60 28.19
N CYS B 215 -15.45 4.77 27.94
CA CYS B 215 -16.21 6.01 27.99
C CYS B 215 -17.34 5.98 26.96
N THR B 216 -18.53 6.38 27.39
CA THR B 216 -19.67 6.42 26.48
C THR B 216 -19.58 7.59 25.51
N HIS B 217 -18.67 8.53 25.74
CA HIS B 217 -18.45 9.62 24.80
C HIS B 217 -17.88 9.15 23.47
N LEU B 218 -16.61 8.71 23.47
CA LEU B 218 -15.96 8.38 22.20
C LEU B 218 -15.05 7.15 22.30
N GLY B 219 -15.20 6.33 23.33
CA GLY B 219 -14.50 5.06 23.39
C GLY B 219 -13.23 5.02 24.22
N CYS B 220 -12.81 6.14 24.79
CA CYS B 220 -11.59 6.12 25.61
C CYS B 220 -11.88 5.41 26.94
N ILE B 221 -10.81 5.21 27.71
CA ILE B 221 -10.91 4.42 28.93
C ILE B 221 -10.63 5.30 30.15
N PRO B 222 -11.62 5.49 31.03
CA PRO B 222 -11.45 6.45 32.14
C PRO B 222 -10.38 6.03 33.13
N LEU B 223 -9.76 7.02 33.75
CA LEU B 223 -8.70 6.80 34.72
C LEU B 223 -9.29 6.57 36.11
N PRO B 224 -8.86 5.52 36.82
CA PRO B 224 -9.40 5.27 38.16
C PRO B 224 -8.88 6.27 39.18
N ASN B 225 -9.73 6.53 40.18
CA ASN B 225 -9.39 7.41 41.31
C ASN B 225 -8.98 8.80 40.83
N ALA B 226 -9.62 9.27 39.77
CA ALA B 226 -9.35 10.57 39.19
C ALA B 226 -10.67 11.28 38.95
N GLY B 227 -10.60 12.60 38.75
CA GLY B 227 -11.76 13.43 38.63
C GLY B 227 -12.19 14.04 39.95
N ASP B 228 -13.17 14.94 39.88
CA ASP B 228 -13.69 15.62 41.05
C ASP B 228 -14.95 14.97 41.59
N TYR B 229 -15.09 13.67 41.41
CA TYR B 229 -16.23 12.93 41.96
C TYR B 229 -15.81 11.61 42.59
N GLY B 230 -14.53 11.37 42.79
CA GLY B 230 -14.07 10.18 43.47
C GLY B 230 -14.18 8.90 42.68
N GLY B 231 -14.58 8.98 41.41
CA GLY B 231 -14.75 7.79 40.61
C GLY B 231 -13.75 7.67 39.49
N TRP B 232 -14.15 8.05 38.28
CA TRP B 232 -13.31 7.91 37.11
C TRP B 232 -13.29 9.21 36.32
N PHE B 233 -12.12 9.56 35.80
CA PHE B 233 -11.95 10.71 34.94
C PHE B 233 -11.43 10.24 33.58
N CYS B 234 -12.10 10.63 32.50
CA CYS B 234 -11.68 10.25 31.17
C CYS B 234 -10.65 11.24 30.65
N PRO B 235 -9.43 10.80 30.30
CA PRO B 235 -8.40 11.75 29.87
C PRO B 235 -8.61 12.35 28.49
N CYS B 236 -9.41 11.73 27.63
CA CYS B 236 -9.73 12.24 26.26
C CYS B 236 -10.45 13.63 26.21
N HIS B 237 -11.68 13.75 26.62
CA HIS B 237 -12.48 15.01 26.61
C HIS B 237 -13.03 15.31 28.01
N GLY B 238 -12.39 14.79 29.06
CA GLY B 238 -12.80 15.21 30.39
C GLY B 238 -14.17 14.76 30.85
N SER B 239 -14.50 13.49 30.62
CA SER B 239 -15.73 12.94 31.18
C SER B 239 -15.47 12.45 32.60
N HIS B 240 -16.37 12.79 33.51
CA HIS B 240 -16.21 12.49 34.93
C HIS B 240 -17.29 11.51 35.38
N TYR B 241 -16.85 10.43 36.02
CA TYR B 241 -17.74 9.41 36.54
C TYR B 241 -17.54 9.26 38.04
N ASP B 242 -18.62 8.94 38.75
CA ASP B 242 -18.62 8.86 40.20
C ASP B 242 -18.41 7.42 40.67
N ILE B 243 -18.65 7.18 41.96
CA ILE B 243 -18.41 5.87 42.56
C ILE B 243 -19.23 4.80 41.87
N SER B 244 -20.48 5.13 41.51
CA SER B 244 -21.36 4.20 40.83
C SER B 244 -21.14 4.16 39.31
N GLY B 245 -20.06 4.76 38.83
CA GLY B 245 -19.81 4.80 37.40
C GLY B 245 -20.84 5.60 36.63
N ARG B 246 -21.36 6.67 37.23
CA ARG B 246 -22.36 7.52 36.59
C ARG B 246 -21.72 8.82 36.12
N ILE B 247 -22.09 9.25 34.92
CA ILE B 247 -21.54 10.48 34.38
C ILE B 247 -22.12 11.68 35.13
N ARG B 248 -21.25 12.60 35.51
CA ARG B 248 -21.67 13.82 36.20
C ARG B 248 -21.38 15.08 35.42
N LYS B 249 -20.15 15.26 34.93
CA LYS B 249 -19.83 16.37 34.06
C LYS B 249 -18.96 15.87 32.93
N GLY B 250 -19.14 16.47 31.76
CA GLY B 250 -18.41 16.08 30.58
C GLY B 250 -19.32 15.81 29.38
N PRO B 251 -18.73 15.37 28.28
CA PRO B 251 -19.52 15.16 27.05
C PRO B 251 -20.21 13.81 26.97
N ALA B 252 -19.78 12.84 27.77
CA ALA B 252 -20.32 11.49 27.66
C ALA B 252 -21.78 11.45 28.08
N PRO B 253 -22.66 10.82 27.31
CA PRO B 253 -24.10 10.89 27.60
C PRO B 253 -24.61 9.86 28.61
N TYR B 254 -23.96 8.71 28.70
CA TYR B 254 -24.47 7.60 29.49
C TYR B 254 -23.46 7.17 30.55
N ASN B 255 -23.96 6.46 31.55
CA ASN B 255 -23.12 5.92 32.60
C ASN B 255 -22.38 4.68 32.10
N LEU B 256 -21.45 4.20 32.93
CA LEU B 256 -20.65 3.05 32.54
C LEU B 256 -21.52 1.81 32.39
N GLU B 257 -21.31 1.07 31.31
CA GLU B 257 -22.15 -0.08 31.00
C GLU B 257 -21.93 -1.19 32.00
N VAL B 258 -23.03 -1.80 32.44
CA VAL B 258 -22.99 -2.87 33.44
C VAL B 258 -23.13 -4.19 32.70
N PRO B 259 -22.13 -5.06 32.73
CA PRO B 259 -22.26 -6.38 32.12
C PRO B 259 -23.09 -7.32 32.98
N THR B 260 -23.16 -8.60 32.60
CA THR B 260 -23.90 -9.63 33.34
C THR B 260 -22.93 -10.37 34.25
N TYR B 261 -22.94 -10.04 35.53
CA TYR B 261 -22.05 -10.67 36.50
C TYR B 261 -22.85 -11.33 37.61
N SER B 262 -22.21 -12.27 38.30
CA SER B 262 -22.84 -13.03 39.37
C SER B 262 -21.75 -13.55 40.30
N PHE B 263 -22.17 -14.08 41.44
CA PHE B 263 -21.26 -14.62 42.45
C PHE B 263 -21.61 -16.09 42.67
N LEU B 264 -20.74 -16.98 42.20
CA LEU B 264 -20.90 -18.41 42.47
C LEU B 264 -20.50 -18.77 43.90
N GLU B 265 -19.65 -17.97 44.53
CA GLU B 265 -19.27 -18.15 45.92
C GLU B 265 -18.75 -16.80 46.43
N GLU B 266 -18.08 -16.83 47.58
CA GLU B 266 -17.60 -15.59 48.18
C GLU B 266 -16.51 -14.92 47.35
N ASN B 267 -15.69 -15.71 46.64
CA ASN B 267 -14.55 -15.17 45.91
C ASN B 267 -14.50 -15.75 44.50
N LYS B 268 -15.63 -15.72 43.79
CA LYS B 268 -15.67 -16.17 42.41
C LYS B 268 -16.71 -15.34 41.66
N LEU B 269 -16.26 -14.53 40.71
CA LEU B 269 -17.12 -13.81 39.79
C LEU B 269 -17.09 -14.51 38.43
N LEU B 270 -17.97 -14.07 37.54
CA LEU B 270 -18.05 -14.65 36.20
C LEU B 270 -18.81 -13.69 35.30
N ILE B 271 -18.32 -13.56 34.07
CA ILE B 271 -18.93 -12.64 33.12
C ILE B 271 -19.30 -13.37 31.85
N ALA C 64 11.05 -40.82 -17.02
CA ALA C 64 11.87 -40.60 -18.20
C ALA C 64 11.16 -39.72 -19.23
N ASP C 65 10.37 -40.36 -20.09
CA ASP C 65 9.63 -39.65 -21.13
C ASP C 65 8.17 -39.44 -20.74
N GLU C 66 7.44 -40.53 -20.46
CA GLU C 66 6.04 -40.46 -20.11
C GLU C 66 5.79 -40.58 -18.61
N ALA C 67 6.61 -41.37 -17.91
CA ALA C 67 6.44 -41.50 -16.46
C ALA C 67 6.68 -40.18 -15.74
N GLU C 68 7.51 -39.30 -16.31
CA GLU C 68 7.84 -38.04 -15.65
C GLU C 68 6.59 -37.20 -15.43
N HIS C 69 5.74 -37.09 -16.44
CA HIS C 69 4.52 -36.31 -16.29
C HIS C 69 3.40 -37.13 -15.65
N GLY C 70 3.43 -38.44 -15.78
CA GLY C 70 2.41 -39.28 -15.15
C GLY C 70 1.30 -39.64 -16.11
N LEU C 71 0.38 -40.44 -15.64
CA LEU C 71 -0.79 -40.81 -16.44
C LEU C 71 -1.84 -39.72 -16.24
N GLU C 72 -2.51 -39.35 -17.30
CA GLU C 72 -3.56 -38.33 -17.22
C GLU C 72 -4.83 -38.89 -16.55
N CYS C 73 -5.47 -38.04 -15.80
CA CYS C 73 -6.70 -38.51 -15.13
C CYS C 73 -7.88 -38.40 -16.08
N PRO C 74 -8.85 -39.26 -15.93
CA PRO C 74 -10.07 -39.22 -16.72
C PRO C 74 -10.97 -38.05 -16.29
N ASN C 75 -12.10 -37.90 -16.91
CA ASN C 75 -13.08 -36.90 -16.51
C ASN C 75 -14.26 -37.60 -15.84
N TYR C 76 -14.48 -37.28 -14.58
CA TYR C 76 -15.59 -37.91 -13.88
C TYR C 76 -16.77 -36.96 -13.79
N PRO C 77 -18.00 -37.47 -13.89
CA PRO C 77 -19.19 -36.61 -13.79
C PRO C 77 -19.52 -36.23 -12.35
N TRP C 78 -18.83 -35.22 -11.85
CA TRP C 78 -19.03 -34.76 -10.48
C TRP C 78 -20.39 -34.10 -10.33
N PRO C 79 -21.10 -34.36 -9.22
CA PRO C 79 -22.43 -33.75 -9.05
C PRO C 79 -22.43 -32.23 -8.96
N HIS C 80 -21.29 -31.60 -8.66
CA HIS C 80 -21.23 -30.15 -8.60
C HIS C 80 -20.84 -29.52 -9.92
N GLU C 81 -20.76 -30.31 -10.99
CA GLU C 81 -20.44 -29.79 -12.32
C GLU C 81 -21.70 -29.42 -13.07
N GLY C 82 -21.69 -28.24 -13.68
CA GLY C 82 -22.86 -27.72 -14.38
C GLY C 82 -23.12 -26.31 -13.88
N ILE C 83 -23.66 -25.47 -14.76
CA ILE C 83 -23.85 -24.06 -14.43
C ILE C 83 -24.91 -23.83 -13.38
N LEU C 84 -25.74 -24.84 -13.09
CA LEU C 84 -26.75 -24.74 -12.03
C LEU C 84 -26.65 -25.92 -11.07
N SER C 85 -25.47 -26.50 -10.93
CA SER C 85 -25.28 -27.69 -10.11
C SER C 85 -24.59 -27.33 -8.80
N SER C 86 -25.15 -27.80 -7.70
CA SER C 86 -24.61 -27.57 -6.36
C SER C 86 -23.75 -28.74 -5.91
N TYR C 87 -23.09 -28.55 -4.78
CA TYR C 87 -22.45 -29.67 -4.11
C TYR C 87 -23.51 -30.64 -3.59
N ASP C 88 -23.12 -31.90 -3.46
CA ASP C 88 -23.93 -32.90 -2.77
C ASP C 88 -23.51 -32.90 -1.31
N HIS C 89 -24.33 -32.29 -0.45
CA HIS C 89 -23.91 -31.98 0.91
C HIS C 89 -23.82 -33.22 1.80
N ALA C 90 -24.66 -34.23 1.57
CA ALA C 90 -24.48 -35.50 2.26
C ALA C 90 -23.15 -36.15 1.90
N SER C 91 -22.78 -36.05 0.62
CA SER C 91 -21.47 -36.52 0.21
C SER C 91 -20.36 -35.70 0.85
N ILE C 92 -20.59 -34.40 1.07
CA ILE C 92 -19.61 -33.59 1.79
C ILE C 92 -19.44 -34.09 3.21
N ARG C 93 -20.54 -34.41 3.88
CA ARG C 93 -20.45 -34.91 5.26
C ARG C 93 -19.73 -36.25 5.32
N ARG C 94 -20.05 -37.16 4.40
CA ARG C 94 -19.34 -38.43 4.33
C ARG C 94 -17.84 -38.23 4.06
N GLY C 95 -17.52 -37.31 3.16
CA GLY C 95 -16.12 -37.04 2.86
C GLY C 95 -15.38 -36.44 4.04
N HIS C 96 -16.05 -35.58 4.80
CA HIS C 96 -15.41 -35.05 6.01
C HIS C 96 -15.16 -36.15 7.03
N GLN C 97 -16.03 -37.10 7.21
CA GLN C 97 -15.76 -38.22 8.15
C GLN C 97 -14.60 -39.07 7.60
N VAL C 98 -14.56 -39.27 6.29
CA VAL C 98 -13.39 -39.96 5.74
C VAL C 98 -12.12 -39.19 6.08
N TYR C 99 -12.15 -37.85 5.92
CA TYR C 99 -10.99 -37.03 6.21
C TYR C 99 -10.56 -37.19 7.66
N GLN C 100 -11.48 -36.96 8.59
CA GLN C 100 -11.10 -36.96 10.00
C GLN C 100 -10.77 -38.35 10.51
N GLN C 101 -11.11 -39.40 9.74
CA GLN C 101 -10.84 -40.78 10.20
C GLN C 101 -9.60 -41.37 9.50
N VAL C 102 -9.17 -40.80 8.37
CA VAL C 102 -8.06 -41.38 7.62
C VAL C 102 -7.01 -40.32 7.30
N CYS C 103 -7.43 -39.21 6.72
CA CYS C 103 -6.50 -38.24 6.17
C CYS C 103 -5.80 -37.45 7.28
N ALA C 104 -6.57 -37.05 8.31
CA ALA C 104 -6.15 -36.03 9.25
C ALA C 104 -4.95 -36.45 10.09
N SER C 105 -4.67 -37.75 10.19
CA SER C 105 -3.49 -38.19 10.92
C SER C 105 -2.19 -37.78 10.25
N CYS C 106 -2.23 -37.34 9.00
CA CYS C 106 -1.02 -36.91 8.30
C CYS C 106 -1.15 -35.61 7.51
N HIS C 107 -2.35 -35.18 7.14
CA HIS C 107 -2.56 -33.99 6.34
C HIS C 107 -3.25 -32.92 7.17
N SER C 108 -2.77 -31.69 7.07
CA SER C 108 -3.44 -30.56 7.69
C SER C 108 -4.48 -29.97 6.73
N MET C 109 -5.41 -29.23 7.32
CA MET C 109 -6.41 -28.47 6.58
C MET C 109 -6.52 -27.08 7.19
N SER C 110 -5.38 -26.40 7.30
CA SER C 110 -5.23 -25.20 8.11
C SER C 110 -6.19 -24.08 7.75
N LEU C 111 -6.83 -24.13 6.59
CA LEU C 111 -7.73 -23.05 6.18
C LEU C 111 -9.17 -23.25 6.65
N ILE C 112 -9.52 -24.44 7.14
CA ILE C 112 -10.90 -24.78 7.46
C ILE C 112 -11.11 -24.66 8.96
N SER C 113 -12.16 -23.95 9.37
CA SER C 113 -12.58 -23.87 10.75
C SER C 113 -13.83 -24.72 10.96
N TYR C 114 -14.13 -25.00 12.24
CA TYR C 114 -15.32 -25.76 12.56
C TYR C 114 -16.59 -25.01 12.19
N ARG C 115 -16.58 -23.68 12.31
CA ARG C 115 -17.73 -22.89 11.90
C ARG C 115 -18.03 -23.03 10.42
N ASP C 116 -17.02 -23.36 9.59
CA ASP C 116 -17.24 -23.50 8.16
C ASP C 116 -18.22 -24.63 7.84
N LEU C 117 -18.22 -25.68 8.66
CA LEU C 117 -19.11 -26.82 8.43
C LEU C 117 -20.56 -26.50 8.78
N VAL C 118 -20.81 -25.51 9.62
CA VAL C 118 -22.18 -25.21 10.06
C VAL C 118 -23.01 -24.71 8.90
N GLY C 119 -24.15 -25.36 8.66
CA GLY C 119 -24.99 -25.06 7.53
C GLY C 119 -24.55 -25.66 6.22
N VAL C 120 -23.44 -26.40 6.21
CA VAL C 120 -22.95 -27.09 5.02
C VAL C 120 -23.04 -28.61 5.20
N ALA C 121 -22.52 -29.12 6.31
CA ALA C 121 -22.59 -30.55 6.59
C ALA C 121 -22.97 -30.90 8.02
N TYR C 122 -23.06 -29.93 8.93
CA TYR C 122 -23.35 -30.21 10.33
C TYR C 122 -24.18 -29.07 10.90
N THR C 123 -24.98 -29.39 11.92
CA THR C 123 -25.64 -28.36 12.70
C THR C 123 -24.63 -27.68 13.61
N GLU C 124 -25.04 -26.55 14.19
CA GLU C 124 -24.14 -25.79 15.04
C GLU C 124 -23.74 -26.59 16.28
N GLU C 125 -24.69 -27.31 16.90
CA GLU C 125 -24.36 -28.11 18.07
C GLU C 125 -23.45 -29.28 17.71
N GLU C 126 -23.65 -29.87 16.52
CA GLU C 126 -22.80 -30.95 16.07
C GLU C 126 -21.36 -30.49 15.92
N ALA C 127 -21.14 -29.36 15.25
CA ALA C 127 -19.79 -28.84 15.08
C ALA C 127 -19.21 -28.38 16.41
N LYS C 128 -20.06 -27.87 17.32
CA LYS C 128 -19.59 -27.47 18.64
C LYS C 128 -19.04 -28.66 19.42
N ALA C 129 -19.78 -29.77 19.42
CA ALA C 129 -19.30 -30.99 20.09
C ALA C 129 -18.04 -31.53 19.41
N MET C 130 -18.01 -31.50 18.07
CA MET C 130 -16.81 -31.88 17.34
C MET C 130 -15.59 -31.10 17.82
N ALA C 131 -15.70 -29.77 17.88
CA ALA C 131 -14.58 -28.96 18.32
C ALA C 131 -14.23 -29.23 19.77
N ALA C 132 -15.25 -29.41 20.62
CA ALA C 132 -15.01 -29.71 22.03
C ALA C 132 -14.23 -31.02 22.20
N GLU C 133 -14.33 -31.93 21.23
CA GLU C 133 -13.58 -33.18 21.33
C GLU C 133 -12.06 -32.99 21.27
N ILE C 134 -11.60 -31.89 20.68
CA ILE C 134 -10.16 -31.71 20.48
C ILE C 134 -9.59 -30.77 21.54
N GLU C 135 -8.27 -30.84 21.72
CA GLU C 135 -7.54 -30.08 22.74
C GLU C 135 -6.71 -29.01 22.05
N VAL C 136 -7.04 -27.75 22.27
CA VAL C 136 -6.38 -26.62 21.63
C VAL C 136 -5.51 -25.90 22.66
N VAL C 137 -4.30 -25.55 22.25
CA VAL C 137 -3.42 -24.78 23.13
C VAL C 137 -3.92 -23.34 23.21
N ASP C 138 -3.66 -22.69 24.34
CA ASP C 138 -4.10 -21.32 24.54
C ASP C 138 -3.26 -20.69 25.65
N GLY C 139 -3.37 -19.37 25.74
CA GLY C 139 -2.71 -18.63 26.79
C GLY C 139 -1.89 -17.47 26.26
N PRO C 140 -0.94 -16.99 27.06
CA PRO C 140 -0.59 -17.48 28.40
C PRO C 140 -1.57 -16.99 29.46
N ASN C 141 -1.68 -17.70 30.57
CA ASN C 141 -2.61 -17.32 31.64
C ASN C 141 -2.04 -16.15 32.43
N ASP C 142 -2.70 -15.80 33.54
CA ASP C 142 -2.23 -14.71 34.37
C ASP C 142 -0.87 -15.02 34.98
N GLU C 143 -0.60 -16.28 35.29
CA GLU C 143 0.69 -16.69 35.80
C GLU C 143 1.75 -16.75 34.72
N GLY C 144 1.36 -16.78 33.45
CA GLY C 144 2.29 -16.73 32.35
C GLY C 144 2.63 -18.07 31.73
N GLU C 145 1.72 -19.03 31.76
CA GLU C 145 1.96 -20.34 31.17
C GLU C 145 0.93 -20.65 30.10
N MET C 146 1.38 -21.37 29.07
CA MET C 146 0.49 -21.91 28.05
C MET C 146 -0.32 -23.06 28.66
N PHE C 147 -1.61 -23.12 28.32
CA PHE C 147 -2.45 -24.19 28.81
C PHE C 147 -3.27 -24.83 27.69
N THR C 148 -4.24 -25.68 28.07
CA THR C 148 -5.09 -26.35 27.10
C THR C 148 -6.55 -26.06 27.41
N ARG C 149 -7.37 -26.05 26.38
CA ARG C 149 -8.80 -25.82 26.51
C ARG C 149 -9.53 -26.62 25.44
N PRO C 150 -10.81 -26.91 25.62
CA PRO C 150 -11.59 -27.54 24.55
C PRO C 150 -11.68 -26.63 23.33
N GLY C 151 -11.73 -27.27 22.15
CA GLY C 151 -11.87 -26.51 20.93
C GLY C 151 -13.25 -25.88 20.80
N LYS C 152 -13.30 -24.79 20.05
CA LYS C 152 -14.52 -24.04 19.82
C LYS C 152 -14.79 -23.93 18.32
N LEU C 153 -15.92 -23.33 17.98
CA LEU C 153 -16.33 -23.22 16.58
C LEU C 153 -15.35 -22.39 15.77
N SER C 154 -14.64 -21.46 16.41
CA SER C 154 -13.72 -20.56 15.72
C SER C 154 -12.33 -21.15 15.52
N ASP C 155 -12.05 -22.32 16.08
CA ASP C 155 -10.73 -22.93 15.92
C ASP C 155 -10.57 -23.55 14.54
N ARG C 156 -9.36 -23.47 14.02
CA ARG C 156 -9.03 -24.19 12.80
C ARG C 156 -8.89 -25.68 13.10
N LEU C 157 -8.96 -26.48 12.04
CA LEU C 157 -8.79 -27.91 12.20
C LEU C 157 -7.39 -28.21 12.72
N PRO C 158 -7.22 -29.21 13.58
CA PRO C 158 -5.91 -29.47 14.16
C PRO C 158 -4.91 -29.98 13.15
N GLU C 159 -3.64 -29.67 13.40
CA GLU C 159 -2.45 -30.08 12.65
C GLU C 159 -1.93 -31.42 13.17
N PRO C 160 -1.71 -32.40 12.30
CA PRO C 160 -1.13 -33.67 12.74
C PRO C 160 0.28 -33.52 13.31
N TYR C 161 1.08 -32.59 12.82
CA TYR C 161 2.46 -32.44 13.24
C TYR C 161 2.74 -31.00 13.68
N SER C 162 3.81 -30.84 14.46
CA SER C 162 4.14 -29.53 14.99
C SER C 162 4.74 -28.61 13.94
N ASN C 163 5.45 -29.15 12.95
CA ASN C 163 6.02 -28.34 11.88
C ASN C 163 6.28 -29.24 10.69
N GLU C 164 6.75 -28.62 9.60
CA GLU C 164 7.00 -29.34 8.36
C GLU C 164 8.12 -30.37 8.52
N SER C 165 9.14 -30.03 9.30
CA SER C 165 10.24 -30.96 9.54
C SER C 165 9.75 -32.22 10.26
N ALA C 166 8.84 -32.05 11.22
CA ALA C 166 8.27 -33.21 11.90
C ALA C 166 7.47 -34.09 10.93
N ALA C 167 6.71 -33.46 10.03
CA ALA C 167 5.97 -34.22 9.02
C ALA C 167 6.92 -35.03 8.14
N ARG C 168 8.00 -34.39 7.67
CA ARG C 168 8.96 -35.11 6.86
C ARG C 168 9.60 -36.25 7.63
N PHE C 169 9.94 -36.01 8.90
CA PHE C 169 10.55 -37.06 9.70
C PHE C 169 9.59 -38.23 9.91
N ALA C 170 8.29 -37.96 10.02
CA ALA C 170 7.32 -39.02 10.18
C ALA C 170 6.93 -39.70 8.87
N ASN C 171 7.25 -39.12 7.72
CA ASN C 171 6.86 -39.70 6.44
C ASN C 171 8.05 -39.93 5.54
N GLY C 172 9.15 -40.42 6.10
CA GLY C 172 10.32 -40.79 5.31
C GLY C 172 10.91 -39.66 4.49
N GLY C 173 10.87 -38.43 5.00
CA GLY C 173 11.41 -37.30 4.29
C GLY C 173 10.44 -36.57 3.38
N ALA C 174 9.23 -37.11 3.18
CA ALA C 174 8.24 -36.46 2.33
C ALA C 174 7.25 -35.69 3.18
N TYR C 175 6.77 -34.56 2.64
CA TYR C 175 5.85 -33.71 3.36
C TYR C 175 4.44 -33.88 2.81
N PRO C 176 3.51 -34.45 3.56
CA PRO C 176 2.12 -34.51 3.12
C PRO C 176 1.54 -33.11 3.02
N PRO C 177 1.20 -32.66 1.81
CA PRO C 177 0.79 -31.26 1.64
C PRO C 177 -0.56 -30.97 2.29
N ASP C 178 -0.74 -29.71 2.67
CA ASP C 178 -2.03 -29.25 3.16
C ASP C 178 -3.08 -29.39 2.07
N LEU C 179 -4.24 -29.94 2.44
CA LEU C 179 -5.28 -30.30 1.49
C LEU C 179 -6.40 -29.27 1.40
N SER C 180 -6.20 -28.08 1.96
CA SER C 180 -7.26 -27.07 1.96
C SER C 180 -7.58 -26.59 0.55
N LEU C 181 -6.57 -26.44 -0.30
CA LEU C 181 -6.76 -25.98 -1.68
C LEU C 181 -6.25 -26.99 -2.71
N VAL C 182 -6.09 -28.26 -2.33
CA VAL C 182 -5.40 -29.21 -3.20
C VAL C 182 -6.13 -29.41 -4.52
N THR C 183 -7.47 -29.35 -4.52
CA THR C 183 -8.19 -29.52 -5.78
C THR C 183 -8.03 -28.31 -6.70
N LYS C 184 -7.69 -27.14 -6.15
CA LYS C 184 -7.34 -25.99 -6.96
C LYS C 184 -5.84 -25.89 -7.23
N ALA C 185 -5.03 -26.67 -6.51
CA ALA C 185 -3.58 -26.59 -6.61
C ALA C 185 -2.99 -27.66 -7.50
N ARG C 186 -3.82 -28.42 -8.21
CA ARG C 186 -3.38 -29.38 -9.20
C ARG C 186 -4.20 -29.22 -10.47
N HIS C 187 -3.58 -29.48 -11.61
CA HIS C 187 -4.30 -29.49 -12.88
C HIS C 187 -5.38 -30.57 -12.84
N ASN C 188 -6.59 -30.20 -13.27
CA ASN C 188 -7.73 -31.11 -13.27
C ASN C 188 -7.94 -31.73 -11.88
N GLY C 189 -7.90 -30.86 -10.87
CA GLY C 189 -7.72 -31.27 -9.49
C GLY C 189 -8.62 -32.35 -8.94
N GLN C 190 -9.94 -32.22 -9.08
CA GLN C 190 -10.85 -33.21 -8.51
C GLN C 190 -10.62 -34.58 -9.14
N ASN C 191 -10.57 -34.63 -10.48
CA ASN C 191 -10.31 -35.88 -11.17
C ASN C 191 -8.95 -36.43 -10.81
N TYR C 192 -7.94 -35.56 -10.67
CA TYR C 192 -6.60 -36.02 -10.31
C TYR C 192 -6.60 -36.68 -8.94
N VAL C 193 -7.22 -36.03 -7.95
CA VAL C 193 -7.21 -36.57 -6.60
C VAL C 193 -7.95 -37.90 -6.55
N PHE C 194 -9.12 -37.97 -7.20
CA PHE C 194 -9.85 -39.23 -7.23
C PHE C 194 -9.04 -40.33 -7.90
N ALA C 195 -8.42 -40.03 -9.04
CA ALA C 195 -7.65 -41.03 -9.75
C ALA C 195 -6.44 -41.49 -8.96
N LEU C 196 -5.76 -40.56 -8.28
CA LEU C 196 -4.60 -40.93 -7.46
C LEU C 196 -5.02 -41.83 -6.30
N LEU C 197 -6.10 -41.48 -5.60
CA LEU C 197 -6.50 -42.26 -4.44
C LEU C 197 -6.91 -43.67 -4.82
N THR C 198 -7.60 -43.83 -5.94
CA THR C 198 -8.06 -45.13 -6.41
C THR C 198 -7.14 -45.75 -7.44
N GLY C 199 -5.95 -45.18 -7.64
CA GLY C 199 -5.08 -45.63 -8.72
C GLY C 199 -3.78 -46.27 -8.30
N TYR C 200 -3.78 -46.91 -7.12
CA TYR C 200 -2.62 -47.70 -6.70
C TYR C 200 -2.71 -49.07 -7.33
N ARG C 201 -1.67 -49.46 -8.07
CA ARG C 201 -1.65 -50.78 -8.68
C ARG C 201 -0.20 -51.17 -8.97
N ASP C 202 -0.04 -52.35 -9.57
CA ASP C 202 1.29 -52.89 -9.81
C ASP C 202 1.99 -52.10 -10.91
N PRO C 203 3.31 -51.95 -10.81
CA PRO C 203 4.04 -51.16 -11.80
C PRO C 203 4.13 -51.89 -13.13
N PRO C 204 4.44 -51.17 -14.20
CA PRO C 204 4.67 -51.84 -15.49
C PRO C 204 5.90 -52.74 -15.42
N ALA C 205 5.89 -53.76 -16.28
CA ALA C 205 7.01 -54.70 -16.33
C ALA C 205 8.32 -53.97 -16.60
N GLY C 206 9.35 -54.31 -15.83
CA GLY C 206 10.64 -53.67 -15.93
C GLY C 206 10.82 -52.43 -15.10
N ILE C 207 9.80 -51.99 -14.36
CA ILE C 207 9.88 -50.82 -13.50
C ILE C 207 9.94 -51.30 -12.06
N SER C 208 10.93 -50.82 -11.31
CA SER C 208 11.12 -51.18 -9.92
C SER C 208 11.01 -49.94 -9.04
N ILE C 209 10.45 -50.13 -7.85
CA ILE C 209 10.19 -49.05 -6.91
C ILE C 209 11.01 -49.30 -5.65
N ARG C 210 11.77 -48.29 -5.22
CA ARG C 210 12.57 -48.42 -4.02
C ARG C 210 11.69 -48.52 -2.78
N GLU C 211 12.24 -49.14 -1.74
CA GLU C 211 11.50 -49.34 -0.50
C GLU C 211 11.09 -48.00 0.09
N GLY C 212 9.92 -47.98 0.71
CA GLY C 212 9.35 -46.76 1.24
C GLY C 212 8.56 -45.95 0.24
N LEU C 213 8.48 -46.39 -1.01
CA LEU C 213 7.67 -45.76 -2.03
C LEU C 213 6.69 -46.77 -2.59
N HIS C 214 5.62 -46.27 -3.19
CA HIS C 214 4.57 -47.11 -3.75
C HIS C 214 4.27 -46.64 -5.16
N TYR C 215 4.03 -47.59 -6.06
CA TYR C 215 3.77 -47.22 -7.44
C TYR C 215 2.36 -46.66 -7.58
N ASN C 216 2.25 -45.53 -8.26
CA ASN C 216 1.00 -44.89 -8.61
C ASN C 216 1.18 -44.14 -9.92
N PRO C 217 0.63 -44.65 -11.02
CA PRO C 217 0.93 -44.05 -12.34
C PRO C 217 0.44 -42.61 -12.47
N TYR C 218 -0.60 -42.20 -11.77
CA TYR C 218 -1.13 -40.84 -11.74
C TYR C 218 -0.10 -39.86 -11.14
N PHE C 219 0.68 -40.25 -10.14
CA PHE C 219 1.66 -39.36 -9.53
C PHE C 219 2.82 -39.14 -10.49
N PRO C 220 3.29 -37.91 -10.67
CA PRO C 220 4.42 -37.67 -11.57
C PRO C 220 5.67 -38.43 -11.11
N GLY C 221 6.25 -39.20 -12.03
CA GLY C 221 7.34 -40.08 -11.72
C GLY C 221 6.92 -41.49 -11.33
N GLY C 222 5.68 -41.66 -10.87
CA GLY C 222 5.13 -42.97 -10.58
C GLY C 222 5.45 -43.53 -9.21
N ALA C 223 6.28 -42.86 -8.42
CA ALA C 223 6.68 -43.35 -7.11
C ALA C 223 6.28 -42.32 -6.06
N ILE C 224 5.29 -42.66 -5.23
CA ILE C 224 4.74 -41.75 -4.24
C ILE C 224 5.06 -42.26 -2.84
N ALA C 225 5.26 -41.33 -1.91
CA ALA C 225 5.52 -41.69 -0.52
C ALA C 225 4.25 -42.06 0.25
N MET C 226 3.09 -41.67 -0.25
CA MET C 226 1.83 -42.09 0.34
C MET C 226 1.60 -43.58 0.12
N PRO C 227 1.35 -44.36 1.17
CA PRO C 227 0.79 -45.70 0.97
C PRO C 227 -0.68 -45.63 0.62
N LYS C 228 -1.18 -46.71 0.04
CA LYS C 228 -2.61 -46.80 -0.27
C LYS C 228 -3.42 -46.76 1.01
N MET C 229 -4.31 -45.79 1.14
CA MET C 229 -5.09 -45.61 2.35
C MET C 229 -6.58 -45.85 2.17
N LEU C 230 -7.11 -45.73 0.96
CA LEU C 230 -8.53 -45.97 0.72
C LEU C 230 -8.81 -47.45 0.49
N ASN C 231 -8.50 -48.24 1.52
CA ASN C 231 -8.81 -49.65 1.52
C ASN C 231 -10.26 -49.88 1.91
N ASP C 232 -10.84 -50.96 1.40
CA ASP C 232 -12.27 -51.21 1.55
C ASP C 232 -12.69 -51.19 3.01
N GLU C 233 -13.80 -50.51 3.29
CA GLU C 233 -14.35 -50.38 4.63
C GLU C 233 -13.36 -49.77 5.61
N ALA C 234 -12.49 -48.88 5.13
CA ALA C 234 -11.60 -48.16 6.04
C ALA C 234 -12.34 -47.16 6.91
N VAL C 235 -13.55 -46.82 6.57
CA VAL C 235 -14.35 -45.96 7.47
C VAL C 235 -15.70 -46.60 7.71
N GLU C 236 -16.50 -46.08 8.65
CA GLU C 236 -17.93 -46.52 8.73
C GLU C 236 -18.86 -45.31 8.57
N TYR C 237 -19.88 -45.42 7.75
CA TYR C 237 -20.70 -44.25 7.41
C TYR C 237 -21.94 -44.18 8.31
N GLU C 238 -22.20 -43.00 8.80
CA GLU C 238 -23.40 -42.75 9.66
C GLU C 238 -24.73 -43.06 8.98
N ASP C 239 -24.86 -43.02 7.67
CA ASP C 239 -26.11 -43.25 6.93
C ASP C 239 -26.13 -44.66 6.35
N GLY C 240 -25.14 -45.46 6.71
CA GLY C 240 -25.13 -46.82 6.21
C GLY C 240 -24.67 -46.96 4.77
N THR C 241 -24.13 -45.92 4.18
CA THR C 241 -23.59 -46.02 2.84
C THR C 241 -22.43 -47.01 2.84
N PRO C 242 -22.44 -48.01 1.97
CA PRO C 242 -21.33 -48.97 1.93
C PRO C 242 -20.03 -48.27 1.54
N ALA C 243 -19.01 -48.43 2.38
CA ALA C 243 -17.78 -47.67 2.27
C ALA C 243 -16.74 -48.44 1.47
N THR C 244 -17.03 -48.60 0.18
CA THR C 244 -16.03 -49.12 -0.73
C THR C 244 -14.99 -48.05 -1.04
N GLU C 245 -13.90 -48.48 -1.66
CA GLU C 245 -12.81 -47.56 -1.95
C GLU C 245 -13.25 -46.44 -2.88
N ALA C 246 -14.04 -46.77 -3.90
CA ALA C 246 -14.53 -45.76 -4.83
C ALA C 246 -15.49 -44.80 -4.15
N GLN C 247 -16.37 -45.32 -3.29
CA GLN C 247 -17.33 -44.46 -2.60
C GLN C 247 -16.61 -43.44 -1.72
N MET C 248 -15.67 -43.90 -0.90
CA MET C 248 -14.92 -42.98 -0.05
C MET C 248 -14.07 -42.03 -0.89
N GLY C 249 -13.53 -42.49 -2.02
CA GLY C 249 -12.79 -41.59 -2.88
C GLY C 249 -13.66 -40.44 -3.37
N LYS C 250 -14.85 -40.78 -3.87
CA LYS C 250 -15.76 -39.75 -4.36
C LYS C 250 -16.19 -38.82 -3.24
N ASP C 251 -16.50 -39.36 -2.06
CA ASP C 251 -16.94 -38.52 -0.95
C ASP C 251 -15.83 -37.59 -0.48
N VAL C 252 -14.62 -38.10 -0.33
CA VAL C 252 -13.52 -37.27 0.15
C VAL C 252 -13.17 -36.21 -0.88
N VAL C 253 -13.28 -36.52 -2.17
CA VAL C 253 -13.04 -35.49 -3.17
C VAL C 253 -14.14 -34.44 -3.13
N SER C 254 -15.39 -34.85 -2.89
CA SER C 254 -16.46 -33.86 -2.74
C SER C 254 -16.15 -32.91 -1.58
N PHE C 255 -15.73 -33.47 -0.45
CA PHE C 255 -15.38 -32.65 0.71
C PHE C 255 -14.20 -31.72 0.40
N LEU C 256 -13.16 -32.24 -0.25
CA LEU C 256 -12.00 -31.41 -0.58
C LEU C 256 -12.36 -30.31 -1.56
N SER C 257 -13.20 -30.62 -2.56
CA SER C 257 -13.60 -29.62 -3.53
C SER C 257 -14.42 -28.51 -2.88
N TRP C 258 -15.31 -28.88 -1.94
CA TRP C 258 -15.99 -27.86 -1.17
C TRP C 258 -15.01 -27.02 -0.35
N ALA C 259 -14.01 -27.66 0.23
CA ALA C 259 -13.03 -26.94 1.05
C ALA C 259 -12.25 -25.93 0.22
N ALA C 260 -11.89 -26.30 -1.01
CA ALA C 260 -11.10 -25.39 -1.84
C ALA C 260 -11.94 -24.21 -2.32
N GLU C 261 -13.22 -24.43 -2.61
CA GLU C 261 -14.13 -23.40 -3.12
C GLU C 261 -15.44 -23.42 -2.38
N PRO C 262 -15.47 -22.91 -1.14
CA PRO C 262 -16.73 -22.89 -0.39
C PRO C 262 -17.73 -21.87 -0.88
N GLU C 263 -17.33 -20.92 -1.73
CA GLU C 263 -18.22 -19.90 -2.24
C GLU C 263 -18.89 -20.30 -3.56
N MET C 264 -18.69 -21.54 -4.00
CA MET C 264 -19.05 -21.94 -5.36
C MET C 264 -20.54 -21.76 -5.64
N GLU C 265 -21.40 -22.17 -4.70
CA GLU C 265 -22.84 -22.13 -4.96
C GLU C 265 -23.34 -20.68 -5.07
N GLU C 266 -22.92 -19.81 -4.15
CA GLU C 266 -23.24 -18.39 -4.25
C GLU C 266 -22.71 -17.81 -5.56
N ARG C 267 -21.50 -18.22 -5.96
CA ARG C 267 -20.91 -17.71 -7.18
C ARG C 267 -21.74 -18.10 -8.41
N LYS C 268 -22.17 -19.36 -8.48
CA LYS C 268 -22.95 -19.80 -9.63
C LYS C 268 -24.33 -19.16 -9.67
N LEU C 269 -24.99 -19.00 -8.52
CA LEU C 269 -26.28 -18.32 -8.51
C LEU C 269 -26.14 -16.89 -9.00
N MET C 270 -25.14 -16.17 -8.48
CA MET C 270 -24.85 -14.81 -8.93
C MET C 270 -24.60 -14.77 -10.43
N GLY C 271 -23.80 -15.72 -10.93
CA GLY C 271 -23.47 -15.75 -12.33
C GLY C 271 -24.66 -15.92 -13.23
N PHE C 272 -25.52 -16.89 -12.91
CA PHE C 272 -26.72 -17.10 -13.71
C PHE C 272 -27.58 -15.84 -13.73
N LYS C 273 -27.86 -15.29 -12.53
CA LYS C 273 -28.72 -14.11 -12.44
C LYS C 273 -28.17 -12.95 -13.26
N TRP C 274 -26.90 -12.62 -13.05
CA TRP C 274 -26.37 -11.40 -13.66
C TRP C 274 -26.06 -11.57 -15.13
N ILE C 275 -25.73 -12.78 -15.59
CA ILE C 275 -25.54 -12.97 -17.02
C ILE C 275 -26.87 -12.86 -17.75
N PHE C 276 -27.95 -13.40 -17.18
CA PHE C 276 -29.27 -13.21 -17.78
C PHE C 276 -29.65 -11.73 -17.85
N LEU C 277 -29.47 -11.01 -16.73
CA LEU C 277 -29.81 -9.59 -16.71
C LEU C 277 -28.95 -8.79 -17.69
N LEU C 278 -27.66 -9.09 -17.76
CA LEU C 278 -26.78 -8.37 -18.67
C LEU C 278 -27.11 -8.67 -20.12
N SER C 279 -27.60 -9.88 -20.43
CA SER C 279 -28.05 -10.17 -21.79
C SER C 279 -29.27 -9.31 -22.15
N LEU C 280 -30.21 -9.18 -21.22
CA LEU C 280 -31.32 -8.25 -21.45
C LEU C 280 -30.82 -6.84 -21.69
N ALA C 281 -29.84 -6.42 -20.87
CA ALA C 281 -29.28 -5.09 -21.02
C ALA C 281 -28.59 -4.91 -22.37
N LEU C 282 -27.96 -5.97 -22.88
CA LEU C 282 -27.29 -5.88 -24.18
C LEU C 282 -28.31 -5.71 -25.29
N LEU C 283 -29.44 -6.43 -25.21
CA LEU C 283 -30.49 -6.21 -26.20
C LEU C 283 -31.00 -4.77 -26.15
N GLN C 284 -31.20 -4.24 -24.94
CA GLN C 284 -31.65 -2.86 -24.82
C GLN C 284 -30.60 -1.89 -25.36
N ALA C 285 -29.32 -2.16 -25.09
CA ALA C 285 -28.25 -1.28 -25.56
C ALA C 285 -28.18 -1.26 -27.07
N ALA C 286 -28.36 -2.43 -27.70
CA ALA C 286 -28.38 -2.49 -29.17
C ALA C 286 -29.54 -1.67 -29.71
N TYR C 287 -30.73 -1.83 -29.13
CA TYR C 287 -31.87 -1.03 -29.58
C TYR C 287 -31.60 0.46 -29.41
N TYR C 288 -31.02 0.84 -28.27
CA TYR C 288 -30.74 2.25 -27.99
C TYR C 288 -29.76 2.83 -29.02
N ARG C 289 -28.67 2.10 -29.25
CA ARG C 289 -27.65 2.57 -30.21
C ARG C 289 -28.29 2.72 -31.60
N ARG C 290 -29.04 1.71 -32.06
CA ARG C 290 -29.61 1.79 -33.40
C ARG C 290 -30.69 2.87 -33.49
N LEU C 291 -31.44 3.09 -32.42
CA LEU C 291 -32.41 4.18 -32.40
C LEU C 291 -31.71 5.52 -32.58
N LYS C 292 -30.60 5.72 -31.87
CA LYS C 292 -29.85 7.00 -31.94
C LYS C 292 -29.16 7.16 -33.29
N TRP C 293 -28.77 6.05 -33.93
CA TRP C 293 -28.02 6.12 -35.17
C TRP C 293 -28.88 6.03 -36.41
N SER C 294 -30.18 5.71 -36.29
CA SER C 294 -31.01 5.50 -37.46
C SER C 294 -31.14 6.78 -38.30
N VAL C 295 -31.20 7.94 -37.65
CA VAL C 295 -31.30 9.19 -38.37
C VAL C 295 -30.08 9.42 -39.26
N LEU C 296 -28.93 8.87 -38.86
CA LEU C 296 -27.74 8.97 -39.70
C LEU C 296 -27.68 7.87 -40.75
N LYS C 297 -28.06 6.65 -40.38
CA LYS C 297 -27.86 5.50 -41.27
C LYS C 297 -28.86 5.49 -42.41
N SER C 298 -30.04 6.07 -42.23
CA SER C 298 -31.04 6.11 -43.29
C SER C 298 -31.08 7.45 -44.01
N ARG C 299 -30.14 8.34 -43.74
CA ARG C 299 -30.12 9.65 -44.38
C ARG C 299 -29.79 9.52 -45.87
N LYS C 300 -30.35 10.41 -46.66
CA LYS C 300 -30.08 10.48 -48.10
C LYS C 300 -29.14 11.65 -48.36
N LEU C 301 -27.99 11.36 -48.95
CA LEU C 301 -26.94 12.35 -49.17
C LEU C 301 -26.80 12.60 -50.67
N VAL C 302 -26.92 13.87 -51.07
CA VAL C 302 -26.80 14.28 -52.47
C VAL C 302 -25.53 15.12 -52.61
N LEU C 303 -24.64 14.66 -53.48
CA LEU C 303 -23.41 15.40 -53.75
C LEU C 303 -23.17 15.57 -55.24
N ASP C 304 -22.49 16.63 -55.58
CA ASP C 304 -22.14 16.97 -56.97
C ASP C 304 -21.24 15.98 -57.70
N VAL C 305 -20.35 15.33 -57.08
CA VAL C 305 -19.25 14.55 -57.64
C VAL C 305 -19.79 13.25 -58.23
N VAL C 306 -19.08 12.73 -59.25
CA VAL C 306 -19.46 11.47 -59.87
C VAL C 306 -18.30 10.48 -59.77
N ASN C 307 -17.18 10.81 -60.40
CA ASN C 307 -16.00 9.95 -60.38
C ASN C 307 -14.88 10.59 -59.55
N GLN D 4 -8.68 23.29 -39.85
CA GLN D 4 -9.28 24.21 -40.81
C GLN D 4 -10.62 23.67 -41.29
N PRO D 5 -11.65 24.51 -41.24
CA PRO D 5 -12.97 24.07 -41.71
C PRO D 5 -12.97 23.75 -43.19
N VAL D 6 -13.82 22.82 -43.58
CA VAL D 6 -13.95 22.38 -44.97
C VAL D 6 -15.15 23.06 -45.60
N LYS D 7 -15.13 23.32 -46.86
CA LYS D 7 -16.25 23.98 -47.48
C LYS D 7 -17.01 22.91 -48.25
N LEU D 8 -18.20 22.67 -47.84
CA LEU D 8 -18.93 21.58 -48.46
C LEU D 8 -20.21 22.07 -49.13
N LYS D 9 -20.59 21.44 -50.18
CA LYS D 9 -21.91 21.63 -50.81
C LYS D 9 -22.58 20.27 -50.81
N ALA D 10 -23.69 20.15 -50.14
CA ALA D 10 -24.42 18.88 -50.03
C ALA D 10 -25.87 19.11 -49.66
N VAL D 11 -26.77 18.20 -49.99
CA VAL D 11 -28.14 18.20 -49.49
C VAL D 11 -28.37 16.87 -48.78
N VAL D 12 -28.80 16.94 -47.53
CA VAL D 12 -29.04 15.76 -46.71
C VAL D 12 -30.49 15.75 -46.27
N TYR D 13 -31.17 14.64 -46.51
CA TYR D 13 -32.53 14.40 -46.02
C TYR D 13 -32.45 13.35 -44.92
N ALA D 14 -33.15 13.61 -43.82
CA ALA D 14 -33.12 12.69 -42.69
C ALA D 14 -34.54 12.48 -42.16
N LEU D 15 -34.77 11.30 -41.62
CA LEU D 15 -36.06 10.92 -41.05
C LEU D 15 -35.92 10.74 -39.54
N SER D 16 -36.97 11.10 -38.82
CA SER D 16 -36.92 11.04 -37.37
C SER D 16 -36.74 9.60 -36.90
N PRO D 17 -35.97 9.37 -35.83
CA PRO D 17 -35.77 7.99 -35.34
C PRO D 17 -37.06 7.28 -34.96
N PHE D 18 -38.08 8.02 -34.56
CA PHE D 18 -39.35 7.43 -34.13
C PHE D 18 -40.28 7.13 -35.29
N GLN D 19 -39.83 7.34 -36.53
CA GLN D 19 -40.59 7.02 -37.73
C GLN D 19 -40.02 5.81 -38.47
N GLN D 20 -39.07 5.09 -37.87
CA GLN D 20 -38.39 3.99 -38.53
C GLN D 20 -38.40 2.74 -37.66
N LYS D 21 -38.34 1.58 -38.31
CA LYS D 21 -38.09 0.33 -37.62
C LYS D 21 -36.62 0.24 -37.24
N ILE D 22 -36.36 -0.17 -36.01
CA ILE D 22 -35.03 -0.05 -35.41
C ILE D 22 -34.23 -1.33 -35.53
N MET D 23 -34.87 -2.50 -35.42
CA MET D 23 -34.13 -3.74 -35.26
C MET D 23 -34.24 -4.72 -36.43
N THR D 24 -35.30 -4.64 -37.24
CA THR D 24 -35.49 -5.66 -38.29
C THR D 24 -34.38 -5.66 -39.32
N GLY D 25 -33.65 -4.55 -39.47
CA GLY D 25 -32.56 -4.49 -40.43
C GLY D 25 -31.37 -5.36 -40.08
N LEU D 26 -31.33 -5.94 -38.87
CA LEU D 26 -30.23 -6.82 -38.51
C LEU D 26 -30.34 -8.16 -39.23
N TRP D 27 -31.56 -8.68 -39.38
CA TRP D 27 -31.79 -9.98 -40.03
C TRP D 27 -32.38 -9.82 -41.43
N LYS D 28 -31.98 -8.79 -42.16
CA LYS D 28 -32.50 -8.51 -43.49
C LYS D 28 -31.41 -8.77 -44.52
N ASP D 29 -31.72 -9.66 -45.47
CA ASP D 29 -30.73 -10.19 -46.43
C ASP D 29 -29.53 -10.77 -45.69
N LEU D 30 -29.79 -11.68 -44.76
CA LEU D 30 -28.71 -12.35 -44.05
C LEU D 30 -27.81 -13.18 -44.96
N PRO D 31 -28.33 -14.03 -45.85
CA PRO D 31 -27.42 -14.80 -46.72
C PRO D 31 -26.48 -13.93 -47.54
N GLU D 32 -26.94 -12.78 -48.01
CA GLU D 32 -26.06 -11.87 -48.72
C GLU D 32 -24.95 -11.35 -47.81
N LYS D 33 -25.29 -11.08 -46.54
CA LYS D 33 -24.26 -10.65 -45.58
C LYS D 33 -23.21 -11.73 -45.37
N ILE D 34 -23.65 -12.99 -45.18
CA ILE D 34 -22.69 -14.07 -45.00
C ILE D 34 -21.83 -14.23 -46.25
N HIS D 35 -22.44 -14.17 -47.42
CA HIS D 35 -21.67 -14.28 -48.66
C HIS D 35 -20.65 -13.16 -48.77
N HIS D 36 -21.03 -11.94 -48.41
CA HIS D 36 -20.11 -10.81 -48.46
C HIS D 36 -18.95 -11.01 -47.52
N LYS D 37 -19.23 -11.48 -46.30
CA LYS D 37 -18.14 -11.68 -45.34
C LYS D 37 -17.19 -12.78 -45.78
N VAL D 38 -17.74 -13.89 -46.28
CA VAL D 38 -16.88 -15.02 -46.65
C VAL D 38 -16.07 -14.69 -47.90
N SER D 39 -16.70 -14.09 -48.91
CA SER D 39 -16.05 -13.90 -50.20
C SER D 39 -14.89 -12.90 -50.11
N GLU D 40 -15.06 -11.82 -49.34
CA GLU D 40 -13.99 -10.83 -49.26
C GLU D 40 -12.87 -11.24 -48.30
N ASN D 41 -13.16 -12.09 -47.30
CA ASN D 41 -12.21 -12.32 -46.22
C ASN D 41 -11.62 -13.72 -46.19
N TRP D 42 -11.82 -14.53 -47.23
CA TRP D 42 -11.33 -15.90 -47.16
C TRP D 42 -9.81 -15.98 -47.23
N ILE D 43 -9.17 -15.09 -47.99
CA ILE D 43 -7.70 -15.07 -48.03
C ILE D 43 -7.14 -14.70 -46.66
N SER D 44 -7.71 -13.67 -46.02
CA SER D 44 -7.26 -13.25 -44.70
C SER D 44 -7.43 -14.36 -43.68
N ALA D 45 -8.60 -15.01 -43.68
CA ALA D 45 -8.85 -16.10 -42.74
C ALA D 45 -7.89 -17.25 -42.98
N THR D 46 -7.60 -17.55 -44.25
CA THR D 46 -6.63 -18.59 -44.55
C THR D 46 -5.25 -18.24 -44.00
N LEU D 47 -4.81 -17.00 -44.23
CA LEU D 47 -3.50 -16.58 -43.75
C LEU D 47 -3.41 -16.58 -42.23
N LEU D 48 -4.55 -16.38 -41.55
CA LEU D 48 -4.49 -16.39 -40.09
C LEU D 48 -4.58 -17.81 -39.53
N VAL D 49 -5.41 -18.66 -40.11
CA VAL D 49 -5.67 -19.98 -39.53
C VAL D 49 -4.64 -21.01 -39.94
N THR D 50 -4.27 -21.04 -41.24
CA THR D 50 -3.41 -22.12 -41.73
C THR D 50 -2.07 -22.22 -41.00
N PRO D 51 -1.32 -21.14 -40.77
CA PRO D 51 -0.07 -21.31 -40.01
C PRO D 51 -0.29 -21.87 -38.62
N VAL D 52 -1.30 -21.41 -37.91
CA VAL D 52 -1.54 -21.87 -36.54
C VAL D 52 -1.87 -23.35 -36.52
N VAL D 53 -2.84 -23.77 -37.34
CA VAL D 53 -3.27 -25.16 -37.33
C VAL D 53 -2.17 -26.07 -37.86
N GLY D 54 -1.47 -25.63 -38.91
CA GLY D 54 -0.38 -26.43 -39.45
C GLY D 54 0.73 -26.64 -38.43
N THR D 55 1.13 -25.56 -37.75
CA THR D 55 2.18 -25.68 -36.74
C THR D 55 1.74 -26.56 -35.57
N TYR D 56 0.49 -26.41 -35.12
CA TYR D 56 -0.01 -27.25 -34.05
C TYR D 56 -0.01 -28.72 -34.45
N TRP D 57 -0.52 -29.02 -35.65
CA TRP D 57 -0.58 -30.40 -36.11
C TRP D 57 0.82 -30.99 -36.25
N TYR D 58 1.76 -30.21 -36.80
CA TYR D 58 3.12 -30.72 -36.94
C TYR D 58 3.75 -30.98 -35.58
N ALA D 59 3.50 -30.11 -34.60
CA ALA D 59 4.05 -30.33 -33.26
C ALA D 59 3.49 -31.60 -32.63
N GLN D 60 2.17 -31.82 -32.74
CA GLN D 60 1.61 -33.06 -32.21
C GLN D 60 2.16 -34.29 -32.92
N TYR D 61 2.32 -34.20 -34.25
CA TYR D 61 2.88 -35.31 -35.00
C TYR D 61 4.30 -35.62 -34.55
N PHE D 62 5.11 -34.57 -34.38
CA PHE D 62 6.48 -34.75 -33.90
C PHE D 62 6.50 -35.40 -32.52
N LYS D 63 5.64 -34.92 -31.62
CA LYS D 63 5.61 -35.47 -30.27
C LYS D 63 5.22 -36.94 -30.28
N GLU D 64 4.22 -37.30 -31.08
CA GLU D 64 3.79 -38.69 -31.15
C GLU D 64 4.90 -39.60 -31.69
N GLN D 65 5.55 -39.17 -32.78
CA GLN D 65 6.61 -40.01 -33.34
C GLN D 65 7.79 -40.12 -32.39
N GLU D 66 8.14 -39.03 -31.70
CA GLU D 66 9.23 -39.08 -30.75
C GLU D 66 8.91 -40.01 -29.58
N LYS D 67 7.68 -39.95 -29.07
CA LYS D 67 7.28 -40.87 -28.01
C LYS D 67 7.35 -42.32 -28.46
N LEU D 68 6.92 -42.60 -29.70
CA LEU D 68 6.98 -43.96 -30.20
C LEU D 68 8.41 -44.43 -30.40
N GLU D 69 9.33 -43.53 -30.77
CA GLU D 69 10.70 -43.95 -31.02
C GLU D 69 11.43 -44.34 -29.74
N HIS D 70 11.06 -43.74 -28.62
CA HIS D 70 11.71 -44.05 -27.35
C HIS D 70 11.09 -45.23 -26.63
N ARG D 71 10.07 -45.86 -27.21
CA ARG D 71 9.40 -46.98 -26.59
C ARG D 71 10.11 -48.29 -26.93
N PHE D 72 10.41 -49.09 -25.91
CA PHE D 72 11.04 -50.39 -26.11
C PHE D 72 10.04 -51.37 -26.71
N VAL E 6 -19.13 -54.27 0.23
CA VAL E 6 -19.18 -55.43 -0.65
C VAL E 6 -17.96 -55.44 -1.56
N VAL E 7 -18.18 -55.38 -2.87
CA VAL E 7 -17.12 -55.42 -3.86
C VAL E 7 -17.03 -54.05 -4.52
N ASP E 8 -15.81 -53.55 -4.66
CA ASP E 8 -15.60 -52.20 -5.15
C ASP E 8 -16.03 -52.10 -6.61
N PRO E 9 -16.91 -51.17 -6.96
CA PRO E 9 -17.38 -51.09 -8.36
C PRO E 9 -16.30 -50.71 -9.36
N LYS E 10 -15.26 -49.99 -8.93
CA LYS E 10 -14.26 -49.52 -9.87
C LYS E 10 -13.44 -50.69 -10.44
N LYS E 11 -13.03 -51.63 -9.59
CA LYS E 11 -12.30 -52.80 -10.07
C LYS E 11 -13.17 -53.67 -10.98
N TYR E 12 -14.43 -53.87 -10.59
CA TYR E 12 -15.35 -54.65 -11.42
C TYR E 12 -15.54 -54.01 -12.78
N LEU E 13 -15.72 -52.69 -12.80
CA LEU E 13 -15.85 -51.98 -14.07
C LEU E 13 -14.55 -52.04 -14.87
N GLU E 14 -13.41 -51.99 -14.19
CA GLU E 14 -12.12 -52.11 -14.87
C GLU E 14 -11.99 -53.45 -15.56
N GLU E 15 -12.46 -54.52 -14.92
CA GLU E 15 -12.42 -55.82 -15.57
C GLU E 15 -13.45 -55.95 -16.67
N SER E 16 -14.63 -55.33 -16.52
CA SER E 16 -15.66 -55.42 -17.55
C SER E 16 -15.39 -54.53 -18.75
N CYS E 17 -14.52 -53.54 -18.63
CA CYS E 17 -14.20 -52.63 -19.72
C CYS E 17 -13.07 -53.15 -20.61
N LYS E 18 -12.44 -54.26 -20.23
CA LYS E 18 -11.30 -54.77 -20.98
C LYS E 18 -11.60 -55.10 -22.44
N PRO E 19 -12.74 -55.69 -22.82
CA PRO E 19 -12.97 -55.98 -24.24
C PRO E 19 -12.97 -54.75 -25.14
N LYS E 20 -13.12 -53.55 -24.59
CA LYS E 20 -12.98 -52.33 -25.37
C LYS E 20 -11.52 -51.90 -25.52
N CYS E 21 -10.60 -52.50 -24.76
CA CYS E 21 -9.20 -52.09 -24.77
C CYS E 21 -8.29 -53.25 -25.14
N VAL E 22 -8.71 -54.11 -26.08
CA VAL E 22 -7.96 -55.31 -26.38
C VAL E 22 -6.65 -54.97 -27.09
N LYS E 23 -6.68 -54.01 -28.02
CA LYS E 23 -5.47 -53.66 -28.75
C LYS E 23 -4.34 -53.14 -27.85
N PRO E 24 -4.57 -52.14 -26.98
CA PRO E 24 -3.49 -51.72 -26.07
C PRO E 24 -3.04 -52.83 -25.13
N LEU E 25 -3.97 -53.67 -24.67
CA LEU E 25 -3.61 -54.78 -23.80
C LEU E 25 -2.67 -55.76 -24.49
N LEU E 26 -3.00 -56.13 -25.73
CA LEU E 26 -2.14 -57.04 -26.48
C LEU E 26 -0.78 -56.41 -26.75
N GLU E 27 -0.76 -55.12 -27.06
CA GLU E 27 0.52 -54.47 -27.31
C GLU E 27 1.38 -54.44 -26.04
N TYR E 28 0.76 -54.21 -24.89
CA TYR E 28 1.50 -54.23 -23.63
C TYR E 28 2.03 -55.63 -23.33
N GLN E 29 1.23 -56.67 -23.61
CA GLN E 29 1.71 -58.03 -23.40
C GLN E 29 2.89 -58.36 -24.31
N ALA E 30 2.82 -57.89 -25.56
CA ALA E 30 3.94 -58.10 -26.48
C ALA E 30 5.20 -57.38 -25.97
N CYS E 31 5.04 -56.17 -25.44
CA CYS E 31 6.19 -55.46 -24.88
C CYS E 31 6.78 -56.21 -23.70
N VAL E 32 5.94 -56.78 -22.83
CA VAL E 32 6.44 -57.53 -21.69
C VAL E 32 7.24 -58.74 -22.15
N LYS E 33 6.72 -59.45 -23.16
CA LYS E 33 7.45 -60.59 -23.70
C LYS E 33 8.79 -60.16 -24.29
N ARG E 34 8.81 -59.03 -25.01
CA ARG E 34 10.04 -58.59 -25.64
C ARG E 34 11.12 -58.15 -24.65
N ILE E 35 10.76 -57.79 -23.41
CA ILE E 35 11.74 -57.32 -22.44
C ILE E 35 11.94 -58.29 -21.29
N GLN E 36 11.32 -59.48 -21.34
CA GLN E 36 11.61 -60.49 -20.32
C GLN E 36 13.11 -60.74 -20.16
N GLY E 37 13.91 -60.44 -21.19
CA GLY E 37 15.34 -60.39 -21.02
C GLY E 37 15.81 -59.03 -20.52
N ASP E 38 16.88 -59.05 -19.71
CA ASP E 38 17.24 -57.91 -18.88
C ASP E 38 17.78 -56.71 -19.68
N ASP E 39 18.90 -56.90 -20.38
CA ASP E 39 19.61 -55.79 -21.03
C ASP E 39 19.92 -54.67 -20.04
N SER E 40 20.59 -55.04 -18.95
CA SER E 40 21.08 -54.11 -17.93
C SER E 40 19.96 -53.37 -17.21
N GLY E 41 18.75 -53.92 -17.23
CA GLY E 41 17.65 -53.34 -16.46
C GLY E 41 17.26 -51.93 -16.88
N HIS E 42 17.25 -51.65 -18.18
CA HIS E 42 16.83 -50.36 -18.70
C HIS E 42 15.55 -50.42 -19.51
N LYS E 43 15.21 -51.58 -20.06
CA LYS E 43 13.97 -51.72 -20.81
C LYS E 43 12.77 -51.73 -19.86
N HIS E 44 11.65 -51.20 -20.36
CA HIS E 44 10.40 -51.16 -19.60
C HIS E 44 9.26 -51.00 -20.58
N CYS E 45 8.03 -51.08 -20.06
CA CYS E 45 6.83 -50.99 -20.88
C CYS E 45 5.89 -49.92 -20.34
N THR E 46 6.45 -48.78 -19.93
CA THR E 46 5.64 -47.73 -19.33
C THR E 46 4.64 -47.15 -20.33
N GLY E 47 5.08 -46.90 -21.57
CA GLY E 47 4.20 -46.27 -22.55
C GLY E 47 3.00 -47.14 -22.90
N GLN E 48 3.24 -48.42 -23.14
CA GLN E 48 2.15 -49.34 -23.46
C GLN E 48 1.21 -49.52 -22.26
N TYR E 49 1.78 -49.62 -21.06
CA TYR E 49 1.00 -49.63 -19.84
C TYR E 49 0.09 -48.41 -19.75
N PHE E 50 0.65 -47.24 -20.05
CA PHE E 50 -0.12 -46.00 -20.00
C PHE E 50 -1.22 -45.98 -21.04
N ASP E 51 -0.94 -46.47 -22.25
CA ASP E 51 -1.98 -46.52 -23.28
C ASP E 51 -3.15 -47.40 -22.84
N TYR E 52 -2.82 -48.58 -22.31
CA TYR E 52 -3.87 -49.51 -21.88
C TYR E 52 -4.70 -48.90 -20.76
N TRP E 53 -4.05 -48.29 -19.77
CA TRP E 53 -4.82 -47.74 -18.66
C TRP E 53 -5.54 -46.45 -19.03
N GLN E 54 -5.03 -45.68 -19.95
CA GLN E 54 -5.77 -44.53 -20.48
C GLN E 54 -7.08 -45.04 -21.15
N CYS E 55 -7.04 -46.14 -21.95
CA CYS E 55 -8.28 -46.67 -22.52
C CYS E 55 -9.22 -47.19 -21.44
N ILE E 56 -8.67 -47.92 -20.46
CA ILE E 56 -9.54 -48.50 -19.42
C ILE E 56 -10.18 -47.40 -18.58
N ASP E 57 -9.42 -46.39 -18.18
CA ASP E 57 -9.96 -45.30 -17.37
C ASP E 57 -11.02 -44.54 -18.15
N LYS E 58 -10.78 -44.30 -19.44
CA LYS E 58 -11.78 -43.62 -20.25
C LYS E 58 -13.08 -44.42 -20.33
N CYS E 59 -12.96 -45.74 -20.44
CA CYS E 59 -14.17 -46.57 -20.45
C CYS E 59 -14.89 -46.54 -19.11
N VAL E 60 -14.13 -46.59 -18.01
CA VAL E 60 -14.73 -46.75 -16.69
C VAL E 60 -15.38 -45.45 -16.20
N ALA E 61 -14.75 -44.31 -16.48
CA ALA E 61 -15.18 -43.06 -15.84
C ALA E 61 -16.65 -42.70 -16.05
N PRO E 62 -17.23 -42.80 -17.25
CA PRO E 62 -18.66 -42.43 -17.39
C PRO E 62 -19.61 -43.30 -16.59
N LYS E 63 -19.21 -44.52 -16.20
CA LYS E 63 -20.11 -45.47 -15.59
C LYS E 63 -19.89 -45.68 -14.09
N LEU E 64 -18.76 -45.24 -13.55
CA LEU E 64 -18.48 -45.47 -12.13
C LEU E 64 -19.46 -44.73 -11.24
N PHE E 65 -19.66 -43.43 -11.49
CA PHE E 65 -20.38 -42.61 -10.53
C PHE E 65 -21.87 -42.94 -10.51
N ALA E 66 -22.37 -43.67 -11.51
CA ALA E 66 -23.75 -44.11 -11.50
C ALA E 66 -23.97 -45.18 -10.43
N LYS E 67 -22.98 -46.03 -10.19
CA LYS E 67 -23.07 -47.05 -9.14
C LYS E 67 -22.69 -46.52 -7.76
N LEU E 68 -22.27 -45.26 -7.66
CA LEU E 68 -21.91 -44.67 -6.39
C LEU E 68 -23.02 -43.75 -5.90
N LYS E 69 -23.04 -43.50 -4.60
CA LYS E 69 -24.00 -42.57 -4.03
C LYS E 69 -23.27 -41.42 -3.33
N PHE F 13 -48.74 2.14 -26.37
CA PHE F 13 -48.04 2.43 -25.12
C PHE F 13 -48.28 3.87 -24.70
N GLU F 14 -49.11 4.58 -25.48
CA GLU F 14 -49.34 6.00 -25.22
C GLU F 14 -50.12 6.24 -23.94
N GLY F 15 -51.00 5.36 -23.51
CA GLY F 15 -51.67 5.50 -22.21
C GLY F 15 -50.71 5.39 -21.05
N PHE F 16 -49.87 4.36 -21.03
CA PHE F 16 -48.81 4.29 -20.01
C PHE F 16 -47.85 5.49 -20.08
N TYR F 17 -47.65 6.04 -21.26
CA TYR F 17 -46.79 7.22 -21.47
C TYR F 17 -47.37 8.41 -20.69
N LYS F 18 -48.66 8.67 -20.86
CA LYS F 18 -49.34 9.78 -20.15
C LYS F 18 -49.28 9.64 -18.60
N LEU F 19 -49.08 8.46 -18.01
CA LEU F 19 -48.90 8.35 -16.54
C LEU F 19 -47.46 8.30 -16.02
N ILE F 20 -46.52 7.69 -16.73
CA ILE F 20 -45.13 7.46 -16.28
C ILE F 20 -44.11 8.34 -16.95
N MET F 21 -44.29 8.74 -18.23
CA MET F 21 -43.23 9.46 -18.98
C MET F 21 -43.44 10.96 -19.04
N ARG F 22 -44.54 11.47 -18.53
CA ARG F 22 -44.77 12.90 -18.71
C ARG F 22 -43.79 13.74 -17.88
N ARG F 23 -43.40 13.26 -16.71
CA ARG F 23 -42.45 13.96 -15.85
C ARG F 23 -41.26 13.05 -15.58
N ASN F 24 -40.05 13.64 -15.63
CA ASN F 24 -38.85 12.84 -15.43
C ASN F 24 -38.76 12.31 -14.00
N SER F 25 -39.33 13.02 -13.02
CA SER F 25 -39.31 12.50 -11.65
C SER F 25 -40.10 11.20 -11.54
N VAL F 26 -41.27 11.15 -12.10
CA VAL F 26 -42.09 9.90 -12.12
C VAL F 26 -41.30 8.83 -12.88
N TYR F 27 -40.72 9.17 -14.03
CA TYR F 27 -39.98 8.19 -14.82
C TYR F 27 -38.81 7.60 -14.04
N VAL F 28 -38.09 8.45 -13.31
CA VAL F 28 -36.96 7.97 -12.50
C VAL F 28 -37.46 7.08 -11.37
N THR F 29 -38.56 7.47 -10.72
CA THR F 29 -39.14 6.61 -9.69
C THR F 29 -39.57 5.27 -10.27
N PHE F 30 -40.13 5.29 -11.49
CA PHE F 30 -40.51 4.05 -12.17
C PHE F 30 -39.30 3.18 -12.45
N ILE F 31 -38.19 3.79 -12.87
CA ILE F 31 -36.98 3.01 -13.14
C ILE F 31 -36.45 2.38 -11.85
N ILE F 32 -36.49 3.14 -10.76
CA ILE F 32 -36.03 2.60 -9.47
C ILE F 32 -36.91 1.42 -9.05
N ALA F 33 -38.23 1.59 -9.16
CA ALA F 33 -39.15 0.51 -8.80
C ALA F 33 -38.94 -0.70 -9.69
N GLY F 34 -38.72 -0.48 -10.98
CA GLY F 34 -38.46 -1.59 -11.88
C GLY F 34 -37.19 -2.33 -11.51
N ALA F 35 -36.13 -1.61 -11.17
CA ALA F 35 -34.91 -2.26 -10.73
C ALA F 35 -35.17 -3.13 -9.50
N PHE F 36 -35.82 -2.55 -8.48
CA PHE F 36 -36.11 -3.28 -7.25
C PHE F 36 -36.93 -4.55 -7.53
N PHE F 37 -38.12 -4.38 -8.10
CA PHE F 37 -39.03 -5.49 -8.28
C PHE F 37 -38.51 -6.51 -9.28
N GLY F 38 -37.90 -6.06 -10.38
CA GLY F 38 -37.38 -6.99 -11.37
C GLY F 38 -36.21 -7.80 -10.84
N GLU F 39 -35.32 -7.17 -10.08
CA GLU F 39 -34.23 -7.94 -9.49
C GLU F 39 -34.76 -8.95 -8.49
N ARG F 40 -35.77 -8.57 -7.70
CA ARG F 40 -36.37 -9.54 -6.78
C ARG F 40 -37.00 -10.71 -7.53
N ALA F 41 -37.74 -10.42 -8.60
CA ALA F 41 -38.40 -11.48 -9.37
C ALA F 41 -37.38 -12.41 -10.02
N VAL F 42 -36.31 -11.84 -10.59
CA VAL F 42 -35.28 -12.66 -11.22
C VAL F 42 -34.58 -13.52 -10.18
N ASP F 43 -34.28 -12.94 -9.01
CA ASP F 43 -33.68 -13.72 -7.93
C ASP F 43 -34.56 -14.89 -7.54
N TYR F 44 -35.86 -14.66 -7.39
CA TYR F 44 -36.78 -15.73 -7.03
C TYR F 44 -36.80 -16.82 -8.10
N GLY F 45 -36.88 -16.43 -9.36
CA GLY F 45 -36.91 -17.42 -10.44
C GLY F 45 -35.63 -18.23 -10.53
N VAL F 46 -34.48 -17.57 -10.36
CA VAL F 46 -33.21 -18.27 -10.40
C VAL F 46 -33.10 -19.25 -9.24
N HIS F 47 -33.57 -18.85 -8.06
CA HIS F 47 -33.54 -19.76 -6.92
C HIS F 47 -34.48 -20.94 -7.13
N LYS F 48 -35.63 -20.71 -7.77
CA LYS F 48 -36.54 -21.81 -8.09
C LYS F 48 -35.87 -22.80 -9.03
N LEU F 49 -35.20 -22.30 -10.08
CA LEU F 49 -34.50 -23.19 -11.00
C LEU F 49 -33.40 -23.97 -10.29
N TRP F 50 -32.67 -23.29 -9.40
CA TRP F 50 -31.59 -23.93 -8.65
C TRP F 50 -32.13 -25.07 -7.78
N GLU F 51 -33.23 -24.81 -7.07
CA GLU F 51 -33.83 -25.85 -6.23
C GLU F 51 -34.33 -27.01 -7.07
N ARG F 52 -34.99 -26.72 -8.20
CA ARG F 52 -35.52 -27.78 -9.03
C ARG F 52 -34.41 -28.62 -9.64
N ASN F 53 -33.24 -28.04 -9.87
CA ASN F 53 -32.14 -28.76 -10.50
C ASN F 53 -31.27 -29.56 -9.52
N ASN F 54 -31.40 -29.34 -8.22
CA ASN F 54 -30.52 -29.96 -7.23
C ASN F 54 -31.31 -30.66 -6.14
N VAL F 55 -32.33 -31.43 -6.54
CA VAL F 55 -33.22 -32.07 -5.58
C VAL F 55 -32.45 -33.14 -4.81
N GLY F 56 -32.56 -33.13 -3.49
CA GLY F 56 -31.85 -34.10 -2.64
C GLY F 56 -30.44 -33.78 -2.23
N LYS F 57 -29.84 -32.68 -2.69
CA LYS F 57 -28.41 -32.41 -2.46
C LYS F 57 -28.15 -31.32 -1.44
N ARG F 58 -29.21 -30.78 -0.91
CA ARG F 58 -29.07 -29.68 0.02
C ARG F 58 -28.72 -30.16 1.44
N TYR F 59 -28.08 -29.28 2.17
CA TYR F 59 -27.77 -29.49 3.59
C TYR F 59 -29.01 -29.92 4.38
N GLU F 60 -30.11 -29.25 4.20
CA GLU F 60 -31.42 -29.61 4.80
C GLU F 60 -31.96 -30.97 4.35
N ASP F 61 -31.34 -31.63 3.37
CA ASP F 61 -31.75 -32.99 2.91
C ASP F 61 -30.82 -34.08 3.46
N ILE F 62 -29.82 -33.74 4.26
CA ILE F 62 -28.96 -34.72 4.96
C ILE F 62 -29.86 -35.56 5.90
N SER F 63 -29.98 -36.83 5.59
CA SER F 63 -30.82 -37.80 6.36
C SER F 63 -30.46 -37.78 7.85
N VAL F 64 -29.20 -37.86 8.19
CA VAL F 64 -28.70 -37.94 9.58
C VAL F 64 -28.42 -36.56 10.22
N LEU F 65 -28.88 -35.44 9.62
CA LEU F 65 -28.61 -34.08 10.16
C LEU F 65 -29.15 -34.03 11.58
N GLY F 66 -28.32 -33.64 12.52
CA GLY F 66 -28.66 -33.66 13.93
C GLY F 66 -28.37 -34.94 14.64
N GLN F 67 -27.92 -35.94 13.91
CA GLN F 67 -27.75 -37.29 14.46
C GLN F 67 -26.25 -37.67 14.54
N ARG F 68 -25.30 -36.74 14.69
CA ARG F 68 -23.89 -37.09 14.95
C ARG F 68 -23.73 -37.42 16.43
N PRO F 69 -23.25 -38.62 16.78
CA PRO F 69 -23.07 -39.00 18.18
C PRO F 69 -21.86 -38.33 18.83
N THR G 17 -46.43 27.55 -10.02
CA THR G 17 -46.79 26.54 -9.03
C THR G 17 -46.35 25.15 -9.47
N ILE G 18 -45.32 25.11 -10.31
CA ILE G 18 -44.78 23.85 -10.79
C ILE G 18 -43.49 23.45 -10.07
N ASP G 19 -42.75 24.41 -9.51
CA ASP G 19 -41.54 24.07 -8.77
C ASP G 19 -41.85 23.24 -7.54
N ILE G 20 -42.97 23.51 -6.87
CA ILE G 20 -43.36 22.72 -5.72
C ILE G 20 -43.69 21.29 -6.13
N GLN G 21 -44.41 21.12 -7.24
CA GLN G 21 -44.71 19.79 -7.73
C GLN G 21 -43.44 19.06 -8.15
N ALA G 22 -42.50 19.78 -8.76
CA ALA G 22 -41.22 19.18 -9.10
C ALA G 22 -40.47 18.73 -7.86
N ALA G 23 -40.50 19.57 -6.80
CA ALA G 23 -39.85 19.20 -5.55
C ALA G 23 -40.49 17.96 -4.94
N ALA G 24 -41.82 17.88 -4.97
CA ALA G 24 -42.49 16.70 -4.44
C ALA G 24 -42.15 15.45 -5.24
N GLY G 25 -42.14 15.56 -6.57
CA GLY G 25 -41.78 14.42 -7.40
C GLY G 25 -40.36 13.94 -7.13
N TRP G 26 -39.42 14.88 -7.04
CA TRP G 26 -38.04 14.50 -6.79
C TRP G 26 -37.85 14.00 -5.36
N GLY G 27 -38.65 14.47 -4.41
CA GLY G 27 -38.61 13.91 -3.07
C GLY G 27 -39.10 12.47 -3.04
N ILE G 28 -40.17 12.18 -3.76
CA ILE G 28 -40.62 10.81 -3.89
C ILE G 28 -39.54 9.96 -4.55
N ALA G 29 -38.89 10.48 -5.58
CA ALA G 29 -37.81 9.75 -6.24
C ALA G 29 -36.67 9.47 -5.27
N ALA G 30 -36.29 10.47 -4.47
CA ALA G 30 -35.20 10.30 -3.52
C ALA G 30 -35.54 9.27 -2.46
N ALA G 31 -36.78 9.29 -1.96
CA ALA G 31 -37.20 8.30 -0.99
C ALA G 31 -37.18 6.89 -1.59
N ALA G 32 -37.71 6.76 -2.81
CA ALA G 32 -37.71 5.46 -3.48
C ALA G 32 -36.29 4.94 -3.64
N GLY G 33 -35.37 5.81 -4.08
CA GLY G 33 -33.99 5.41 -4.20
C GLY G 33 -33.36 5.04 -2.87
N ALA G 34 -33.64 5.84 -1.80
CA ALA G 34 -33.11 5.43 -0.47
C ALA G 34 -33.54 4.03 -0.10
N ILE G 35 -34.84 3.72 -0.16
CA ILE G 35 -35.35 2.39 0.29
C ILE G 35 -34.75 1.29 -0.59
N TRP G 36 -34.36 1.63 -1.80
CA TRP G 36 -33.84 0.68 -2.78
C TRP G 36 -32.36 0.34 -2.49
N VAL G 37 -31.53 1.31 -2.10
CA VAL G 37 -30.07 1.05 -1.91
C VAL G 37 -29.98 0.35 -0.58
N VAL G 38 -30.29 1.12 0.44
CA VAL G 38 -30.38 0.44 1.74
C VAL G 38 -31.74 -0.20 1.60
N GLN G 39 -31.99 -1.40 2.08
CA GLN G 39 -33.34 -1.97 1.87
C GLN G 39 -33.83 -2.32 3.27
N PRO G 40 -34.34 -1.35 4.05
CA PRO G 40 -34.48 -1.56 5.50
C PRO G 40 -35.75 -2.24 5.96
N PHE G 41 -36.03 -3.38 5.38
CA PHE G 41 -37.24 -4.14 5.64
C PHE G 41 -37.15 -4.91 6.94
N GLY G 42 -35.94 -5.35 7.31
CA GLY G 42 -35.75 -6.00 8.59
C GLY G 42 -35.61 -5.06 9.77
N TRP G 43 -35.54 -3.76 9.51
CA TRP G 43 -35.46 -2.75 10.57
C TRP G 43 -36.79 -2.03 10.80
N ILE G 44 -37.65 -1.96 9.79
CA ILE G 44 -38.95 -1.32 9.93
C ILE G 44 -39.95 -2.32 10.51
N THR H 2 0.00 36.83 -37.90
CA THR H 2 1.06 35.85 -38.12
C THR H 2 0.53 34.53 -38.68
N ILE H 3 1.23 33.99 -39.66
CA ILE H 3 0.92 32.68 -40.22
C ILE H 3 2.05 31.74 -39.84
N ARG H 4 1.74 30.74 -39.01
CA ARG H 4 2.75 29.87 -38.42
C ARG H 4 3.14 28.77 -39.41
N ASN H 5 3.79 29.20 -40.49
CA ASN H 5 4.33 28.25 -41.47
C ASN H 5 5.57 27.56 -40.92
N GLN H 6 6.48 28.31 -40.32
CA GLN H 6 7.70 27.76 -39.74
C GLN H 6 7.55 27.59 -38.24
N ARG H 7 8.45 26.79 -37.68
CA ARG H 7 8.52 26.64 -36.23
C ARG H 7 9.31 27.79 -35.63
N PHE H 8 8.69 28.51 -34.72
CA PHE H 8 9.36 29.50 -33.88
C PHE H 8 9.78 28.81 -32.60
N SER H 9 10.03 29.59 -31.54
CA SER H 9 10.45 29.06 -30.24
C SER H 9 9.74 27.76 -29.88
N LEU H 10 10.53 26.79 -29.40
CA LEU H 10 10.01 25.45 -29.13
C LEU H 10 8.93 25.46 -28.06
N LEU H 11 8.98 26.41 -27.13
CA LEU H 11 7.97 26.47 -26.07
C LEU H 11 6.57 26.73 -26.63
N LYS H 12 6.46 27.32 -27.81
CA LYS H 12 5.16 27.61 -28.41
C LYS H 12 4.65 26.47 -29.30
N GLN H 13 5.40 25.38 -29.42
CA GLN H 13 4.96 24.23 -30.18
C GLN H 13 3.90 23.46 -29.38
N PRO H 14 3.06 22.68 -30.06
CA PRO H 14 1.99 21.96 -29.33
C PRO H 14 2.49 21.01 -28.27
N ILE H 15 3.75 20.58 -28.35
CA ILE H 15 4.29 19.66 -27.35
C ILE H 15 4.42 20.34 -25.98
N SER H 16 4.58 21.67 -25.95
CA SER H 16 4.79 22.37 -24.69
C SER H 16 3.98 23.66 -24.58
N SER H 17 2.99 23.87 -25.44
CA SER H 17 2.23 25.12 -25.41
C SER H 17 1.45 25.27 -24.12
N THR H 18 0.85 24.18 -23.63
CA THR H 18 0.09 24.28 -22.38
C THR H 18 0.99 24.52 -21.18
N LEU H 19 2.17 23.90 -21.14
CA LEU H 19 3.10 24.18 -20.06
C LEU H 19 3.70 25.57 -20.19
N ASN H 20 3.84 26.08 -21.41
CA ASN H 20 4.31 27.45 -21.59
C ASN H 20 3.28 28.46 -21.13
N GLN H 21 2.00 28.16 -21.34
CA GLN H 21 0.94 29.14 -21.05
C GLN H 21 0.45 29.07 -19.61
N HIS H 22 0.50 27.90 -18.98
CA HIS H 22 0.02 27.76 -17.61
C HIS H 22 1.11 27.88 -16.57
N LEU H 23 2.37 27.76 -16.96
CA LEU H 23 3.49 27.67 -16.02
C LEU H 23 4.62 28.65 -16.30
N VAL H 24 4.89 29.00 -17.55
CA VAL H 24 6.04 29.84 -17.90
C VAL H 24 5.62 31.28 -18.16
N ASP H 25 4.67 31.50 -19.06
CA ASP H 25 4.29 32.81 -19.52
C ASP H 25 3.03 33.35 -18.83
N TYR H 26 2.50 32.63 -17.84
CA TYR H 26 1.24 33.03 -17.24
C TYR H 26 1.36 34.40 -16.57
N PRO H 27 0.48 35.35 -16.90
CA PRO H 27 0.60 36.69 -16.33
C PRO H 27 0.28 36.70 -14.84
N THR H 28 1.07 37.47 -14.09
CA THR H 28 1.05 37.50 -12.64
C THR H 28 1.21 38.94 -12.19
N PRO H 29 0.45 39.39 -11.19
CA PRO H 29 0.60 40.77 -10.72
C PRO H 29 2.02 41.01 -10.22
N SER H 30 2.60 42.13 -10.66
CA SER H 30 4.00 42.43 -10.39
C SER H 30 4.27 42.73 -8.91
N ASN H 31 3.24 43.03 -8.12
CA ASN H 31 3.42 43.44 -6.73
C ASN H 31 3.13 42.32 -5.74
N LEU H 32 3.11 41.07 -6.19
CA LEU H 32 2.89 39.95 -5.28
C LEU H 32 4.01 39.89 -4.24
N SER H 33 3.63 39.68 -2.98
CA SER H 33 4.59 39.63 -1.90
C SER H 33 5.04 38.18 -1.67
N TYR H 34 5.96 38.00 -0.72
CA TYR H 34 6.43 36.67 -0.37
C TYR H 34 5.33 35.81 0.23
N TRP H 35 4.23 36.42 0.68
CA TRP H 35 3.08 35.65 1.13
C TRP H 35 2.39 34.90 0.00
N TRP H 36 2.66 35.27 -1.25
CA TRP H 36 2.09 34.56 -2.39
C TRP H 36 2.94 33.36 -2.82
N GLY H 37 4.02 33.07 -2.10
CA GLY H 37 4.88 31.95 -2.41
C GLY H 37 4.61 30.68 -1.62
N PHE H 38 3.48 30.59 -0.92
CA PHE H 38 3.21 29.43 -0.09
C PHE H 38 2.39 28.35 -0.79
N GLY H 39 1.69 28.69 -1.87
CA GLY H 39 1.05 27.65 -2.66
C GLY H 39 2.07 26.69 -3.28
N SER H 40 3.14 27.24 -3.84
CA SER H 40 4.20 26.41 -4.40
C SER H 40 4.90 25.61 -3.30
N LEU H 41 5.06 26.21 -2.12
CA LEU H 41 5.63 25.49 -0.99
C LEU H 41 4.76 24.31 -0.59
N ALA H 42 3.45 24.52 -0.58
CA ALA H 42 2.48 23.45 -0.30
C ALA H 42 2.62 22.31 -1.33
N GLY H 43 2.75 22.69 -2.60
CA GLY H 43 2.93 21.69 -3.64
C GLY H 43 4.22 20.89 -3.45
N ILE H 44 5.31 21.58 -3.12
CA ILE H 44 6.58 20.88 -2.87
C ILE H 44 6.46 19.97 -1.65
N CYS H 45 5.75 20.40 -0.62
CA CYS H 45 5.49 19.54 0.57
C CYS H 45 4.70 18.27 0.20
N LEU H 46 3.67 18.45 -0.60
CA LEU H 46 2.89 17.30 -1.11
C LEU H 46 3.86 16.34 -1.84
N VAL H 47 4.69 16.85 -2.74
CA VAL H 47 5.60 16.00 -3.50
C VAL H 47 6.58 15.28 -2.57
N ILE H 48 7.11 16.00 -1.57
CA ILE H 48 8.03 15.39 -0.62
C ILE H 48 7.34 14.26 0.13
N GLN H 49 6.11 14.51 0.59
CA GLN H 49 5.36 13.49 1.29
C GLN H 49 5.14 12.26 0.41
N ILE H 50 4.76 12.47 -0.85
CA ILE H 50 4.46 11.34 -1.72
C ILE H 50 5.72 10.51 -1.97
N VAL H 51 6.84 11.17 -2.30
CA VAL H 51 8.06 10.43 -2.61
C VAL H 51 8.56 9.67 -1.38
N THR H 52 8.64 10.36 -0.24
CA THR H 52 9.14 9.71 0.97
C THR H 52 8.20 8.60 1.42
N GLY H 53 6.89 8.78 1.27
CA GLY H 53 5.95 7.74 1.66
C GLY H 53 6.03 6.52 0.77
N VAL H 54 6.19 6.74 -0.54
CA VAL H 54 6.34 5.61 -1.45
C VAL H 54 7.57 4.80 -1.08
N PHE H 55 8.69 5.48 -0.82
CA PHE H 55 9.89 4.73 -0.46
C PHE H 55 9.80 4.13 0.94
N LEU H 56 9.01 4.70 1.85
CA LEU H 56 8.77 4.17 3.23
C LEU H 56 7.83 2.95 3.18
N ALA H 57 6.90 2.98 2.23
CA ALA H 57 5.99 1.85 2.12
C ALA H 57 6.68 0.58 1.65
N MET H 58 7.86 0.68 1.05
CA MET H 58 8.63 -0.50 0.68
C MET H 58 9.19 -1.25 1.88
N HIS H 59 9.15 -0.67 3.07
CA HIS H 59 9.68 -1.32 4.27
C HIS H 59 8.66 -1.44 5.40
N TYR H 60 7.49 -0.85 5.28
CA TYR H 60 6.50 -0.85 6.35
C TYR H 60 5.55 -2.02 6.17
N THR H 61 5.19 -2.66 7.28
CA THR H 61 4.21 -3.75 7.26
C THR H 61 2.94 -3.30 7.96
N PRO H 62 1.79 -3.31 7.29
CA PRO H 62 0.53 -2.88 7.92
C PRO H 62 -0.17 -4.00 8.67
N HIS H 63 0.48 -4.52 9.71
CA HIS H 63 -0.09 -5.54 10.58
C HIS H 63 0.20 -5.19 12.02
N VAL H 64 -0.77 -5.47 12.90
CA VAL H 64 -0.65 -5.04 14.29
C VAL H 64 0.52 -5.73 14.99
N ASP H 65 0.89 -6.93 14.56
CA ASP H 65 2.04 -7.60 15.14
C ASP H 65 3.36 -7.14 14.55
N LEU H 66 3.35 -6.28 13.52
CA LEU H 66 4.60 -5.93 12.85
C LEU H 66 4.74 -4.44 12.53
N ALA H 67 3.68 -3.63 12.60
CA ALA H 67 3.76 -2.25 12.15
C ALA H 67 4.77 -1.44 12.96
N PHE H 68 4.64 -1.48 14.29
CA PHE H 68 5.57 -0.79 15.16
C PHE H 68 7.00 -1.25 14.91
N ASN H 69 7.19 -2.56 14.85
CA ASN H 69 8.53 -3.11 14.67
C ASN H 69 9.06 -2.81 13.27
N SER H 70 8.20 -2.73 12.25
CA SER H 70 8.69 -2.35 10.93
C SER H 70 9.11 -0.88 10.89
N VAL H 71 8.51 -0.05 11.70
CA VAL H 71 8.86 1.39 11.74
C VAL H 71 10.20 1.51 12.46
N GLU H 72 10.39 0.70 13.47
CA GLU H 72 11.69 0.69 14.12
C GLU H 72 12.78 0.07 13.24
N HIS H 73 12.41 -0.93 12.42
CA HIS H 73 13.34 -1.52 11.47
C HIS H 73 13.75 -0.51 10.42
N ILE H 74 12.90 0.41 9.98
CA ILE H 74 13.26 1.53 9.08
C ILE H 74 14.28 2.46 9.78
N MET H 75 13.95 2.96 10.95
CA MET H 75 14.89 3.77 11.79
C MET H 75 16.22 3.09 11.95
N ARG H 76 16.25 1.79 12.08
CA ARG H 76 17.49 1.16 12.48
C ARG H 76 18.24 0.45 11.36
N ASP H 77 17.53 -0.27 10.48
CA ASP H 77 18.18 -1.17 9.53
C ASP H 77 18.24 -0.64 8.11
N VAL H 78 17.27 0.16 7.67
CA VAL H 78 17.29 0.67 6.31
C VAL H 78 18.36 1.75 6.18
N GLU H 79 19.25 1.59 5.20
CA GLU H 79 20.27 2.59 4.95
C GLU H 79 19.60 3.88 4.49
N GLY H 80 19.78 4.94 5.25
CA GLY H 80 19.02 6.16 5.01
C GLY H 80 17.62 6.13 5.56
N GLY H 81 17.27 5.14 6.34
CA GLY H 81 15.89 5.01 6.78
C GLY H 81 15.41 6.08 7.74
N TRP H 82 16.25 6.45 8.70
CA TRP H 82 15.90 7.48 9.69
C TRP H 82 15.58 8.79 8.99
N LEU H 83 16.35 9.13 7.97
CA LEU H 83 16.07 10.35 7.18
C LEU H 83 14.73 10.23 6.41
N LEU H 84 14.42 9.08 5.77
CA LEU H 84 13.08 8.87 5.15
C LEU H 84 11.94 9.11 6.15
N ARG H 85 12.06 8.52 7.36
CA ARG H 85 11.00 8.64 8.39
C ARG H 85 10.90 10.11 8.84
N TYR H 86 11.98 10.66 9.41
CA TYR H 86 11.94 12.08 9.91
C TYR H 86 11.45 13.07 8.84
N MET H 87 11.97 13.00 7.61
CA MET H 87 11.41 13.82 6.49
C MET H 87 9.89 13.64 6.35
N HIS H 88 9.36 12.44 6.43
CA HIS H 88 7.91 12.17 6.23
C HIS H 88 7.09 12.69 7.43
N ALA H 89 7.56 12.36 8.62
CA ALA H 89 6.88 12.76 9.88
C ALA H 89 6.92 14.27 10.05
N ASN H 90 8.09 14.87 9.95
CA ASN H 90 8.17 16.32 10.05
C ASN H 90 7.64 17.03 8.82
N GLY H 91 7.72 16.31 7.65
CA GLY H 91 7.13 16.82 6.40
C GLY H 91 5.66 17.09 6.57
N ALA H 92 4.95 16.17 7.18
CA ALA H 92 3.54 16.36 7.52
C ALA H 92 3.31 17.68 8.32
N SER H 93 4.05 17.87 9.43
CA SER H 93 3.99 19.16 10.16
C SER H 93 4.29 20.36 9.25
N MET H 94 5.33 20.32 8.43
CA MET H 94 5.70 21.36 7.43
C MET H 94 4.57 21.67 6.44
N PHE H 95 3.87 20.65 5.97
CA PHE H 95 2.74 20.82 5.05
C PHE H 95 1.64 21.66 5.76
N PHE H 96 1.31 21.26 6.97
CA PHE H 96 0.28 21.98 7.78
C PHE H 96 0.71 23.44 8.05
N ILE H 97 1.99 23.74 8.30
CA ILE H 97 2.51 25.11 8.58
C ILE H 97 2.32 25.96 7.33
N VAL H 98 2.80 25.42 6.22
CA VAL H 98 2.77 26.16 4.97
C VAL H 98 1.32 26.33 4.51
N VAL H 99 0.46 25.38 4.84
CA VAL H 99 -0.94 25.48 4.37
C VAL H 99 -1.75 26.43 5.27
N TYR H 100 -1.45 26.43 6.57
CA TYR H 100 -2.07 27.41 7.47
C TYR H 100 -1.66 28.83 7.09
N LEU H 101 -0.38 29.04 6.79
CA LEU H 101 0.06 30.37 6.36
C LEU H 101 -0.62 30.78 5.06
N HIS H 102 -0.76 29.83 4.14
CA HIS H 102 -1.51 30.03 2.91
C HIS H 102 -2.96 30.48 3.16
N ILE H 103 -3.65 29.75 4.05
CA ILE H 103 -5.04 30.04 4.35
C ILE H 103 -5.18 31.43 4.98
N PHE H 104 -4.28 31.77 5.90
CA PHE H 104 -4.42 33.06 6.58
C PHE H 104 -4.00 34.22 5.66
N ARG H 105 -3.08 33.96 4.72
CA ARG H 105 -2.86 34.93 3.64
C ARG H 105 -4.16 35.16 2.88
N GLY H 106 -4.88 34.09 2.56
CA GLY H 106 -6.14 34.24 1.87
C GLY H 106 -7.15 35.04 2.66
N LEU H 107 -7.20 34.81 3.98
CA LEU H 107 -8.18 35.52 4.81
C LEU H 107 -7.85 37.00 4.96
N TYR H 108 -6.56 37.34 5.10
CA TYR H 108 -6.17 38.73 5.30
C TYR H 108 -6.46 39.59 4.07
N TYR H 109 -6.23 39.05 2.88
CA TYR H 109 -6.44 39.82 1.66
C TYR H 109 -7.78 39.57 1.01
N ALA H 110 -8.68 38.84 1.68
CA ALA H 110 -10.00 38.50 1.16
C ALA H 110 -9.90 37.83 -0.21
N SER H 111 -8.91 36.95 -0.33
CA SER H 111 -8.69 36.20 -1.56
C SER H 111 -9.87 35.29 -1.91
N TYR H 112 -10.71 34.97 -0.93
CA TYR H 112 -11.89 34.14 -1.15
C TYR H 112 -12.99 34.87 -1.90
N SER H 113 -12.93 36.19 -1.99
CA SER H 113 -14.05 36.96 -2.52
C SER H 113 -14.19 36.75 -4.02
N SER H 114 -15.26 37.30 -4.56
CA SER H 114 -15.53 37.16 -5.99
C SER H 114 -14.41 37.81 -6.80
N PRO H 115 -14.03 37.22 -7.94
CA PRO H 115 -14.64 36.08 -8.61
C PRO H 115 -14.07 34.73 -8.22
N ARG H 116 -13.27 34.63 -7.17
CA ARG H 116 -12.51 33.42 -6.85
C ARG H 116 -13.14 32.57 -5.76
N GLU H 117 -14.47 32.50 -5.71
CA GLU H 117 -15.14 31.69 -4.69
C GLU H 117 -14.82 30.21 -4.86
N PHE H 118 -14.82 29.73 -6.11
CA PHE H 118 -14.60 28.32 -6.37
C PHE H 118 -13.19 27.89 -5.96
N VAL H 119 -12.22 28.78 -6.13
CA VAL H 119 -10.86 28.54 -5.63
C VAL H 119 -10.89 28.26 -4.14
N TRP H 120 -11.61 29.09 -3.38
CA TRP H 120 -11.67 28.92 -1.93
C TRP H 120 -12.38 27.63 -1.54
N CYS H 121 -13.47 27.29 -2.23
CA CYS H 121 -14.18 26.05 -1.91
C CYS H 121 -13.32 24.82 -2.20
N LEU H 122 -12.61 24.83 -3.33
CA LEU H 122 -11.66 23.76 -3.61
C LEU H 122 -10.58 23.69 -2.53
N GLY H 123 -10.11 24.85 -2.07
CA GLY H 123 -9.13 24.86 -0.99
C GLY H 123 -9.66 24.22 0.28
N VAL H 124 -10.92 24.48 0.62
CA VAL H 124 -11.51 23.87 1.81
C VAL H 124 -11.60 22.36 1.66
N VAL H 125 -12.01 21.89 0.47
CA VAL H 125 -12.04 20.44 0.23
C VAL H 125 -10.64 19.86 0.37
N ILE H 126 -9.63 20.57 -0.13
CA ILE H 126 -8.25 20.13 -0.02
C ILE H 126 -7.82 20.06 1.45
N PHE H 127 -8.28 21.02 2.26
CA PHE H 127 -7.96 21.00 3.69
C PHE H 127 -8.56 19.78 4.37
N LEU H 128 -9.82 19.46 4.05
CA LEU H 128 -10.43 18.24 4.58
C LEU H 128 -9.63 17.01 4.18
N LEU H 129 -9.22 16.92 2.92
CA LEU H 129 -8.44 15.77 2.47
C LEU H 129 -7.12 15.69 3.20
N MET H 130 -6.47 16.82 3.39
CA MET H 130 -5.21 16.87 4.17
C MET H 130 -5.41 16.35 5.60
N ILE H 131 -6.47 16.70 6.25
CA ILE H 131 -6.72 16.29 7.65
C ILE H 131 -6.92 14.76 7.69
N VAL H 132 -7.79 14.22 6.83
CA VAL H 132 -8.06 12.77 6.80
C VAL H 132 -6.73 12.05 6.49
N THR H 133 -5.98 12.54 5.51
CA THR H 133 -4.76 11.85 5.14
C THR H 133 -3.77 11.81 6.28
N ALA H 134 -3.49 12.97 6.88
CA ALA H 134 -2.53 13.02 7.98
C ALA H 134 -2.99 12.18 9.16
N PHE H 135 -4.26 12.11 9.51
CA PHE H 135 -4.78 11.35 10.68
C PHE H 135 -4.57 9.84 10.51
N ILE H 136 -5.00 9.36 9.35
CA ILE H 136 -4.89 7.94 9.09
C ILE H 136 -3.41 7.63 8.99
N GLY H 137 -2.60 8.56 8.49
CA GLY H 137 -1.17 8.27 8.47
C GLY H 137 -0.58 8.15 9.86
N TYR H 138 -1.04 8.98 10.80
CA TYR H 138 -0.53 8.91 12.17
C TYR H 138 -0.88 7.60 12.87
N VAL H 139 -1.91 6.88 12.39
CA VAL H 139 -2.27 5.61 13.01
C VAL H 139 -1.33 4.48 12.58
N LEU H 140 -0.68 4.60 11.44
CA LEU H 140 0.15 3.52 10.91
C LEU H 140 1.26 3.03 11.85
N PRO H 141 2.03 3.93 12.55
CA PRO H 141 3.05 3.47 13.47
C PRO H 141 2.49 2.50 14.54
N TRP H 142 1.21 2.60 14.90
CA TRP H 142 0.53 1.74 15.86
C TRP H 142 1.14 1.84 17.25
N GLY H 143 1.44 3.07 17.68
CA GLY H 143 1.79 3.35 19.05
C GLY H 143 0.57 3.66 19.87
N GLN H 144 0.82 4.13 21.10
CA GLN H 144 -0.27 4.46 22.02
C GLN H 144 -1.15 5.57 21.45
N MET H 145 -0.50 6.65 20.99
CA MET H 145 -1.26 7.77 20.42
C MET H 145 -2.01 7.32 19.18
N SER H 146 -1.38 6.52 18.31
CA SER H 146 -2.05 6.03 17.11
C SER H 146 -3.34 5.30 17.47
N PHE H 147 -3.23 4.31 18.37
CA PHE H 147 -4.38 3.48 18.70
C PHE H 147 -5.49 4.30 19.35
N TRP H 148 -5.24 5.10 20.38
CA TRP H 148 -6.33 5.86 21.08
C TRP H 148 -6.90 7.00 20.21
N GLY H 149 -6.09 7.73 19.46
CA GLY H 149 -6.58 8.66 18.45
C GLY H 149 -7.46 7.98 17.41
N ALA H 150 -7.11 6.76 16.95
CA ALA H 150 -8.01 6.04 16.07
C ALA H 150 -9.31 5.68 16.77
N THR H 151 -9.23 5.33 18.06
CA THR H 151 -10.43 4.93 18.79
C THR H 151 -11.42 6.08 18.88
N VAL H 152 -11.02 7.32 19.16
CA VAL H 152 -11.92 8.52 19.15
C VAL H 152 -12.46 8.95 17.76
N ILE H 153 -11.62 9.06 16.77
CA ILE H 153 -12.18 9.74 15.57
C ILE H 153 -13.15 8.77 14.85
N THR H 154 -12.88 7.50 14.95
CA THR H 154 -13.80 6.52 14.39
C THR H 154 -15.08 6.39 15.22
N SER H 155 -15.11 6.91 16.45
CA SER H 155 -16.31 6.93 17.24
C SER H 155 -17.15 8.18 17.02
N LEU H 156 -16.65 9.15 16.25
CA LEU H 156 -17.39 10.38 16.02
C LEU H 156 -18.72 10.11 15.31
N ALA H 157 -18.78 9.03 14.53
CA ALA H 157 -20.02 8.67 13.87
C ALA H 157 -21.11 8.27 14.84
N SER H 158 -20.74 7.86 16.06
CA SER H 158 -21.74 7.46 17.04
C SER H 158 -22.62 8.62 17.49
N ALA H 159 -22.26 9.86 17.15
CA ALA H 159 -23.16 10.99 17.37
C ALA H 159 -24.44 10.85 16.57
N ILE H 160 -24.40 10.16 15.45
CA ILE H 160 -25.64 9.89 14.68
C ILE H 160 -26.53 8.96 15.49
N PRO H 161 -27.80 9.32 15.72
CA PRO H 161 -28.67 8.46 16.54
C PRO H 161 -29.02 7.12 15.90
N VAL H 162 -29.47 7.14 14.65
CA VAL H 162 -30.03 5.93 14.05
C VAL H 162 -28.91 4.96 13.66
N VAL H 163 -28.04 5.39 12.74
CA VAL H 163 -27.05 4.50 12.14
C VAL H 163 -25.65 4.72 12.70
N GLY H 164 -25.51 5.51 13.77
CA GLY H 164 -24.18 5.89 14.24
C GLY H 164 -23.33 4.71 14.66
N ASP H 165 -23.90 3.80 15.45
CA ASP H 165 -23.15 2.63 15.87
C ASP H 165 -22.83 1.72 14.70
N THR H 166 -23.76 1.60 13.75
CA THR H 166 -23.48 0.84 12.54
C THR H 166 -22.32 1.44 11.77
N ILE H 167 -22.28 2.77 11.65
CA ILE H 167 -21.17 3.40 10.94
C ILE H 167 -19.86 3.18 11.69
N VAL H 168 -19.89 3.26 13.01
CA VAL H 168 -18.67 3.05 13.80
C VAL H 168 -18.14 1.65 13.57
N THR H 169 -19.01 0.64 13.64
CA THR H 169 -18.54 -0.73 13.50
C THR H 169 -18.15 -1.06 12.06
N TRP H 170 -18.68 -0.33 11.07
CA TRP H 170 -18.31 -0.52 9.63
C TRP H 170 -16.91 0.07 9.40
N LEU H 171 -16.66 1.30 9.82
CA LEU H 171 -15.32 1.91 9.79
C LEU H 171 -14.30 1.08 10.57
N TRP H 172 -14.71 0.47 11.67
CA TRP H 172 -13.72 -0.34 12.37
C TRP H 172 -13.42 -1.64 11.64
N GLY H 173 -14.41 -2.20 10.94
CA GLY H 173 -14.27 -3.56 10.44
C GLY H 173 -14.41 -4.59 11.52
N GLY H 174 -15.06 -4.24 12.63
CA GLY H 174 -15.18 -5.13 13.77
C GLY H 174 -15.74 -4.36 14.95
N PHE H 175 -15.56 -4.93 16.13
CA PHE H 175 -16.09 -4.36 17.36
C PHE H 175 -15.06 -3.55 18.13
N SER H 176 -13.88 -3.35 17.58
CA SER H 176 -12.83 -2.59 18.23
C SER H 176 -11.81 -2.18 17.17
N VAL H 177 -10.94 -1.24 17.54
CA VAL H 177 -9.82 -0.90 16.68
C VAL H 177 -8.83 -2.06 16.69
N ASP H 178 -8.62 -2.67 15.54
CA ASP H 178 -7.82 -3.89 15.45
C ASP H 178 -7.13 -3.91 14.09
N ASN H 179 -6.67 -5.09 13.69
CA ASN H 179 -5.87 -5.22 12.48
C ASN H 179 -6.62 -4.77 11.23
N ALA H 180 -7.92 -5.04 11.18
CA ALA H 180 -8.72 -4.63 10.02
C ALA H 180 -8.69 -3.12 9.85
N THR H 181 -8.81 -2.39 10.97
CA THR H 181 -8.76 -0.93 10.92
C THR H 181 -7.42 -0.45 10.39
N LEU H 182 -6.32 -1.06 10.86
CA LEU H 182 -5.00 -0.65 10.41
C LEU H 182 -4.80 -0.91 8.92
N ASN H 183 -5.22 -2.09 8.45
CA ASN H 183 -5.04 -2.43 7.04
C ASN H 183 -5.85 -1.50 6.15
N ARG H 184 -7.10 -1.22 6.50
CA ARG H 184 -7.90 -0.33 5.67
C ARG H 184 -7.36 1.09 5.73
N PHE H 185 -6.75 1.51 6.87
CA PHE H 185 -6.17 2.84 7.00
C PHE H 185 -4.95 2.95 6.08
N PHE H 186 -4.19 1.89 6.06
CA PHE H 186 -3.01 1.93 5.21
C PHE H 186 -3.41 2.05 3.74
N SER H 187 -4.37 1.27 3.32
CA SER H 187 -4.85 1.39 1.90
C SER H 187 -5.35 2.80 1.60
N LEU H 188 -6.22 3.37 2.45
CA LEU H 188 -6.70 4.74 2.29
C LEU H 188 -5.57 5.74 2.33
N HIS H 189 -4.58 5.48 3.13
CA HIS H 189 -3.50 6.44 3.25
C HIS H 189 -2.60 6.42 2.02
N TYR H 190 -2.47 5.32 1.26
CA TYR H 190 -1.72 5.34 -0.06
C TYR H 190 -2.56 6.13 -1.10
N LEU H 191 -3.88 5.98 -1.12
CA LEU H 191 -4.78 6.52 -2.14
C LEU H 191 -5.09 7.99 -1.97
N LEU H 192 -5.28 8.37 -0.73
CA LEU H 192 -5.72 9.76 -0.58
C LEU H 192 -4.76 10.81 -1.15
N PRO H 193 -3.43 10.70 -1.03
CA PRO H 193 -2.56 11.76 -1.58
C PRO H 193 -2.71 11.97 -3.08
N PHE H 194 -3.06 10.95 -3.86
CA PHE H 194 -3.25 11.18 -5.30
C PHE H 194 -4.53 11.95 -5.57
N ILE H 195 -5.58 11.69 -4.78
CA ILE H 195 -6.77 12.54 -4.83
C ILE H 195 -6.41 13.96 -4.44
N LEU H 196 -5.46 14.14 -3.51
CA LEU H 196 -5.00 15.48 -3.10
C LEU H 196 -4.24 16.16 -4.24
N VAL H 197 -3.50 15.37 -4.99
CA VAL H 197 -2.79 15.92 -6.16
C VAL H 197 -3.79 16.42 -7.20
N GLY H 198 -4.81 15.59 -7.49
CA GLY H 198 -5.84 16.00 -8.43
C GLY H 198 -6.60 17.23 -7.96
N ALA H 199 -6.94 17.27 -6.67
CA ALA H 199 -7.66 18.42 -6.13
C ALA H 199 -6.80 19.69 -6.20
N SER H 200 -5.50 19.56 -5.97
CA SER H 200 -4.60 20.70 -6.10
C SER H 200 -4.53 21.18 -7.55
N LEU H 201 -4.51 20.25 -8.50
CA LEU H 201 -4.51 20.65 -9.91
C LEU H 201 -5.79 21.41 -10.26
N LEU H 202 -6.94 20.93 -9.81
CA LEU H 202 -8.20 21.62 -10.06
C LEU H 202 -8.20 22.99 -9.37
N HIS H 203 -7.63 23.06 -8.16
CA HIS H 203 -7.49 24.31 -7.43
C HIS H 203 -6.71 25.34 -8.25
N LEU H 204 -5.54 24.93 -8.76
CA LEU H 204 -4.71 25.84 -9.54
C LEU H 204 -5.41 26.25 -10.84
N ALA H 205 -6.11 25.32 -11.49
CA ALA H 205 -6.84 25.69 -12.71
C ALA H 205 -7.92 26.72 -12.43
N ALA H 206 -8.69 26.50 -11.36
CA ALA H 206 -9.74 27.44 -11.00
C ALA H 206 -9.15 28.82 -10.71
N LEU H 207 -8.01 28.86 -10.00
CA LEU H 207 -7.37 30.15 -9.76
C LEU H 207 -6.90 30.80 -11.06
N HIS H 208 -6.33 30.01 -11.96
CA HIS H 208 -5.83 30.56 -13.21
C HIS H 208 -6.93 30.99 -14.16
N GLN H 209 -8.19 30.65 -13.88
CA GLN H 209 -9.28 31.23 -14.66
C GLN H 209 -9.29 32.75 -14.55
N TYR H 210 -8.97 33.29 -13.38
CA TYR H 210 -9.00 34.73 -13.15
C TYR H 210 -7.65 35.33 -12.79
N GLY H 211 -6.65 34.52 -12.50
CA GLY H 211 -5.38 35.02 -12.04
C GLY H 211 -5.40 35.33 -10.55
N SER H 212 -4.22 35.65 -10.03
CA SER H 212 -4.05 35.83 -8.60
C SER H 212 -4.49 37.22 -8.16
N ASN H 213 -5.05 37.29 -6.96
CA ASN H 213 -5.25 38.55 -6.27
C ASN H 213 -3.89 39.08 -5.78
N ASN H 214 -3.84 40.36 -5.46
CA ASN H 214 -2.60 41.04 -5.10
C ASN H 214 -2.77 41.78 -3.78
N PRO H 215 -1.66 42.20 -3.15
CA PRO H 215 -1.76 42.86 -1.83
C PRO H 215 -2.61 44.12 -1.81
N LEU H 216 -2.66 44.87 -2.89
CA LEU H 216 -3.55 46.03 -2.94
C LEU H 216 -5.01 45.65 -3.11
N GLY H 217 -5.28 44.45 -3.61
CA GLY H 217 -6.64 44.01 -3.81
C GLY H 217 -7.37 44.66 -4.97
N VAL H 218 -6.64 45.26 -5.90
CA VAL H 218 -7.24 45.97 -7.01
C VAL H 218 -7.13 45.15 -8.29
N HIS H 219 -7.80 45.62 -9.34
CA HIS H 219 -7.62 45.07 -10.68
C HIS H 219 -6.17 45.28 -11.12
N SER H 220 -5.55 44.25 -11.69
CA SER H 220 -4.11 44.26 -11.92
C SER H 220 -3.69 44.06 -13.37
N GLU H 221 -4.59 44.18 -14.33
CA GLU H 221 -4.24 43.87 -15.72
C GLU H 221 -3.16 44.80 -16.26
N MET H 222 -3.11 46.03 -15.77
CA MET H 222 -2.18 47.01 -16.32
C MET H 222 -0.74 46.81 -15.87
N ASP H 223 -0.47 45.95 -14.89
CA ASP H 223 0.89 45.75 -14.40
C ASP H 223 1.19 44.28 -14.13
N LYS H 224 0.85 43.41 -15.07
CA LYS H 224 1.12 41.99 -14.94
C LYS H 224 2.44 41.64 -15.63
N ILE H 225 3.15 40.66 -15.09
CA ILE H 225 4.40 40.17 -15.66
C ILE H 225 4.34 38.64 -15.71
N ALA H 226 5.30 38.06 -16.41
CA ALA H 226 5.36 36.61 -16.61
C ALA H 226 5.86 35.90 -15.35
N PHE H 227 5.27 34.73 -15.08
CA PHE H 227 5.68 33.98 -13.89
C PHE H 227 7.15 33.57 -13.97
N TYR H 228 7.57 33.04 -15.13
CA TYR H 228 8.99 32.79 -15.22
C TYR H 228 9.67 33.96 -15.92
N PRO H 229 10.85 34.39 -15.46
CA PRO H 229 11.62 33.87 -14.32
C PRO H 229 11.39 34.62 -13.00
N TYR H 230 10.57 35.67 -12.99
CA TYR H 230 10.51 36.57 -11.83
C TYR H 230 9.95 35.84 -10.61
N PHE H 231 8.74 35.32 -10.72
CA PHE H 231 8.17 34.64 -9.57
C PHE H 231 8.78 33.24 -9.40
N TYR H 232 9.45 32.73 -10.42
CA TYR H 232 10.26 31.53 -10.23
C TYR H 232 11.38 31.78 -9.23
N VAL H 233 12.17 32.84 -9.43
CA VAL H 233 13.27 33.12 -8.50
C VAL H 233 12.74 33.57 -7.15
N LYS H 234 11.63 34.32 -7.14
CA LYS H 234 11.01 34.70 -5.87
C LYS H 234 10.59 33.48 -5.07
N ASP H 235 9.99 32.49 -5.75
CA ASP H 235 9.61 31.26 -5.08
C ASP H 235 10.82 30.43 -4.68
N LEU H 236 11.91 30.50 -5.46
CA LEU H 236 13.11 29.75 -5.13
C LEU H 236 13.73 30.23 -3.82
N VAL H 237 13.70 31.53 -3.57
CA VAL H 237 14.17 32.04 -2.28
C VAL H 237 13.40 31.38 -1.13
N GLY H 238 12.07 31.34 -1.24
CA GLY H 238 11.26 30.71 -0.23
C GLY H 238 11.52 29.21 -0.12
N TRP H 239 11.77 28.56 -1.24
CA TRP H 239 12.09 27.13 -1.23
C TRP H 239 13.36 26.85 -0.44
N VAL H 240 14.40 27.66 -0.68
CA VAL H 240 15.67 27.44 0.02
C VAL H 240 15.51 27.74 1.51
N ALA H 241 14.78 28.80 1.86
CA ALA H 241 14.54 29.09 3.27
C ALA H 241 13.74 27.97 3.94
N PHE H 242 12.73 27.45 3.25
CA PHE H 242 11.97 26.32 3.75
C PHE H 242 12.88 25.11 3.94
N ALA H 243 13.83 24.92 3.03
CA ALA H 243 14.78 23.81 3.18
C ALA H 243 15.61 23.96 4.44
N ILE H 244 16.05 25.19 4.74
CA ILE H 244 16.82 25.40 5.97
C ILE H 244 15.97 25.09 7.20
N PHE H 245 14.73 25.60 7.22
CA PHE H 245 13.80 25.34 8.33
C PHE H 245 13.56 23.84 8.51
N PHE H 246 13.24 23.17 7.42
CA PHE H 246 12.98 21.73 7.42
C PHE H 246 14.21 20.96 7.88
N SER H 247 15.39 21.36 7.44
CA SER H 247 16.61 20.68 7.85
C SER H 247 16.86 20.83 9.34
N ILE H 248 16.60 22.02 9.89
CA ILE H 248 16.73 22.20 11.33
C ILE H 248 15.84 21.20 12.05
N TRP H 249 14.57 21.12 11.64
CA TRP H 249 13.66 20.18 12.28
C TRP H 249 14.11 18.72 12.11
N ILE H 250 14.56 18.36 10.91
CA ILE H 250 14.91 16.97 10.62
C ILE H 250 16.14 16.54 11.43
N PHE H 251 17.20 17.35 11.38
CA PHE H 251 18.49 16.91 11.88
C PHE H 251 18.73 17.25 13.35
N TYR H 252 18.08 18.28 13.89
CA TYR H 252 18.39 18.69 15.25
C TYR H 252 17.24 18.60 16.23
N ALA H 253 15.99 18.63 15.76
CA ALA H 253 14.83 18.49 16.64
C ALA H 253 13.80 17.56 16.01
N PRO H 254 14.20 16.33 15.66
CA PRO H 254 13.29 15.46 14.90
C PRO H 254 12.03 15.06 15.65
N ASN H 255 12.05 14.99 16.98
CA ASN H 255 10.91 14.49 17.73
C ASN H 255 10.24 15.51 18.63
N VAL H 256 10.64 16.78 18.57
CA VAL H 256 10.01 17.76 19.45
C VAL H 256 8.64 18.19 18.95
N LEU H 257 8.31 17.92 17.68
CA LEU H 257 7.00 18.24 17.16
C LEU H 257 5.95 17.20 17.52
N GLY H 258 6.37 16.01 17.96
CA GLY H 258 5.46 14.95 18.32
C GLY H 258 5.45 14.67 19.81
N HIS H 259 4.85 13.53 20.16
CA HIS H 259 4.76 13.13 21.55
C HIS H 259 5.56 11.85 21.79
N PRO H 260 6.18 11.72 22.97
CA PRO H 260 6.93 10.49 23.27
C PRO H 260 6.04 9.27 23.37
N ASP H 261 4.73 9.45 23.55
CA ASP H 261 3.84 8.33 23.82
C ASP H 261 3.69 7.42 22.60
N ASN H 262 3.90 7.93 21.39
CA ASN H 262 3.78 7.08 20.22
C ASN H 262 4.97 6.13 20.06
N TYR H 263 6.02 6.29 20.86
CA TYR H 263 7.14 5.32 20.92
C TYR H 263 6.84 4.13 21.86
N ILE H 264 5.69 4.10 22.47
CA ILE H 264 5.25 2.93 23.24
C ILE H 264 4.33 2.11 22.34
N PRO H 265 4.53 0.80 22.23
CA PRO H 265 3.60 -0.03 21.44
C PRO H 265 2.18 0.07 21.96
N ALA H 266 1.23 -0.04 21.04
CA ALA H 266 -0.18 0.17 21.36
C ALA H 266 -0.66 -0.82 22.42
N ASN H 267 -1.34 -0.29 23.43
CA ASN H 267 -1.93 -1.09 24.50
C ASN H 267 -3.42 -0.80 24.59
N PRO H 268 -4.27 -1.71 24.12
CA PRO H 268 -5.72 -1.52 24.26
C PRO H 268 -6.21 -1.65 25.69
N MET H 269 -5.39 -2.14 26.63
CA MET H 269 -5.81 -2.25 28.02
C MET H 269 -5.67 -0.92 28.75
N SER H 270 -4.43 -0.46 28.90
CA SER H 270 -4.19 0.82 29.54
C SER H 270 -4.45 1.96 28.58
N THR H 271 -4.51 3.17 29.11
CA THR H 271 -4.76 4.36 28.31
C THR H 271 -3.82 5.46 28.79
N PRO H 272 -3.11 6.13 27.88
CA PRO H 272 -2.23 7.22 28.30
C PRO H 272 -3.01 8.30 29.00
N PRO H 273 -2.47 8.85 30.09
CA PRO H 273 -3.19 9.93 30.80
C PRO H 273 -3.31 11.20 29.99
N HIS H 274 -2.54 11.36 28.92
CA HIS H 274 -2.56 12.56 28.09
C HIS H 274 -2.61 12.12 26.62
N ILE H 275 -3.82 11.90 26.18
CA ILE H 275 -4.11 11.47 24.80
C ILE H 275 -4.32 12.69 23.93
N VAL H 276 -3.28 13.12 23.28
CA VAL H 276 -3.41 14.27 22.32
C VAL H 276 -3.19 13.93 20.85
N PRO H 277 -3.78 14.71 19.94
CA PRO H 277 -3.44 14.58 18.50
C PRO H 277 -2.19 15.36 18.11
N GLU H 278 -1.75 15.29 16.81
CA GLU H 278 -0.72 16.21 16.36
C GLU H 278 -1.14 17.65 16.60
N TRP H 279 -0.13 18.52 16.67
CA TRP H 279 -0.39 19.92 16.97
C TRP H 279 -1.27 20.59 15.93
N TYR H 280 -1.24 20.12 14.68
CA TYR H 280 -2.02 20.78 13.64
C TYR H 280 -3.50 20.44 13.70
N PHE H 281 -3.86 19.43 14.47
CA PHE H 281 -5.30 19.22 14.74
C PHE H 281 -5.77 19.81 16.09
N LEU H 282 -4.90 20.45 16.85
CA LEU H 282 -5.26 20.92 18.19
C LEU H 282 -6.41 21.91 18.22
N PRO H 283 -6.48 22.94 17.35
CA PRO H 283 -7.62 23.86 17.43
C PRO H 283 -8.98 23.21 17.22
N ILE H 284 -9.01 22.27 16.26
CA ILE H 284 -10.26 21.54 15.98
C ILE H 284 -10.63 20.77 17.23
N TYR H 285 -9.71 20.01 17.77
CA TYR H 285 -9.93 19.21 18.99
C TYR H 285 -10.33 20.08 20.20
N ALA H 286 -9.82 21.28 20.33
CA ALA H 286 -10.28 22.15 21.40
C ALA H 286 -11.73 22.58 21.19
N ILE H 287 -12.08 22.95 19.95
CA ILE H 287 -13.46 23.31 19.65
C ILE H 287 -14.39 22.14 19.92
N LEU H 288 -13.98 20.90 19.67
CA LEU H 288 -14.82 19.72 19.92
C LEU H 288 -14.93 19.48 21.45
N ARG H 289 -13.86 19.69 22.15
CA ARG H 289 -13.97 19.42 23.58
C ARG H 289 -14.78 20.48 24.31
N SER H 290 -14.83 21.70 23.77
CA SER H 290 -15.47 22.80 24.50
C SER H 290 -16.95 22.54 24.73
N ILE H 291 -17.65 22.00 23.73
CA ILE H 291 -19.08 21.73 23.84
C ILE H 291 -19.29 20.54 24.76
N PRO H 292 -20.11 20.68 25.82
CA PRO H 292 -20.30 19.57 26.76
C PRO H 292 -21.34 18.57 26.29
N ASP H 293 -21.30 18.23 25.00
CA ASP H 293 -22.22 17.25 24.44
C ASP H 293 -21.58 16.67 23.19
N LYS H 294 -21.66 15.35 23.04
CA LYS H 294 -21.02 14.67 21.92
C LYS H 294 -21.59 15.14 20.59
N ALA H 295 -22.92 15.09 20.45
CA ALA H 295 -23.55 15.51 19.21
C ALA H 295 -23.29 17.00 18.94
N GLY H 296 -23.38 17.83 19.97
CA GLY H 296 -23.07 19.23 19.82
C GLY H 296 -21.63 19.45 19.38
N GLY H 297 -20.71 18.66 19.92
CA GLY H 297 -19.32 18.78 19.50
C GLY H 297 -19.11 18.45 18.04
N VAL H 298 -19.71 17.35 17.58
CA VAL H 298 -19.60 16.98 16.17
C VAL H 298 -20.23 18.05 15.29
N ALA H 299 -21.38 18.59 15.73
CA ALA H 299 -22.03 19.66 14.98
C ALA H 299 -21.14 20.89 14.90
N ALA H 300 -20.44 21.24 15.98
CA ALA H 300 -19.54 22.39 15.96
C ALA H 300 -18.38 22.16 15.01
N ILE H 301 -17.83 20.95 15.00
CA ILE H 301 -16.75 20.63 14.08
C ILE H 301 -17.21 20.80 12.64
N ALA H 302 -18.41 20.30 12.31
CA ALA H 302 -18.92 20.46 10.95
C ALA H 302 -19.26 21.92 10.65
N LEU H 303 -19.71 22.67 11.66
CA LEU H 303 -20.02 24.08 11.46
C LEU H 303 -18.77 24.88 11.13
N VAL H 304 -17.61 24.45 11.62
CA VAL H 304 -16.36 25.11 11.24
C VAL H 304 -16.19 25.11 9.72
N PHE H 305 -16.36 23.94 9.10
CA PHE H 305 -16.16 23.85 7.66
C PHE H 305 -17.33 24.46 6.90
N ILE H 306 -18.54 24.42 7.46
CA ILE H 306 -19.65 25.13 6.84
C ILE H 306 -19.36 26.63 6.79
N CYS H 307 -18.84 27.18 7.89
CA CYS H 307 -18.49 28.59 7.92
C CYS H 307 -17.39 28.92 6.92
N LEU H 308 -16.40 28.04 6.80
CA LEU H 308 -15.34 28.26 5.81
C LEU H 308 -15.91 28.25 4.39
N LEU H 309 -16.82 27.33 4.10
CA LEU H 309 -17.38 27.23 2.75
C LEU H 309 -18.32 28.38 2.44
N ALA H 310 -19.01 28.91 3.44
CA ALA H 310 -19.98 29.97 3.22
C ALA H 310 -19.36 31.36 3.14
N LEU H 311 -18.10 31.51 3.54
CA LEU H 311 -17.45 32.82 3.55
C LEU H 311 -17.45 33.52 2.19
N PRO H 312 -17.08 32.87 1.08
CA PRO H 312 -17.05 33.59 -0.21
C PRO H 312 -18.39 34.13 -0.66
N PHE H 313 -19.50 33.51 -0.25
CA PHE H 313 -20.81 33.82 -0.80
C PHE H 313 -21.58 34.87 -0.01
N PHE H 314 -21.03 35.33 1.10
CA PHE H 314 -21.71 36.36 1.89
C PHE H 314 -21.65 37.69 1.17
N LYS H 315 -22.80 38.35 1.05
CA LYS H 315 -22.83 39.69 0.48
C LYS H 315 -21.92 40.60 1.29
N SER H 316 -21.05 41.32 0.59
CA SER H 316 -19.93 41.98 1.23
C SER H 316 -19.72 43.34 0.59
N MET H 317 -18.75 44.07 1.13
CA MET H 317 -18.31 45.30 0.49
C MET H 317 -17.39 44.96 -0.68
N TYR H 318 -17.12 45.96 -1.51
CA TYR H 318 -16.36 45.77 -2.73
C TYR H 318 -14.87 45.95 -2.55
N VAL H 319 -14.42 46.35 -1.38
CA VAL H 319 -13.00 46.46 -1.07
C VAL H 319 -12.53 45.13 -0.53
N ARG H 320 -11.33 44.71 -0.96
CA ARG H 320 -10.78 43.40 -0.62
C ARG H 320 -9.72 43.46 0.46
N SER H 321 -8.68 44.26 0.25
CA SER H 321 -7.48 44.17 1.06
C SER H 321 -7.69 44.72 2.46
N SER H 322 -7.12 44.03 3.46
CA SER H 322 -7.06 44.57 4.81
C SER H 322 -6.27 45.86 4.88
N SER H 323 -5.43 46.12 3.88
CA SER H 323 -4.69 47.37 3.79
C SER H 323 -5.59 48.59 3.74
N PHE H 324 -6.86 48.42 3.32
CA PHE H 324 -7.82 49.50 3.27
C PHE H 324 -9.08 49.20 4.07
N ARG H 325 -9.06 48.17 4.92
CA ARG H 325 -10.19 47.82 5.78
C ARG H 325 -9.66 47.66 7.20
N PRO H 326 -9.46 48.77 7.93
CA PRO H 326 -8.86 48.67 9.27
C PRO H 326 -9.64 47.81 10.26
N ILE H 327 -10.97 47.86 10.24
CA ILE H 327 -11.75 47.08 11.19
C ILE H 327 -11.65 45.59 10.88
N TYR H 328 -11.78 45.23 9.59
CA TYR H 328 -11.56 43.85 9.20
C TYR H 328 -10.13 43.40 9.50
N GLN H 329 -9.17 44.31 9.37
CA GLN H 329 -7.78 44.00 9.71
C GLN H 329 -7.64 43.64 11.19
N GLY H 330 -8.26 44.43 12.06
CA GLY H 330 -8.25 44.10 13.48
C GLY H 330 -8.95 42.78 13.78
N MET H 331 -10.08 42.55 13.13
CA MET H 331 -10.76 41.25 13.26
C MET H 331 -9.84 40.12 12.86
N PHE H 332 -9.06 40.30 11.79
CA PHE H 332 -8.16 39.24 11.34
C PHE H 332 -7.10 38.94 12.39
N TRP H 333 -6.49 39.98 12.95
CA TRP H 333 -5.45 39.75 13.94
C TRP H 333 -6.03 39.10 15.20
N LEU H 334 -7.23 39.52 15.60
CA LEU H 334 -7.91 38.86 16.72
C LEU H 334 -8.19 37.39 16.41
N LEU H 335 -8.60 37.09 15.18
CA LEU H 335 -8.85 35.70 14.78
C LEU H 335 -7.58 34.88 14.84
N LEU H 336 -6.46 35.43 14.41
CA LEU H 336 -5.20 34.68 14.44
C LEU H 336 -4.79 34.38 15.88
N ALA H 337 -4.89 35.39 16.76
CA ALA H 337 -4.61 35.16 18.17
C ALA H 337 -5.55 34.11 18.75
N ASP H 338 -6.81 34.14 18.33
CA ASP H 338 -7.79 33.19 18.83
C ASP H 338 -7.48 31.77 18.38
N CYS H 339 -7.04 31.61 17.13
CA CYS H 339 -6.66 30.28 16.64
C CYS H 339 -5.43 29.75 17.38
N LEU H 340 -4.44 30.60 17.63
CA LEU H 340 -3.30 30.17 18.43
C LEU H 340 -3.72 29.78 19.84
N LEU H 341 -4.64 30.55 20.42
CA LEU H 341 -5.18 30.22 21.73
C LEU H 341 -5.90 28.88 21.73
N LEU H 342 -6.70 28.62 20.69
CA LEU H 342 -7.42 27.36 20.60
C LEU H 342 -6.46 26.20 20.48
N GLY H 343 -5.41 26.35 19.67
CA GLY H 343 -4.40 25.31 19.59
C GLY H 343 -3.72 25.03 20.91
N TRP H 344 -3.37 26.09 21.65
CA TRP H 344 -2.76 25.89 22.97
C TRP H 344 -3.74 25.22 23.93
N ILE H 345 -5.01 25.62 23.90
CA ILE H 345 -6.01 25.07 24.80
C ILE H 345 -6.21 23.59 24.53
N GLY H 346 -6.14 23.19 23.25
CA GLY H 346 -6.29 21.79 22.91
C GLY H 346 -5.24 20.91 23.55
N CYS H 347 -4.02 21.43 23.72
CA CYS H 347 -2.98 20.66 24.40
C CYS H 347 -3.19 20.60 25.90
N GLN H 348 -3.98 21.51 26.46
CA GLN H 348 -4.23 21.54 27.89
C GLN H 348 -5.21 20.44 28.28
N PRO H 349 -5.05 19.85 29.46
CA PRO H 349 -6.05 18.89 29.96
C PRO H 349 -7.41 19.54 30.14
N VAL H 350 -8.43 18.70 30.17
CA VAL H 350 -9.80 19.20 30.32
C VAL H 350 -10.06 19.44 31.81
N GLU H 351 -9.81 20.68 32.25
CA GLU H 351 -9.94 21.08 33.63
C GLU H 351 -9.86 22.60 33.68
N ALA H 352 -10.50 23.18 34.69
CA ALA H 352 -10.52 24.62 34.82
C ALA H 352 -9.10 25.17 34.95
N PRO H 353 -8.84 26.38 34.44
CA PRO H 353 -9.77 27.32 33.80
C PRO H 353 -9.88 27.09 32.30
N PHE H 354 -9.25 26.03 31.80
CA PHE H 354 -9.11 25.87 30.35
C PHE H 354 -10.43 25.59 29.65
N VAL H 355 -11.40 25.02 30.35
CA VAL H 355 -12.70 24.72 29.74
C VAL H 355 -13.39 26.01 29.32
N THR H 356 -13.49 26.97 30.25
CA THR H 356 -14.15 28.24 29.94
C THR H 356 -13.37 29.02 28.90
N ILE H 357 -12.03 28.99 28.98
CA ILE H 357 -11.20 29.69 28.01
C ILE H 357 -11.45 29.11 26.61
N GLY H 358 -11.52 27.78 26.51
CA GLY H 358 -11.80 27.16 25.24
C GLY H 358 -13.18 27.51 24.71
N GLN H 359 -14.17 27.57 25.59
CA GLN H 359 -15.52 27.92 25.17
C GLN H 359 -15.56 29.35 24.63
N ILE H 360 -14.92 30.29 25.33
CA ILE H 360 -14.87 31.66 24.86
C ILE H 360 -14.12 31.76 23.53
N SER H 361 -13.01 31.01 23.41
CA SER H 361 -12.21 31.05 22.20
C SER H 361 -12.96 30.52 20.99
N SER H 362 -13.68 29.41 21.15
CA SER H 362 -14.50 28.89 20.07
C SER H 362 -15.61 29.86 19.72
N LEU H 363 -16.18 30.51 20.74
CA LEU H 363 -17.20 31.52 20.50
C LEU H 363 -16.65 32.66 19.64
N VAL H 364 -15.43 33.12 19.94
CA VAL H 364 -14.83 34.22 19.19
C VAL H 364 -14.51 33.78 17.76
N PHE H 365 -14.00 32.55 17.61
CA PHE H 365 -13.75 31.99 16.29
C PHE H 365 -15.00 32.05 15.43
N PHE H 366 -16.15 31.65 16.00
CA PHE H 366 -17.39 31.67 15.23
C PHE H 366 -17.91 33.10 15.04
N LEU H 367 -17.62 34.00 16.00
CA LEU H 367 -18.04 35.39 15.86
C LEU H 367 -17.37 36.06 14.67
N PHE H 368 -16.12 35.69 14.38
CA PHE H 368 -15.46 36.25 13.20
C PHE H 368 -16.34 36.08 11.96
N PHE H 369 -16.81 34.84 11.73
CA PHE H 369 -17.63 34.55 10.57
C PHE H 369 -19.04 35.11 10.71
N ALA H 370 -19.54 35.22 11.93
CA ALA H 370 -20.85 35.84 12.12
C ALA H 370 -20.82 37.33 11.83
N ILE H 371 -19.68 37.98 12.01
CA ILE H 371 -19.61 39.44 12.01
C ILE H 371 -19.12 39.97 10.67
N THR H 372 -18.33 39.17 9.93
CA THR H 372 -17.88 39.60 8.61
C THR H 372 -19.00 40.05 7.67
N PRO H 373 -20.11 39.31 7.52
CA PRO H 373 -21.18 39.79 6.60
C PRO H 373 -21.80 41.12 7.01
N ILE H 374 -22.01 41.35 8.30
CA ILE H 374 -22.63 42.60 8.71
C ILE H 374 -21.66 43.75 8.44
N LEU H 375 -20.36 43.51 8.58
CA LEU H 375 -19.38 44.52 8.22
C LEU H 375 -19.43 44.82 6.74
N GLY H 376 -19.59 43.81 5.89
CA GLY H 376 -19.74 44.07 4.47
C GLY H 376 -20.96 44.92 4.17
N ARG H 377 -22.09 44.56 4.77
CA ARG H 377 -23.33 45.30 4.53
C ARG H 377 -23.21 46.75 5.00
N VAL H 378 -22.60 46.97 6.16
CA VAL H 378 -22.44 48.33 6.67
C VAL H 378 -21.47 49.12 5.79
N GLY H 379 -20.35 48.51 5.41
CA GLY H 379 -19.33 49.18 4.63
C GLY H 379 -19.68 49.44 3.19
N ARG H 380 -20.73 48.79 2.68
CA ARG H 380 -21.21 49.16 1.35
C ARG H 380 -21.59 50.64 1.27
N GLY H 381 -21.93 51.27 2.40
CA GLY H 381 -22.25 52.67 2.46
C GLY H 381 -21.10 53.62 2.70
N ILE H 382 -19.87 53.11 2.77
CA ILE H 382 -18.72 53.99 3.00
C ILE H 382 -18.53 55.01 1.89
N PRO H 383 -18.59 54.67 0.60
CA PRO H 383 -18.35 55.71 -0.43
C PRO H 383 -19.34 56.85 -0.40
N ASN H 384 -20.62 56.58 -0.09
CA ASN H 384 -21.58 57.66 0.07
C ASN H 384 -21.22 58.54 1.27
N SER H 385 -20.83 57.91 2.38
CA SER H 385 -20.60 58.63 3.63
C SER H 385 -19.31 59.44 3.60
N TYR H 386 -18.21 58.88 3.07
CA TYR H 386 -16.92 59.57 3.06
C TYR H 386 -16.73 60.20 1.68
N THR H 387 -17.24 61.43 1.55
CA THR H 387 -17.21 62.16 0.30
C THR H 387 -16.00 63.08 0.24
N ASP H 388 -15.94 63.92 -0.80
CA ASP H 388 -14.84 64.85 -0.99
C ASP H 388 -15.09 66.17 -0.25
N TYR I 93 16.39 57.10 -13.03
CA TYR I 93 16.04 55.79 -12.50
C TYR I 93 15.76 55.86 -11.00
N ASP I 94 14.71 55.16 -10.57
CA ASP I 94 14.44 55.02 -9.14
C ASP I 94 15.59 54.28 -8.47
N ASP I 95 16.08 54.83 -7.37
CA ASP I 95 17.23 54.23 -6.61
C ASP I 95 16.89 53.81 -5.17
N HIS I 96 15.63 53.69 -4.82
CA HIS I 96 15.25 53.22 -3.46
C HIS I 96 15.69 51.78 -3.20
N ASN I 97 15.54 50.93 -4.22
CA ASN I 97 15.89 49.53 -4.07
C ASN I 97 17.29 49.21 -4.57
N HIS I 98 17.74 49.88 -5.63
CA HIS I 98 19.03 49.60 -6.25
C HIS I 98 19.68 50.91 -6.66
N GLU I 99 20.97 51.03 -6.38
CA GLU I 99 21.74 52.19 -6.80
C GLU I 99 22.58 51.79 -8.01
N ARG I 100 22.57 52.65 -9.03
CA ARG I 100 23.21 52.30 -10.30
C ARG I 100 24.72 52.40 -10.19
N TYR I 101 25.40 51.64 -11.04
CA TYR I 101 26.80 51.87 -11.27
C TYR I 101 26.98 53.11 -12.14
N PRO I 102 28.08 53.85 -11.96
CA PRO I 102 28.28 55.07 -12.72
C PRO I 102 28.25 54.82 -14.21
N PRO I 103 27.62 55.71 -14.98
CA PRO I 103 27.60 55.55 -16.44
C PRO I 103 29.02 55.49 -17.00
N GLY I 104 29.20 54.65 -18.01
CA GLY I 104 30.52 54.37 -18.51
C GLY I 104 31.26 53.29 -17.76
N ASP I 105 30.56 52.44 -17.03
CA ASP I 105 31.25 51.38 -16.32
C ASP I 105 30.96 50.03 -16.97
N PRO I 106 31.96 49.15 -17.01
CA PRO I 106 31.76 47.85 -17.67
C PRO I 106 30.74 47.00 -16.93
N SER I 107 30.10 46.10 -17.69
CA SER I 107 29.03 45.28 -17.17
C SER I 107 29.54 44.33 -16.08
N LYS I 108 28.65 44.00 -15.14
CA LYS I 108 28.91 43.07 -14.05
C LYS I 108 28.56 41.63 -14.38
N ARG I 109 28.34 41.32 -15.64
CA ARG I 109 27.93 39.98 -16.11
C ARG I 109 28.86 38.88 -15.59
N ALA I 110 30.16 39.04 -15.77
CA ALA I 110 31.15 38.04 -15.35
C ALA I 110 31.21 37.90 -13.82
N PHE I 111 31.11 38.99 -13.07
CA PHE I 111 30.94 38.87 -11.58
C PHE I 111 29.69 38.02 -11.28
N ALA I 112 28.53 38.38 -11.81
CA ALA I 112 27.27 37.63 -11.59
C ALA I 112 27.30 36.11 -11.92
N TYR I 113 28.10 35.67 -12.90
CA TYR I 113 28.21 34.22 -13.21
C TYR I 113 28.90 33.50 -12.04
N PHE I 114 29.98 34.06 -11.56
CA PHE I 114 30.68 33.55 -10.38
C PHE I 114 29.75 33.42 -9.15
N VAL I 115 28.87 34.38 -8.87
CA VAL I 115 28.02 34.31 -7.63
C VAL I 115 27.02 33.19 -7.89
N LEU I 116 26.55 33.14 -9.13
CA LEU I 116 25.52 32.15 -9.44
C LEU I 116 26.08 30.73 -9.50
N SER I 117 27.31 30.56 -9.92
CA SER I 117 27.93 29.23 -10.02
C SER I 117 28.03 28.70 -8.61
N GLY I 118 28.37 29.63 -7.71
CA GLY I 118 28.43 29.32 -6.29
C GLY I 118 27.23 28.52 -5.79
N GLY I 119 26.03 29.10 -5.88
CA GLY I 119 24.85 28.42 -5.39
C GLY I 119 24.42 27.24 -6.25
N ARG I 120 24.78 27.25 -7.54
CA ARG I 120 24.46 26.10 -8.38
C ARG I 120 25.23 24.87 -7.92
N PHE I 121 26.45 25.05 -7.41
CA PHE I 121 27.17 23.94 -6.77
C PHE I 121 26.29 23.26 -5.72
N VAL I 122 25.70 24.07 -4.83
CA VAL I 122 24.92 23.55 -3.72
C VAL I 122 23.64 22.90 -4.22
N TYR I 123 22.98 23.51 -5.21
CA TYR I 123 21.76 22.91 -5.74
C TYR I 123 22.02 21.53 -6.33
N ALA I 124 23.10 21.41 -7.11
CA ALA I 124 23.45 20.11 -7.67
C ALA I 124 23.77 19.11 -6.57
N SER I 125 24.53 19.53 -5.55
CA SER I 125 24.85 18.63 -4.45
C SER I 125 23.60 18.15 -3.73
N VAL I 126 22.64 19.05 -3.50
CA VAL I 126 21.41 18.67 -2.79
C VAL I 126 20.61 17.67 -3.62
N LEU I 127 20.45 17.93 -4.91
CA LEU I 127 19.76 17.00 -5.79
C LEU I 127 20.41 15.62 -5.71
N ARG I 128 21.74 15.57 -5.82
CA ARG I 128 22.44 14.30 -5.79
C ARG I 128 22.23 13.59 -4.47
N LEU I 129 22.31 14.32 -3.36
CA LEU I 129 22.12 13.70 -2.05
C LEU I 129 20.73 13.08 -1.92
N LEU I 130 19.69 13.84 -2.26
CA LEU I 130 18.34 13.31 -2.07
C LEU I 130 18.08 12.10 -2.96
N VAL I 131 18.50 12.17 -4.22
CA VAL I 131 18.30 11.04 -5.13
C VAL I 131 19.07 9.81 -4.64
N LEU I 132 20.31 10.00 -4.20
CA LEU I 132 21.10 8.86 -3.77
C LEU I 132 20.58 8.26 -2.46
N LYS I 133 20.06 9.10 -1.57
CA LYS I 133 19.43 8.56 -0.36
C LYS I 133 18.24 7.69 -0.72
N LEU I 134 17.39 8.16 -1.63
CA LEU I 134 16.25 7.35 -2.06
C LEU I 134 16.72 6.04 -2.68
N ILE I 135 17.75 6.09 -3.52
CA ILE I 135 18.21 4.89 -4.22
C ILE I 135 18.82 3.89 -3.22
N VAL I 136 19.66 4.37 -2.31
CA VAL I 136 20.34 3.48 -1.38
C VAL I 136 19.39 2.91 -0.33
N SER I 137 18.27 3.59 -0.05
CA SER I 137 17.30 3.00 0.88
C SER I 137 16.76 1.66 0.39
N MET I 138 16.80 1.40 -0.92
CA MET I 138 16.38 0.11 -1.46
C MET I 138 17.47 -0.94 -1.43
N SER I 139 18.71 -0.56 -1.14
CA SER I 139 19.78 -1.55 -1.03
C SER I 139 19.54 -2.41 0.21
N ALA I 140 20.32 -3.49 0.32
CA ALA I 140 20.11 -4.49 1.36
C ALA I 140 20.22 -3.87 2.76
N SER I 141 19.28 -4.21 3.62
CA SER I 141 19.27 -3.68 4.98
C SER I 141 20.37 -4.32 5.82
N LYS I 142 20.73 -3.63 6.91
CA LYS I 142 21.80 -4.11 7.76
C LYS I 142 21.51 -5.49 8.32
N ASP I 143 20.24 -5.75 8.68
CA ASP I 143 19.88 -7.07 9.17
C ASP I 143 19.94 -8.14 8.08
N VAL I 144 19.60 -7.77 6.83
CA VAL I 144 19.72 -8.73 5.73
C VAL I 144 21.17 -9.12 5.53
N LEU I 145 22.06 -8.13 5.50
CA LEU I 145 23.48 -8.39 5.40
C LEU I 145 24.02 -9.15 6.61
N ALA I 146 23.35 -9.04 7.77
CA ALA I 146 23.80 -9.78 8.95
C ALA I 146 23.75 -11.29 8.70
N LEU I 147 22.68 -11.78 8.08
CA LEU I 147 22.52 -13.19 7.77
C LEU I 147 23.07 -13.44 6.37
N ALA I 148 24.41 -13.48 6.27
CA ALA I 148 25.06 -13.76 5.00
C ALA I 148 26.31 -14.64 5.15
N SER I 149 26.42 -15.40 6.24
CA SER I 149 27.60 -16.23 6.46
C SER I 149 27.30 -17.30 7.48
N LEU I 150 27.43 -18.56 7.09
CA LEU I 150 27.25 -19.71 7.97
C LEU I 150 27.60 -20.98 7.18
N GLU I 151 27.86 -22.06 7.92
CA GLU I 151 28.16 -23.35 7.31
C GLU I 151 27.44 -24.45 8.09
N VAL I 152 27.17 -25.56 7.40
CA VAL I 152 26.43 -26.69 7.96
C VAL I 152 27.17 -27.98 7.62
N ASP I 153 26.69 -29.08 8.22
CA ASP I 153 27.23 -30.41 7.99
C ASP I 153 26.20 -31.28 7.27
N LEU I 154 26.65 -32.46 6.84
CA LEU I 154 25.81 -33.36 6.04
C LEU I 154 26.06 -34.79 6.46
N GLY I 155 25.37 -35.71 5.79
CA GLY I 155 25.48 -37.14 6.08
C GLY I 155 25.94 -37.96 4.89
N SER I 156 25.08 -38.89 4.45
CA SER I 156 25.41 -39.74 3.31
C SER I 156 24.12 -40.16 2.62
N ILE I 157 24.26 -40.65 1.39
CA ILE I 157 23.10 -41.06 0.59
C ILE I 157 23.47 -42.24 -0.29
N GLU I 158 22.49 -42.78 -1.02
CA GLU I 158 22.71 -43.94 -1.86
C GLU I 158 23.56 -43.58 -3.08
N PRO I 159 24.29 -44.55 -3.64
CA PRO I 159 25.13 -44.27 -4.81
C PRO I 159 24.34 -44.13 -6.11
N GLY I 160 23.88 -42.92 -6.42
CA GLY I 160 23.18 -42.68 -7.67
C GLY I 160 21.99 -41.76 -7.56
N THR I 161 21.69 -41.29 -6.36
CA THR I 161 20.60 -40.35 -6.13
C THR I 161 21.17 -39.06 -5.55
N THR I 162 20.32 -38.03 -5.54
CA THR I 162 20.73 -36.73 -4.96
C THR I 162 19.76 -36.26 -3.90
N VAL I 163 20.20 -35.42 -3.00
CA VAL I 163 19.37 -34.79 -1.98
C VAL I 163 19.77 -33.33 -1.89
N THR I 164 18.79 -32.42 -2.01
CA THR I 164 19.08 -31.01 -1.87
C THR I 164 19.16 -30.64 -0.39
N VAL I 165 20.03 -29.69 -0.08
CA VAL I 165 20.16 -29.18 1.28
C VAL I 165 20.04 -27.65 1.24
N LYS I 166 20.09 -27.01 2.39
CA LYS I 166 19.62 -25.64 2.54
C LYS I 166 20.75 -24.69 2.95
N TRP I 167 20.65 -23.46 2.47
CA TRP I 167 21.52 -22.35 2.87
C TRP I 167 20.69 -21.08 2.80
N ARG I 168 21.37 -19.93 2.66
CA ARG I 168 20.79 -18.61 2.82
C ARG I 168 19.37 -18.51 2.26
N GLY I 169 19.23 -18.67 0.96
CA GLY I 169 17.95 -18.87 0.32
C GLY I 169 18.14 -19.81 -0.85
N LYS I 170 19.20 -20.62 -0.75
CA LYS I 170 19.82 -21.24 -1.92
C LYS I 170 20.01 -22.73 -1.69
N PRO I 171 19.48 -23.59 -2.56
CA PRO I 171 19.74 -25.03 -2.43
C PRO I 171 21.19 -25.36 -2.76
N VAL I 172 21.66 -26.48 -2.21
CA VAL I 172 22.97 -27.03 -2.50
C VAL I 172 22.80 -28.49 -2.91
N PHE I 173 23.40 -28.87 -4.03
CA PHE I 173 23.24 -30.19 -4.62
C PHE I 173 24.34 -31.13 -4.16
N ILE I 174 23.98 -32.37 -3.84
CA ILE I 174 24.93 -33.42 -3.51
C ILE I 174 24.62 -34.63 -4.37
N ARG I 175 25.66 -35.19 -5.04
CA ARG I 175 25.44 -36.39 -5.91
C ARG I 175 26.70 -37.25 -5.93
N ARG I 176 26.68 -38.32 -5.20
CA ARG I 176 27.78 -39.28 -5.24
C ARG I 176 27.62 -40.13 -6.50
N ARG I 177 28.61 -40.09 -7.37
CA ARG I 177 28.52 -40.71 -8.68
C ARG I 177 29.15 -42.09 -8.68
N THR I 178 28.68 -42.94 -9.59
CA THR I 178 29.17 -44.30 -9.72
C THR I 178 30.37 -44.35 -10.64
N GLU I 179 30.90 -45.56 -10.86
CA GLU I 179 32.08 -45.71 -11.69
C GLU I 179 31.78 -45.41 -13.15
N ASP I 180 30.70 -45.98 -13.69
CA ASP I 180 30.28 -45.65 -15.05
C ASP I 180 29.89 -44.18 -15.16
N ASP I 181 29.37 -43.60 -14.08
CA ASP I 181 29.07 -42.18 -14.07
C ASP I 181 30.35 -41.35 -14.23
N ILE I 182 31.42 -41.75 -13.54
CA ILE I 182 32.70 -41.04 -13.69
C ILE I 182 33.26 -41.26 -15.09
N LYS I 183 33.08 -42.46 -15.64
CA LYS I 183 33.51 -42.71 -17.02
C LYS I 183 32.81 -41.77 -17.98
N LEU I 184 31.50 -41.58 -17.81
CA LEU I 184 30.76 -40.64 -18.65
C LEU I 184 31.24 -39.21 -18.43
N ALA I 185 31.49 -38.84 -17.17
CA ALA I 185 31.85 -37.46 -16.85
C ALA I 185 33.29 -37.14 -17.20
N ASN I 186 34.12 -38.13 -17.53
CA ASN I 186 35.52 -37.91 -17.86
C ASN I 186 35.81 -38.26 -19.32
N SER I 187 34.84 -38.04 -20.20
CA SER I 187 34.98 -38.33 -21.62
C SER I 187 34.46 -37.21 -22.51
N VAL I 188 34.31 -36.00 -21.98
CA VAL I 188 33.78 -34.87 -22.73
C VAL I 188 34.92 -33.94 -23.09
N ASP I 189 34.95 -33.51 -24.35
CA ASP I 189 36.00 -32.59 -24.81
C ASP I 189 35.86 -31.25 -24.11
N VAL I 190 36.96 -30.77 -23.52
CA VAL I 190 36.95 -29.48 -22.85
C VAL I 190 36.77 -28.35 -23.86
N GLY I 191 37.36 -28.50 -25.05
CA GLY I 191 37.26 -27.44 -26.05
C GLY I 191 35.82 -27.17 -26.48
N SER I 192 35.03 -28.24 -26.65
CA SER I 192 33.64 -28.07 -27.05
C SER I 192 32.79 -27.42 -25.98
N LEU I 193 33.23 -27.47 -24.72
CA LEU I 193 32.47 -26.85 -23.64
C LEU I 193 32.56 -25.34 -23.71
N ARG I 194 31.42 -24.67 -23.51
CA ARG I 194 31.40 -23.21 -23.46
C ARG I 194 32.10 -22.67 -22.23
N ASP I 195 32.24 -23.49 -21.18
CA ASP I 195 32.98 -23.14 -19.97
C ASP I 195 33.96 -24.27 -19.71
N PRO I 196 35.13 -24.25 -20.37
CA PRO I 196 36.04 -25.39 -20.32
C PRO I 196 36.55 -25.68 -18.91
N GLN I 197 36.14 -26.82 -18.36
CA GLN I 197 36.56 -27.24 -17.03
C GLN I 197 36.37 -28.75 -16.91
N GLU I 198 37.37 -29.41 -16.36
CA GLU I 198 37.34 -30.86 -16.17
C GLU I 198 36.65 -31.21 -14.86
N ASP I 199 36.14 -32.44 -14.79
CA ASP I 199 35.44 -32.88 -13.59
C ASP I 199 36.37 -32.91 -12.38
N SER I 200 37.64 -33.27 -12.59
CA SER I 200 38.59 -33.41 -11.50
C SER I 200 38.78 -32.08 -10.76
N VAL I 201 38.85 -30.98 -11.50
CA VAL I 201 39.02 -29.68 -10.88
C VAL I 201 37.82 -29.34 -9.98
N ARG I 202 36.62 -29.62 -10.47
CA ARG I 202 35.42 -29.22 -9.76
C ARG I 202 35.19 -30.02 -8.48
N VAL I 203 35.69 -31.25 -8.42
CA VAL I 203 35.42 -32.16 -7.31
C VAL I 203 36.63 -32.24 -6.40
N LYS I 204 36.40 -32.22 -5.09
CA LYS I 204 37.44 -32.52 -4.11
C LYS I 204 37.50 -34.01 -3.77
N ASN I 205 36.55 -34.81 -4.25
CA ASN I 205 36.51 -36.24 -4.05
C ASN I 205 36.26 -36.92 -5.39
N PRO I 206 36.77 -38.13 -5.58
CA PRO I 206 36.60 -38.80 -6.89
C PRO I 206 35.15 -39.03 -7.29
N GLU I 207 34.25 -39.23 -6.33
CA GLU I 207 32.86 -39.55 -6.66
C GLU I 207 31.84 -38.62 -6.04
N TRP I 208 32.18 -37.85 -5.01
CA TRP I 208 31.22 -36.97 -4.35
C TRP I 208 31.21 -35.63 -5.05
N LEU I 209 30.09 -35.28 -5.68
CA LEU I 209 29.94 -34.05 -6.44
C LEU I 209 29.04 -33.10 -5.65
N VAL I 210 29.62 -32.01 -5.16
CA VAL I 210 28.91 -31.01 -4.36
C VAL I 210 28.95 -29.70 -5.10
N VAL I 211 27.79 -29.06 -5.25
CA VAL I 211 27.68 -27.89 -6.10
C VAL I 211 26.46 -27.08 -5.68
N VAL I 212 26.55 -25.76 -5.80
CA VAL I 212 25.39 -24.89 -5.57
C VAL I 212 24.37 -25.14 -6.68
N GLY I 213 23.15 -25.46 -6.29
CA GLY I 213 22.12 -25.83 -7.25
C GLY I 213 21.23 -24.70 -7.70
N VAL I 214 21.83 -23.62 -8.20
CA VAL I 214 21.09 -22.50 -8.77
C VAL I 214 21.53 -22.34 -10.22
N CYS I 215 20.56 -22.26 -11.13
CA CYS I 215 20.86 -22.04 -12.53
C CYS I 215 21.64 -20.75 -12.72
N THR I 216 22.73 -20.83 -13.47
CA THR I 216 23.51 -19.64 -13.78
C THR I 216 22.82 -18.71 -14.76
N HIS I 217 21.69 -19.13 -15.35
CA HIS I 217 20.99 -18.29 -16.31
C HIS I 217 20.19 -17.19 -15.60
N LEU I 218 19.14 -17.58 -14.86
CA LEU I 218 18.26 -16.59 -14.24
C LEU I 218 17.78 -16.98 -12.85
N GLY I 219 18.41 -17.95 -12.20
CA GLY I 219 18.16 -18.20 -10.79
C GLY I 219 17.24 -19.35 -10.44
N CYS I 220 16.70 -20.07 -11.43
CA CYS I 220 15.86 -21.21 -11.10
C CYS I 220 16.70 -22.38 -10.57
N ILE I 221 16.01 -23.37 -10.00
CA ILE I 221 16.67 -24.55 -9.46
C ILE I 221 16.53 -25.67 -10.49
N PRO I 222 17.63 -26.19 -11.03
CA PRO I 222 17.57 -27.21 -12.07
C PRO I 222 17.10 -28.57 -11.52
N LEU I 223 16.14 -29.20 -12.19
CA LEU I 223 15.56 -30.48 -11.73
C LEU I 223 16.60 -31.58 -11.93
N PRO I 224 16.83 -32.47 -10.97
CA PRO I 224 17.84 -33.47 -11.15
C PRO I 224 17.30 -34.61 -12.01
N ASN I 225 18.12 -35.57 -12.31
CA ASN I 225 17.73 -36.75 -13.13
C ASN I 225 16.92 -36.31 -14.37
N ALA I 226 17.31 -35.23 -15.01
CA ALA I 226 16.54 -34.71 -16.16
C ALA I 226 17.49 -34.02 -17.12
N GLY I 227 17.15 -34.04 -18.40
CA GLY I 227 17.98 -33.40 -19.39
C GLY I 227 18.45 -34.39 -20.44
N ASP I 228 19.29 -33.89 -21.33
CA ASP I 228 19.86 -34.69 -22.41
C ASP I 228 21.23 -35.26 -22.06
N TYR I 229 21.68 -35.07 -20.82
CA TYR I 229 23.03 -35.50 -20.44
C TYR I 229 23.06 -36.21 -19.09
N GLY I 230 21.91 -36.68 -18.60
CA GLY I 230 21.89 -37.41 -17.35
C GLY I 230 22.26 -36.59 -16.13
N GLY I 231 22.44 -35.29 -16.30
CA GLY I 231 22.65 -34.39 -15.18
C GLY I 231 21.37 -33.69 -14.78
N TRP I 232 21.33 -32.37 -14.87
CA TRP I 232 20.17 -31.55 -14.48
C TRP I 232 19.49 -30.80 -15.63
N PHE I 233 18.22 -30.46 -15.38
CA PHE I 233 17.45 -29.69 -16.35
C PHE I 233 16.77 -28.54 -15.62
N CYS I 234 16.99 -27.32 -16.11
CA CYS I 234 16.29 -26.15 -15.58
C CYS I 234 15.01 -25.95 -16.38
N PRO I 235 13.83 -26.05 -15.76
CA PRO I 235 12.59 -25.94 -16.53
C PRO I 235 12.36 -24.55 -17.11
N CYS I 236 12.92 -23.52 -16.48
CA CYS I 236 12.52 -22.15 -16.78
C CYS I 236 12.84 -21.78 -18.22
N HIS I 237 14.03 -22.14 -18.71
CA HIS I 237 14.43 -21.73 -20.09
C HIS I 237 15.17 -22.87 -20.81
N GLY I 238 15.20 -24.08 -20.25
CA GLY I 238 15.79 -25.20 -20.95
C GLY I 238 17.30 -25.30 -20.89
N SER I 239 17.89 -25.11 -19.71
CA SER I 239 19.33 -25.21 -19.54
C SER I 239 19.69 -26.61 -19.06
N HIS I 240 20.57 -27.29 -19.81
CA HIS I 240 20.97 -28.65 -19.49
C HIS I 240 22.35 -28.64 -18.85
N TYR I 241 22.47 -29.33 -17.72
CA TYR I 241 23.74 -29.49 -17.02
C TYR I 241 24.10 -30.96 -16.95
N ASP I 242 25.37 -31.27 -17.17
CA ASP I 242 25.83 -32.65 -17.16
C ASP I 242 25.95 -33.13 -15.71
N ILE I 243 26.49 -34.33 -15.54
CA ILE I 243 26.56 -34.91 -14.19
C ILE I 243 27.53 -34.12 -13.31
N SER I 244 28.52 -33.48 -13.92
CA SER I 244 29.44 -32.63 -13.17
C SER I 244 28.90 -31.23 -12.92
N GLY I 245 27.71 -30.91 -13.42
CA GLY I 245 27.17 -29.58 -13.29
C GLY I 245 27.63 -28.59 -14.34
N ARG I 246 28.27 -29.07 -15.41
CA ARG I 246 28.71 -28.20 -16.49
C ARG I 246 27.57 -27.96 -17.46
N ILE I 247 27.38 -26.69 -17.85
CA ILE I 247 26.35 -26.36 -18.82
C ILE I 247 26.71 -26.98 -20.17
N ARG I 248 25.73 -27.63 -20.79
CA ARG I 248 25.90 -28.24 -22.09
C ARG I 248 24.89 -27.78 -23.13
N LYS I 249 23.70 -27.37 -22.72
CA LYS I 249 22.68 -26.89 -23.66
C LYS I 249 21.80 -25.88 -22.95
N GLY I 250 21.52 -24.77 -23.64
CA GLY I 250 20.64 -23.76 -23.09
C GLY I 250 21.30 -22.40 -22.96
N PRO I 251 20.55 -21.43 -22.46
CA PRO I 251 21.08 -20.06 -22.39
C PRO I 251 22.09 -19.84 -21.28
N ALA I 252 22.21 -20.75 -20.32
CA ALA I 252 23.06 -20.51 -19.17
C ALA I 252 24.53 -20.40 -19.60
N PRO I 253 25.26 -19.39 -19.12
CA PRO I 253 26.62 -19.15 -19.63
C PRO I 253 27.72 -19.79 -18.80
N TYR I 254 27.38 -20.30 -17.62
CA TYR I 254 28.36 -20.82 -16.69
C TYR I 254 27.91 -22.19 -16.19
N ASN I 255 28.85 -22.94 -15.65
CA ASN I 255 28.50 -24.18 -14.98
C ASN I 255 28.02 -23.88 -13.56
N LEU I 256 27.34 -24.86 -12.98
CA LEU I 256 26.83 -24.71 -11.62
C LEU I 256 27.99 -24.53 -10.65
N GLU I 257 27.85 -23.54 -9.77
CA GLU I 257 28.96 -23.07 -8.96
C GLU I 257 29.32 -24.07 -7.87
N VAL I 258 30.59 -24.41 -7.78
CA VAL I 258 31.10 -25.29 -6.74
C VAL I 258 31.46 -24.43 -5.53
N PRO I 259 30.86 -24.66 -4.37
CA PRO I 259 31.25 -23.93 -3.16
C PRO I 259 32.41 -24.61 -2.46
N THR I 260 33.02 -23.88 -1.54
CA THR I 260 34.08 -24.44 -0.71
C THR I 260 33.50 -25.50 0.22
N TYR I 261 34.15 -26.66 0.28
CA TYR I 261 33.67 -27.74 1.12
C TYR I 261 34.82 -28.68 1.46
N SER I 262 34.60 -29.50 2.49
CA SER I 262 35.60 -30.46 2.92
C SER I 262 34.92 -31.56 3.72
N PHE I 263 35.65 -32.67 3.88
CA PHE I 263 35.19 -33.81 4.66
C PHE I 263 35.75 -33.70 6.09
N LEU I 264 35.17 -34.50 6.99
CA LEU I 264 35.67 -34.56 8.36
C LEU I 264 36.28 -35.92 8.69
N GLU I 265 35.49 -37.00 8.66
CA GLU I 265 36.09 -38.34 8.65
C GLU I 265 35.66 -39.16 7.44
N GLU I 266 34.36 -39.48 7.31
CA GLU I 266 33.81 -40.10 6.11
C GLU I 266 32.42 -39.62 5.74
N ASN I 267 31.63 -39.09 6.67
CA ASN I 267 30.22 -38.81 6.45
C ASN I 267 29.80 -37.46 7.01
N LYS I 268 30.77 -36.60 7.33
CA LYS I 268 30.50 -35.25 7.84
C LYS I 268 31.14 -34.26 6.87
N LEU I 269 30.33 -33.65 6.02
CA LEU I 269 30.80 -32.73 4.99
C LEU I 269 30.44 -31.31 5.41
N LEU I 270 31.45 -30.46 5.54
CA LEU I 270 31.25 -29.07 5.92
C LEU I 270 31.32 -28.20 4.67
N ILE I 271 30.28 -27.40 4.45
CA ILE I 271 30.20 -26.56 3.26
C ILE I 271 30.77 -25.18 3.55
N ALA J 64 -3.10 16.92 45.75
CA ALA J 64 -4.10 16.66 44.73
C ALA J 64 -3.45 16.21 43.43
N ASP J 65 -3.32 17.13 42.48
CA ASP J 65 -2.74 16.83 41.18
C ASP J 65 -1.22 16.85 41.18
N GLU J 66 -0.59 17.38 42.24
CA GLU J 66 0.86 17.50 42.26
C GLU J 66 1.53 16.13 42.21
N ALA J 67 1.06 15.20 43.05
CA ALA J 67 1.61 13.85 43.01
C ALA J 67 1.27 13.16 41.70
N GLU J 68 0.09 13.44 41.14
CA GLU J 68 -0.35 12.75 39.93
C GLU J 68 0.62 12.96 38.78
N HIS J 69 1.10 14.18 38.60
CA HIS J 69 2.06 14.45 37.52
C HIS J 69 3.46 13.97 37.87
N GLY J 70 3.84 13.99 39.14
CA GLY J 70 5.18 13.66 39.54
C GLY J 70 6.10 14.86 39.55
N LEU J 71 7.11 14.84 40.42
CA LEU J 71 8.05 15.95 40.49
C LEU J 71 8.84 16.08 39.18
N GLU J 72 9.06 17.32 38.77
CA GLU J 72 9.81 17.58 37.54
C GLU J 72 11.25 17.11 37.69
N CYS J 73 11.80 16.65 36.58
CA CYS J 73 13.19 16.24 36.51
C CYS J 73 14.07 17.42 36.13
N PRO J 74 15.22 17.60 36.77
CA PRO J 74 16.11 18.70 36.40
C PRO J 74 16.84 18.41 35.09
N ASN J 75 17.48 19.45 34.56
CA ASN J 75 18.23 19.36 33.33
C ASN J 75 19.71 19.13 33.65
N TYR J 76 20.29 18.10 33.04
CA TYR J 76 21.69 17.75 33.27
C TYR J 76 22.51 17.99 32.01
N PRO J 77 23.79 18.34 32.17
CA PRO J 77 24.69 18.54 31.01
C PRO J 77 25.22 17.23 30.44
N TRP J 78 24.36 16.53 29.71
CA TRP J 78 24.77 15.28 29.10
C TRP J 78 25.86 15.53 28.06
N PRO J 79 26.85 14.65 27.95
CA PRO J 79 27.94 14.89 26.98
C PRO J 79 27.47 14.91 25.53
N HIS J 80 26.29 14.37 25.23
CA HIS J 80 25.79 14.32 23.87
C HIS J 80 24.78 15.42 23.55
N GLU J 81 24.55 16.37 24.46
CA GLU J 81 23.71 17.51 24.14
C GLU J 81 24.54 18.59 23.47
N GLY J 82 24.03 19.15 22.37
CA GLY J 82 24.76 20.12 21.61
C GLY J 82 24.82 19.76 20.13
N ILE J 83 24.71 20.77 19.26
CA ILE J 83 24.60 20.50 17.83
C ILE J 83 25.85 19.85 17.25
N LEU J 84 26.93 19.76 18.01
CA LEU J 84 28.18 19.24 17.48
C LEU J 84 28.84 18.30 18.49
N SER J 85 28.02 17.58 19.25
CA SER J 85 28.50 16.74 20.34
C SER J 85 28.18 15.29 20.07
N SER J 86 29.17 14.43 20.28
CA SER J 86 29.01 12.99 20.10
C SER J 86 28.66 12.32 21.43
N TYR J 87 28.37 11.03 21.34
CA TYR J 87 28.25 10.22 22.54
C TYR J 87 29.62 10.00 23.15
N ASP J 88 29.63 9.71 24.45
CA ASP J 88 30.83 9.28 25.16
C ASP J 88 30.83 7.76 25.12
N HIS J 89 31.62 7.19 24.21
CA HIS J 89 31.52 5.77 23.90
C HIS J 89 32.00 4.88 25.05
N ALA J 90 33.02 5.32 25.78
CA ALA J 90 33.42 4.60 26.99
C ALA J 90 32.25 4.54 27.97
N SER J 91 31.51 5.63 28.11
CA SER J 91 30.34 5.63 28.96
C SER J 91 29.25 4.71 28.43
N ILE J 92 29.12 4.60 27.10
CA ILE J 92 28.15 3.68 26.52
C ILE J 92 28.50 2.24 26.90
N ARG J 93 29.78 1.89 26.79
CA ARG J 93 30.21 0.54 27.14
C ARG J 93 29.99 0.26 28.63
N ARG J 94 30.29 1.24 29.48
CA ARG J 94 30.05 1.07 30.92
C ARG J 94 28.56 0.90 31.22
N GLY J 95 27.72 1.71 30.57
CA GLY J 95 26.29 1.58 30.75
C GLY J 95 25.75 0.26 30.25
N HIS J 96 26.35 -0.29 29.20
CA HIS J 96 25.96 -1.63 28.76
C HIS J 96 26.35 -2.68 29.79
N GLN J 97 27.52 -2.54 30.41
CA GLN J 97 27.88 -3.47 31.49
C GLN J 97 26.89 -3.37 32.64
N VAL J 98 26.48 -2.14 32.98
CA VAL J 98 25.46 -1.94 34.01
C VAL J 98 24.15 -2.61 33.60
N TYR J 99 23.74 -2.46 32.33
CA TYR J 99 22.53 -3.13 31.85
C TYR J 99 22.64 -4.63 32.03
N GLN J 100 23.76 -5.21 31.59
CA GLN J 100 23.93 -6.66 31.65
C GLN J 100 23.84 -7.17 33.08
N GLN J 101 24.48 -6.49 34.02
CA GLN J 101 24.54 -7.04 35.36
C GLN J 101 23.39 -6.61 36.27
N VAL J 102 22.61 -5.60 35.91
CA VAL J 102 21.51 -5.18 36.77
C VAL J 102 20.19 -5.15 36.01
N CYS J 103 20.16 -4.43 34.88
CA CYS J 103 18.88 -4.13 34.24
C CYS J 103 18.28 -5.37 33.59
N ALA J 104 19.11 -6.18 32.92
CA ALA J 104 18.62 -7.25 32.06
C ALA J 104 17.90 -8.35 32.84
N SER J 105 18.05 -8.38 34.16
CA SER J 105 17.34 -9.36 34.96
C SER J 105 15.83 -9.26 34.79
N CYS J 106 15.32 -8.06 34.54
CA CYS J 106 13.88 -7.86 34.39
C CYS J 106 13.46 -6.98 33.23
N HIS J 107 14.39 -6.30 32.56
CA HIS J 107 14.07 -5.47 31.41
C HIS J 107 14.64 -6.08 30.15
N SER J 108 13.85 -6.09 29.09
CA SER J 108 14.31 -6.51 27.78
C SER J 108 14.67 -5.29 26.93
N MET J 109 15.58 -5.50 25.99
CA MET J 109 15.92 -4.51 24.97
C MET J 109 15.84 -5.22 23.62
N SER J 110 14.63 -5.36 23.10
CA SER J 110 14.39 -6.26 21.98
C SER J 110 14.72 -5.65 20.63
N LEU J 111 14.93 -4.34 20.55
CA LEU J 111 15.31 -3.69 19.31
C LEU J 111 16.82 -3.66 19.10
N ILE J 112 17.61 -4.18 20.05
CA ILE J 112 19.06 -4.13 19.99
C ILE J 112 19.60 -5.53 19.80
N SER J 113 20.67 -5.64 19.00
CA SER J 113 21.34 -6.90 18.75
C SER J 113 22.83 -6.73 19.00
N TYR J 114 23.52 -7.86 19.18
CA TYR J 114 24.94 -7.82 19.51
C TYR J 114 25.77 -7.18 18.40
N ARG J 115 25.34 -7.29 17.15
CA ARG J 115 26.07 -6.63 16.07
C ARG J 115 25.97 -5.11 16.14
N ASP J 116 24.94 -4.57 16.80
CA ASP J 116 24.80 -3.12 16.92
C ASP J 116 25.90 -2.53 17.82
N LEU J 117 26.45 -3.32 18.75
CA LEU J 117 27.48 -2.80 19.64
C LEU J 117 28.84 -2.70 18.97
N VAL J 118 29.05 -3.39 17.84
CA VAL J 118 30.36 -3.43 17.20
C VAL J 118 30.66 -2.08 16.58
N GLY J 119 31.86 -1.55 16.85
CA GLY J 119 32.23 -0.24 16.40
C GLY J 119 31.67 0.90 17.21
N VAL J 120 30.91 0.60 18.26
CA VAL J 120 30.33 1.59 19.14
C VAL J 120 30.91 1.47 20.55
N ALA J 121 30.90 0.26 21.11
CA ALA J 121 31.45 0.02 22.43
C ALA J 121 32.33 -1.22 22.53
N TYR J 122 32.30 -2.13 21.56
CA TYR J 122 33.09 -3.35 21.59
C TYR J 122 33.63 -3.62 20.20
N THR J 123 34.64 -4.49 20.13
CA THR J 123 35.10 -5.01 18.86
C THR J 123 34.19 -6.14 18.38
N GLU J 124 34.46 -6.63 17.17
CA GLU J 124 33.68 -7.73 16.63
C GLU J 124 33.87 -8.99 17.45
N GLU J 125 35.12 -9.27 17.85
CA GLU J 125 35.39 -10.49 18.62
C GLU J 125 34.78 -10.42 20.01
N GLU J 126 34.82 -9.24 20.65
CA GLU J 126 34.24 -9.09 21.98
C GLU J 126 32.74 -9.37 21.97
N ALA J 127 32.04 -8.75 21.01
CA ALA J 127 30.61 -8.99 20.87
C ALA J 127 30.33 -10.44 20.48
N LYS J 128 31.20 -11.03 19.66
CA LYS J 128 31.05 -12.43 19.28
C LYS J 128 31.09 -13.34 20.49
N ALA J 129 32.09 -13.16 21.35
CA ALA J 129 32.20 -13.97 22.56
C ALA J 129 31.03 -13.72 23.49
N MET J 130 30.61 -12.46 23.62
CA MET J 130 29.46 -12.13 24.46
C MET J 130 28.20 -12.83 23.96
N ALA J 131 27.97 -12.83 22.65
CA ALA J 131 26.83 -13.55 22.09
C ALA J 131 26.97 -15.05 22.31
N ALA J 132 28.17 -15.59 22.12
CA ALA J 132 28.40 -17.02 22.31
C ALA J 132 28.22 -17.45 23.76
N GLU J 133 28.21 -16.50 24.71
CA GLU J 133 27.95 -16.85 26.10
C GLU J 133 26.47 -17.05 26.41
N ILE J 134 25.56 -16.71 25.53
CA ILE J 134 24.13 -16.90 25.78
C ILE J 134 23.63 -18.12 25.01
N GLU J 135 22.42 -18.55 25.35
CA GLU J 135 21.74 -19.65 24.66
C GLU J 135 20.51 -19.11 23.95
N VAL J 136 20.35 -19.48 22.70
CA VAL J 136 19.25 -19.00 21.86
C VAL J 136 18.46 -20.20 21.36
N VAL J 137 17.14 -20.10 21.42
CA VAL J 137 16.29 -21.15 20.87
C VAL J 137 16.36 -21.09 19.35
N ASP J 138 16.68 -22.23 18.73
CA ASP J 138 16.74 -22.34 17.28
C ASP J 138 15.90 -23.53 16.83
N GLY J 139 15.97 -23.84 15.54
CA GLY J 139 15.25 -24.98 15.01
C GLY J 139 14.13 -24.60 14.08
N PRO J 140 13.35 -25.59 13.63
CA PRO J 140 13.43 -27.02 13.98
C PRO J 140 14.61 -27.72 13.30
N ASN J 141 15.14 -28.78 13.91
CA ASN J 141 16.15 -29.58 13.25
C ASN J 141 15.48 -30.51 12.24
N ASP J 142 16.28 -31.42 11.65
CA ASP J 142 15.75 -32.33 10.65
C ASP J 142 14.70 -33.27 11.22
N GLU J 143 14.74 -33.52 12.53
CA GLU J 143 13.77 -34.39 13.17
C GLU J 143 12.54 -33.63 13.65
N GLY J 144 12.49 -32.31 13.47
CA GLY J 144 11.36 -31.52 13.87
C GLY J 144 11.35 -31.04 15.29
N GLU J 145 12.49 -31.10 15.99
CA GLU J 145 12.56 -30.74 17.40
C GLU J 145 13.40 -29.49 17.58
N MET J 146 12.92 -28.58 18.44
CA MET J 146 13.67 -27.37 18.75
C MET J 146 14.92 -27.70 19.55
N PHE J 147 15.87 -26.77 19.55
CA PHE J 147 17.14 -26.95 20.25
C PHE J 147 17.71 -25.58 20.59
N THR J 148 18.82 -25.60 21.34
CA THR J 148 19.52 -24.39 21.71
C THR J 148 20.92 -24.39 21.09
N ARG J 149 21.47 -23.19 20.98
CA ARG J 149 22.78 -22.99 20.37
C ARG J 149 23.36 -21.70 20.94
N PRO J 150 24.69 -21.56 20.94
CA PRO J 150 25.28 -20.29 21.35
C PRO J 150 24.88 -19.17 20.40
N GLY J 151 24.72 -17.96 20.96
CA GLY J 151 24.24 -16.86 20.17
C GLY J 151 25.28 -16.32 19.20
N LYS J 152 24.80 -15.69 18.14
CA LYS J 152 25.64 -15.03 17.14
C LYS J 152 25.46 -13.52 17.23
N LEU J 153 26.22 -12.83 16.38
CA LEU J 153 26.16 -11.36 16.34
C LEU J 153 24.77 -10.87 15.99
N SER J 154 24.09 -11.55 15.07
CA SER J 154 22.78 -11.11 14.61
C SER J 154 21.67 -11.36 15.62
N ASP J 155 21.92 -12.16 16.66
CA ASP J 155 20.88 -12.43 17.64
C ASP J 155 20.56 -11.19 18.46
N ARG J 156 19.30 -11.03 18.82
CA ARG J 156 18.90 -9.92 19.66
C ARG J 156 19.29 -10.18 21.11
N LEU J 157 19.21 -9.13 21.93
CA LEU J 157 19.47 -9.28 23.35
C LEU J 157 18.43 -10.23 23.95
N PRO J 158 18.85 -11.13 24.84
CA PRO J 158 17.89 -12.12 25.35
C PRO J 158 16.80 -11.48 26.20
N GLU J 159 15.61 -12.06 26.11
CA GLU J 159 14.48 -11.60 26.92
C GLU J 159 14.54 -12.27 28.29
N PRO J 160 14.25 -11.53 29.36
CA PRO J 160 14.24 -12.15 30.70
C PRO J 160 13.00 -12.98 30.99
N TYR J 161 11.90 -12.77 30.27
CA TYR J 161 10.67 -13.50 30.51
C TYR J 161 10.09 -14.01 29.19
N SER J 162 9.32 -15.09 29.28
CA SER J 162 8.70 -15.68 28.11
C SER J 162 7.68 -14.73 27.46
N ASN J 163 6.90 -14.03 28.28
CA ASN J 163 5.82 -13.20 27.78
C ASN J 163 5.52 -12.10 28.79
N GLU J 164 4.59 -11.22 28.42
CA GLU J 164 4.22 -10.11 29.29
C GLU J 164 3.59 -10.59 30.59
N SER J 165 2.74 -11.61 30.52
CA SER J 165 2.09 -12.11 31.73
C SER J 165 3.11 -12.69 32.70
N ALA J 166 4.11 -13.41 32.17
CA ALA J 166 5.15 -13.96 33.03
C ALA J 166 6.00 -12.87 33.67
N ALA J 167 6.22 -11.76 32.95
CA ALA J 167 6.89 -10.61 33.54
C ALA J 167 6.07 -10.01 34.66
N ARG J 168 4.76 -9.84 34.45
CA ARG J 168 3.92 -9.26 35.49
C ARG J 168 3.86 -10.14 36.72
N PHE J 169 3.76 -11.45 36.52
CA PHE J 169 3.66 -12.37 37.66
C PHE J 169 4.91 -12.33 38.54
N ALA J 170 6.08 -12.13 37.94
CA ALA J 170 7.33 -12.08 38.67
C ALA J 170 7.65 -10.71 39.24
N ASN J 171 6.80 -9.71 39.01
CA ASN J 171 7.10 -8.35 39.46
C ASN J 171 5.89 -7.68 40.11
N GLY J 172 5.07 -8.46 40.80
CA GLY J 172 3.93 -7.92 41.51
C GLY J 172 2.76 -7.52 40.64
N GLY J 173 2.72 -7.96 39.39
CA GLY J 173 1.69 -7.54 38.47
C GLY J 173 2.04 -6.34 37.62
N ALA J 174 3.15 -5.68 37.91
CA ALA J 174 3.61 -4.56 37.09
C ALA J 174 4.60 -5.06 36.04
N TYR J 175 4.51 -4.49 34.84
CA TYR J 175 5.33 -4.93 33.73
C TYR J 175 6.50 -4.00 33.54
N PRO J 176 7.74 -4.46 33.70
CA PRO J 176 8.91 -3.64 33.37
C PRO J 176 8.98 -3.39 31.88
N PRO J 177 8.85 -2.14 31.44
CA PRO J 177 8.76 -1.88 30.00
C PRO J 177 10.09 -2.09 29.30
N ASP J 178 9.99 -2.38 28.01
CA ASP J 178 11.18 -2.51 27.16
C ASP J 178 11.94 -1.18 27.14
N LEU J 179 13.26 -1.27 27.25
CA LEU J 179 14.12 -0.11 27.39
C LEU J 179 14.79 0.32 26.09
N SER J 180 14.41 -0.27 24.97
CA SER J 180 15.04 0.07 23.70
C SER J 180 14.82 1.53 23.34
N LEU J 181 13.62 2.06 23.60
CA LEU J 181 13.28 3.44 23.27
C LEU J 181 12.84 4.24 24.48
N VAL J 182 13.23 3.85 25.69
CA VAL J 182 12.69 4.48 26.89
C VAL J 182 13.03 5.98 26.91
N THR J 183 14.26 6.33 26.53
CA THR J 183 14.65 7.74 26.58
C THR J 183 13.88 8.58 25.57
N LYS J 184 13.49 7.99 24.44
CA LYS J 184 12.61 8.68 23.50
C LYS J 184 11.13 8.56 23.87
N ALA J 185 10.78 7.63 24.76
CA ALA J 185 9.39 7.34 25.07
C ALA J 185 8.85 8.09 26.27
N ARG J 186 9.66 8.93 26.92
CA ARG J 186 9.17 9.79 27.98
C ARG J 186 9.64 11.22 27.74
N HIS J 187 8.82 12.16 28.19
CA HIS J 187 9.20 13.57 28.14
C HIS J 187 10.48 13.78 28.95
N ASN J 188 11.41 14.53 28.36
CA ASN J 188 12.72 14.80 28.98
C ASN J 188 13.42 13.49 29.35
N GLY J 189 13.51 12.59 28.37
CA GLY J 189 13.73 11.18 28.67
C GLY J 189 15.02 10.89 29.42
N GLN J 190 16.15 11.43 28.92
CA GLN J 190 17.43 11.17 29.56
C GLN J 190 17.44 11.67 31.00
N ASN J 191 17.05 12.94 31.17
CA ASN J 191 17.03 13.53 32.51
C ASN J 191 16.03 12.82 33.42
N TYR J 192 14.87 12.45 32.88
CA TYR J 192 13.86 11.77 33.68
C TYR J 192 14.37 10.42 34.16
N VAL J 193 15.00 9.64 33.28
CA VAL J 193 15.50 8.33 33.67
C VAL J 193 16.61 8.48 34.70
N PHE J 194 17.52 9.44 34.50
CA PHE J 194 18.58 9.63 35.49
C PHE J 194 18.01 10.03 36.84
N ALA J 195 17.02 10.94 36.86
CA ALA J 195 16.47 11.41 38.12
C ALA J 195 15.67 10.32 38.83
N LEU J 196 14.90 9.50 38.13
CA LEU J 196 14.16 8.36 38.70
C LEU J 196 15.07 7.26 39.17
N LEU J 197 16.17 7.06 38.48
CA LEU J 197 17.10 6.03 38.92
C LEU J 197 17.82 6.43 40.21
N THR J 198 18.15 7.71 40.34
CA THR J 198 18.84 8.24 41.51
C THR J 198 17.92 8.99 42.45
N GLY J 199 16.62 8.72 42.38
CA GLY J 199 15.66 9.49 43.15
C GLY J 199 14.76 8.69 44.08
N TYR J 200 15.24 7.58 44.58
CA TYR J 200 14.45 6.88 45.62
C TYR J 200 14.79 7.53 46.96
N ARG J 201 13.81 8.09 47.62
CA ARG J 201 13.98 8.70 48.93
C ARG J 201 12.68 8.59 49.72
N ASP J 202 12.77 8.94 51.01
CA ASP J 202 11.65 8.76 51.91
C ASP J 202 10.49 9.67 51.55
N PRO J 203 9.25 9.20 51.71
CA PRO J 203 8.09 9.97 51.24
C PRO J 203 7.81 11.17 52.12
N PRO J 204 7.09 12.15 51.60
CA PRO J 204 6.73 13.32 52.42
C PRO J 204 5.83 12.92 53.59
N ALA J 205 5.88 13.73 54.63
CA ALA J 205 5.07 13.47 55.81
C ALA J 205 3.60 13.41 55.42
N GLY J 206 2.90 12.41 55.96
CA GLY J 206 1.51 12.18 55.62
C GLY J 206 1.28 11.33 54.40
N ILE J 207 2.31 10.70 53.85
CA ILE J 207 2.19 9.87 52.66
C ILE J 207 2.68 8.46 53.01
N SER J 208 1.78 7.49 52.89
CA SER J 208 2.08 6.08 53.17
C SER J 208 2.06 5.31 51.87
N ILE J 209 3.06 4.47 51.66
CA ILE J 209 3.21 3.69 50.44
C ILE J 209 2.80 2.25 50.75
N ARG J 210 1.86 1.74 49.97
CA ARG J 210 1.37 0.39 50.21
C ARG J 210 2.48 -0.64 50.00
N GLU J 211 2.31 -1.80 50.63
CA GLU J 211 3.33 -2.84 50.59
C GLU J 211 3.62 -3.26 49.17
N GLY J 212 4.89 -3.48 48.87
CA GLY J 212 5.34 -3.87 47.56
C GLY J 212 5.77 -2.73 46.66
N LEU J 213 5.35 -1.52 46.95
CA LEU J 213 5.76 -0.35 46.19
C LEU J 213 6.84 0.42 46.94
N HIS J 214 7.45 1.37 46.26
CA HIS J 214 8.51 2.22 46.83
C HIS J 214 8.29 3.62 46.33
N TYR J 215 8.52 4.59 47.19
CA TYR J 215 8.24 5.97 46.86
C TYR J 215 9.31 6.56 45.96
N ASN J 216 8.87 7.34 44.96
CA ASN J 216 9.74 8.04 44.05
C ASN J 216 9.02 9.27 43.51
N PRO J 217 9.39 10.47 43.97
CA PRO J 217 8.65 11.67 43.55
C PRO J 217 8.69 11.92 42.05
N TYR J 218 9.72 11.45 41.36
CA TYR J 218 9.78 11.65 39.92
C TYR J 218 8.80 10.76 39.18
N PHE J 219 8.43 9.63 39.78
CA PHE J 219 7.48 8.73 39.15
C PHE J 219 6.07 9.24 39.36
N PRO J 220 5.24 9.27 38.32
CA PRO J 220 3.85 9.76 38.48
C PRO J 220 3.09 8.93 39.50
N GLY J 221 2.34 9.61 40.34
CA GLY J 221 1.66 8.95 41.44
C GLY J 221 2.54 8.81 42.67
N GLY J 222 3.84 8.65 42.45
CA GLY J 222 4.80 8.60 43.53
C GLY J 222 5.18 7.21 44.00
N ALA J 223 4.38 6.20 43.69
CA ALA J 223 4.60 4.83 44.15
C ALA J 223 4.98 3.96 42.95
N ILE J 224 6.23 3.52 42.98
CA ILE J 224 6.84 2.70 41.89
C ILE J 224 6.90 1.22 42.28
N ALA J 225 6.74 0.30 41.33
CA ALA J 225 6.84 -1.14 41.60
C ALA J 225 8.27 -1.64 41.38
N MET J 226 9.15 -0.81 40.84
CA MET J 226 10.57 -1.18 40.73
C MET J 226 11.26 -0.82 42.05
N PRO J 227 11.98 -1.76 42.66
CA PRO J 227 12.83 -1.47 43.81
C PRO J 227 14.06 -0.69 43.37
N LYS J 228 14.75 -0.08 44.30
CA LYS J 228 16.00 0.59 44.02
C LYS J 228 17.11 -0.43 43.78
N MET J 229 17.70 -0.39 42.63
CA MET J 229 18.78 -1.32 42.36
C MET J 229 20.07 -0.69 41.88
N LEU J 230 20.14 0.65 41.81
CA LEU J 230 21.40 1.32 41.59
C LEU J 230 21.99 1.63 42.97
N ASN J 231 22.93 0.80 43.41
CA ASN J 231 23.59 0.97 44.69
C ASN J 231 25.10 0.95 44.45
N ASP J 232 25.83 1.54 45.39
CA ASP J 232 27.27 1.64 45.23
C ASP J 232 27.90 0.26 45.09
N GLU J 233 28.86 0.16 44.17
CA GLU J 233 29.60 -1.08 43.91
C GLU J 233 28.69 -2.20 43.41
N ALA J 234 27.54 -1.84 42.82
CA ALA J 234 26.67 -2.84 42.23
C ALA J 234 27.28 -3.45 40.97
N VAL J 235 28.21 -2.75 40.34
CA VAL J 235 28.88 -3.22 39.12
C VAL J 235 30.37 -3.13 39.34
N GLU J 236 31.12 -4.00 38.67
CA GLU J 236 32.56 -3.83 38.58
C GLU J 236 32.93 -3.38 37.18
N TYR J 237 33.62 -2.24 37.12
CA TYR J 237 33.96 -1.60 35.86
C TYR J 237 35.34 -2.06 35.41
N GLU J 238 35.45 -2.49 34.15
CA GLU J 238 36.74 -2.94 33.64
C GLU J 238 37.75 -1.82 33.55
N ASP J 239 37.29 -0.58 33.38
CA ASP J 239 38.17 0.57 33.26
C ASP J 239 38.60 1.14 34.61
N GLY J 240 37.97 0.73 35.71
CA GLY J 240 38.45 1.11 37.03
C GLY J 240 37.74 2.28 37.68
N THR J 241 36.88 2.97 36.94
CA THR J 241 36.21 4.12 37.52
C THR J 241 35.29 3.68 38.64
N PRO J 242 35.23 4.42 39.75
CA PRO J 242 34.42 3.99 40.90
C PRO J 242 32.96 3.85 40.52
N ALA J 243 32.39 2.69 40.84
CA ALA J 243 31.00 2.39 40.49
C ALA J 243 30.04 2.95 41.54
N THR J 244 30.05 4.27 41.65
CA THR J 244 29.11 4.95 42.51
C THR J 244 27.73 4.99 41.86
N GLU J 245 26.73 5.31 42.67
CA GLU J 245 25.34 5.34 42.21
C GLU J 245 25.16 6.32 41.07
N ALA J 246 25.69 7.53 41.22
CA ALA J 246 25.58 8.55 40.18
C ALA J 246 26.33 8.16 38.93
N GLN J 247 27.55 7.59 39.09
CA GLN J 247 28.32 7.13 37.94
C GLN J 247 27.55 6.09 37.15
N MET J 248 27.02 5.08 37.84
CA MET J 248 26.29 4.01 37.17
C MET J 248 25.03 4.53 36.49
N GLY J 249 24.30 5.43 37.16
CA GLY J 249 23.12 6.01 36.54
C GLY J 249 23.45 6.81 35.30
N LYS J 250 24.49 7.63 35.36
CA LYS J 250 24.91 8.40 34.20
C LYS J 250 25.32 7.48 33.05
N ASP J 251 26.10 6.45 33.35
CA ASP J 251 26.57 5.55 32.31
C ASP J 251 25.42 4.79 31.66
N VAL J 252 24.48 4.31 32.48
CA VAL J 252 23.36 3.53 31.92
C VAL J 252 22.43 4.44 31.13
N VAL J 253 22.25 5.69 31.54
CA VAL J 253 21.44 6.60 30.72
C VAL J 253 22.16 6.92 29.41
N SER J 254 23.49 7.02 29.44
CA SER J 254 24.21 7.19 28.18
C SER J 254 24.00 5.99 27.25
N PHE J 255 24.08 4.78 27.80
CA PHE J 255 23.83 3.57 27.00
C PHE J 255 22.41 3.55 26.46
N LEU J 256 21.42 3.93 27.28
CA LEU J 256 20.03 3.94 26.83
C LEU J 256 19.79 5.01 25.79
N SER J 257 20.42 6.18 25.94
CA SER J 257 20.32 7.23 24.94
C SER J 257 20.86 6.76 23.60
N TRP J 258 22.02 6.09 23.61
CA TRP J 258 22.53 5.54 22.35
C TRP J 258 21.59 4.49 21.79
N ALA J 259 21.06 3.61 22.64
CA ALA J 259 20.22 2.53 22.16
C ALA J 259 18.94 3.04 21.53
N ALA J 260 18.38 4.12 22.08
CA ALA J 260 17.17 4.69 21.51
C ALA J 260 17.45 5.46 20.22
N GLU J 261 18.62 6.11 20.13
CA GLU J 261 18.92 7.01 19.01
C GLU J 261 20.29 6.68 18.43
N PRO J 262 20.45 5.48 17.85
CA PRO J 262 21.78 5.07 17.37
C PRO J 262 22.28 5.87 16.17
N GLU J 263 21.44 6.68 15.54
CA GLU J 263 21.80 7.42 14.34
C GLU J 263 22.16 8.87 14.63
N MET J 264 22.33 9.24 15.90
CA MET J 264 22.42 10.64 16.27
C MET J 264 23.66 11.32 15.67
N GLU J 265 24.80 10.63 15.67
CA GLU J 265 26.04 11.29 15.25
C GLU J 265 26.08 11.56 13.76
N GLU J 266 25.71 10.55 12.97
CA GLU J 266 25.62 10.75 11.49
C GLU J 266 24.62 11.86 11.22
N ARG J 267 23.46 11.83 11.89
CA ARG J 267 22.42 12.82 11.66
C ARG J 267 22.92 14.23 11.97
N LYS J 268 23.67 14.39 13.06
CA LYS J 268 24.17 15.71 13.43
C LYS J 268 25.22 16.21 12.44
N LEU J 269 26.13 15.29 12.05
CA LEU J 269 27.16 15.58 11.05
C LEU J 269 26.51 16.01 9.72
N MET J 270 25.36 15.45 9.40
CA MET J 270 24.60 15.85 8.17
C MET J 270 23.95 17.24 8.36
N GLY J 271 23.29 17.50 9.48
CA GLY J 271 22.69 18.80 9.79
C GLY J 271 23.65 19.96 9.76
N PHE J 272 24.88 19.83 10.28
CA PHE J 272 25.87 20.91 10.19
C PHE J 272 26.23 21.20 8.72
N LYS J 273 26.83 20.24 8.04
CA LYS J 273 27.14 20.38 6.59
C LYS J 273 25.98 20.95 5.75
N TRP J 274 24.79 20.41 5.81
CA TRP J 274 23.65 20.84 4.96
C TRP J 274 23.05 22.22 5.34
N ILE J 275 23.07 22.62 6.61
CA ILE J 275 22.60 23.97 6.99
C ILE J 275 23.65 24.98 6.53
N PHE J 276 24.93 24.74 6.72
CA PHE J 276 25.96 25.63 6.13
C PHE J 276 25.76 25.78 4.59
N LEU J 277 25.56 24.68 3.91
CA LEU J 277 25.43 24.68 2.41
C LEU J 277 24.13 25.35 2.01
N LEU J 278 23.05 25.04 2.69
CA LEU J 278 21.78 25.65 2.33
C LEU J 278 21.75 27.13 2.66
N SER J 279 22.46 27.57 3.69
CA SER J 279 22.58 29.01 3.94
C SER J 279 23.35 29.70 2.83
N LEU J 280 24.43 29.07 2.36
CA LEU J 280 25.12 29.62 1.19
C LEU J 280 24.17 29.71 -0.01
N ALA J 281 23.37 28.65 -0.21
CA ALA J 281 22.41 28.65 -1.32
C ALA J 281 21.37 29.75 -1.14
N LEU J 282 20.98 30.04 0.09
CA LEU J 282 20.00 31.10 0.33
C LEU J 282 20.58 32.46 -0.02
N LEU J 283 21.85 32.70 0.33
CA LEU J 283 22.51 33.93 -0.11
C LEU J 283 22.50 34.03 -1.64
N GLN J 284 22.88 32.96 -2.32
CA GLN J 284 22.89 32.98 -3.78
C GLN J 284 21.50 33.26 -4.35
N ALA J 285 20.48 32.61 -3.78
CA ALA J 285 19.12 32.77 -4.27
C ALA J 285 18.63 34.20 -4.09
N ALA J 286 18.97 34.82 -2.96
CA ALA J 286 18.62 36.22 -2.76
C ALA J 286 19.28 37.09 -3.81
N TYR J 287 20.57 36.87 -4.08
CA TYR J 287 21.25 37.65 -5.11
C TYR J 287 20.60 37.44 -6.47
N TYR J 288 20.22 36.19 -6.77
CA TYR J 288 19.60 35.88 -8.07
C TYR J 288 18.26 36.58 -8.22
N ARG J 289 17.40 36.50 -7.20
CA ARG J 289 16.11 37.17 -7.27
C ARG J 289 16.30 38.66 -7.45
N ARG J 290 17.19 39.27 -6.66
CA ARG J 290 17.37 40.71 -6.73
C ARG J 290 17.95 41.14 -8.07
N LEU J 291 18.90 40.36 -8.61
CA LEU J 291 19.45 40.66 -9.93
C LEU J 291 18.38 40.60 -11.01
N LYS J 292 17.52 39.58 -10.96
CA LYS J 292 16.47 39.47 -11.97
C LYS J 292 15.44 40.59 -11.85
N TRP J 293 15.14 41.00 -10.61
CA TRP J 293 14.09 41.97 -10.37
C TRP J 293 14.57 43.42 -10.43
N SER J 294 15.88 43.65 -10.50
CA SER J 294 16.40 45.03 -10.45
C SER J 294 15.90 45.86 -11.63
N VAL J 295 15.79 45.24 -12.81
CA VAL J 295 15.32 45.97 -13.99
C VAL J 295 13.89 46.47 -13.78
N LEU J 296 13.11 45.76 -12.99
CA LEU J 296 11.74 46.18 -12.68
C LEU J 296 11.67 47.16 -11.52
N LYS J 297 12.52 47.00 -10.50
CA LYS J 297 12.44 47.83 -9.31
C LYS J 297 12.99 49.23 -9.54
N SER J 298 14.00 49.38 -10.38
CA SER J 298 14.62 50.68 -10.63
C SER J 298 13.96 51.45 -11.76
N ARG J 299 12.95 50.87 -12.42
CA ARG J 299 12.36 51.50 -13.59
C ARG J 299 11.65 52.79 -13.21
N LYS J 300 11.73 53.77 -14.10
CA LYS J 300 11.01 55.03 -13.94
C LYS J 300 9.75 54.98 -14.79
N LEU J 301 8.60 55.14 -14.13
CA LEU J 301 7.30 55.07 -14.77
C LEU J 301 6.73 56.48 -14.90
N VAL J 302 6.34 56.85 -16.12
CA VAL J 302 5.77 58.16 -16.40
C VAL J 302 4.34 57.98 -16.89
N LEU J 303 3.40 58.58 -16.17
CA LEU J 303 1.98 58.57 -16.51
C LEU J 303 1.45 60.00 -16.48
N ASP J 304 0.27 60.21 -17.06
CA ASP J 304 -0.36 61.53 -17.01
C ASP J 304 -1.15 61.78 -15.74
N VAL J 305 -1.70 60.72 -15.12
CA VAL J 305 -2.59 60.93 -13.99
C VAL J 305 -1.82 61.52 -12.81
N VAL J 306 -2.56 62.16 -11.92
CA VAL J 306 -1.99 62.79 -10.73
C VAL J 306 -2.74 62.27 -9.49
N ASN J 307 -4.06 62.38 -9.51
CA ASN J 307 -4.90 61.90 -8.43
C ASN J 307 -6.03 61.03 -8.96
N PRO K 5 -7.83 43.36 -23.63
CA PRO K 5 -6.60 44.16 -23.50
C PRO K 5 -6.88 45.61 -23.12
N VAL K 6 -6.33 46.05 -21.98
CA VAL K 6 -6.52 47.42 -21.53
C VAL K 6 -5.65 48.36 -22.34
N LYS K 7 -6.22 49.48 -22.77
CA LYS K 7 -5.47 50.49 -23.50
C LYS K 7 -4.65 51.30 -22.51
N LEU K 8 -3.32 51.26 -22.66
CA LEU K 8 -2.41 51.89 -21.73
C LEU K 8 -1.54 52.91 -22.45
N LYS K 9 -1.28 54.03 -21.80
CA LYS K 9 -0.30 55.01 -22.29
C LYS K 9 0.69 55.23 -21.14
N ALA K 10 1.96 54.97 -21.41
CA ALA K 10 3.00 55.19 -20.42
C ALA K 10 4.35 55.18 -21.11
N VAL K 11 5.34 55.78 -20.43
CA VAL K 11 6.74 55.70 -20.83
C VAL K 11 7.50 55.03 -19.70
N VAL K 12 8.27 53.99 -20.03
CA VAL K 12 9.00 53.21 -19.05
C VAL K 12 10.48 53.22 -19.42
N TYR K 13 11.31 53.71 -18.52
CA TYR K 13 12.76 53.63 -18.65
C TYR K 13 13.27 52.55 -17.71
N ALA K 14 14.12 51.67 -18.22
CA ALA K 14 14.68 50.60 -17.43
C ALA K 14 16.19 50.52 -17.65
N LEU K 15 16.89 50.09 -16.62
CA LEU K 15 18.34 49.94 -16.64
C LEU K 15 18.69 48.46 -16.55
N SER K 16 19.74 48.07 -17.26
CA SER K 16 20.10 46.65 -17.30
C SER K 16 20.50 46.14 -15.92
N PRO K 17 20.16 44.90 -15.58
CA PRO K 17 20.54 44.37 -14.26
C PRO K 17 22.04 44.34 -14.01
N PHE K 18 22.85 44.29 -15.05
CA PHE K 18 24.29 44.22 -14.92
C PHE K 18 24.95 45.59 -14.78
N GLN K 19 24.16 46.66 -14.73
CA GLN K 19 24.68 48.00 -14.52
C GLN K 19 24.29 48.60 -13.18
N GLN K 20 23.79 47.80 -12.24
CA GLN K 20 23.37 48.30 -10.94
C GLN K 20 23.81 47.36 -9.83
N LYS K 21 23.94 47.91 -8.63
CA LYS K 21 24.31 47.11 -7.47
C LYS K 21 23.09 46.38 -6.91
N ILE K 22 23.30 45.12 -6.55
CA ILE K 22 22.20 44.18 -6.38
C ILE K 22 21.76 44.05 -4.92
N MET K 23 22.70 44.19 -4.00
CA MET K 23 22.41 43.86 -2.60
C MET K 23 22.44 45.04 -1.64
N THR K 24 23.11 46.14 -1.91
CA THR K 24 23.31 47.27 -0.94
C THR K 24 21.97 47.86 -0.47
N GLY K 25 20.95 47.85 -1.32
CA GLY K 25 19.61 48.34 -0.99
C GLY K 25 18.97 47.63 0.18
N LEU K 26 19.39 46.40 0.47
CA LEU K 26 18.86 45.73 1.65
C LEU K 26 19.08 46.64 2.86
N TRP K 27 20.27 47.18 3.00
CA TRP K 27 20.63 47.97 4.21
C TRP K 27 20.57 49.48 4.01
N LYS K 28 20.02 49.97 2.91
CA LYS K 28 19.83 51.44 2.83
C LYS K 28 18.53 51.85 3.56
N ASP K 29 18.35 53.16 3.84
CA ASP K 29 17.20 53.74 4.58
C ASP K 29 16.78 52.85 5.76
N LEU K 30 17.74 52.32 6.45
CA LEU K 30 17.29 51.29 7.42
C LEU K 30 16.43 51.88 8.56
N PRO K 31 16.75 53.04 9.15
CA PRO K 31 15.86 53.66 10.14
C PRO K 31 14.47 53.95 9.62
N GLU K 32 14.36 54.39 8.36
CA GLU K 32 13.04 54.62 7.77
C GLU K 32 12.25 53.32 7.67
N LYS K 33 12.98 52.22 7.39
CA LYS K 33 12.32 50.95 7.13
C LYS K 33 11.76 50.47 8.47
N ILE K 34 12.56 50.55 9.52
CA ILE K 34 12.16 50.14 10.86
C ILE K 34 11.03 51.02 11.37
N HIS K 35 11.14 52.34 11.16
CA HIS K 35 10.14 53.28 11.64
C HIS K 35 8.79 53.04 10.98
N HIS K 36 8.79 52.83 9.66
CA HIS K 36 7.54 52.55 8.96
C HIS K 36 6.92 51.25 9.45
N LYS K 37 7.73 50.21 9.62
CA LYS K 37 7.20 48.93 10.09
C LYS K 37 6.57 49.07 11.47
N VAL K 38 7.25 49.77 12.38
CA VAL K 38 6.73 49.90 13.73
C VAL K 38 5.48 50.77 13.75
N SER K 39 5.53 51.92 13.07
CA SER K 39 4.44 52.89 13.17
C SER K 39 3.18 52.41 12.46
N GLU K 40 3.31 51.64 11.38
CA GLU K 40 2.13 51.17 10.69
C GLU K 40 1.52 49.91 11.29
N ASN K 41 2.28 49.15 12.09
CA ASN K 41 1.85 47.82 12.49
C ASN K 41 1.78 47.62 14.00
N TRP K 42 2.03 48.64 14.81
CA TRP K 42 2.03 48.44 16.26
C TRP K 42 0.64 48.09 16.77
N ILE K 43 -0.42 48.64 16.15
CA ILE K 43 -1.77 48.27 16.54
C ILE K 43 -2.04 46.80 16.24
N SER K 44 -1.64 46.34 15.05
CA SER K 44 -1.85 44.93 14.69
C SER K 44 -1.04 44.01 15.59
N ALA K 45 0.21 44.37 15.87
CA ALA K 45 1.04 43.58 16.76
C ALA K 45 0.42 43.51 18.15
N THR K 46 -0.12 44.63 18.64
CA THR K 46 -0.81 44.62 19.92
C THR K 46 -2.04 43.71 19.88
N LEU K 47 -2.87 43.85 18.84
CA LEU K 47 -4.08 43.06 18.74
C LEU K 47 -3.79 41.56 18.62
N LEU K 48 -2.60 41.20 18.16
CA LEU K 48 -2.24 39.79 18.10
C LEU K 48 -1.57 39.29 19.39
N VAL K 49 -0.72 40.10 20.00
CA VAL K 49 0.08 39.63 21.13
C VAL K 49 -0.69 39.72 22.44
N THR K 50 -1.51 40.76 22.62
CA THR K 50 -2.13 40.99 23.91
C THR K 50 -3.06 39.86 24.35
N PRO K 51 -4.02 39.38 23.54
CA PRO K 51 -4.89 38.31 24.04
C PRO K 51 -4.15 37.02 24.38
N VAL K 52 -3.18 36.63 23.55
CA VAL K 52 -2.47 35.37 23.79
C VAL K 52 -1.66 35.44 25.09
N VAL K 53 -0.87 36.49 25.25
CA VAL K 53 -0.03 36.64 26.44
C VAL K 53 -0.89 36.81 27.68
N GLY K 54 -1.97 37.61 27.58
CA GLY K 54 -2.85 37.79 28.73
C GLY K 54 -3.53 36.51 29.16
N THR K 55 -4.07 35.75 28.20
CA THR K 55 -4.71 34.48 28.53
C THR K 55 -3.70 33.51 29.14
N TYR K 56 -2.49 33.47 28.60
CA TYR K 56 -1.47 32.57 29.15
C TYR K 56 -1.12 32.95 30.59
N TRP K 57 -0.87 34.23 30.84
CA TRP K 57 -0.49 34.65 32.19
C TRP K 57 -1.63 34.43 33.17
N TYR K 58 -2.87 34.69 32.75
CA TYR K 58 -4.00 34.44 33.63
C TYR K 58 -4.14 32.96 33.94
N ALA K 59 -3.91 32.09 32.96
CA ALA K 59 -3.98 30.65 33.23
C ALA K 59 -2.90 30.22 34.21
N GLN K 60 -1.69 30.75 34.06
CA GLN K 60 -0.62 30.43 35.01
C GLN K 60 -0.98 30.89 36.42
N TYR K 61 -1.51 32.11 36.54
CA TYR K 61 -1.92 32.61 37.86
C TYR K 61 -3.03 31.77 38.46
N PHE K 62 -4.00 31.35 37.65
CA PHE K 62 -5.06 30.47 38.13
C PHE K 62 -4.49 29.15 38.64
N LYS K 63 -3.55 28.57 37.90
CA LYS K 63 -2.96 27.30 38.31
C LYS K 63 -2.18 27.45 39.61
N GLU K 64 -1.40 28.53 39.75
CA GLU K 64 -0.67 28.75 40.99
C GLU K 64 -1.60 28.94 42.18
N GLN K 65 -2.67 29.72 42.02
CA GLN K 65 -3.61 29.90 43.11
C GLN K 65 -4.31 28.60 43.47
N GLU K 66 -4.71 27.81 42.47
CA GLU K 66 -5.37 26.54 42.74
C GLU K 66 -4.43 25.56 43.43
N LYS K 67 -3.17 25.53 43.01
CA LYS K 67 -2.19 24.66 43.66
C LYS K 67 -1.98 25.05 45.12
N LEU K 68 -1.88 26.35 45.39
CA LEU K 68 -1.65 26.79 46.77
C LEU K 68 -2.84 26.47 47.67
N GLU K 69 -4.06 26.69 47.17
CA GLU K 69 -5.25 26.53 48.00
C GLU K 69 -5.56 25.07 48.32
N HIS K 70 -4.93 24.11 47.64
CA HIS K 70 -5.13 22.70 47.92
C HIS K 70 -4.08 22.13 48.86
N ARG K 71 -3.12 22.94 49.30
CA ARG K 71 -2.07 22.48 50.19
C ARG K 71 -2.59 22.46 51.63
N PHE K 72 -1.74 22.06 52.56
CA PHE K 72 -2.07 22.06 53.98
C PHE K 72 -1.00 22.79 54.78
N VAL L 7 31.17 6.96 48.71
CA VAL L 7 30.50 8.24 48.91
C VAL L 7 29.94 8.75 47.58
N ASP L 8 28.63 8.61 47.40
CA ASP L 8 28.00 9.07 46.17
C ASP L 8 28.10 10.59 46.08
N PRO L 9 28.68 11.13 45.00
CA PRO L 9 28.77 12.59 44.88
C PRO L 9 27.43 13.29 44.87
N LYS L 10 26.39 12.63 44.33
CA LYS L 10 25.07 13.25 44.28
C LYS L 10 24.57 13.57 45.68
N LYS L 11 24.64 12.60 46.59
CA LYS L 11 24.20 12.82 47.96
C LYS L 11 25.03 13.90 48.64
N TYR L 12 26.32 13.96 48.31
CA TYR L 12 27.18 15.01 48.85
C TYR L 12 26.70 16.39 48.41
N LEU L 13 26.39 16.55 47.14
CA LEU L 13 25.88 17.85 46.67
C LEU L 13 24.47 18.12 47.21
N GLU L 14 23.61 17.10 47.48
CA GLU L 14 22.31 17.37 48.09
C GLU L 14 22.47 18.04 49.44
N GLU L 15 23.49 17.66 50.20
CA GLU L 15 23.75 18.30 51.48
C GLU L 15 24.33 19.70 51.30
N SER L 16 25.24 19.85 50.33
CA SER L 16 25.90 21.14 50.12
C SER L 16 24.95 22.21 49.57
N CYS L 17 23.89 21.80 48.88
CA CYS L 17 22.92 22.75 48.34
C CYS L 17 21.82 23.10 49.34
N LYS L 18 21.82 22.46 50.52
CA LYS L 18 20.84 22.76 51.56
C LYS L 18 20.77 24.23 51.96
N PRO L 19 21.89 24.94 52.17
CA PRO L 19 21.78 26.37 52.54
C PRO L 19 21.31 27.26 51.40
N LYS L 20 21.26 26.75 50.17
CA LYS L 20 20.77 27.52 49.04
C LYS L 20 19.25 27.54 48.95
N CYS L 21 18.56 26.71 49.73
CA CYS L 21 17.10 26.62 49.68
C CYS L 21 16.52 26.50 51.08
N VAL L 22 16.96 27.34 52.01
CA VAL L 22 16.46 27.25 53.38
C VAL L 22 14.97 27.63 53.45
N LYS L 23 14.50 28.51 52.56
CA LYS L 23 13.09 28.92 52.61
C LYS L 23 12.14 27.76 52.35
N PRO L 24 12.25 26.99 51.25
CA PRO L 24 11.38 25.82 51.12
C PRO L 24 11.62 24.78 52.20
N LEU L 25 12.86 24.65 52.67
CA LEU L 25 13.17 23.74 53.76
C LEU L 25 12.46 24.11 55.06
N LEU L 26 12.32 25.40 55.36
CA LEU L 26 11.56 25.80 56.54
C LEU L 26 10.06 25.68 56.31
N GLU L 27 9.60 25.99 55.09
CA GLU L 27 8.17 25.91 54.81
C GLU L 27 7.67 24.46 54.88
N TYR L 28 8.49 23.51 54.42
CA TYR L 28 8.11 22.10 54.50
C TYR L 28 8.05 21.61 55.94
N GLN L 29 9.00 22.03 56.76
CA GLN L 29 8.98 21.71 58.18
C GLN L 29 7.76 22.31 58.86
N ALA L 30 7.39 23.54 58.47
CA ALA L 30 6.17 24.14 59.00
C ALA L 30 4.94 23.31 58.63
N CYS L 31 4.87 22.84 57.38
CA CYS L 31 3.76 21.97 56.99
C CYS L 31 3.75 20.68 57.80
N VAL L 32 4.91 20.05 57.97
CA VAL L 32 4.99 18.82 58.74
C VAL L 32 4.49 19.05 60.16
N LYS L 33 4.88 20.18 60.76
CA LYS L 33 4.39 20.52 62.09
C LYS L 33 2.86 20.69 62.08
N ARG L 34 2.33 21.39 61.09
CA ARG L 34 0.90 21.61 61.01
C ARG L 34 0.12 20.32 60.78
N ILE L 35 0.77 19.28 60.26
CA ILE L 35 0.10 17.99 60.07
C ILE L 35 0.49 16.97 61.15
N GLN L 36 1.23 17.37 62.18
CA GLN L 36 1.74 16.47 63.21
C GLN L 36 0.71 15.46 63.68
N GLY L 37 -0.46 15.92 64.07
CA GLY L 37 -1.54 15.02 64.44
C GLY L 37 -2.84 15.36 63.75
N ASP L 38 -3.34 14.45 62.91
CA ASP L 38 -4.58 14.65 62.17
C ASP L 38 -5.62 13.57 62.42
N ASP L 39 -5.26 12.30 62.23
CA ASP L 39 -6.18 11.18 62.36
C ASP L 39 -7.39 11.34 61.44
N SER L 40 -7.15 11.84 60.24
CA SER L 40 -8.19 11.95 59.21
C SER L 40 -7.78 11.30 57.90
N GLY L 41 -6.52 11.41 57.51
CA GLY L 41 -6.03 10.75 56.32
C GLY L 41 -5.72 11.70 55.17
N HIS L 42 -6.58 12.69 54.95
CA HIS L 42 -6.43 13.60 53.82
C HIS L 42 -5.67 14.87 54.23
N LYS L 43 -4.45 14.65 54.72
CA LYS L 43 -3.51 15.74 54.99
C LYS L 43 -2.10 15.21 54.74
N HIS L 44 -1.31 16.02 54.03
CA HIS L 44 0.04 15.63 53.64
C HIS L 44 0.78 16.88 53.16
N CYS L 45 2.07 16.71 52.93
CA CYS L 45 2.95 17.83 52.60
C CYS L 45 3.75 17.53 51.33
N THR L 46 3.07 17.05 50.30
CA THR L 46 3.76 16.74 49.05
C THR L 46 4.22 18.00 48.33
N GLY L 47 3.41 19.06 48.36
CA GLY L 47 3.78 20.28 47.65
C GLY L 47 5.03 20.93 48.19
N GLN L 48 5.12 21.06 49.52
CA GLN L 48 6.31 21.62 50.14
C GLN L 48 7.54 20.78 49.82
N TYR L 49 7.37 19.46 49.88
CA TYR L 49 8.43 18.52 49.55
C TYR L 49 8.90 18.73 48.11
N PHE L 50 7.96 18.86 47.18
CA PHE L 50 8.30 19.05 45.78
C PHE L 50 9.04 20.35 45.57
N ASP L 51 8.59 21.43 46.21
CA ASP L 51 9.29 22.71 46.07
C ASP L 51 10.72 22.61 46.56
N TYR L 52 10.91 22.04 47.76
CA TYR L 52 12.24 21.95 48.34
C TYR L 52 13.16 21.11 47.45
N TRP L 53 12.68 19.96 46.99
CA TRP L 53 13.51 19.12 46.14
C TRP L 53 13.71 19.69 44.75
N GLN L 54 12.78 20.50 44.25
CA GLN L 54 13.02 21.22 43.01
C GLN L 54 14.20 22.16 43.13
N CYS L 55 14.25 22.94 44.22
CA CYS L 55 15.41 23.82 44.42
C CYS L 55 16.69 23.01 44.57
N ILE L 56 16.64 21.93 45.36
CA ILE L 56 17.85 21.12 45.56
C ILE L 56 18.34 20.54 44.22
N ASP L 57 17.43 19.99 43.43
CA ASP L 57 17.80 19.40 42.14
C ASP L 57 18.37 20.44 41.21
N LYS L 58 17.75 21.61 41.15
CA LYS L 58 18.24 22.68 40.28
C LYS L 58 19.59 23.21 40.73
N CYS L 59 20.03 22.91 41.96
CA CYS L 59 21.32 23.44 42.44
C CYS L 59 22.44 22.39 42.20
N VAL L 60 22.17 21.12 42.32
CA VAL L 60 23.11 20.00 42.07
C VAL L 60 23.34 19.69 40.56
N ALA L 61 22.29 19.58 39.78
CA ALA L 61 22.42 19.11 38.37
C ALA L 61 23.56 19.79 37.56
N PRO L 62 23.77 21.11 37.55
CA PRO L 62 24.91 21.75 36.91
C PRO L 62 26.29 21.33 37.45
N LYS L 63 26.44 21.12 38.73
CA LYS L 63 27.71 20.73 39.38
C LYS L 63 27.97 19.22 39.32
N LEU L 64 26.94 18.41 39.23
CA LEU L 64 27.17 16.94 39.33
C LEU L 64 28.00 16.29 38.21
N PHE L 65 27.78 16.63 36.95
CA PHE L 65 28.47 15.85 35.87
C PHE L 65 29.99 16.14 35.86
N ALA L 66 30.45 17.23 36.45
CA ALA L 66 31.89 17.58 36.52
C ALA L 66 32.59 16.72 37.57
N LYS L 67 31.81 16.22 38.52
CA LYS L 67 32.38 15.25 39.49
C LYS L 67 32.27 13.83 38.96
N LEU L 68 31.68 13.60 37.77
CA LEU L 68 31.55 12.26 37.21
C LEU L 68 32.44 12.11 36.00
N LYS L 69 33.05 10.93 35.85
CA LYS L 69 34.02 10.72 34.78
C LYS L 69 34.26 9.23 34.53
N PHE M 13 44.57 29.42 -17.00
CA PHE M 13 43.90 30.65 -16.61
C PHE M 13 42.88 31.09 -17.64
N GLU M 14 43.34 31.87 -18.62
CA GLU M 14 42.44 32.50 -19.58
C GLU M 14 41.73 31.48 -20.47
N GLY M 15 42.35 30.34 -20.76
CA GLY M 15 41.70 29.34 -21.58
C GLY M 15 40.43 28.78 -20.96
N PHE M 16 40.53 28.29 -19.73
CA PHE M 16 39.35 27.81 -19.03
C PHE M 16 38.37 28.94 -18.75
N TYR M 17 38.87 30.11 -18.37
CA TYR M 17 38.03 31.25 -18.06
C TYR M 17 37.29 31.78 -19.29
N LYS M 18 37.79 31.47 -20.50
CA LYS M 18 37.08 31.79 -21.73
C LYS M 18 36.17 30.68 -22.20
N LEU M 19 36.51 29.42 -21.91
CA LEU M 19 35.63 28.30 -22.24
C LEU M 19 34.38 28.25 -21.35
N ILE M 20 34.53 28.56 -20.06
CA ILE M 20 33.42 28.44 -19.12
C ILE M 20 32.33 29.45 -19.45
N MET M 21 32.72 30.67 -19.72
CA MET M 21 31.78 31.72 -20.12
C MET M 21 31.21 31.64 -21.52
N ARG M 22 31.77 30.85 -22.41
CA ARG M 22 31.38 30.86 -23.82
C ARG M 22 30.69 29.59 -24.27
N ARG M 23 30.92 28.45 -23.62
CA ARG M 23 30.25 27.20 -23.96
C ARG M 23 29.55 26.67 -22.72
N ASN M 24 28.26 26.41 -22.85
CA ASN M 24 27.47 25.96 -21.70
C ASN M 24 27.86 24.55 -21.26
N SER M 25 28.37 23.73 -22.18
CA SER M 25 28.83 22.39 -21.78
C SER M 25 30.01 22.48 -20.80
N VAL M 26 30.95 23.39 -21.06
CA VAL M 26 32.07 23.59 -20.16
C VAL M 26 31.58 24.15 -18.82
N TYR M 27 30.72 25.16 -18.84
CA TYR M 27 30.08 25.68 -17.60
C TYR M 27 29.38 24.57 -16.80
N VAL M 28 28.65 23.66 -17.45
CA VAL M 28 28.00 22.58 -16.72
C VAL M 28 29.03 21.64 -16.11
N THR M 29 30.11 21.35 -16.85
CA THR M 29 31.20 20.56 -16.29
C THR M 29 31.81 21.25 -15.07
N PHE M 30 31.98 22.57 -15.16
CA PHE M 30 32.51 23.34 -14.05
C PHE M 30 31.58 23.29 -12.83
N ILE M 31 30.27 23.35 -13.08
CA ILE M 31 29.30 23.24 -11.99
C ILE M 31 29.40 21.88 -11.33
N ILE M 32 29.49 20.81 -12.13
CA ILE M 32 29.56 19.46 -11.57
C ILE M 32 30.82 19.29 -10.75
N ALA M 33 31.96 19.74 -11.28
CA ALA M 33 33.22 19.64 -10.55
C ALA M 33 33.19 20.46 -9.27
N GLY M 34 32.64 21.67 -9.32
CA GLY M 34 32.54 22.49 -8.13
C GLY M 34 31.66 21.85 -7.07
N ALA M 35 30.53 21.27 -7.48
CA ALA M 35 29.69 20.55 -6.53
C ALA M 35 30.45 19.42 -5.87
N PHE M 36 31.13 18.60 -6.68
CA PHE M 36 31.89 17.48 -6.14
C PHE M 36 32.93 17.94 -5.12
N PHE M 37 33.78 18.89 -5.52
CA PHE M 37 34.90 19.28 -4.66
C PHE M 37 34.43 20.06 -3.44
N GLY M 38 33.47 20.97 -3.61
CA GLY M 38 32.97 21.73 -2.49
C GLY M 38 32.28 20.86 -1.47
N GLU M 39 31.49 19.88 -1.91
CA GLU M 39 30.77 19.01 -0.96
C GLU M 39 31.82 18.14 -0.23
N ARG M 40 32.86 17.64 -0.92
CA ARG M 40 33.89 16.87 -0.22
C ARG M 40 34.64 17.75 0.78
N ALA M 41 34.99 18.98 0.40
CA ALA M 41 35.73 19.86 1.30
C ALA M 41 34.91 20.22 2.53
N VAL M 42 33.65 20.52 2.35
CA VAL M 42 32.83 20.74 3.54
C VAL M 42 32.69 19.43 4.33
N ASP M 43 32.39 18.28 3.71
CA ASP M 43 32.37 17.05 4.54
C ASP M 43 33.68 16.90 5.36
N TYR M 44 34.82 17.21 4.80
CA TYR M 44 36.11 17.06 5.48
C TYR M 44 36.25 18.05 6.63
N GLY M 45 35.95 19.32 6.38
CA GLY M 45 36.09 20.32 7.42
C GLY M 45 35.12 20.11 8.58
N VAL M 46 33.87 19.80 8.25
CA VAL M 46 32.85 19.47 9.27
C VAL M 46 33.28 18.24 10.09
N HIS M 47 33.96 17.24 9.54
CA HIS M 47 34.42 16.10 10.34
C HIS M 47 35.65 16.46 11.17
N LYS M 48 36.54 17.31 10.64
CA LYS M 48 37.68 17.77 11.42
C LYS M 48 37.23 18.50 12.68
N LEU M 49 36.30 19.44 12.53
CA LEU M 49 35.87 20.21 13.68
C LEU M 49 35.06 19.35 14.64
N TRP M 50 34.33 18.36 14.12
CA TRP M 50 33.63 17.39 14.96
C TRP M 50 34.62 16.57 15.80
N GLU M 51 35.71 16.13 15.18
CA GLU M 51 36.73 15.39 15.92
C GLU M 51 37.38 16.26 16.99
N ARG M 52 37.65 17.53 16.66
CA ARG M 52 38.27 18.43 17.63
C ARG M 52 37.34 18.69 18.80
N ASN M 53 36.03 18.76 18.56
CA ASN M 53 35.07 19.09 19.60
C ASN M 53 34.71 17.91 20.50
N ASN M 54 35.17 16.70 20.21
CA ASN M 54 34.75 15.51 20.94
C ASN M 54 35.95 14.64 21.32
N VAL M 55 36.99 15.26 21.89
CA VAL M 55 38.24 14.56 22.12
C VAL M 55 38.08 13.58 23.27
N GLY M 56 38.44 12.32 23.02
CA GLY M 56 38.37 11.27 24.02
C GLY M 56 37.08 10.49 24.06
N LYS M 57 36.04 10.96 23.36
CA LYS M 57 34.73 10.34 23.41
C LYS M 57 34.49 9.32 22.30
N ARG M 58 35.50 9.03 21.48
CA ARG M 58 35.32 8.17 20.33
C ARG M 58 35.35 6.70 20.73
N TYR M 59 34.82 5.87 19.83
CA TYR M 59 34.85 4.43 20.05
C TYR M 59 36.28 3.93 20.23
N GLU M 60 37.20 4.45 19.45
CA GLU M 60 38.60 4.04 19.50
C GLU M 60 39.41 4.77 20.57
N ASP M 61 38.78 5.65 21.35
CA ASP M 61 39.42 6.21 22.53
C ASP M 61 39.15 5.41 23.79
N ILE M 62 38.44 4.29 23.68
CA ILE M 62 38.15 3.45 24.83
C ILE M 62 39.43 2.75 25.27
N SER M 63 39.79 2.93 26.54
CA SER M 63 41.02 2.34 27.05
C SER M 63 40.96 0.82 27.06
N VAL M 64 39.82 0.26 27.47
CA VAL M 64 39.68 -1.18 27.62
C VAL M 64 39.13 -1.79 26.34
N LEU M 65 39.21 -1.05 25.25
CA LEU M 65 38.68 -1.51 23.97
C LEU M 65 39.51 -2.71 23.51
N GLY M 66 38.96 -3.90 23.63
CA GLY M 66 39.66 -5.12 23.24
C GLY M 66 39.84 -6.14 24.35
N GLN M 67 39.47 -5.82 25.59
CA GLN M 67 39.54 -6.76 26.70
C GLN M 67 38.18 -6.79 27.40
N ARG M 68 37.30 -7.68 26.95
CA ARG M 68 36.00 -7.84 27.58
C ARG M 68 36.12 -8.61 28.90
N PRO M 69 36.90 -9.71 28.96
CA PRO M 69 37.07 -10.31 30.28
C PRO M 69 38.00 -9.50 31.17
N ILE N 18 30.91 23.76 -34.40
CA ILE N 18 29.84 24.02 -33.44
C ILE N 18 29.01 22.77 -33.24
N ASP N 19 29.25 21.76 -34.09
CA ASP N 19 28.56 20.49 -34.01
C ASP N 19 29.41 19.37 -33.44
N ILE N 20 30.68 19.28 -33.84
CA ILE N 20 31.56 18.27 -33.27
C ILE N 20 32.11 18.73 -31.93
N GLN N 21 32.50 20.00 -31.84
CA GLN N 21 32.99 20.53 -30.57
C GLN N 21 31.90 20.46 -29.51
N ALA N 22 30.66 20.81 -29.87
CA ALA N 22 29.56 20.75 -28.91
C ALA N 22 29.30 19.32 -28.48
N ALA N 23 29.35 18.37 -29.42
CA ALA N 23 29.15 16.97 -29.05
C ALA N 23 30.24 16.49 -28.09
N ALA N 24 31.50 16.86 -28.35
CA ALA N 24 32.57 16.49 -27.45
C ALA N 24 32.39 17.12 -26.07
N GLY N 25 32.00 18.40 -26.03
CA GLY N 25 31.80 19.06 -24.75
C GLY N 25 30.68 18.44 -23.94
N TRP N 26 29.56 18.13 -24.59
CA TRP N 26 28.44 17.52 -23.86
C TRP N 26 28.75 16.09 -23.45
N GLY N 27 29.53 15.36 -24.26
CA GLY N 27 29.97 14.04 -23.83
C GLY N 27 30.88 14.11 -22.62
N ILE N 28 31.78 15.10 -22.58
CA ILE N 28 32.65 15.31 -21.43
C ILE N 28 31.80 15.65 -20.20
N ALA N 29 30.80 16.51 -20.37
CA ALA N 29 29.93 16.87 -19.26
C ALA N 29 29.16 15.64 -18.76
N ALA N 30 28.67 14.81 -19.67
CA ALA N 30 27.95 13.61 -19.26
C ALA N 30 28.85 12.64 -18.53
N ALA N 31 30.08 12.45 -19.00
CA ALA N 31 31.02 11.57 -18.33
C ALA N 31 31.38 12.09 -16.94
N ALA N 32 31.61 13.41 -16.83
CA ALA N 32 31.87 13.99 -15.52
C ALA N 32 30.69 13.83 -14.58
N GLY N 33 29.47 14.03 -15.09
CA GLY N 33 28.30 13.85 -14.26
C GLY N 33 28.10 12.41 -13.83
N ALA N 34 28.45 11.46 -14.69
CA ALA N 34 28.42 10.06 -14.30
C ALA N 34 29.44 9.76 -13.21
N ILE N 35 30.66 10.30 -13.34
CA ILE N 35 31.66 10.13 -12.30
C ILE N 35 31.27 10.80 -11.00
N TRP N 36 30.45 11.86 -11.07
CA TRP N 36 30.03 12.59 -9.87
C TRP N 36 28.84 11.93 -9.17
N VAL N 37 27.85 11.48 -9.94
CA VAL N 37 26.69 10.82 -9.35
C VAL N 37 27.10 9.47 -8.77
N VAL N 38 27.57 8.57 -9.63
CA VAL N 38 28.19 7.34 -9.20
C VAL N 38 29.66 7.63 -8.95
N GLN N 39 30.13 7.32 -7.75
CA GLN N 39 31.51 7.63 -7.42
C GLN N 39 32.30 6.34 -7.20
N PRO N 40 32.71 5.67 -8.27
CA PRO N 40 33.41 4.38 -8.16
C PRO N 40 34.92 4.56 -8.02
N PHE N 41 35.35 5.36 -7.06
CA PHE N 41 36.76 5.56 -6.79
C PHE N 41 37.30 4.27 -6.18
N GLY N 42 37.86 3.41 -7.02
CA GLY N 42 38.27 2.09 -6.63
C GLY N 42 38.04 1.09 -7.74
N TRP N 43 37.25 1.50 -8.72
CA TRP N 43 37.01 0.73 -9.94
C TRP N 43 38.01 1.08 -11.04
N ILE N 44 39.02 1.88 -10.74
CA ILE N 44 40.03 2.27 -11.73
C ILE N 44 40.96 1.11 -12.05
N LYS N 45 40.72 -0.04 -11.44
CA LYS N 45 41.51 -1.24 -11.71
C LYS N 45 41.44 -1.63 -13.18
CHA HEM O . -6.53 5.47 -29.45
CHB HEM O . -6.95 4.67 -24.67
CHC HEM O . -3.13 1.71 -24.92
CHD HEM O . -2.23 3.28 -29.42
C1A HEM O . -7.03 5.43 -28.16
C2A HEM O . -8.32 5.91 -27.74
C3A HEM O . -8.45 5.70 -26.42
C4A HEM O . -7.23 5.06 -25.96
CMA HEM O . -9.67 6.07 -25.55
CAA HEM O . -9.36 6.58 -28.66
CBA HEM O . -10.52 5.64 -28.97
CGA HEM O . -10.00 4.41 -29.70
O1A HEM O . -9.33 4.58 -30.74
O2A HEM O . -10.28 3.29 -29.24
C1B HEM O . -5.98 3.76 -24.30
C2B HEM O . -5.80 3.15 -23.00
C3B HEM O . -4.75 2.31 -23.08
C4B HEM O . -4.21 2.39 -24.43
CMB HEM O . -6.73 3.42 -21.80
CAB HEM O . -4.12 1.40 -21.99
CBB HEM O . -4.28 1.57 -20.68
C1C HEM O . -2.55 1.85 -26.16
C2C HEM O . -1.41 1.13 -26.67
C3C HEM O . -1.17 1.55 -27.92
C4C HEM O . -2.13 2.58 -28.24
CMC HEM O . -0.68 0.04 -25.86
CAC HEM O . -0.07 1.12 -28.93
CBC HEM O . 1.10 0.59 -28.57
C1D HEM O . -3.32 3.99 -29.85
C2D HEM O . -3.52 4.58 -31.16
C3D HEM O . -4.71 5.18 -31.17
C4D HEM O . -5.31 5.00 -29.87
CMD HEM O . -2.52 4.51 -32.33
CAD HEM O . -5.33 5.94 -32.36
CBD HEM O . -6.44 5.07 -32.95
CGD HEM O . -7.03 5.64 -34.22
O1D HEM O . -7.46 4.85 -35.08
O2D HEM O . -7.06 6.89 -34.38
NA HEM O . -6.40 4.92 -27.05
NB HEM O . -4.99 3.28 -25.13
NC HEM O . -2.96 2.73 -27.14
ND HEM O . -4.44 4.28 -29.10
FE HEM O . -4.63 3.90 -27.07
CHA HEM P . -2.83 -8.42 -7.07
CHB HEM P . -3.67 -4.00 -5.36
CHC HEM P . -3.96 -2.20 -9.86
CHD HEM P . -2.86 -6.53 -11.49
C1A HEM P . -3.05 -7.37 -6.21
C2A HEM P . -3.14 -7.47 -4.81
C3A HEM P . -3.40 -6.23 -4.32
C4A HEM P . -3.46 -5.35 -5.42
CMA HEM P . -3.55 -5.86 -2.87
CAA HEM P . -2.96 -8.71 -3.96
CBA HEM P . -4.27 -9.44 -3.70
CGA HEM P . -4.58 -10.47 -4.75
O1A HEM P . -3.76 -11.26 -5.21
O2A HEM P . -5.73 -10.55 -5.14
C1B HEM P . -3.81 -3.12 -6.42
C2B HEM P . -4.09 -1.75 -6.25
C3B HEM P . -4.17 -1.24 -7.51
C4B HEM P . -3.94 -2.32 -8.46
CMB HEM P . -4.22 -1.01 -4.94
CAB HEM P . -4.45 0.15 -7.92
CBB HEM P . -3.84 1.20 -7.42
C1C HEM P . -3.67 -3.22 -10.74
C2C HEM P . -3.57 -3.11 -12.13
C3C HEM P . -3.26 -4.37 -12.61
C4C HEM P . -3.18 -5.23 -11.48
CMC HEM P . -3.78 -1.84 -12.92
CAC HEM P . -3.05 -4.79 -14.02
CBC HEM P . -2.28 -4.08 -14.82
C1D HEM P . -2.77 -7.40 -10.41
C2D HEM P . -2.48 -8.82 -10.57
C3D HEM P . -2.49 -9.34 -9.36
C4D HEM P . -2.76 -8.23 -8.45
CMD HEM P . -2.23 -9.60 -11.86
CAD HEM P . -2.29 -10.78 -8.99
CBD HEM P . -3.70 -11.39 -8.89
CGD HEM P . -3.83 -12.81 -8.38
O1D HEM P . -3.46 -13.83 -8.97
O2D HEM P . -4.32 -13.00 -7.29
NA HEM P . -3.27 -6.06 -6.54
NB HEM P . -3.74 -3.40 -7.72
NC HEM P . -3.45 -4.48 -10.38
ND HEM P . -2.92 -7.10 -9.13
FE HEM P . -3.32 -5.36 -8.44
C1 UQ5 Q . -14.91 9.51 -24.50
C2 UQ5 Q . -15.03 10.69 -25.30
C3 UQ5 Q . -14.19 10.88 -26.40
C4 UQ5 Q . -13.49 9.75 -26.92
C5 UQ5 Q . -13.34 8.63 -26.09
C6 UQ5 Q . -14.13 8.49 -24.91
C1M UQ5 Q . -15.73 9.43 -23.25
C3M UQ5 Q . -14.07 12.30 -28.22
C4M UQ5 Q . -11.59 9.83 -28.37
C7 UQ5 Q . -14.13 7.20 -24.14
C8 UQ5 Q . -12.78 6.83 -23.60
C9 UQ5 Q . -12.05 7.48 -22.72
C10 UQ5 Q . -12.27 8.91 -22.32
C11 UQ5 Q . -10.92 6.77 -22.05
C12 UQ5 Q . -10.20 7.56 -21.04
C13 UQ5 Q . -9.29 6.60 -20.35
C14 UQ5 Q . -8.49 6.82 -19.33
C15 UQ5 Q . -7.85 8.15 -19.04
C16 UQ5 Q . -8.13 5.70 -18.40
C17 UQ5 Q . -8.45 5.88 -16.93
C18 UQ5 Q . -9.62 6.74 -16.58
C19 UQ5 Q . -9.72 7.61 -15.58
C20 UQ5 Q . -9.25 7.33 -14.18
C21 UQ5 Q . -10.24 8.99 -15.80
C22 UQ5 Q . -9.23 10.03 -15.37
C23 UQ5 Q . -9.78 11.42 -15.44
C24 UQ5 Q . -9.96 12.27 -14.42
C25 UQ5 Q . -10.38 13.69 -14.61
C26 UQ5 Q . -9.73 11.84 -13.01
C27 UQ5 Q . -10.95 11.92 -12.12
C28 UQ5 Q . -11.99 10.88 -12.43
C29 UQ5 Q . -12.48 9.95 -11.64
C30 UQ5 Q . -13.19 8.73 -12.16
C31 UQ5 Q . -12.36 10.02 -10.14
O2 UQ5 Q . -15.87 11.53 -25.04
O3 UQ5 Q . -14.19 12.16 -26.82
O4 UQ5 Q . -12.98 9.58 -28.19
O5 UQ5 Q . -12.57 7.75 -26.44
C1 UQ5 R . 9.01 -14.10 -18.12
C2 UQ5 R . 9.86 -15.27 -17.77
C3 UQ5 R . 9.60 -16.04 -16.53
C4 UQ5 R . 8.61 -15.68 -15.71
C5 UQ5 R . 7.76 -14.51 -16.05
C6 UQ5 R . 8.00 -13.73 -17.30
C1M UQ5 R . 9.41 -13.45 -19.41
C3M UQ5 R . 9.89 -18.41 -16.30
C4M UQ5 R . 7.17 -17.14 -14.52
C7 UQ5 R . 7.07 -12.57 -17.51
C8 UQ5 R . 7.80 -11.26 -17.53
C9 UQ5 R . 7.80 -10.36 -18.52
C10 UQ5 R . 7.04 -10.54 -19.79
C11 UQ5 R . 8.59 -9.09 -18.43
C12 UQ5 R . 8.63 -8.35 -17.08
C13 UQ5 R . 9.30 -7.04 -17.29
C14 UQ5 R . 9.73 -6.09 -16.46
C15 UQ5 R . 10.40 -4.83 -16.91
C16 UQ5 R . 9.59 -6.24 -14.96
C17 UQ5 R . 10.84 -5.72 -14.21
C18 UQ5 R . 10.48 -4.74 -13.14
C19 UQ5 R . 10.51 -4.96 -11.82
C20 UQ5 R . 10.89 -6.27 -11.20
C21 UQ5 R . 10.14 -3.88 -10.84
C22 UQ5 R . 10.62 -2.50 -11.27
C23 UQ5 R . 11.40 -1.85 -10.17
C24 UQ5 R . 11.61 -0.55 -9.96
C25 UQ5 R . 11.10 0.57 -10.82
C26 UQ5 R . 12.45 -0.11 -8.78
C27 UQ5 R . 11.93 1.16 -8.10
C28 UQ5 R . 13.01 2.16 -7.88
C29 UQ5 R . 12.90 3.48 -7.70
C30 UQ5 R . 11.59 4.21 -7.67
C31 UQ5 R . 14.10 4.34 -7.50
O2 UQ5 R . 10.77 -15.62 -18.49
O3 UQ5 R . 10.42 -17.08 -16.28
O4 UQ5 R . 8.35 -16.34 -14.57
O5 UQ5 R . 6.87 -14.19 -15.30
O13 3PH S . -6.86 -23.84 -17.89
P 3PH S . -6.93 -24.89 -18.99
O14 3PH S . -5.59 -25.30 -19.60
O12 3PH S . -7.86 -26.07 -18.70
O11 3PH S . -7.72 -24.00 -20.21
C1 3PH S . -7.23 -24.12 -21.50
C2 3PH S . -7.06 -22.77 -22.17
O21 3PH S . -5.66 -22.43 -22.26
C21 3PH S . -5.11 -21.48 -21.51
O22 3PH S . -4.93 -21.56 -20.33
C22 3PH S . -4.71 -20.30 -22.35
C23 3PH S . -4.58 -19.02 -21.55
C24 3PH S . -5.38 -17.87 -22.19
C25 3PH S . -5.10 -17.76 -23.68
C26 3PH S . -6.21 -17.06 -24.46
C27 3PH S . -6.43 -15.63 -23.97
C28 3PH S . -7.91 -15.26 -23.84
C3 3PH S . -7.82 -21.64 -21.53
O31 3PH S . -8.56 -20.89 -22.49
C31 3PH S . -9.87 -21.02 -22.50
O32 3PH S . -10.46 -21.88 -21.89
C32 3PH S . -10.53 -19.98 -23.37
C33 3PH S . -10.39 -20.26 -24.86
C34 3PH S . -11.24 -19.35 -25.72
C35 3PH S . -10.81 -17.89 -25.58
C36 3PH S . -11.93 -16.88 -25.81
C37 3PH S . -11.49 -15.47 -25.46
C38 3PH S . -10.43 -14.88 -26.39
C39 3PH S . -10.34 -13.37 -26.26
C3A 3PH S . -10.04 -12.62 -27.55
C3B 3PH S . -11.11 -12.87 -28.61
C3C 3PH S . -12.54 -12.70 -28.10
C3D 3PH S . -13.52 -13.65 -28.75
C48 PGT T . -12.32 5.50 -18.05
C47 PGT T . -13.58 4.96 -18.62
C46 PGT T . -13.61 5.03 -20.13
C45 PGT T . -14.56 6.07 -20.63
C44 PGT T . -15.92 5.96 -20.04
C43 PGT T . -16.91 6.96 -20.57
C42 PGT T . -16.73 8.37 -20.03
C41 PGT T . -18.03 9.07 -19.76
C40 PGT T . -19.16 8.67 -20.67
C39 PGT T . -19.12 9.31 -22.04
C38 PGT T . -19.48 10.77 -22.05
C37 PGT T . -20.84 11.05 -21.48
C36 PGT T . -21.11 12.52 -21.26
C35 PGT T . -22.56 12.83 -20.98
C34 PGT T . -22.89 14.29 -20.94
C33 PGT T . -24.17 14.58 -21.67
C32 PGT T . -24.58 15.99 -21.59
C31 PGT T . -25.95 16.21 -22.16
O31 PGT T . -26.60 15.38 -22.72
O2 PGT T . -26.42 17.43 -21.89
C2 PGT T . -27.74 17.53 -21.29
C1 PGT T . -28.72 17.79 -22.41
O3P PGT T . -28.61 19.19 -22.68
P PGT T . -28.63 19.76 -24.17
O1P PGT T . -30.03 19.72 -24.73
O2P PGT T . -27.50 19.14 -24.96
O4P PGT T . -28.33 21.28 -23.80
C4 PGT T . -29.02 21.80 -22.64
C5 PGT T . -28.09 22.55 -21.74
O5 PGT T . -26.88 21.82 -21.54
C6 PGT T . -28.69 22.92 -20.41
O6 PGT T . -27.97 23.99 -19.78
C3 PGT T . -27.67 18.64 -20.27
O3 PGT T . -27.03 18.14 -19.07
C11 PGT T . -25.91 18.73 -18.67
O11 PGT T . -24.84 18.21 -18.73
C12 PGT T . -26.16 20.07 -18.10
C13 PGT T . -25.66 20.23 -16.69
C14 PGT T . -24.15 20.26 -16.59
C15 PGT T . -23.61 20.52 -15.21
C16 PGT T . -22.11 20.43 -15.09
C48 PGT U . -21.21 -12.17 -27.79
C47 PGT U . -22.04 -11.74 -26.57
C46 PGT U . -21.34 -10.61 -25.81
C45 PGT U . -19.95 -11.07 -25.35
C44 PGT U . -20.08 -12.32 -24.47
C43 PGT U . -19.06 -13.37 -24.96
C42 PGT U . -19.72 -14.78 -24.94
C41 PGT U . -19.03 -15.69 -25.99
C40 PGT U . -18.20 -16.79 -25.28
C39 PGT U . -16.84 -16.19 -24.81
C38 PGT U . -15.94 -17.31 -24.20
C37 PGT U . -16.45 -17.66 -22.77
C36 PGT U . -15.27 -18.21 -21.90
C35 PGT U . -14.52 -19.31 -22.69
C34 PGT U . -14.06 -20.46 -21.74
C33 PGT U . -15.18 -20.79 -20.72
C32 PGT U . -15.30 -22.32 -20.56
C31 PGT U . -14.42 -22.82 -19.38
O31 PGT U . -13.37 -22.33 -19.18
O2 PGT U . -14.89 -23.85 -18.53
C2 PGT U . -15.69 -23.42 -17.44
C1 PGT U . -15.29 -24.19 -16.17
O3P PGT U . -15.90 -25.47 -16.18
P PGT U . -15.82 -26.41 -14.79
O1P PGT U . -14.48 -26.21 -14.12
O2P PGT U . -15.97 -27.87 -15.16
O4P PGT U . -17.01 -25.99 -13.73
C4 PGT U . -18.33 -26.44 -13.96
C5 PGT U . -19.29 -25.24 -13.90
O5 PGT U . -20.36 -25.45 -14.77
C6 PGT U . -18.55 -23.98 -14.35
O6 PGT U . -18.61 -23.02 -13.34
C3 PGT U . -17.16 -23.68 -17.73
O3 PGT U . -17.67 -22.64 -18.54
C11 PGT U . -19.07 -22.43 -18.39
O11 PGT U . -19.65 -22.92 -17.50
C12 PGT U . -19.82 -21.52 -19.39
C13 PGT U . -20.86 -20.69 -18.64
C14 PGT U . -21.52 -19.70 -19.62
C15 PGT U . -22.70 -18.99 -18.91
C16 PGT U . -24.02 -19.62 -19.35
C17 PGT U . -25.11 -19.37 -18.29
C18 PGT U . -26.16 -18.40 -18.84
C19 PGT U . -26.94 -17.78 -17.68
C20 PGT U . -27.96 -16.75 -18.18
C21 PGT U . -28.67 -17.24 -19.47
C22 PGT U . -28.46 -16.20 -20.60
C23 PGT U . -29.61 -16.35 -21.62
C24 PGT U . -29.79 -15.04 -22.41
C25 PGT U . -31.13 -15.07 -23.16
C26 PGT U . -31.40 -13.70 -23.79
C1 CDL V . -29.36 10.03 -20.90
O1 CDL V . -29.58 10.10 -19.49
CA2 CDL V . -29.74 11.36 -21.52
OA2 CDL V . -28.89 12.38 -20.96
PA1 CDL V . -29.55 13.77 -20.53
OA3 CDL V . -30.79 13.41 -19.80
OA4 CDL V . -29.59 14.71 -21.69
OA5 CDL V . -28.54 14.37 -19.43
CA3 CDL V . -27.12 14.11 -19.56
CA4 CDL V . -26.67 13.19 -18.45
OA6 CDL V . -26.63 11.83 -18.94
CA5 CDL V . -25.74 11.01 -18.39
OA7 CDL V . -25.72 10.71 -17.22
C11 CDL V . -24.77 10.49 -19.39
C12 CDL V . -24.39 9.09 -19.15
C13 CDL V . -22.90 8.88 -19.29
C14 CDL V . -22.43 7.57 -18.78
C15 CDL V . -21.86 7.60 -17.39
C16 CDL V . -21.13 6.34 -17.02
C17 CDL V . -19.81 6.19 -17.73
C18 CDL V . -19.34 4.76 -17.88
C19 CDL V . -19.67 3.87 -16.72
C20 CDL V . -18.74 2.70 -16.56
C21 CDL V . -17.34 3.10 -16.13
C22 CDL V . -17.30 4.04 -14.95
CA6 CDL V . -27.55 13.26 -17.23
OA8 CDL V . -26.88 14.06 -16.23
CA7 CDL V . -26.97 15.37 -16.37
OA9 CDL V . -28.02 15.93 -16.55
C31 CDL V . -25.63 16.05 -16.27
C32 CDL V . -24.48 15.11 -16.07
C33 CDL V . -23.14 15.73 -16.43
CB2 CDL V . -30.14 8.88 -21.46
OB2 CDL V . -30.06 7.68 -20.63
PB2 CDL V . -28.74 6.78 -20.57
OB3 CDL V . -29.18 5.38 -20.27
OB4 CDL V . -27.86 7.04 -21.75
OB5 CDL V . -28.00 7.35 -19.26
CB3 CDL V . -28.37 6.82 -17.98
CB4 CDL V . -27.47 5.70 -17.49
OB6 CDL V . -26.65 5.04 -18.49
CB5 CDL V . -25.47 4.59 -18.07
OB7 CDL V . -24.58 5.35 -17.88
C51 CDL V . -25.36 3.11 -17.85
C52 CDL V . -24.08 2.56 -18.31
C53 CDL V . -23.90 1.13 -17.86
C54 CDL V . -22.69 0.46 -18.43
C55 CDL V . -22.76 -1.03 -18.38
C56 CDL V . -22.56 -1.62 -17.02
C57 CDL V . -21.22 -2.32 -16.84
C58 CDL V . -20.04 -1.60 -17.43
C59 CDL V . -18.68 -2.01 -16.92
C60 CDL V . -18.46 -3.47 -16.72
C61 CDL V . -18.60 -3.95 -15.29
C62 CDL V . -18.25 -5.40 -15.09
C63 CDL V . -18.96 -6.06 -13.93
C64 CDL V . -19.01 -7.57 -14.01
C65 CDL V . -19.90 -8.24 -12.96
C66 CDL V . -21.36 -7.93 -13.11
C67 CDL V . -22.30 -8.56 -12.11
CB6 CDL V . -28.25 4.59 -16.84
OB8 CDL V . -28.41 4.96 -15.45
CB7 CDL V . -29.18 4.18 -14.73
OB9 CDL V . -30.33 3.92 -15.03
C71 CDL V . -28.47 3.69 -13.51
C72 CDL V . -27.03 4.10 -13.43
C73 CDL V . -26.09 3.01 -13.91
C74 CDL V . -24.62 3.29 -13.68
C75 CDL V . -23.74 2.08 -13.80
C76 CDL V . -22.26 2.35 -13.72
C77 CDL V . -21.39 1.20 -14.15
C78 CDL V . -20.83 0.37 -13.02
C79 CDL V . -19.37 0.65 -12.71
C80 CDL V . -18.44 0.39 -13.85
C81 CDL V . -16.97 0.39 -13.48
C82 CDL V . -16.62 -0.64 -12.46
C83 CDL V . -15.94 -0.11 -11.23
C84 CDL V . -15.31 -1.19 -10.39
C85 CDL V . -16.26 -2.27 -9.94
C86 CDL V . -16.35 -2.41 -8.44
C87 CDL V . -16.84 -3.76 -7.97
C1 CDL W . -15.50 -4.58 -39.44
O1 CDL W . -14.11 -4.69 -39.38
CA2 CDL W . -16.11 -5.89 -39.95
OA2 CDL W . -15.69 -6.14 -41.24
PA1 CDL W . -16.22 -7.49 -42.02
OA3 CDL W . -17.61 -7.25 -42.55
OA4 CDL W . -15.28 -7.80 -43.16
OA5 CDL W . -16.25 -8.75 -40.96
CA3 CDL W . -15.10 -9.53 -40.83
CA4 CDL W . -14.94 -10.01 -39.38
OA6 CDL W . -13.59 -9.97 -39.04
CA5 CDL W . -13.30 -9.40 -37.80
OA7 CDL W . -13.77 -8.36 -37.50
C11 CDL W . -12.37 -10.12 -36.83
C12 CDL W . -12.72 -11.60 -36.80
C13 CDL W . -11.54 -12.43 -36.28
C14 CDL W . -10.21 -11.73 -36.55
C15 CDL W . -9.06 -12.51 -35.92
C16 CDL W . -9.44 -12.96 -34.50
C17 CDL W . -8.28 -13.74 -33.90
C18 CDL W . -8.82 -14.94 -33.14
C19 CDL W . -7.91 -16.14 -33.43
C20 CDL W . -8.75 -17.42 -33.50
C21 CDL W . -8.25 -18.31 -34.63
C22 CDL W . -6.73 -18.30 -34.67
C23 CDL W . -6.22 -19.65 -35.18
C24 CDL W . -6.69 -20.76 -34.23
C25 CDL W . -6.71 -22.08 -35.00
C26 CDL W . -7.81 -22.98 -34.43
C27 CDL W . -9.17 -22.31 -34.63
CA6 CDL W . -15.45 -11.45 -39.24
OA8 CDL W . -15.78 -11.99 -40.48
CA7 CDL W . -14.98 -13.07 -40.88
OA9 CDL W . -13.80 -12.98 -40.83
C31 CDL W . -15.62 -14.38 -41.34
C32 CDL W . -15.01 -14.83 -42.67
C33 CDL W . -13.97 -15.92 -42.38
C34 CDL W . -14.43 -17.24 -42.99
C35 CDL W . -14.38 -17.13 -44.52
C36 CDL W . -13.99 -18.49 -45.11
C37 CDL W . -12.65 -18.93 -44.53
C38 CDL W . -12.04 -20.02 -45.41
C39 CDL W . -11.73 -21.25 -44.55
C40 CDL W . -10.22 -21.48 -44.45
C41 CDL W . -9.58 -20.59 -43.39
C42 CDL W . -10.47 -20.50 -42.14
C43 CDL W . -10.38 -21.79 -41.33
C44 CDL W . -11.03 -21.55 -39.97
C45 CDL W . -12.53 -21.32 -40.18
C46 CDL W . -13.07 -20.43 -39.05
C47 CDL W . -12.59 -20.93 -37.69
CB2 CDL W . -16.04 -4.27 -38.05
OB2 CDL W . -17.43 -4.36 -38.11
PB2 CDL W . -18.32 -3.93 -36.79
OB3 CDL W . -17.88 -2.57 -36.32
OB4 CDL W . -19.76 -3.87 -37.18
OB5 CDL W . -18.09 -5.03 -35.59
CB3 CDL W . -18.68 -6.31 -35.71
CB4 CDL W . -18.93 -6.90 -34.33
OB6 CDL W . -19.34 -5.92 -33.42
CB5 CDL W . -20.68 -6.01 -33.04
OB7 CDL W . -21.46 -6.55 -33.76
C51 CDL W . -21.19 -5.42 -31.72
C52 CDL W . -20.58 -6.13 -30.51
C53 CDL W . -19.17 -5.59 -30.26
C54 CDL W . -18.74 -5.91 -28.84
C55 CDL W . -17.21 -5.87 -28.76
C56 CDL W . -16.78 -5.12 -27.51
C57 CDL W . -16.89 -6.00 -26.26
C58 CDL W . -16.35 -7.39 -26.56
C59 CDL W . -15.76 -7.99 -25.29
C60 CDL W . -14.24 -7.82 -25.31
C61 CDL W . -13.59 -9.18 -25.55
C62 CDL W . -13.45 -9.43 -27.05
CB6 CDL W . -17.64 -7.55 -33.84
OB8 CDL W . -16.60 -6.61 -33.89
CB7 CDL W . -15.60 -6.82 -32.93
OB9 CDL W . -15.20 -5.91 -32.28
C71 CDL W . -15.01 -8.22 -32.75
C72 CDL W . -15.36 -8.77 -31.37
C73 CDL W . -14.32 -8.29 -30.35
C74 CDL W . -12.98 -9.00 -30.61
C75 CDL W . -13.21 -10.50 -30.75
C76 CDL W . -11.86 -11.19 -30.97
C77 CDL W . -11.42 -11.86 -29.67
C47 PC7 X . -5.26 -14.23 -27.21
C46 PC7 X . -5.99 -12.91 -26.97
C45 PC7 X . -5.28 -11.78 -27.69
C44 PC7 X . -6.17 -11.26 -28.81
C43 PC7 X . -6.16 -12.21 -30.00
C42 PC7 X . -7.20 -11.77 -31.04
C41 PC7 X . -6.61 -10.67 -31.92
C40 PC7 X . -7.62 -10.27 -32.98
C39 PC7 X . -7.19 -8.98 -33.68
C38 PC7 X . -8.22 -8.64 -34.75
C37 PC7 X . -7.63 -7.69 -35.77
C36 PC7 X . -8.07 -6.26 -35.45
C35 PC7 X . -8.07 -5.45 -36.74
C34 PC7 X . -9.50 -5.40 -37.27
C33 PC7 X . -9.48 -5.05 -38.76
C32 PC7 X . -9.91 -6.25 -39.61
C31 PC7 X . -11.43 -6.30 -39.66
O31 PC7 X . -12.08 -5.66 -38.92
O2 PC7 X . -12.09 -7.13 -40.58
C2 PC7 X . -11.47 -7.25 -41.82
C1 PC7 X . -12.09 -6.25 -42.80
O3P PC7 X . -11.94 -4.97 -42.28
P PC7 X . -11.98 -3.66 -43.27
O1P PC7 X . -10.75 -3.64 -44.14
O2P PC7 X . -12.06 -2.41 -42.44
O4P PC7 X . -13.31 -3.76 -44.23
C4 PC7 X . -14.56 -3.49 -43.66
C5 PC7 X . -15.62 -4.33 -44.36
N PC7 X . -16.40 -3.53 -45.28
C7 PC7 X . -15.73 -3.48 -46.57
C8 PC7 X . -16.58 -2.16 -44.79
C6 PC7 X . -17.71 -4.13 -45.44
C3 PC7 X . -11.67 -8.67 -42.33
O3 PC7 X . -11.74 -9.53 -41.22
C11 PC7 X . -11.08 -10.75 -41.40
O11 PC7 X . -10.62 -11.02 -42.46
C12 PC7 X . -10.95 -11.72 -40.24
C13 PC7 X . -10.16 -12.94 -40.71
C14 PC7 X . -10.01 -13.93 -39.55
C15 PC7 X . -11.36 -14.56 -39.23
C16 PC7 X . -11.14 -16.01 -38.82
C17 PC7 X . -11.89 -16.30 -37.52
C18 PC7 X . -13.19 -17.03 -37.84
C19 PC7 X . -14.37 -16.06 -37.69
C20 PC7 X . -15.65 -16.74 -38.18
C21 PC7 X . -16.72 -16.66 -37.09
C22 PC7 X . -16.68 -17.93 -36.26
C23 PC7 X . -17.08 -19.13 -37.12
C24 PC7 X . -16.66 -20.43 -36.44
C25 PC7 X . -17.05 -21.62 -37.31
C26 PC7 X . -18.56 -21.60 -37.58
FE1 FES Y . -14.27 9.98 27.24
FE2 FES Y . -14.24 11.69 25.15
S1 FES Y . -13.95 9.50 25.12
S2 FES Y . -14.79 12.12 27.24
C39 PC7 Z . -24.51 7.92 -14.21
C38 PC7 Z . -25.15 8.78 -13.12
C37 PC7 Z . -26.58 8.30 -12.86
C36 PC7 Z . -27.42 8.51 -14.13
C35 PC7 Z . -28.16 9.84 -14.05
C34 PC7 Z . -28.75 10.15 -15.43
C33 PC7 Z . -29.92 11.12 -15.30
C32 PC7 Z . -30.47 11.40 -16.71
C31 PC7 Z . -31.97 11.70 -16.62
O31 PC7 Z . -32.35 12.81 -16.65
O2 PC7 Z . -32.88 10.65 -16.51
C2 PC7 Z . -32.90 9.80 -17.63
C1 PC7 Z . -33.90 10.37 -18.64
O3P PC7 Z . -34.00 9.53 -19.74
P PC7 Z . -34.64 10.15 -21.13
O1P PC7 Z . -34.45 9.16 -22.25
O2P PC7 Z . -33.94 11.44 -21.47
O4P PC7 Z . -36.24 10.43 -20.91
C4 PC7 Z . -37.09 10.19 -21.99
C5 PC7 Z . -37.75 11.49 -22.47
N PC7 Z . -38.85 11.91 -21.61
C7 PC7 Z . -39.58 10.77 -21.10
C8 PC7 Z . -39.77 12.75 -22.36
C6 PC7 Z . -38.32 12.70 -20.52
C3 PC7 Z . -33.34 8.40 -17.20
O3 PC7 Z . -32.96 8.18 -15.87
C11 PC7 Z . -32.15 7.05 -15.69
O11 PC7 Z . -32.11 6.21 -16.52
C12 PC7 Z . -31.31 6.91 -14.42
C13 PC7 Z . -32.09 6.12 -13.38
C14 PC7 Z . -31.17 5.77 -12.22
C15 PC7 Z . -32.00 5.38 -11.00
C16 PC7 Z . -31.61 6.28 -9.82
C17 PC7 Z . -30.26 5.85 -9.27
CHA HEM AA . 0.38 -36.78 -0.83
CHB HEM AA . -4.41 -36.83 -0.17
CHC HEM AA . -3.78 -39.90 3.54
CHD HEM AA . 0.99 -39.21 3.32
C1A HEM AA . -0.97 -36.53 -1.01
C2A HEM AA . -1.56 -35.70 -2.03
C3A HEM AA . -2.88 -35.72 -1.85
C4A HEM AA . -3.18 -36.56 -0.70
CMA HEM AA . -3.92 -34.98 -2.72
CAA HEM AA . -0.82 -34.92 -3.13
CBA HEM AA . -0.19 -35.81 -4.19
CGA HEM AA . 0.52 -34.89 -5.16
O1A HEM AA . 0.17 -34.92 -6.37
O2A HEM AA . 1.40 -34.12 -4.73
C1B HEM AA . -4.64 -37.76 0.82
C2B HEM AA . -5.91 -38.38 1.12
C3B HEM AA . -5.74 -39.22 2.15
C4B HEM AA . -4.35 -39.17 2.52
CMB HEM AA . -7.20 -38.04 0.35
CAB HEM AA . -6.75 -40.17 2.84
CBB HEM AA . -7.83 -40.65 2.21
C1C HEM AA . -2.43 -39.99 3.82
C2C HEM AA . -1.82 -40.77 4.87
C3C HEM AA . -0.49 -40.57 4.80
C4C HEM AA . -0.24 -39.66 3.72
CMC HEM AA . -2.62 -41.65 5.85
CAC HEM AA . 0.66 -41.18 5.65
CBC HEM AA . 0.55 -42.29 6.38
C1D HEM AA . 1.24 -38.51 2.17
C2D HEM AA . 2.54 -38.17 1.66
C3D HEM AA . 2.38 -37.49 0.52
C4D HEM AA . 0.95 -37.40 0.26
CMD HEM AA . 3.87 -38.53 2.36
CAD HEM AA . 3.48 -36.94 -0.39
CBD HEM AA . 4.02 -38.11 -1.19
CGD HEM AA . 5.08 -37.68 -2.16
O1D HEM AA . 5.17 -36.46 -2.45
O2D HEM AA . 5.84 -38.55 -2.64
NA HEM AA . -1.98 -37.03 -0.22
NB HEM AA . -3.72 -38.27 1.70
NC HEM AA . -1.44 -39.32 3.15
ND HEM AA . 0.29 -38.03 1.28
FE HEM AA . -1.71 -37.96 1.62
O13 3PH BA . -21.31 -17.50 -53.92
P 3PH BA . -20.28 -17.62 -55.04
O14 3PH BA . -20.85 -18.05 -56.39
O12 3PH BA . -19.29 -16.47 -55.13
O11 3PH BA . -19.37 -18.96 -54.51
C1 3PH BA . -19.34 -19.21 -53.15
C2 3PH BA . -18.50 -18.20 -52.40
O21 3PH BA . -17.26 -18.77 -51.94
C21 3PH BA . -16.13 -18.10 -52.18
O22 3PH BA . -15.91 -17.51 -53.21
C22 3PH BA . -15.20 -18.16 -50.99
C23 3PH BA . -14.12 -19.22 -51.11
C24 3PH BA . -13.12 -18.91 -52.21
C25 3PH BA . -11.83 -19.72 -52.10
C26 3PH BA . -12.01 -21.23 -52.15
C27 3PH BA . -11.79 -21.90 -50.80
C28 3PH BA . -10.55 -21.41 -50.06
C29 3PH BA . -10.42 -22.03 -48.68
C2A 3PH BA . -9.02 -21.92 -48.08
C2B 3PH BA . -8.07 -23.03 -48.53
C2C 3PH BA . -7.19 -22.65 -49.72
C2D 3PH BA . -6.19 -23.73 -50.09
C3 3PH BA . -19.16 -17.57 -51.19
O31 3PH BA . -19.12 -18.44 -50.07
C31 3PH BA . -20.18 -18.49 -49.29
O32 3PH BA . -21.23 -17.96 -49.55
C32 3PH BA . -19.90 -19.29 -48.04
C33 3PH BA . -21.05 -19.30 -47.04
C34 3PH BA . -20.65 -19.89 -45.70
C35 3PH BA . -21.70 -20.85 -45.14
C36 3PH BA . -22.77 -20.16 -44.29
C37 3PH BA . -23.65 -21.17 -43.56
C38 3PH BA . -24.63 -20.55 -42.58
C48 PGT CA . 4.66 -11.21 -40.06
C47 PGT CA . 5.54 -10.97 -41.29
C46 PGT CA . 5.30 -12.10 -42.30
C45 PGT CA . 6.57 -12.29 -43.15
C44 PGT CA . 6.19 -12.91 -44.50
C43 PGT CA . 7.46 -13.31 -45.26
C42 PGT CA . 7.61 -12.42 -46.52
C41 PGT CA . 6.25 -12.32 -47.28
C40 PGT CA . 5.80 -10.83 -47.36
C39 PGT CA . 4.56 -10.71 -48.30
C38 PGT CA . 3.26 -10.79 -47.45
C37 PGT CA . 2.58 -12.17 -47.66
C36 PGT CA . 1.07 -11.94 -48.01
C35 PGT CA . 0.97 -11.20 -49.35
C34 PGT CA . -0.25 -11.69 -50.15
C33 PGT CA . -1.57 -11.16 -49.53
C32 PGT CA . -2.77 -11.71 -50.33
C31 PGT CA . -3.09 -10.76 -51.52
O31 PGT CA . -2.69 -9.66 -51.51
O2 PGT CA . -3.86 -11.24 -52.61
C2 PGT CA . -4.63 -10.24 -53.27
C1 PGT CA . -6.05 -10.24 -52.70
O3P PGT CA . -7.02 -9.95 -53.70
P PGT CA . -8.47 -9.32 -53.17
O1P PGT CA . -8.57 -7.86 -53.53
O2P PGT CA . -8.55 -9.47 -51.66
O4P PGT CA . -9.74 -10.15 -53.85
C4 PGT CA . -9.54 -11.48 -54.27
C5 PGT CA . -10.20 -12.44 -53.28
O5 PGT CA . -10.60 -13.59 -53.97
C6 PGT CA . -11.39 -11.78 -52.63
O6 PGT CA . -11.02 -11.20 -51.42
C3 PGT CA . -4.67 -10.55 -54.76
O3 PGT CA . -4.04 -9.52 -55.50
C11 PGT CA . -2.67 -9.28 -55.19
O11 PGT CA . -2.37 -8.39 -54.49
C12 PGT CA . -1.55 -10.16 -55.80
C13 PGT CA . -0.31 -9.29 -56.00
C14 PGT CA . 0.97 -10.17 -55.98
C15 PGT CA . 2.19 -9.31 -55.58
C16 PGT CA . 2.63 -8.42 -56.76
C17 PGT CA . 3.76 -7.48 -56.32
C18 PGT CA . 3.75 -6.18 -57.16
C19 PGT CA . 3.12 -5.04 -56.33
C20 PGT CA . 4.20 -4.34 -55.47
C21 PGT CA . 3.58 -3.17 -54.69
C22 PGT CA . 4.33 -2.96 -53.37
C23 PGT CA . 3.46 -2.17 -52.38
C24 PGT CA . 2.03 -2.74 -52.39
C25 PGT CA . 1.17 -2.13 -51.26
C26 PGT CA . -0.12 -2.94 -51.12
C1 CDL DA . -22.75 -4.67 -36.49
O1 CDL DA . -22.09 -3.62 -37.14
CA2 CDL DA . -22.94 -5.82 -37.47
OA2 CDL DA . -23.66 -5.34 -38.58
PA1 CDL DA . -23.69 -6.28 -39.93
OA3 CDL DA . -24.75 -5.77 -40.87
OA4 CDL DA . -22.34 -6.22 -40.61
OA5 CDL DA . -24.01 -7.83 -39.49
CA3 CDL DA . -25.24 -8.13 -38.88
CA4 CDL DA . -25.29 -9.64 -38.63
OA6 CDL DA . -24.80 -10.29 -39.78
CA5 CDL DA . -23.77 -11.20 -39.54
OA7 CDL DA . -23.30 -11.79 -40.46
C11 CDL DA . -23.24 -11.44 -38.12
C12 CDL DA . -22.32 -12.66 -38.13
C13 CDL DA . -23.10 -13.90 -37.69
C14 CDL DA . -23.59 -14.66 -38.92
C15 CDL DA . -23.68 -16.15 -38.59
C16 CDL DA . -25.11 -16.50 -38.18
C17 CDL DA . -26.07 -16.17 -39.32
C18 CDL DA . -27.39 -16.90 -39.10
C19 CDL DA . -27.26 -18.33 -39.58
C20 CDL DA . -27.52 -18.40 -41.08
C21 CDL DA . -29.01 -18.27 -41.37
C22 CDL DA . -29.67 -19.65 -41.31
C23 CDL DA . -30.44 -19.81 -40.00
C24 CDL DA . -30.88 -21.25 -39.83
C25 CDL DA . -30.91 -21.61 -38.34
C26 CDL DA . -29.52 -21.43 -37.74
C27 CDL DA . -29.59 -21.63 -36.23
CA6 CDL DA . -26.73 -10.07 -38.39
OA8 CDL DA . -27.07 -9.84 -37.05
CA7 CDL DA . -27.93 -10.80 -36.50
OA9 CDL DA . -27.48 -11.71 -35.90
C31 CDL DA . -29.45 -10.66 -36.68
C32 CDL DA . -30.02 -12.00 -37.15
C33 CDL DA . -30.53 -12.79 -35.95
C34 CDL DA . -31.76 -12.11 -35.36
C35 CDL DA . -33.04 -12.81 -35.85
C36 CDL DA . -34.19 -12.49 -34.89
C37 CDL DA . -35.36 -13.45 -35.13
C38 CDL DA . -36.38 -12.79 -36.04
C39 CDL DA . -36.21 -13.32 -37.47
C40 CDL DA . -37.23 -12.67 -38.40
C41 CDL DA . -38.65 -13.09 -38.00
C42 CDL DA . -39.63 -12.54 -39.03
C43 CDL DA . -41.03 -12.47 -38.41
C44 CDL DA . -41.76 -13.78 -38.65
C45 CDL DA . -43.15 -13.72 -38.02
C46 CDL DA . -43.96 -14.95 -38.42
C47 CDL DA . -44.12 -14.99 -39.94
CB2 CDL DA . -24.12 -4.19 -36.00
OB2 CDL DA . -23.91 -3.34 -34.92
PB2 CDL DA . -25.20 -2.83 -34.04
OB3 CDL DA . -24.85 -1.52 -33.40
OB4 CDL DA . -26.39 -2.63 -34.95
OB5 CDL DA . -25.55 -3.92 -32.86
CB3 CDL DA . -26.62 -4.79 -33.03
CB4 CDL DA . -26.22 -6.22 -32.65
OB6 CDL DA . -26.18 -6.32 -31.25
CB5 CDL DA . -27.30 -6.94 -30.70
OB7 CDL DA . -28.28 -7.11 -31.36
C51 CDL DA . -27.28 -7.39 -29.25
C52 CDL DA . -27.74 -8.86 -29.16
C53 CDL DA . -28.10 -9.18 -27.71
C54 CDL DA . -28.28 -10.68 -27.56
C55 CDL DA . -28.55 -11.04 -26.09
C56 CDL DA . -27.25 -11.29 -25.36
C57 CDL DA . -26.39 -12.28 -26.15
C58 CDL DA . -25.21 -12.73 -25.30
C59 CDL DA . -25.68 -13.70 -24.22
C60 CDL DA . -24.47 -14.33 -23.54
C61 CDL DA . -24.93 -15.54 -22.71
C62 CDL DA . -23.71 -16.33 -22.25
CB6 CDL DA . -24.84 -6.56 -33.22
OB8 CDL DA . -24.99 -7.06 -34.51
CB7 CDL DA . -25.40 -8.41 -34.56
OB9 CDL DA . -26.56 -8.67 -34.63
C71 CDL DA . -24.37 -9.53 -34.53
C72 CDL DA . -24.80 -10.59 -33.51
C73 CDL DA . -24.02 -10.40 -32.21
C74 CDL DA . -24.84 -10.95 -31.05
C75 CDL DA . -24.08 -10.74 -29.74
C76 CDL DA . -23.80 -9.25 -29.54
C77 CDL DA . -22.36 -9.07 -29.09
C48 PC7 EA . -45.36 -2.99 -15.04
C47 PC7 EA . -45.18 -2.44 -16.44
C46 PC7 EA . -43.99 -3.13 -17.11
C45 PC7 EA . -42.72 -2.80 -16.34
C44 PC7 EA . -41.50 -3.09 -17.21
C43 PC7 EA . -41.28 -1.95 -18.20
C42 PC7 EA . -40.09 -2.27 -19.10
C41 PC7 EA . -40.35 -3.56 -19.87
C40 PC7 EA . -39.11 -3.95 -20.67
C39 PC7 EA . -39.41 -3.92 -22.17
C38 PC7 EA . -40.25 -5.13 -22.54
C37 PC7 EA . -40.69 -5.02 -24.00
C36 PC7 EA . -39.48 -5.24 -24.89
C35 PC7 EA . -39.83 -4.92 -26.35
C34 PC7 EA . -40.97 -5.81 -26.82
C33 PC7 EA . -41.07 -5.75 -28.34
C32 PC7 EA . -40.22 -6.86 -28.96
C31 PC7 EA . -39.90 -6.51 -30.42
O31 PC7 EA . -40.73 -6.65 -31.25
O2 PC7 EA . -38.63 -6.03 -30.76
C2 PC7 EA . -38.59 -4.65 -30.97
C1 PC7 EA . -38.68 -4.40 -32.47
O3P PC7 EA . -38.42 -3.06 -32.75
P PC7 EA . -38.57 -2.54 -34.31
O1P PC7 EA . -37.57 -3.24 -35.18
O2P PC7 EA . -38.30 -1.06 -34.37
O4P PC7 EA . -40.09 -2.84 -34.85
C4 PC7 EA . -40.35 -4.01 -35.56
C5 PC7 EA . -41.74 -3.92 -36.20
N PC7 EA . -42.69 -4.76 -35.50
C7 PC7 EA . -43.17 -4.07 -34.31
C8 PC7 EA . -43.82 -5.02 -36.38
C6 PC7 EA . -42.11 -6.03 -35.11
C3 PC7 EA . -37.29 -4.09 -30.41
O3 PC7 EA . -37.24 -4.29 -29.02
C11 PC7 EA . -36.03 -4.79 -28.55
O11 PC7 EA . -35.04 -4.62 -29.18
C12 PC7 EA . -35.99 -5.58 -27.25
C13 PC7 EA . -35.42 -4.73 -26.10
C14 PC7 EA . -35.86 -5.31 -24.76
C15 PC7 EA . -35.03 -4.70 -23.62
C16 PC7 EA . -34.87 -5.72 -22.49
C17 PC7 EA . -35.98 -5.51 -21.47
C18 PC7 EA . -35.43 -5.62 -20.05
C19 PC7 EA . -36.49 -6.27 -19.16
C20 PC7 EA . -36.45 -5.67 -17.76
C21 PC7 EA . -37.33 -6.50 -16.82
C22 PC7 EA . -36.94 -6.24 -15.36
C23 PC7 EA . -35.96 -7.33 -14.92
C24 PC7 EA . -34.58 -6.71 -14.74
C25 PC7 EA . -34.50 -5.96 -13.41
C26 PC7 EA . -33.06 -5.55 -13.17
O13 3PH FA . -29.56 -31.80 -15.70
P 3PH FA . -28.29 -31.01 -15.44
O14 3PH FA . -28.21 -30.34 -14.07
O12 3PH FA . -27.00 -31.70 -15.86
O11 3PH FA . -28.48 -29.73 -16.54
C1 3PH FA . -29.78 -29.42 -16.94
C2 3PH FA . -30.31 -28.18 -16.26
O21 3PH FA . -31.74 -28.09 -16.42
C21 3PH FA . -32.42 -27.27 -15.61
O22 3PH FA . -32.14 -27.10 -14.45
C22 3PH FA . -33.56 -26.61 -16.33
C23 3PH FA . -33.13 -25.89 -17.59
C24 3PH FA . -32.49 -24.54 -17.32
C25 3PH FA . -33.40 -23.37 -17.69
C26 3PH FA . -33.49 -23.13 -19.19
C27 3PH FA . -33.96 -21.73 -19.54
C28 3PH FA . -33.85 -21.39 -21.02
C3 3PH FA . -29.75 -26.86 -16.72
O31 3PH FA . -28.40 -26.95 -17.14
C31 3PH FA . -28.11 -26.87 -18.43
O32 3PH FA . -27.19 -27.46 -18.93
C32 3PH FA . -29.06 -25.97 -19.19
C33 3PH FA . -28.68 -24.49 -19.13
C34 3PH FA . -29.79 -23.58 -19.62
C35 3PH FA . -29.33 -22.14 -19.76
C36 3PH FA . -29.19 -21.64 -21.19
C37 3PH FA . -28.19 -22.46 -22.00
C38 3PH FA . -26.75 -22.41 -21.48
C39 3PH FA . -25.84 -21.55 -22.34
C3A 3PH FA . -26.18 -20.06 -22.39
C3B 3PH FA . -26.80 -19.65 -23.72
C3C 3PH FA . -27.26 -18.20 -23.75
C1 PTY GA . -29.02 19.17 -15.17
C2 PTY GA . -32.19 21.70 -21.27
C3 PTY GA . -31.61 20.90 -20.15
O4 PTY GA . -29.47 20.47 -14.69
C5 PTY GA . -30.73 19.57 -16.97
C6 PTY GA . -30.11 18.57 -16.04
O7 PTY GA . -31.11 18.00 -15.18
C8 PTY GA . -31.62 16.80 -15.50
O10 PTY GA . -32.31 16.65 -16.47
C11 PTY GA . -31.30 15.71 -14.55
C12 PTY GA . -32.52 15.09 -13.95
C13 PTY GA . -32.20 13.79 -13.22
C14 PTY GA . -31.32 13.97 -12.01
C15 PTY GA . -30.58 12.72 -11.59
C16 PTY GA . -31.46 11.53 -11.36
C17 PTY GA . -30.71 10.27 -10.96
C18 PTY GA . -30.27 10.24 -9.52
C19 PTY GA . -28.82 10.62 -9.30
C20 PTY GA . -27.82 9.61 -9.79
C30 PTY GA . -28.64 21.14 -13.88
C31 PTY GA . -29.23 22.46 -13.46
O30 PTY GA . -27.55 20.72 -13.57
C32 PTY GA . -30.59 22.37 -12.81
C33 PTY GA . -30.53 21.79 -11.40
C34 PTY GA . -30.80 20.32 -11.30
C35 PTY GA . -32.23 19.92 -11.56
C36 PTY GA . -32.41 18.47 -11.89
C37 PTY GA . -33.66 17.84 -11.31
C38 PTY GA . -33.56 17.56 -9.82
C39 PTY GA . -32.54 16.54 -9.45
C40 PTY GA . -32.18 16.51 -7.98
C41 PTY GA . -33.29 15.99 -7.09
C42 PTY GA . -33.45 14.50 -7.09
C43 PTY GA . -32.36 13.72 -6.39
C44 PTY GA . -32.53 12.23 -6.48
P1 PTY GA . -32.92 19.43 -18.43
O11 PTY GA . -32.57 20.84 -19.07
O12 PTY GA . -33.37 18.54 -19.56
O13 PTY GA . -33.82 19.62 -17.26
O14 PTY GA . -31.50 18.86 -17.98
N1 PTY GA . -32.05 23.14 -21.05
CHA HEM HA . -3.78 30.08 -4.48
CHB HEM HA . -1.68 25.77 -4.03
CHC HEM HA . -4.52 24.76 -0.24
CHD HEM HA . -6.85 28.88 -0.98
C1A HEM HA . -2.92 29.01 -4.64
C2A HEM HA . -1.84 28.97 -5.50
C3A HEM HA . -1.25 27.76 -5.37
C4A HEM HA . -1.97 27.04 -4.44
CMA HEM HA . -0.04 27.30 -6.12
CAA HEM HA . -1.38 30.07 -6.41
CBA HEM HA . -0.18 30.80 -5.84
CGA HEM HA . -0.36 31.39 -4.45
O1A HEM HA . -0.96 32.43 -4.22
O2A HEM HA . 0.01 30.83 -3.48
C1B HEM HA . -2.27 25.15 -2.92
C2B HEM HA . -1.87 23.88 -2.48
C3B HEM HA . -2.64 23.56 -1.40
C4B HEM HA . -3.56 24.69 -1.25
CMB HEM HA . -0.76 23.05 -3.09
CAB HEM HA . -2.60 22.35 -0.56
CBB HEM HA . -2.50 21.10 -0.96
C1C HEM HA . -5.40 25.82 -0.06
C2C HEM HA . -6.34 25.96 0.94
C3C HEM HA . -7.00 27.14 0.74
C4C HEM HA . -6.45 27.72 -0.42
CMC HEM HA . -6.53 24.96 2.08
CAC HEM HA . -8.09 27.79 1.53
CBC HEM HA . -9.10 27.17 2.07
C1D HEM HA . -6.18 29.53 -2.01
C2D HEM HA . -6.61 30.82 -2.48
C3D HEM HA . -5.76 31.16 -3.42
C4D HEM HA . -4.80 30.07 -3.56
CMD HEM HA . -7.76 31.69 -2.02
CAD HEM HA . -5.81 32.44 -4.19
CBD HEM HA . -4.82 33.35 -3.50
CGD HEM HA . -4.60 34.71 -4.10
O1D HEM HA . -4.30 35.66 -3.38
O2D HEM HA . -4.70 34.92 -5.30
NA HEM HA . -2.97 27.81 -4.00
NB HEM HA . -3.26 25.59 -2.18
NC HEM HA . -5.48 26.90 -0.87
ND HEM HA . -5.11 29.11 -2.68
FE HEM HA . -4.20 27.45 -2.47
CHA HEM IA . 3.16 7.65 7.92
CHB HEM IA . 3.06 6.19 3.35
CHC HEM IA . 1.59 10.53 1.99
CHD HEM IA . 1.29 11.89 6.60
C1A HEM IA . 3.29 6.88 6.81
C2A HEM IA . 3.76 5.57 6.78
C3A HEM IA . 3.73 5.16 5.48
C4A HEM IA . 3.27 6.22 4.71
CMA HEM IA . 4.16 3.79 5.01
CAA HEM IA . 4.20 4.68 7.92
CBA HEM IA . 5.67 4.77 8.29
CGA HEM IA . 5.92 5.93 9.21
O1A HEM IA . 5.13 6.27 10.06
O2A HEM IA . 6.92 6.61 9.10
C1B HEM IA . 2.64 7.25 2.56
C2B HEM IA . 2.49 7.17 1.13
C3B HEM IA . 2.10 8.41 0.72
C4B HEM IA . 1.98 9.20 1.98
CMB HEM IA . 2.77 5.97 0.28
CAB HEM IA . 1.82 8.96 -0.63
CBB HEM IA . 1.17 8.33 -1.58
C1C HEM IA . 1.35 11.32 3.09
C2C HEM IA . 0.85 12.64 3.09
C3C HEM IA . 0.79 13.03 4.42
C4C HEM IA . 1.24 11.95 5.21
CMC HEM IA . 0.47 13.50 1.92
CAC HEM IA . 0.32 14.36 4.92
CBC HEM IA . -0.93 14.76 4.84
C1D HEM IA . 1.79 10.81 7.35
C2D HEM IA . 1.91 10.84 8.82
C3D HEM IA . 2.45 9.66 9.17
C4D HEM IA . 2.64 8.91 7.92
CMD HEM IA . 1.52 11.98 9.72
CAD HEM IA . 2.83 9.17 10.54
CBD HEM IA . 4.32 9.46 10.69
CGD HEM IA . 4.95 8.98 11.97
O1D HEM IA . 4.77 9.56 13.04
O2D HEM IA . 5.70 8.01 12.03
NA HEM IA . 3.00 7.25 5.53
NB HEM IA . 2.31 8.42 2.98
NC HEM IA . 1.58 10.94 4.37
ND HEM IA . 2.23 9.66 6.89
FE HEM IA . 2.30 9.08 5.04
C1 UQ5 JA . 3.11 28.62 -10.95
C2 UQ5 JA . 2.21 29.52 -11.71
C3 UQ5 JA . 1.28 30.41 -10.98
C4 UQ5 JA . 1.27 30.43 -9.63
C5 UQ5 JA . 2.17 29.53 -8.87
C6 UQ5 JA . 3.10 28.62 -9.60
C1M UQ5 JA . 3.99 27.78 -11.80
C3M UQ5 JA . 1.13 32.38 -12.17
C4M UQ5 JA . 0.84 32.58 -8.73
C7 UQ5 JA . 4.00 27.76 -8.76
C8 UQ5 JA . 3.22 26.72 -8.01
C9 UQ5 JA . 2.66 25.61 -8.48
C10 UQ5 JA . 2.69 25.17 -9.92
C11 UQ5 JA . 1.93 24.71 -7.54
C12 UQ5 JA . 2.07 23.22 -7.90
C13 UQ5 JA . 0.83 22.73 -8.57
C14 UQ5 JA . -0.18 22.13 -7.97
C15 UQ5 JA . -1.41 21.66 -8.68
C16 UQ5 JA . -0.13 21.89 -6.49
C17 UQ5 JA . 0.41 20.51 -6.07
C18 UQ5 JA . 1.15 19.83 -7.18
C19 UQ5 JA . 1.71 18.63 -7.14
C20 UQ5 JA . 1.70 17.74 -5.93
C21 UQ5 JA . 2.42 18.08 -8.34
C22 UQ5 JA . 2.02 16.63 -8.65
C23 UQ5 JA . 1.71 16.44 -10.10
C24 UQ5 JA . 2.45 15.82 -11.02
C25 UQ5 JA . 3.77 15.18 -10.74
C26 UQ5 JA . 1.95 15.74 -12.44
C27 UQ5 JA . 2.79 14.87 -13.38
C28 UQ5 JA . 3.72 15.69 -14.23
C29 UQ5 JA . 5.02 15.51 -14.43
C30 UQ5 JA . 5.88 16.39 -15.30
C31 UQ5 JA . 5.76 14.37 -13.80
O2 UQ5 JA . 2.23 29.50 -12.93
O3 UQ5 JA . 0.49 31.19 -11.71
O4 UQ5 JA . 0.44 31.22 -8.94
O5 UQ5 JA . 2.14 29.56 -7.66
C1 UQ7 KA . -7.35 13.07 17.84
C2 UQ7 KA . -7.70 12.51 19.09
C3 UQ7 KA . -8.82 12.96 19.77
C4 UQ7 KA . -9.61 13.98 19.17
C5 UQ7 KA . -9.21 14.61 17.94
C6 UQ7 KA . -8.07 14.18 17.30
CM2 UQ7 KA . -5.64 11.69 20.00
CM3 UQ7 KA . -8.47 12.73 22.10
CM5 UQ7 KA . -10.07 15.71 17.39
C7 UQ7 KA . -7.57 14.86 16.04
C8 UQ7 KA . -8.09 14.30 14.74
C9 UQ7 KA . -8.75 14.96 13.78
C10 UQ7 KA . -8.95 16.45 13.79
C11 UQ7 KA . -9.38 14.26 12.62
C12 UQ7 KA . -10.90 14.45 12.66
C13 UQ7 KA . -11.67 14.38 11.37
C14 UQ7 KA . -11.77 13.37 10.51
C15 UQ7 KA . -12.81 13.33 9.44
C16 UQ7 KA . -10.82 12.20 10.54
O1 UQ7 KA . -6.41 12.58 17.22
O2 UQ7 KA . -6.99 11.45 19.59
O3 UQ7 KA . -9.24 12.40 20.93
O4 UQ7 KA . -10.68 14.26 19.69
C17 UQ7 KA . -10.84 11.15 9.46
C18 UQ7 KA . -11.81 10.01 9.57
C19 UQ7 KA . -11.78 8.87 8.88
C20 UQ7 KA . -10.86 7.73 9.19
C21 UQ7 KA . -12.63 8.66 7.66
C22 UQ7 KA . -12.02 7.57 6.77
C23 UQ7 KA . -12.81 7.32 5.53
C24 UQ7 KA . -13.38 6.18 5.15
C25 UQ7 KA . -13.46 4.97 6.04
C26 UQ7 KA . -14.01 6.01 3.80
C27 UQ7 KA . -14.57 4.62 3.62
C28 UQ7 KA . -15.14 4.30 2.28
C29 UQ7 KA . -14.51 4.19 1.11
C30 UQ7 KA . -13.03 4.05 0.97
C31 UQ7 KA . -15.26 4.19 -0.18
C32 UQ7 KA . -16.75 4.25 0.00
C33 UQ7 KA . -17.39 3.28 -0.92
C34 UQ7 KA . -18.20 3.54 -1.94
C35 UQ7 KA . -18.76 4.90 -2.23
C36 UQ7 KA . -18.61 2.45 -2.88
C37 UQ7 KA . -18.17 2.71 -4.30
C38 UQ7 KA . -16.72 3.07 -4.39
C39 UQ7 KA . -16.01 3.32 -5.48
C40 UQ7 KA . -14.73 4.10 -5.46
C41 UQ7 KA . -16.41 2.81 -6.84
O13 3PH LA . 19.14 19.24 20.40
P 3PH LA . 19.01 19.69 21.85
O14 3PH LA . 18.28 18.72 22.77
O12 3PH LA . 20.29 20.28 22.46
O11 3PH LA . 17.96 21.02 21.66
C1 3PH LA . 16.84 20.83 20.88
C2 3PH LA . 16.70 21.92 19.83
O21 3PH LA . 15.32 22.12 19.46
C21 3PH LA . 14.61 23.04 20.08
O22 3PH LA . 14.83 23.43 21.20
C22 3PH LA . 13.48 23.53 19.23
C23 3PH LA . 13.81 23.53 17.74
C24 3PH LA . 13.29 24.76 17.02
C25 3PH LA . 14.21 25.97 17.21
C26 3PH LA . 13.74 27.23 16.49
C27 3PH LA . 14.04 27.21 14.99
C28 3PH LA . 13.88 28.56 14.32
C29 3PH LA . 14.47 28.59 12.91
C2A 3PH LA . 14.50 29.98 12.27
C2B 3PH LA . 15.19 30.01 10.92
C2C 3PH LA . 14.56 29.08 9.89
C2D 3PH LA . 15.29 29.05 8.55
C2E 3PH LA . 14.70 29.98 7.51
C3 3PH LA . 17.47 21.70 18.55
O31 3PH LA . 18.81 22.15 18.68
C31 3PH LA . 19.09 23.36 18.24
O32 3PH LA . 19.15 24.34 18.95
C32 3PH LA . 19.31 23.38 16.76
C33 3PH LA . 18.80 24.64 16.07
C34 3PH LA . 19.65 25.01 14.87
C35 3PH LA . 21.13 25.05 15.24
C36 3PH LA . 22.01 24.24 14.31
C37 3PH LA . 22.66 25.10 13.23
C38 3PH LA . 23.66 24.35 12.37
C39 3PH LA . 24.77 25.26 11.88
C3A 3PH LA . 25.42 24.82 10.57
C3B 3PH LA . 26.44 25.83 10.07
C3C 3PH LA . 25.96 27.27 10.06
C3D 3PH LA . 24.92 27.55 8.99
C3E 3PH LA . 24.62 29.03 8.79
C3F 3PH LA . 25.84 29.86 8.42
C3G 3PH LA . 26.36 29.58 7.02
C3H 3PH LA . 27.62 30.38 6.66
C3I 3PH LA . 27.47 31.87 6.93
C34 PGT MA . 12.49 23.63 -23.58
C33 PGT MA . 13.50 24.67 -23.01
C32 PGT MA . 13.06 26.10 -23.43
C31 PGT MA . 14.27 27.06 -23.31
O31 PGT MA . 15.15 26.98 -24.08
O2 PGT MA . 14.31 28.02 -22.27
C2 PGT MA . 13.90 29.32 -22.66
C1 PGT MA . 15.06 30.04 -23.35
O3P PGT MA . 14.58 31.21 -24.03
P PGT MA . 13.59 31.03 -25.37
O1P PGT MA . 14.19 31.78 -26.53
O2P PGT MA . 12.23 31.61 -25.08
O4P PGT MA . 13.41 29.44 -25.77
C4 PGT MA . 14.25 28.90 -26.78
C5 PGT MA . 13.40 28.38 -27.93
O5 PGT MA . 12.47 27.44 -27.45
C6 PGT MA . 14.29 27.70 -28.96
O6 PGT MA . 13.53 27.27 -30.04
C3 PGT MA . 13.49 30.10 -21.42
O3 PGT MA . 13.42 29.23 -20.33
C11 PGT MA . 12.10 28.82 -20.01
O11 PGT MA . 11.19 29.53 -20.23
C12 PGT MA . 11.87 27.42 -19.38
C13 PGT MA . 11.13 27.54 -18.05
C14 PGT MA . 10.70 26.12 -17.60
C15 PGT MA . 9.75 26.21 -16.39
C16 PGT MA . 10.46 26.92 -15.23
C17 PGT MA . 9.43 27.26 -14.14
C18 PGT MA . 9.74 26.43 -12.88
C19 PGT MA . 8.78 26.84 -11.76
C20 PGT MA . 7.95 25.61 -11.30
C21 PGT MA . 7.49 25.79 -9.85
C22 PGT MA . 6.51 24.67 -9.48
C23 PGT MA . 6.80 24.14 -8.05
C24 PGT MA . 5.48 23.59 -7.46
C25 PGT MA . 5.75 22.41 -6.49
C26 PGT MA . 5.81 21.09 -7.26
C1 PTY NA . -7.71 52.05 14.01
C2 PTY NA . -2.83 53.71 8.80
C3 PTY NA . -4.35 53.62 8.96
O4 PTY NA . -8.77 51.17 14.25
C5 PTY NA . -6.89 53.84 12.47
C6 PTY NA . -8.12 53.05 12.91
O7 PTY NA . -9.09 53.92 13.40
C8 PTY NA . -10.41 53.57 13.10
O10 PTY NA . -10.65 52.90 12.15
C11 PTY NA . -11.55 54.06 13.99
C12 PTY NA . -12.52 52.93 14.31
C13 PTY NA . -11.82 51.86 15.15
C14 PTY NA . -12.77 51.31 16.21
C15 PTY NA . -14.07 50.86 15.54
C16 PTY NA . -14.42 49.45 16.02
C17 PTY NA . -14.56 49.43 17.54
C18 PTY NA . -15.41 48.23 17.95
C19 PTY NA . -14.96 47.72 19.32
C30 PTY NA . -8.38 49.85 14.50
C31 PTY NA . -9.38 48.71 14.31
O30 PTY NA . -7.28 49.62 14.87
C32 PTY NA . -9.86 48.18 15.65
C33 PTY NA . -10.96 47.15 15.39
C34 PTY NA . -11.12 46.24 16.59
C35 PTY NA . -11.84 44.95 16.19
C36 PTY NA . -13.33 45.20 16.10
C37 PTY NA . -14.05 44.43 17.22
C38 PTY NA . -13.99 42.93 16.95
C39 PTY NA . -14.99 42.21 17.85
C40 PTY NA . -15.17 40.78 17.36
C41 PTY NA . -13.82 40.06 17.34
C42 PTY NA . -14.04 38.56 17.51
C43 PTY NA . -13.99 37.88 16.14
C44 PTY NA . -12.54 37.54 15.80
P1 PTY NA . -4.47 53.42 11.57
O11 PTY NA . -4.67 52.80 10.05
O12 PTY NA . -4.36 54.91 11.50
O13 PTY NA . -3.22 52.85 12.20
O14 PTY NA . -5.77 53.02 12.51
N1 PTY NA . -2.50 54.02 7.42
C1 CDL OA . 4.33 42.46 3.43
O1 CDL OA . 3.65 41.60 4.30
CA2 CDL OA . 5.28 43.35 4.23
OA2 CDL OA . 4.55 44.13 5.13
PA1 CDL OA . 5.35 45.04 6.24
OA3 CDL OA . 6.42 45.87 5.57
OA4 CDL OA . 4.37 45.94 6.95
OA5 CDL OA . 6.06 44.04 7.35
CA3 CDL OA . 5.21 43.58 8.37
CA4 CDL OA . 5.77 42.28 8.95
OA6 CDL OA . 4.68 41.51 9.34
CA5 CDL OA . 4.73 40.18 8.89
OA7 CDL OA . 4.61 39.94 7.75
C11 CDL OA . 4.94 39.06 9.90
C12 CDL OA . 3.58 38.60 10.44
C13 CDL OA . 3.75 37.23 11.08
C14 CDL OA . 3.37 37.29 12.56
C15 CDL OA . 3.66 35.93 13.20
C16 CDL OA . 2.51 35.54 14.11
C17 CDL OA . 2.76 34.14 14.68
C18 CDL OA . 3.76 34.22 15.83
C19 CDL OA . 3.48 33.11 16.84
C20 CDL OA . 4.03 31.79 16.30
C21 CDL OA . 3.75 30.69 17.31
CA6 CDL OA . 6.64 42.59 10.17
OA8 CDL OA . 6.27 43.83 10.71
CA7 CDL OA . 6.48 43.93 12.09
OA9 CDL OA . 7.54 43.71 12.55
C31 CDL OA . 5.32 44.35 13.01
C32 CDL OA . 5.85 44.57 14.43
C33 CDL OA . 6.03 46.07 14.68
C34 CDL OA . 5.67 46.38 16.12
C35 CDL OA . 6.77 45.84 17.04
C36 CDL OA . 6.54 46.35 18.46
C37 CDL OA . 6.43 47.86 18.46
C38 CDL OA . 5.23 48.28 19.31
C39 CDL OA . 5.41 47.72 20.73
C40 CDL OA . 4.04 47.64 21.41
C41 CDL OA . 3.26 46.47 20.83
C42 CDL OA . 4.01 45.16 21.11
C43 CDL OA . 3.49 44.56 22.41
C44 CDL OA . 4.43 43.45 22.87
C45 CDL OA . 5.66 44.05 23.54
CB2 CDL OA . 5.14 41.62 2.44
OB2 CDL OA . 6.38 41.31 2.99
PB2 CDL OA . 7.52 40.66 2.01
OB3 CDL OA . 6.87 39.88 0.90
OB4 CDL OA . 8.38 41.74 1.42
OB5 CDL OA . 8.48 39.64 2.89
CB3 CDL OA . 9.17 40.16 3.99
CB4 CDL OA . 8.98 39.23 5.19
OB6 CDL OA . 10.09 38.40 5.39
CB5 CDL OA . 10.91 38.10 4.30
OB7 CDL OA . 11.87 38.75 4.07
C51 CDL OA . 10.60 36.89 3.40
C52 CDL OA . 11.82 36.54 2.56
C53 CDL OA . 12.02 35.02 2.50
C54 CDL OA . 10.68 34.28 2.58
C55 CDL OA . 10.92 32.91 3.20
C56 CDL OA . 9.65 32.07 3.20
C57 CDL OA . 10.02 30.59 3.31
C58 CDL OA . 9.05 29.84 4.20
C59 CDL OA . 9.72 29.48 5.52
C60 CDL OA . 9.31 28.08 5.95
C61 CDL OA . 7.92 28.13 6.62
C62 CDL OA . 8.06 28.67 8.04
CB6 CDL OA . 7.70 38.40 4.97
OB8 CDL OA . 7.94 37.07 5.33
CB7 CDL OA . 7.13 36.16 4.65
OB9 CDL OA . 6.09 36.50 4.18
C71 CDL OA . 7.58 34.71 4.51
C72 CDL OA . 8.13 34.21 5.85
C73 CDL OA . 6.98 33.93 6.81
C74 CDL OA . 7.52 33.13 7.99
C75 CDL OA . 6.43 32.25 8.58
C76 CDL OA . 6.02 32.77 9.95
C77 CDL OA . 4.92 33.83 9.78
C44 PC7 PA . 1.24 28.61 11.76
C43 PC7 PA . -0.14 29.27 11.64
C42 PC7 PA . -0.12 30.64 12.34
C41 PC7 PA . 0.96 31.53 11.74
C40 PC7 PA . 0.43 32.95 11.54
C39 PC7 PA . 1.55 33.84 11.00
C38 PC7 PA . 0.97 35.16 10.47
C37 PC7 PA . 0.24 34.94 9.14
C36 PC7 PA . -0.44 36.25 8.74
C35 PC7 PA . -0.24 36.52 7.24
C34 PC7 PA . -1.01 37.79 6.86
C33 PC7 PA . -0.09 38.77 6.13
C32 PC7 PA . -0.37 40.21 6.57
C31 PC7 PA . 0.89 41.05 6.44
O31 PC7 PA . 1.56 40.95 5.48
O2 PC7 PA . 1.29 41.93 7.46
C2 PC7 PA . 0.68 43.18 7.46
C1 PC7 PA . 1.16 44.04 6.29
O3P PC7 PA . 0.41 43.72 5.16
P PC7 PA . 0.10 44.87 4.04
O1P PC7 PA . -1.18 45.60 4.38
O2P PC7 PA . -0.03 44.22 2.69
O4P PC7 PA . 1.35 45.93 4.01
C4 PC7 PA . 2.43 45.63 3.18
C5 PC7 PA . 3.55 46.64 3.40
N PC7 PA . 3.25 47.97 2.90
C7 PC7 PA . 2.27 47.95 1.83
C8 PC7 PA . 2.76 48.79 4.00
C6 PC7 PA . 4.47 48.56 2.39
C3 PC7 PA . 1.04 43.91 8.75
O3 PC7 PA . 1.98 43.15 9.45
C11 PC7 PA . 1.71 43.12 10.82
O11 PC7 PA . 1.06 43.98 11.31
C12 PC7 PA . 2.25 42.00 11.71
C13 PC7 PA . 1.82 42.28 13.14
C14 PC7 PA . 2.33 41.18 14.07
C15 PC7 PA . 3.86 41.13 14.01
C16 PC7 PA . 4.36 39.96 14.84
C17 PC7 PA . 4.86 40.48 16.18
C18 PC7 PA . 5.79 39.44 16.81
C19 PC7 PA . 5.05 38.67 17.90
C21 PC7 PA . 8.50 42.25 18.37
C22 PC7 PA . 8.71 42.37 19.87
C23 PC7 PA . 10.00 41.65 20.27
C24 PC7 PA . 9.92 40.18 19.84
C13 Q7G QA . -23.54 26.86 28.23
C15 Q7G QA . -23.88 28.20 26.20
C16 Q7G QA . -23.94 26.62 29.67
C17 Q7G QA . -23.01 27.46 30.55
C01 Q7G QA . -21.34 26.13 23.37
C03 Q7G QA . -20.54 28.44 22.69
C04 Q7G QA . -21.93 28.96 22.20
C06 Q7G QA . -22.06 28.29 24.51
C07 Q7G QA . -22.68 27.45 25.62
C08 Q7G QA . -21.62 27.26 26.70
C10 Q7G QA . -19.80 27.39 24.91
C18 Q7G QA . -21.60 27.55 29.96
C19 Q7G QA . -21.27 26.36 29.05
CG1 Q7G QA . -22.43 27.78 32.85
C02 Q7G QA . -20.88 27.51 23.87
C05 Q7G QA . -22.95 28.61 23.32
C09 Q7G QA . -20.35 26.63 26.13
C11 Q7G QA . -22.19 26.39 27.81
C12 Q7G QA . -22.33 24.97 27.28
C14 Q7G QA . -24.36 27.50 27.44
C1B Q7G QA . -26.51 25.11 34.46
C1C Q7G QA . -26.98 30.79 35.30
C22 Q7G QA . -23.33 27.77 34.08
C23 Q7G QA . -24.72 28.30 33.71
C24 Q7G QA . -25.67 27.13 33.46
C48 Q7G QA . -25.27 29.17 34.83
C73 Q7G QA . -20.96 28.03 20.35
C74 Q7G QA . -20.00 27.63 21.49
C75 Q7G QA . -18.57 28.08 21.18
C76 Q7G QA . -21.02 26.93 19.30
C77 Q7G QA . -21.97 27.35 18.18
C78 Q7G QA . -21.52 28.70 17.62
C79 Q7G QA . -21.44 29.73 18.73
C81 Q7G QA . -22.53 29.16 16.56
O1B Q7G QA . -25.73 26.30 34.62
O1C Q7G QA . -26.44 29.86 34.38
O20 Q7G QA . -22.97 26.90 31.87
O72 Q7G QA . -22.22 28.17 21.02
O80 Q7G QA . -20.57 29.27 19.77
C13 Q7G RA . -25.97 22.68 27.42
C15 Q7G RA . -26.15 24.38 25.69
C16 Q7G RA . -25.43 22.45 28.83
C17 Q7G RA . -25.94 21.11 29.36
C01 Q7G RA . -26.81 22.27 21.88
C03 Q7G RA . -24.67 23.49 21.18
C04 Q7G RA . -25.33 24.91 21.29
C06 Q7G RA . -25.40 23.76 23.41
C07 Q7G RA . -26.13 23.27 24.64
C08 Q7G RA . -25.33 22.06 25.15
C10 Q7G RA . -24.61 21.49 22.80
C18 Q7G RA . -25.67 19.96 28.38
C19 Q7G RA . -25.08 20.41 27.04
CG1 Q7G RA . -27.65 22.08 30.69
C02 Q7G RA . -25.39 22.69 22.28
C05 Q7G RA . -25.98 24.97 22.69
C09 Q7G RA . -25.30 20.98 24.08
C11 Q7G RA . -25.92 21.55 26.44
C12 Q7G RA . -27.34 21.04 26.15
C14 Q7G RA . -26.38 23.85 27.07
C1B Q7G RA . -29.38 27.04 31.44
C1C Q7G RA . -32.20 23.81 34.33
C22 Q7G RA . -29.16 22.20 30.90
C23 Q7G RA . -29.42 23.34 31.88
C24 Q7G RA . -29.25 24.67 31.15
C48 Q7G RA . -30.85 23.23 32.42
C73 Q7G RA . -25.79 24.23 19.15
C74 Q7G RA . -25.03 23.04 19.75
C75 Q7G RA . -23.74 22.73 18.98
C76 Q7G RA . -26.91 23.74 18.23
C77 Q7G RA . -27.53 24.96 17.55
C78 Q7G RA . -26.49 25.63 16.64
C79 Q7G RA . -25.07 25.22 17.03
C81 Q7G RA . -26.63 27.15 16.74
O1B Q7G RA . -29.44 25.76 32.06
O1C Q7G RA . -30.95 23.96 33.65
O20 Q7G RA . -27.35 21.23 29.59
O72 Q7G RA . -26.36 24.91 20.28
O80 Q7G RA . -24.93 25.15 18.45
FE1 FES SA . 17.67 -21.62 -15.67
FE2 FES SA . 16.55 -19.70 -17.24
S1 FES SA . 16.67 -19.75 -15.03
S2 FES SA . 17.65 -21.50 -17.88
C1 CDL TA . 19.31 29.28 -16.17
O1 CDL TA . 19.89 30.46 -15.70
CA2 CDL TA . 18.53 29.58 -17.44
OA2 CDL TA . 17.56 28.60 -17.64
PA1 CDL TA . 16.98 28.33 -19.16
OA3 CDL TA . 18.06 27.70 -20.03
OA4 CDL TA . 16.57 29.64 -19.78
OA5 CDL TA . 15.68 27.32 -19.06
CA3 CDL TA . 15.90 25.97 -18.75
CA4 CDL TA . 15.20 25.61 -17.44
OA6 CDL TA . 15.59 26.51 -16.43
CA5 CDL TA . 15.35 26.11 -15.11
OA7 CDL TA . 16.25 25.72 -14.43
C11 CDL TA . 13.95 26.18 -14.53
C12 CDL TA . 13.93 25.43 -13.19
C13 CDL TA . 13.42 24.00 -13.42
C14 CDL TA . 12.55 23.59 -12.24
C15 CDL TA . 13.44 23.18 -11.07
C16 CDL TA . 12.66 23.33 -9.77
C17 CDL TA . 13.21 22.36 -8.73
C18 CDL TA . 12.53 22.59 -7.39
C19 CDL TA . 11.93 21.29 -6.89
C20 CDL TA . 10.88 20.80 -7.88
C21 CDL TA . 10.43 19.39 -7.51
C22 CDL TA . 9.64 18.79 -8.67
CA6 CDL TA . 15.55 24.17 -17.06
OA8 CDL TA . 14.41 23.37 -17.18
CA7 CDL TA . 14.21 22.84 -18.46
OA9 CDL TA . 15.07 22.89 -19.28
C31 CDL TA . 12.87 22.18 -18.81
C32 CDL TA . 12.24 22.92 -19.99
C33 CDL TA . 10.79 22.45 -20.16
CB2 CDL TA . 18.39 28.70 -15.10
OB2 CDL TA . 19.15 28.13 -14.06
PB2 CDL TA . 18.64 28.26 -12.50
OB3 CDL TA . 19.82 28.46 -11.60
OB4 CDL TA . 17.70 29.44 -12.38
OB5 CDL TA . 17.84 26.89 -12.05
CB3 CDL TA . 18.49 25.66 -12.16
CB4 CDL TA . 18.34 24.86 -10.87
OB6 CDL TA . 17.73 25.61 -9.87
CB5 CDL TA . 16.99 24.83 -8.96
OB7 CDL TA . 16.26 23.99 -9.36
C51 CDL TA . 17.13 25.06 -7.46
C52 CDL TA . 16.32 23.99 -6.73
C53 CDL TA . 16.67 24.00 -5.24
C54 CDL TA . 15.50 23.46 -4.43
C55 CDL TA . 15.71 23.81 -2.96
C56 CDL TA . 15.18 22.69 -2.07
C57 CDL TA . 13.65 22.67 -2.10
C58 CDL TA . 13.12 21.87 -0.91
C59 CDL TA . 14.02 20.66 -0.67
C60 CDL TA . 13.43 19.81 0.45
C61 CDL TA . 14.55 19.08 1.18
C62 CDL TA . 14.63 19.61 2.62
C63 CDL TA . 15.59 18.74 3.43
C64 CDL TA . 17.02 19.05 3.00
C65 CDL TA . 17.91 17.86 3.34
C66 CDL TA . 19.32 18.37 3.62
C67 CDL TA . 19.94 18.92 2.33
CB6 CDL TA . 19.73 24.44 -10.39
OB8 CDL TA . 20.18 23.34 -11.14
CB7 CDL TA . 21.09 22.54 -10.44
OB9 CDL TA . 21.92 23.04 -9.79
C71 CDL TA . 21.00 21.02 -10.54
C72 CDL TA . 19.58 20.57 -10.22
C73 CDL TA . 19.27 20.79 -8.74
C74 CDL TA . 17.86 20.29 -8.44
C75 CDL TA . 17.51 20.55 -6.97
C76 CDL TA . 16.87 19.28 -6.39
C77 CDL TA . 15.57 19.62 -5.68
C78 CDL TA . 15.22 18.48 -4.72
C79 CDL TA . 13.92 18.77 -3.98
C80 CDL TA . 12.73 18.32 -4.82
C81 CDL TA . 11.58 17.91 -3.91
C82 CDL TA . 12.06 16.79 -2.97
C83 CDL TA . 11.12 15.59 -3.07
C84 CDL TA . 11.96 14.32 -3.07
C85 CDL TA . 12.43 14.01 -1.65
C86 CDL TA . 13.72 13.21 -1.71
C87 CDL TA . 13.97 12.52 -0.38
C37 PC7 UA . 16.33 21.24 -13.13
C36 PC7 UA . 17.48 22.04 -13.68
C35 PC7 UA . 17.95 21.61 -15.04
C34 PC7 UA . 19.29 22.16 -15.44
C33 PC7 UA . 19.25 23.41 -16.29
C32 PC7 UA . 20.62 23.83 -16.72
C31 PC7 UA . 20.64 24.96 -17.71
O31 PC7 UA . 19.63 25.48 -18.10
O2 PC7 UA . 21.85 25.41 -18.03
C2 PC7 UA . 22.42 26.45 -17.18
C1 PC7 UA . 22.71 27.77 -17.83
O3P PC7 UA . 22.95 28.78 -16.82
P PC7 UA . 23.13 30.32 -17.26
O1P PC7 UA . 23.37 31.20 -16.08
O2P PC7 UA . 22.07 30.66 -18.25
O4P PC7 UA . 24.58 30.33 -17.94
C4 PC7 UA . 24.72 29.88 -19.30
C5 PC7 UA . 25.24 31.03 -20.12
N PC7 UA . 26.74 31.06 -20.28
C7 PC7 UA . 27.19 29.79 -20.93
C8 PC7 UA . 27.14 32.21 -21.11
C6 PC7 UA . 27.44 31.14 -18.98
C3 PC7 UA . 23.55 25.93 -16.32
O3 PC7 UA . 23.24 26.25 -14.96
C11 PC7 UA . 23.04 25.23 -14.13
O11 PC7 UA . 22.22 25.23 -13.27
C12 PC7 UA . 23.97 24.08 -14.41
C13 PC7 UA . 23.24 22.80 -14.60
C14 PC7 UA . 23.54 21.77 -13.54
C15 PC7 UA . 23.93 20.44 -14.11
C16 PC7 UA . 23.95 19.30 -13.14
C17 PC7 UA . 24.31 17.97 -13.77
C18 PC7 UA . 23.82 16.77 -13.02
C19 PC7 UA . 24.31 15.44 -13.54
C20 PC7 UA . 23.42 14.82 -14.58
C21 PC7 UA . 23.65 13.36 -14.81
C22 PC7 UA . 25.02 13.01 -15.34
C23 PC7 UA . 25.17 11.58 -15.80
C24 PC7 UA . 24.29 11.21 -16.97
CHA HEM VA . 10.11 0.53 35.42
CHB HEM VA . 14.68 1.49 34.25
CHC HEM VA . 16.22 -2.29 36.81
CHD HEM VA . 11.68 -3.53 37.50
C1A HEM VA . 11.24 1.12 34.92
C2A HEM VA . 11.22 2.29 34.18
C3A HEM VA . 12.50 2.57 33.84
C4A HEM VA . 13.32 1.58 34.38
CMA HEM VA . 12.98 3.73 33.01
CAA HEM VA . 9.98 3.03 33.78
CBA HEM VA . 9.51 4.16 34.68
CGA HEM VA . 8.32 4.82 34.01
O1A HEM VA . 8.32 5.95 33.58
O2A HEM VA . 7.25 4.28 33.87
C1B HEM VA . 15.47 0.54 34.87
C2B HEM VA . 16.88 0.56 34.84
C3B HEM VA . 17.26 -0.50 35.57
C4B HEM VA . 16.11 -1.15 36.04
CMB HEM VA . 17.74 1.56 34.11
CAB HEM VA . 18.55 -0.98 36.00
CBB HEM VA . 19.37 -0.19 36.66
C1C HEM VA . 15.11 -3.00 37.20
C2C HEM VA . 15.12 -4.18 37.90
C3C HEM VA . 13.81 -4.53 38.10
C4C HEM VA . 13.02 -3.54 37.49
CMC HEM VA . 16.35 -4.92 38.32
CAC HEM VA . 13.27 -5.70 38.81
CBC HEM VA . 13.79 -6.20 39.95
C1D HEM VA . 10.92 -2.50 36.98
C2D HEM VA . 9.49 -2.52 37.13
C3D HEM VA . 9.03 -1.43 36.55
C4D HEM VA . 10.20 -0.70 36.07
CMD HEM VA . 8.71 -3.63 37.79
CAD HEM VA . 7.58 -1.01 36.47
CBD HEM VA . 7.35 -0.03 37.64
CGD HEM VA . 5.97 0.54 37.79
O1D HEM VA . 5.15 0.63 36.88
O2D HEM VA . 5.63 1.00 38.86
NA HEM VA . 12.53 0.72 35.04
NB HEM VA . 15.08 -0.48 35.58
NC HEM VA . 13.84 -2.60 36.97
ND HEM VA . 11.30 -1.39 36.37
FE HEM VA . 13.06 -0.95 35.95
C1 CDL WA . 11.94 42.27 0.91
O1 CDL WA . 10.92 41.43 0.47
CA2 CDL WA . 13.29 41.56 0.75
OA2 CDL WA . 13.20 40.67 -0.32
PA1 CDL WA . 14.55 40.40 -1.24
OA3 CDL WA . 15.06 41.72 -1.75
OA4 CDL WA . 14.17 39.51 -2.40
OA5 CDL WA . 15.69 39.67 -0.31
CA3 CDL WA . 15.53 38.31 -0.03
CA4 CDL WA . 15.87 38.03 1.44
OA6 CDL WA . 15.18 38.94 2.27
CA5 CDL WA . 15.95 39.77 3.11
OA7 CDL WA . 16.43 40.76 2.68
C11 CDL WA . 16.16 39.41 4.58
C12 CDL WA . 14.88 38.81 5.18
C13 CDL WA . 15.17 38.15 6.52
C14 CDL WA . 16.44 37.29 6.43
C15 CDL WA . 16.08 35.83 6.65
C16 CDL WA . 15.48 35.23 5.37
C17 CDL WA . 15.25 33.74 5.56
C18 CDL WA . 13.75 33.45 5.52
C19 CDL WA . 13.10 33.86 6.84
C20 CDL WA . 11.65 33.37 6.86
C21 CDL WA . 11.61 31.96 7.44
C22 CDL WA . 11.09 32.01 8.87
C23 CDL WA . 11.04 30.61 9.46
C24 CDL WA . 10.18 30.62 10.71
C25 CDL WA . 10.82 31.52 11.76
C26 CDL WA . 9.79 31.93 12.81
C27 CDL WA . 9.23 30.69 13.50
CA6 CDL WA . 17.38 38.11 1.59
OA8 CDL WA . 17.83 37.06 2.39
CA7 CDL WA . 19.23 36.94 2.40
OA9 CDL WA . 19.89 37.74 1.83
C31 CDL WA . 19.88 35.77 3.14
C32 CDL WA . 20.43 36.26 4.50
C33 CDL WA . 21.30 35.18 5.13
C34 CDL WA . 20.40 34.12 5.77
C35 CDL WA . 21.25 32.94 6.26
C36 CDL WA . 20.34 31.81 6.72
C37 CDL WA . 21.04 30.96 7.77
C38 CDL WA . 20.04 30.01 8.44
C39 CDL WA . 20.76 29.12 9.44
C40 CDL WA . 20.95 29.86 10.76
C41 CDL WA . 19.71 29.70 11.62
CB2 CDL WA . 11.72 42.57 2.39
OB2 CDL WA . 12.82 43.28 2.89
PB2 CDL WA . 12.57 44.77 3.53
OB3 CDL WA . 11.51 44.69 4.60
OB4 CDL WA . 12.12 45.72 2.45
OB5 CDL WA . 13.97 45.31 4.19
CB3 CDL WA . 15.10 44.49 4.08
CB4 CDL WA . 15.30 43.72 5.39
OB6 CDL WA . 15.30 44.63 6.45
CB5 CDL WA . 14.48 44.26 7.52
OB7 CDL WA . 13.84 43.26 7.46
C51 CDL WA . 14.40 45.15 8.76
C52 CDL WA . 14.52 44.27 10.01
C53 CDL WA . 16.00 44.00 10.32
C54 CDL WA . 16.70 45.34 10.56
C55 CDL WA . 17.74 45.17 11.67
C56 CDL WA . 18.27 46.54 12.07
C57 CDL WA . 19.07 46.44 13.36
C58 CDL WA . 19.54 47.83 13.79
C59 CDL WA . 20.60 48.31 12.79
C60 CDL WA . 20.86 49.80 13.02
C61 CDL WA . 19.56 50.59 12.83
C62 CDL WA . 19.88 52.03 12.46
C63 CDL WA . 20.70 52.06 11.16
CB6 CDL WA . 16.62 42.97 5.34
OB8 CDL WA . 17.65 43.82 5.74
CB7 CDL WA . 18.71 43.17 6.39
OB9 CDL WA . 18.75 41.99 6.43
C71 CDL WA . 19.81 44.00 7.05
C72 CDL WA . 21.09 43.90 6.23
C73 CDL WA . 22.05 42.93 6.93
C74 CDL WA . 22.65 43.59 8.17
C75 CDL WA . 23.33 44.90 7.79
C76 CDL WA . 24.33 45.28 8.88
C77 CDL WA . 24.70 46.75 8.78
C78 CDL WA . 23.47 47.62 9.02
C79 CDL WA . 23.90 48.99 9.55
C80 CDL WA . 24.95 49.60 8.64
C81 CDL WA . 24.28 50.28 7.44
C82 CDL WA . 24.84 51.69 7.27
C83 CDL WA . 26.35 51.63 7.09
C84 CDL WA . 26.86 52.96 6.51
C85 CDL WA . 26.30 53.14 5.11
C1 CDL XA . 29.04 46.61 -4.41
O1 CDL XA . 30.19 46.73 -5.19
CA2 CDL XA . 27.89 46.12 -5.29
OA2 CDL XA . 27.76 44.74 -5.13
PA1 CDL XA . 26.26 44.09 -5.19
OA3 CDL XA . 25.33 44.87 -4.31
OA4 CDL XA . 25.75 44.13 -6.62
OA5 CDL XA . 26.37 42.53 -4.68
CA3 CDL XA . 27.65 41.99 -4.51
CA4 CDL XA . 27.64 41.19 -3.20
OA6 CDL XA . 28.46 41.80 -2.26
CA5 CDL XA . 27.79 42.04 -1.06
OA7 CDL XA . 27.23 43.07 -0.88
C11 CDL XA . 27.78 40.97 0.03
C12 CDL XA . 26.37 40.87 0.64
C13 CDL XA . 26.37 39.79 1.72
C14 CDL XA . 24.95 39.24 1.86
C15 CDL XA . 24.08 40.25 2.60
C16 CDL XA . 23.03 39.51 3.43
C17 CDL XA . 22.11 40.53 4.10
C18 CDL XA . 21.23 39.82 5.12
CA6 CDL XA . 28.10 39.75 -3.45
OA8 CDL XA . 27.03 39.04 -4.02
CA7 CDL XA . 26.20 38.40 -3.09
OA9 CDL XA . 25.77 38.98 -2.15
C31 CDL XA . 25.84 36.93 -3.28
C32 CDL XA . 26.76 36.05 -2.44
C33 CDL XA . 26.23 34.61 -2.51
C34 CDL XA . 27.40 33.63 -2.42
C35 CDL XA . 26.87 32.20 -2.45
C36 CDL XA . 28.04 31.25 -2.70
C37 CDL XA . 27.60 29.83 -2.37
C38 CDL XA . 28.70 28.86 -2.76
C39 CDL XA . 30.03 29.29 -2.15
C40 CDL XA . 31.14 28.36 -2.64
C41 CDL XA . 32.04 27.97 -1.48
C42 CDL XA . 32.78 26.67 -1.76
C43 CDL XA . 31.92 25.74 -2.60
C44 CDL XA . 31.02 24.89 -1.72
C45 CDL XA . 29.91 24.30 -2.57
C46 CDL XA . 29.54 22.91 -2.07
C47 CDL XA . 28.42 22.35 -2.95
CB2 CDL XA . 28.64 47.97 -3.84
OB2 CDL XA . 29.33 48.21 -2.64
PB2 CDL XA . 29.67 49.78 -2.29
OB3 CDL XA . 28.58 50.37 -1.42
OB4 CDL XA . 29.72 50.55 -3.59
OB5 CDL XA . 31.14 49.87 -1.53
CB3 CDL XA . 31.23 49.79 -0.14
CB4 CDL XA . 30.43 48.61 0.41
OB6 CDL XA . 30.01 48.89 1.71
CB5 CDL XA . 28.64 49.03 1.86
OB7 CDL XA . 27.91 48.88 0.95
C51 CDL XA . 28.06 49.41 3.23
C52 CDL XA . 28.69 48.52 4.30
C53 CDL XA . 27.94 48.73 5.62
C54 CDL XA . 27.92 47.41 6.38
C55 CDL XA . 27.07 46.39 5.61
C56 CDL XA . 27.36 44.99 6.12
C57 CDL XA . 26.38 44.00 5.49
C58 CDL XA . 26.74 42.59 5.97
C59 CDL XA . 25.54 41.67 5.69
CB6 CDL XA . 31.29 47.35 0.40
OB8 CDL XA . 30.54 46.28 -0.11
CB7 CDL XA . 29.48 45.87 0.69
OB9 CDL XA . 28.35 46.07 0.35
C71 CDL XA . 29.74 45.18 2.03
C72 CDL XA . 29.62 43.67 1.83
C73 CDL XA . 30.64 42.95 2.70
C74 CDL XA . 30.71 41.47 2.29
O13 3PH YA . 31.41 -3.32 -8.27
P 3PH YA . 31.44 -3.26 -9.79
O14 3PH YA . 30.22 -3.89 -10.47
O12 3PH YA . 32.76 -3.62 -10.43
O11 3PH YA . 31.24 -1.59 -10.05
C1 3PH YA . 29.94 -1.12 -10.13
C2 3PH YA . 29.88 0.40 -10.18
O21 3PH YA . 28.54 0.83 -10.48
C21 3PH YA . 27.62 0.75 -9.52
O22 3PH YA . 27.88 0.80 -8.34
C22 3PH YA . 26.23 0.60 -10.08
C23 3PH YA . 25.78 1.79 -10.90
C24 3PH YA . 25.59 1.44 -12.38
C25 3PH YA . 24.11 1.38 -12.76
C26 3PH YA . 23.37 2.69 -12.50
C27 3PH YA . 21.97 2.69 -13.09
C28 3PH YA . 21.93 2.68 -14.61
C29 3PH YA . 20.56 3.04 -15.16
C2A 3PH YA . 20.07 4.42 -14.74
C2B 3PH YA . 18.64 4.70 -15.19
C3 3PH YA . 30.81 1.08 -11.15
O31 3PH YA . 30.62 0.59 -12.48
C31 3PH YA . 30.75 1.46 -13.48
O32 3PH YA . 31.61 1.38 -14.31
C32 3PH YA . 29.68 2.52 -13.42
C33 3PH YA . 29.68 3.47 -14.61
C34 3PH YA . 30.85 4.45 -14.58
C35 3PH YA . 30.84 5.39 -15.78
C36 3PH YA . 32.22 5.82 -16.25
C37 3PH YA . 32.16 7.04 -17.16
C38 3PH YA . 33.12 7.01 -18.34
C39 3PH YA . 34.53 6.58 -17.94
C3A 3PH YA . 35.36 7.68 -17.32
C3B 3PH YA . 36.74 7.20 -16.90
C3C 3PH YA . 37.53 6.51 -18.00
C3D 3PH YA . 38.95 6.15 -17.58
C3E 3PH YA . 39.89 7.34 -17.49
C3F 3PH YA . 41.33 6.94 -17.25
C3G 3PH YA . 41.57 6.27 -15.90
C3H 3PH YA . 43.03 5.92 -15.66
C3I 3PH YA . 43.27 5.28 -14.29
O13 3PH ZA . 25.88 4.90 0.79
P 3PH ZA . 26.88 4.20 -0.11
O14 3PH ZA . 27.94 5.12 -0.72
O12 3PH ZA . 27.42 2.88 0.40
O11 3PH ZA . 25.88 3.78 -1.44
C1 3PH ZA . 26.51 3.26 -2.55
C2 3PH ZA . 25.55 3.08 -3.71
O21 3PH ZA . 25.32 1.68 -3.97
C21 3PH ZA . 24.11 1.27 -4.31
O22 3PH ZA . 23.09 1.84 -4.01
C22 3PH ZA . 24.16 0.00 -5.12
C23 3PH ZA . 22.91 -0.29 -5.91
C24 3PH ZA . 22.67 0.71 -7.04
C25 3PH ZA . 21.68 0.19 -8.07
C26 3PH ZA . 20.70 1.25 -8.55
C27 3PH ZA . 20.12 0.92 -9.92
C28 3PH ZA . 19.05 1.89 -10.38
C29 3PH ZA . 18.05 1.25 -11.33
C2A 3PH ZA . 18.62 0.94 -12.71
C2B 3PH ZA . 17.60 0.22 -13.61
C2C 3PH ZA . 16.96 -0.99 -12.94
C2D 3PH ZA . 16.12 -1.84 -13.90
C2E 3PH ZA . 16.95 -2.54 -14.97
C2F 3PH ZA . 16.21 -3.71 -15.61
C2G 3PH ZA . 16.83 -4.19 -16.90
C2H 3PH ZA . 15.92 -5.12 -17.70
C2I 3PH ZA . 16.33 -5.22 -19.16
C3 3PH ZA . 25.98 3.73 -5.01
O31 3PH ZA . 24.95 3.66 -5.99
C31 3PH ZA . 25.04 4.45 -7.06
O32 3PH ZA . 26.09 4.76 -7.58
C32 3PH ZA . 23.69 4.91 -7.52
C33 3PH ZA . 23.49 4.81 -9.02
C34 3PH ZA . 22.90 6.10 -9.59
C35 3PH ZA . 21.73 5.84 -10.53
C36 3PH ZA . 21.10 7.10 -11.09
C37 3PH ZA . 19.87 6.81 -11.94
C38 3PH ZA . 18.56 6.82 -11.16
C39 3PH ZA . 18.05 8.22 -10.89
C3A 3PH ZA . 17.49 8.94 -12.10
C3B 3PH ZA . 16.75 10.23 -11.75
C3C 3PH ZA . 15.70 10.07 -10.66
C3D 3PH ZA . 14.76 11.26 -10.55
C3E 3PH ZA . 15.48 12.58 -10.29
C3F 3PH ZA . 14.54 13.78 -10.28
C3G 3PH ZA . 13.48 13.72 -9.19
C3H 3PH ZA . 14.06 13.81 -7.78
C3I 3PH ZA . 12.99 13.94 -6.70
C1 PTY AB . 19.32 24.25 -24.17
C2 PTY AB . 17.28 30.34 -27.72
C3 PTY AB . 18.33 29.25 -27.81
O4 PTY AB . 19.04 24.38 -22.80
C5 PTY AB . 17.58 25.47 -25.47
C6 PTY AB . 18.01 24.11 -24.95
O7 PTY AB . 17.02 23.57 -24.11
C8 PTY AB . 16.46 22.39 -24.59
O10 PTY AB . 16.00 22.34 -25.68
C11 PTY AB . 16.45 21.14 -23.71
C12 PTY AB . 15.19 21.14 -22.83
C13 PTY AB . 14.83 19.72 -22.45
C14 PTY AB . 13.77 19.19 -23.41
C30 PTY AB . 20.03 23.81 -21.99
C31 PTY AB . 20.66 22.48 -22.38
O30 PTY AB . 20.38 24.37 -21.00
C32 PTY AB . 21.72 22.10 -21.35
C33 PTY AB . 21.12 21.14 -20.32
C34 PTY AB . 22.25 20.56 -19.47
C35 PTY AB . 21.80 19.24 -18.86
C36 PTY AB . 21.00 19.50 -17.59
C37 PTY AB . 20.31 18.21 -17.14
C38 PTY AB . 19.95 18.31 -15.66
P1 PTY AB . 19.12 27.53 -26.00
O11 PTY AB . 17.97 28.19 -26.98
O12 PTY AB . 19.81 28.61 -25.20
O13 PTY AB . 20.15 26.83 -26.86
O14 PTY AB . 18.43 26.45 -24.97
N1 PTY AB . 17.76 31.41 -26.86
#